data_7K1N
#
_entry.id   7K1N
#
_cell.length_a   1.00
_cell.length_b   1.00
_cell.length_c   1.00
_cell.angle_alpha   90.00
_cell.angle_beta   90.00
_cell.angle_gamma   90.00
#
_symmetry.space_group_name_H-M   'P 1'
#
loop_
_entity.id
_entity.type
_entity.pdbx_description
1 polymer 'DNA-dependent protein kinase catalytic subunit'
2 polymer 'X-ray repair cross-complementing protein 6'
3 polymer 'X-ray repair cross-complementing protein 5'
4 polymer "DNA (5'-D(P*GP*CP*AP*TP*GP*CP*TP*CP*TP*AP*CP*TP*GP*CP*TP*TP*CP*GP*AP*TP*AP*TP*CP*G)-3')"
5 polymer "DNA (5'-D(P*AP*AP*GP*CP*AP*GP*TP*AP*GP*AP*GP*CP*A)-3')"
#
loop_
_entity_poly.entity_id
_entity_poly.type
_entity_poly.pdbx_seq_one_letter_code
_entity_poly.pdbx_strand_id
1 'polypeptide(L)'
;MAGSGAGVRCSLLRLQETLSAADRCGAALAGHQLIRGLGQECVLSSSPAVLALQTSLVFSRDFGLLVFVRKSLNSIEFRE
CREEILKFLCIFLEKMGQKIAPYSVEIKNTCTSVYTKDRAAKCKIPALDLLIKLLQTFRSSRLMDEFKIGELFSKFYGEL
ALKKKIPDTVLEKVYELLGLLGEVHPSEMINNAENLFRAFLGELKTQMTSAVREPKLPVLAGCLKGLSSLLCNFTKSMEE
DPQTSREIFNFVLKAIRPQIDLKRYAVPSAGLRLFALHASQFSTCLLDNYVSLFEVLLKWCAHTNVELKKAALSALESFL
KQVSNMVAKNAEMHKNKLQYFMEQFYGIIRNVDSNNKELSIAIRGYGLFAGPCKVINAKDVDFMYVELIQRCKQMFLTQT
DTGDDRVYQMPSFLQSVASVLLYLDTVPEVYTPVLEHLVVMQIDSFPQYSPKMQLVCCRAIVKVFLALAAKGPVLRNCIS
TVVHQGLIRICSKPVVLPKGPESESEDHRASGEVRTGKWKVPTYKDYVDLFRHLLSSDQMMDSILADEAFFSVNSSSESL
NHLLYDEFVKSVLKIVEKLDLTLEIQTVGEQENGDEAPGVWMIPTSDPAANLHPAKPKDFSAFINLVEFCREILPEKQAE
FFEPWVYSFSYELILQSTRLPLISGFYKLLSITVRNAKKIKYFEGVSPKSLKHSPEDPEKYSCFALFVKFGKEVAVKMKQ
YKDELLASCLTFLLSLPHNIIELDVRAYVPALQMAFKLGLSYTPLAEVGLNALEEWSIYIDRHVMQPYYKDILPCLDGYL
KTSALSDETKNNWEVSALSRAAQKGFNKVVLKHLKKTKNLSSNEAISLEEIRIRVVQMLGSLGGQINKNLLTVTSSDEMM
KSYVAWDREKRLSFAVPFREMKPVIFLDVFLPRVTELALTASDRQTKVAACELLHSMVMFMLGKATQMPEGGQGAPPMYQ
LYKRTFPVLLRLACDVDQVTRQLYEPLVMQLIHWFTNNKKFESQDTVALLEAILDGIVDPVDSTLRDFCGRCIREFLKWS
IKQITPQQQEKSPVNTKSLFKRLYSLALHPNAFKRLGASLAFNNIYREFREEESLVEQFVFEALVIYMESLALAHADEKS
LGTIQQCCDAIDHLCRIIEKKHVSLNKAKKRRLPRGFPPSASLCLLDLVKWLLAHCGRPQTECRHKSIELFYKFVPLLPG
NRSPNLWLKDVLKEEGVSFLINTFEGGGCGQPSGILAQPTLLYLRGPFSLQATLCWLDLLLAALECYNTFIGERTVGALQ
VLGTEAQSSLLKAVAFFLESIAMHDIIAAEKCFGTGAAGNRTSPQEGERYNYSKCTVVVRIMEFTTTLLNTSPEGWKLLK
KDLCNTHLMRVLVQTLCEPASIGFNIGDVQVMAHLPDVCVNLMKALKMSPYKDILETHLREKITAQSIEELCAVNLYGPD
AQVDRSRLAAVVSACKQLHRAGLLHNILPSQSTDLHHSVGTELLSLVYKGIAPGDERQCLPSLDLSCKQLASGLLELAFA
FGGLCERLVSLLLNPAVLSTASLGSSQGSVIHFSHGEYFYSLFSETINTELLKNLDLAVLELMQSSVDNTKMVSAVLNGM
LDQSFRERANQKHQGLKLATTILQHWKKCDSWWAKDSPLETKMAVLALLAKILQIDSSVSFNTSHGSFPEVFTTYISLLA
DTKLDLHLKGQAVTLLPFFTSLTGGSLEELRRVLEQLIVAHFPMQSREFPPGTPRFNNYVDCMKKFLDALELSQSPMLLE
LMTEVLCREQQHVMEELFQSSFRRIARRGSCVTQVGLLESVYEMFRKDDPRLSFTRQSFVDRSLLTLLWHCSLDALREFF
STIVVDAIDVLKSRFTKLNESTFDTQITKKMGYYKILDVMYSRLPKDDVHAKESKINQVFHGSCITEGNELTKTLIKLCY
DAFTENMAGENQLLERRRLYHCAAYNCAISVICCVFNELKFYQGFLFSEKPEKNLLIFENLIDLKRRYNFPVEVEVPMER
KKKYIEIRKEAREAANGDSDGPSYMSSLSYLADSTLSEEMSQFDFSTGVQSYSYSSQDPRPATGRFRRREQRDPTVHDDV
LELEMDELNRHECMAPLTALVKHMHRSLGPPQGEEDSVPRDLPSWMKFLHGKLGNPIVPLNIRLFLAKLVINTEEVFRPY
AKHWLSPLLQLAASENNGGEGIHYMVVEIVATILSWTGLATPTGVPKDEVLANRLLNFLMKHVFHPKRAVFRHNLEIIKT
LVECWKDCLSIPYRLIFEKFSGKDPNSKDNSVGIQLLGIVMANDLPPYDPQCGIQSSEYFQALVNNMSFVRYKEVYAAAA
EVLGLILRYVMERKNILEESLCELVAKQLKQHQNTMEDKFIVCLNKVTKSFPPLADRFMNAVFFLLPKFHGVLKTLCLEV
VLCRVEGMTELYFQLKSKDFVQVMRHRDDERQKVCLDIIYKMMPKLKPVELRELLNPVVEFVSHPSTTCREQMYNILMWI
HDNYRDPESETDNDSQEIFKLAKDVLIQGLIDENPGLQLIIRNFWSHETRLPSNTLDRLLALNSLYSPKIEVHFLSLATN
FLLEMTSMSPDYPNPMFEHPLSECEFQEYTIDSDWRFRSTVLTPMFVETQASQGTLQTRTQEGSLSARWPVAGQIRATQQ
QHDFTLTQTADGRSSFDWLTGSSTDPLVDHTSPSSDSLLFAHKRSERLQRAPLKSVGPDFGKKRLGLPGDEVDNKVKGAA
GRTDLLRLRRRFMRDQEKLSLMYARKGVAEQKREKEIKSELKMKQDAQVVLYRSYRHGDLPDIQIKHSSLITPLQAVAQR
DPIIAKQLFSSLFSGILKEMDKFKTLSEKNNITQKLLQDFNRFLNTTFSFFPPFVSCIQDISCQHAALLSLDPAAVSAGC
LASLQQPVGIRLLEEALLRLLPAELPAKRVRGKARLPPDVLRWVELAKLYRSIGEYDVLRGIFTSEIGTKQITQSALLAE
ARSDYSEAAKQYDEALNKQDWVDGEPTEAEKDFWELASLDCYNHLAEWKSLEYCSTASIDSENPPDLNKIWSEPFYQETY
LPYMIRSKLKLLLQGEADQSLLTFIDKAMHGELQKAILELHYSQELSLLYLLQDDVDRAKYYIQNGIQSFMQNYSSIDVL
LHQSRLTKLQSVQALTEIQEFISFISKQGNLSSQVPLKRLLNTWTNRYPDAKMDPMNIWDDIITNRCFFLSKIEEKLTPL
PEDNSMNVDQDGDPSDRMEVQEQEEDISSLIRSCKFSMKMKMIDSARKQNNFSLAMKLLKELHKESKTRDDWLVSWVQSY
CRLSHCRSRSQGCSEQVLTVLKTVSLLDENNVSSYLSKNILAFRDQNILLGTTYRIIANALSSEPACLAEIEEDKARRIL
ELSGSSSEDSEKVIAGLYQRAFQHLSEAVQAAEEEAQPPSWSCGPAAGVIDAYMTLADFCDQQLRKEEENASVIDSAELQ
AYPALVVEKMLKALKLNSNEARLKFPRLLQIIERYPEETLSLMTKEISSVPCWQFISWISHMVALLDKDQAVAVQHSVEE
ITDNYPQAIVYPFIISSESYSFKDTSTGHKNKEFVARIKSKLDQGGVIQDFINALDQLSNPELLFKDWSNDVRAELAKTP
VNKKNIEKMYERMYAALGDPKAPGLGAFRRKFIQTFGKEFDKHFGKGGSKLLRMKLSDFNDITNMLLLKMNKDSKPPGNL
KECSPWMSDFKVEFLRNELEIPGQYDGRGKPLPEYHVRIAGFDERVTVMASLRRPKRIIIRGHDEREHPFLVKGGEDLRQ
DQRVEQLFQVMNGILAQDSACSQRALQLRTYSVVPMTSRLGLIEWLENTVTLKDLLLNTMSQEEKAAYLSDPRAPPCEYK
DWLTKMSGKHDVGAYMLMYKGANRTETVTSFRKRESKVPADLLKRAFVRMSTSPEAFLALRSHFASSHALICISHWILGI
GDRHLNNFMVAMETGGVIGIDFGHAFGSATQFLPVPELMPFRLTRQFINLMLPMKETGLMYSIMVHALRAFRSDPGLLTN
TMDVFVKEPSFDWKNFEQKMLKKGGSWIQEINVAEKNWYPRQKICYAKRKLAGANPAVITCDELLLGHEKAPAFRDYVAV
ARGSKDHNIRAQEPESGLSEETQVKCLMDQATDPNILGRTWEGWEPWM
;
A
2 'polypeptide(L)'
;MSGWESYYKTEGDEEAEEEQEENLEASGDYKYSGRDSLIFLVDASKAMFESQSEDELTPFDMSIQCIQSVYISKIISSDR
DLLAVVFYGTEKDKNSVNFKNIYVLQELDNPGAKRILELDQFKGQQGQKRFQDMMGHGSDYSLSEVLWVCANLFSDVQFK
MSHKRIMLFTNEDNPHGNDSAKASRARTKAGDLRDTGIFLDLMHLKKPGGFDISLFYRDIISIAEDEDLRVHFEESSKLE
DLLRKVRAKETRKRALSRLKLKLNKDIVISVGIYNLVQKALKPPPIKLYRETNEPVKTKTRTFNTSTGGLLLPSDTKRSQ
IYGSRQIILEKEETEELKRFDDPGLMLMGFKPLVLLKKHHYLRPSLFVYPEESLVIGSSTLFSALLIKCLEKEVAALCRY
TPRRNIPPYFVALVPQEEELDDQKIQVTPPGFQLVFLPFADDKRKMPFTEKIMATPEQVGKMKAIVEKLRFTYRSDSFEN
PVLQQHFRNLEALALDLMEPEQAVDLTLPKVEAMNKRLGSLVDEFKELVYPPDYNPEGKVTKRKHDNEGSGSKRPKVEYS
EEELKTHISKGTLGKFTVPMLKEACRAYGLKSGLKKQELLEALTKHFQD
;
B
3 'polypeptide(L)'
;MVRSGNKAAVVLCMDVGFTMSNSIPGIESPFEQAKKVITMFVQRQVFAENKDEIALVLFGTDGTDNPLSGGDQYQNITVH
RHLMLPDFDLLEDIESKIQPGSQQADFLDALIVSMDVIQHETIGKKFEKRHIEIFTDLSSRFSKSQLDIIIHSLKKCDIS
LQFFLPFSLGKEDGSGDRGDGPFRLGGHGPSFPLKGITEQQKEGLEIVKMVMISLEGEDGLDEIYSFSESLRKLCVFKKI
ERHSIHWPCRLTIGSNLSIRIAAYKSILQERVKKTWTVVDAKTLKKEDIQKETVYCLNDDDETEVLKEDIIQGFRYGSDI
VPFSKVDEEQMKYKSEGKCFSVLGFCKSSQVQRRFFMGNQVLKVFAARDDEAAAVALSSLIHALDDLDMVAIVRYAYDKR
ANPQVGVAFPHIKHNYECLVYVQLPFMEDLRQYMFSSLKNSKKYAPTEAQLNAVDALIDSMSLAKKDEKTDTLEDLFPTT
KIPNPRFQRLFQCLLHRALHPREPLPPIQQHIWNMLNPPAEVTTKSQIPLSKIKTLFPLIEAKKKDQVTAQEIFQDNHED
GPTAKKLKTEQGGAHFSVSSLAEGSVTSVGSVNPAENFRVLVKQKKASFEEASNQLINHIEQFLDTNETPYFMKSIDCIR
AFREEAIKFSEEQRFNNFLKALQEKVEIKQLNHFWEIVVQDGITLITKEEASGSSVTAEEAKKFLAPKDKPSGDTAAVFE
EGGDVDDLLDMI
;
C
4 'polydeoxyribonucleotide'
;(DG)(DC)(DA)(DT)(DG)(DC)(DT)(DC)(DT)(DA)(DC)(DT)(DG)(DC)(DT)(DT)(DC)(DG)(DA)(DT)
(DA)(DT)(DC)(DG)
;
D,F
5 'polydeoxyribonucleotide' (DA)(DA)(DG)(DC)(DA)(DG)(DT)(DA)(DG)(DA)(DG)(DC)(DA)(DT)(DG)(DC) E,G
#
# COMPACT_ATOMS: atom_id res chain seq x y z
N GLY A 7 -6.66 18.40 -15.53
CA GLY A 7 -5.80 17.33 -15.03
C GLY A 7 -6.48 15.99 -15.11
N VAL A 8 -7.63 15.88 -14.46
CA VAL A 8 -8.42 14.65 -14.48
C VAL A 8 -9.47 14.77 -15.58
N ARG A 9 -9.39 13.86 -16.56
CA ARG A 9 -10.31 13.61 -17.67
C ARG A 9 -10.31 14.70 -18.74
N CYS A 10 -9.67 15.83 -18.46
CA CYS A 10 -9.42 16.81 -19.51
C CYS A 10 -8.33 16.32 -20.43
N SER A 11 -7.38 15.55 -19.89
CA SER A 11 -6.38 14.88 -20.70
C SER A 11 -7.04 13.87 -21.64
N LEU A 12 -8.08 13.19 -21.15
CA LEU A 12 -8.79 12.21 -21.97
C LEU A 12 -9.58 12.89 -23.10
N LEU A 13 -10.28 13.97 -22.78
CA LEU A 13 -11.03 14.67 -23.82
C LEU A 13 -10.12 15.38 -24.81
N ARG A 14 -8.96 15.86 -24.37
CA ARG A 14 -8.03 16.45 -25.33
C ARG A 14 -7.27 15.40 -26.12
N LEU A 15 -7.16 14.18 -25.59
CA LEU A 15 -6.69 13.05 -26.38
C LEU A 15 -7.70 12.66 -27.45
N GLN A 16 -8.98 12.88 -27.18
CA GLN A 16 -9.95 12.75 -28.27
C GLN A 16 -9.88 13.94 -29.22
N GLU A 17 -9.54 15.13 -28.71
CA GLU A 17 -9.54 16.37 -29.47
C GLU A 17 -8.30 16.57 -30.34
N THR A 18 -7.24 15.79 -30.12
CA THR A 18 -6.06 15.85 -30.97
C THR A 18 -6.18 14.98 -32.22
N LEU A 19 -7.40 14.62 -32.62
CA LEU A 19 -7.65 13.77 -33.78
C LEU A 19 -8.21 14.53 -34.97
N SER A 20 -9.25 15.31 -34.77
CA SER A 20 -10.01 15.91 -35.86
C SER A 20 -9.31 17.07 -36.56
N ALA A 21 -8.14 17.48 -36.08
CA ALA A 21 -7.43 18.62 -36.65
C ALA A 21 -6.39 18.13 -37.65
N ALA A 22 -6.20 18.92 -38.71
CA ALA A 22 -5.23 18.58 -39.74
C ALA A 22 -3.82 18.78 -39.23
N ASP A 23 -2.88 18.09 -39.89
CA ASP A 23 -1.45 18.03 -39.56
C ASP A 23 -1.26 17.61 -38.11
N ARG A 24 -1.70 16.38 -37.83
CA ARG A 24 -1.68 15.81 -36.50
C ARG A 24 -0.29 15.28 -36.14
N CYS A 25 0.66 16.21 -36.01
CA CYS A 25 2.05 15.83 -35.71
C CYS A 25 2.51 16.39 -34.37
N GLY A 26 2.47 17.71 -34.18
CA GLY A 26 2.89 18.27 -32.91
C GLY A 26 1.88 17.98 -31.81
N ALA A 27 0.59 18.01 -32.17
CA ALA A 27 -0.45 17.60 -31.22
C ALA A 27 -0.38 16.10 -30.95
N ALA A 28 0.13 15.32 -31.92
CA ALA A 28 0.39 13.91 -31.65
C ALA A 28 1.53 13.74 -30.67
N LEU A 29 2.57 14.58 -30.76
CA LEU A 29 3.67 14.49 -29.81
C LEU A 29 3.23 14.95 -28.42
N ALA A 30 2.38 15.97 -28.36
CA ALA A 30 1.81 16.39 -27.08
C ALA A 30 0.87 15.33 -26.50
N GLY A 31 0.12 14.63 -27.35
CA GLY A 31 -0.69 13.53 -26.85
C GLY A 31 0.14 12.34 -26.42
N HIS A 32 1.27 12.13 -27.09
CA HIS A 32 2.23 11.10 -26.66
C HIS A 32 2.77 11.42 -25.27
N GLN A 33 3.12 12.69 -25.03
CA GLN A 33 3.49 13.12 -23.69
C GLN A 33 2.33 13.06 -22.72
N LEU A 34 1.10 13.24 -23.22
CA LEU A 34 -0.08 13.13 -22.37
C LEU A 34 -0.27 11.70 -21.87
N ILE A 35 -0.14 10.72 -22.77
CA ILE A 35 -0.27 9.32 -22.39
C ILE A 35 0.88 8.90 -21.49
N ARG A 36 2.09 9.43 -21.73
CA ARG A 36 3.19 9.22 -20.79
C ARG A 36 2.89 9.84 -19.43
N GLY A 37 2.18 10.97 -19.40
CA GLY A 37 1.80 11.57 -18.15
C GLY A 37 0.78 10.75 -17.37
N LEU A 38 -0.21 10.18 -18.07
CA LEU A 38 -1.16 9.31 -17.41
C LEU A 38 -0.50 8.04 -16.90
N GLY A 39 0.41 7.45 -17.69
CA GLY A 39 1.13 6.28 -17.25
C GLY A 39 2.13 6.55 -16.16
N GLN A 40 2.56 7.81 -16.00
CA GLN A 40 3.38 8.17 -14.84
C GLN A 40 2.53 8.48 -13.62
N GLU A 41 1.30 8.95 -13.83
CA GLU A 41 0.42 9.27 -12.71
C GLU A 41 -0.12 8.02 -12.05
N CYS A 42 -0.84 7.18 -12.80
CA CYS A 42 -1.67 6.16 -12.15
C CYS A 42 -0.88 4.96 -11.64
N VAL A 43 0.44 4.92 -11.84
CA VAL A 43 1.28 3.93 -11.17
C VAL A 43 1.89 4.52 -9.90
N LEU A 44 1.98 5.85 -9.80
CA LEU A 44 2.51 6.50 -8.61
C LEU A 44 1.60 6.39 -7.38
N SER A 45 0.36 5.92 -7.55
CA SER A 45 -0.62 5.94 -6.47
C SER A 45 -0.29 4.90 -5.41
N SER A 46 -0.06 5.37 -4.18
CA SER A 46 0.14 4.51 -3.02
C SER A 46 -1.12 4.42 -2.16
N SER A 47 -2.29 4.58 -2.78
CA SER A 47 -3.56 4.54 -2.08
C SER A 47 -4.57 3.85 -2.98
N PRO A 48 -5.25 2.80 -2.51
CA PRO A 48 -6.16 2.06 -3.38
C PRO A 48 -7.46 2.80 -3.68
N ALA A 49 -7.79 3.84 -2.92
CA ALA A 49 -9.05 4.55 -3.14
C ALA A 49 -9.04 5.30 -4.46
N VAL A 50 -8.01 6.13 -4.68
CA VAL A 50 -7.87 6.83 -5.96
C VAL A 50 -7.55 5.87 -7.09
N LEU A 51 -6.97 4.70 -6.79
CA LEU A 51 -6.69 3.72 -7.83
C LEU A 51 -7.97 3.07 -8.34
N ALA A 52 -8.85 2.66 -7.42
CA ALA A 52 -10.14 2.11 -7.81
C ALA A 52 -11.08 3.18 -8.37
N LEU A 53 -10.83 4.46 -8.02
CA LEU A 53 -11.52 5.55 -8.70
C LEU A 53 -11.06 5.68 -10.15
N GLN A 54 -9.74 5.67 -10.36
CA GLN A 54 -9.16 5.82 -11.69
C GLN A 54 -9.46 4.63 -12.59
N THR A 55 -9.71 3.46 -12.00
CA THR A 55 -10.11 2.27 -12.75
C THR A 55 -11.37 2.52 -13.58
N SER A 56 -12.42 3.05 -12.95
CA SER A 56 -13.61 3.41 -13.70
C SER A 56 -13.53 4.78 -14.33
N LEU A 57 -12.56 5.61 -13.92
CA LEU A 57 -12.38 6.91 -14.55
C LEU A 57 -11.80 6.78 -15.95
N VAL A 58 -10.88 5.83 -16.16
CA VAL A 58 -10.23 5.72 -17.47
C VAL A 58 -11.12 5.08 -18.52
N PHE A 59 -12.28 4.54 -18.14
CA PHE A 59 -13.18 3.89 -19.10
C PHE A 59 -14.55 4.54 -19.03
N SER A 60 -14.73 5.62 -19.77
CA SER A 60 -16.03 6.07 -20.17
C SER A 60 -16.31 5.52 -21.57
N ARG A 61 -17.53 5.68 -22.05
CA ARG A 61 -17.92 5.13 -23.33
C ARG A 61 -17.92 6.18 -24.44
N ASP A 62 -17.45 7.39 -24.16
CA ASP A 62 -17.40 8.42 -25.19
C ASP A 62 -16.00 9.03 -25.26
N PHE A 63 -15.35 9.21 -24.11
CA PHE A 63 -14.02 9.79 -24.07
C PHE A 63 -13.13 8.96 -23.18
N GLY A 64 -11.93 8.65 -23.65
CA GLY A 64 -11.05 7.77 -22.94
C GLY A 64 -10.11 7.07 -23.89
N LEU A 65 -9.17 6.32 -23.29
CA LEU A 65 -8.09 5.73 -24.07
C LEU A 65 -8.58 4.60 -24.96
N LEU A 66 -9.60 3.87 -24.52
CA LEU A 66 -10.05 2.73 -25.31
C LEU A 66 -10.81 3.18 -26.54
N VAL A 67 -11.71 4.15 -26.38
CA VAL A 67 -12.39 4.71 -27.54
C VAL A 67 -11.44 5.54 -28.38
N PHE A 68 -10.36 6.06 -27.79
CA PHE A 68 -9.32 6.73 -28.57
C PHE A 68 -8.62 5.75 -29.50
N VAL A 69 -8.27 4.56 -28.99
CA VAL A 69 -7.76 3.48 -29.83
C VAL A 69 -8.80 3.09 -30.86
N ARG A 70 -10.07 3.07 -30.47
CA ARG A 70 -11.16 2.81 -31.39
C ARG A 70 -11.38 3.91 -32.41
N LYS A 71 -10.74 5.07 -32.26
CA LYS A 71 -10.81 6.11 -33.27
C LYS A 71 -9.44 6.51 -33.80
N SER A 72 -8.43 5.69 -33.56
CA SER A 72 -7.10 5.90 -34.11
C SER A 72 -6.78 4.84 -35.15
N LEU A 73 -7.77 4.50 -35.97
CA LEU A 73 -7.68 3.33 -36.83
C LEU A 73 -7.15 3.65 -38.22
N ASN A 74 -7.60 4.76 -38.82
CA ASN A 74 -7.14 5.16 -40.14
C ASN A 74 -6.15 6.31 -39.98
N SER A 75 -4.92 5.96 -39.65
CA SER A 75 -3.88 6.94 -39.37
C SER A 75 -2.53 6.23 -39.44
N ILE A 76 -1.62 6.79 -40.23
CA ILE A 76 -0.30 6.19 -40.39
C ILE A 76 0.64 6.63 -39.28
N GLU A 77 0.64 7.91 -38.97
CA GLU A 77 1.56 8.44 -37.97
C GLU A 77 1.17 8.03 -36.55
N PHE A 78 -0.11 7.78 -36.30
CA PHE A 78 -0.57 7.49 -34.95
C PHE A 78 -0.19 6.09 -34.51
N ARG A 79 1.09 5.85 -34.30
CA ARG A 79 1.53 4.53 -33.87
C ARG A 79 2.38 4.59 -32.62
N GLU A 80 3.19 5.64 -32.44
CA GLU A 80 3.99 5.77 -31.23
C GLU A 80 3.17 6.10 -30.00
N CYS A 81 1.90 6.47 -30.16
CA CYS A 81 0.97 6.65 -29.05
C CYS A 81 0.10 5.42 -28.81
N ARG A 82 -0.37 4.79 -29.89
CA ARG A 82 -1.16 3.56 -29.77
C ARG A 82 -0.32 2.43 -29.17
N GLU A 83 0.96 2.37 -29.57
CA GLU A 83 1.90 1.45 -28.94
C GLU A 83 2.12 1.79 -27.49
N GLU A 84 2.08 3.08 -27.12
CA GLU A 84 2.29 3.45 -25.73
C GLU A 84 1.10 3.06 -24.87
N ILE A 85 -0.12 3.18 -25.41
CA ILE A 85 -1.31 2.71 -24.71
C ILE A 85 -1.27 1.19 -24.54
N LEU A 86 -0.84 0.47 -25.60
CA LEU A 86 -0.83 -0.98 -25.52
C LEU A 86 0.26 -1.50 -24.61
N LYS A 87 1.40 -0.82 -24.53
CA LYS A 87 2.39 -1.16 -23.53
C LYS A 87 1.98 -0.68 -22.14
N PHE A 88 1.03 0.25 -22.05
CA PHE A 88 0.54 0.68 -20.73
C PHE A 88 -0.47 -0.31 -20.16
N LEU A 89 -1.32 -0.89 -21.01
CA LEU A 89 -2.37 -1.77 -20.49
C LEU A 89 -1.82 -3.10 -19.98
N CYS A 90 -0.64 -3.52 -20.45
CA CYS A 90 0.05 -4.67 -19.87
C CYS A 90 0.44 -4.41 -18.42
N ILE A 91 0.64 -3.15 -18.06
CA ILE A 91 0.92 -2.78 -16.67
C ILE A 91 -0.37 -2.40 -15.95
N PHE A 92 -1.42 -2.04 -16.68
CA PHE A 92 -2.72 -1.78 -16.09
C PHE A 92 -3.44 -3.06 -15.67
N LEU A 93 -3.11 -4.20 -16.28
CA LEU A 93 -3.61 -5.47 -15.80
C LEU A 93 -2.60 -6.14 -14.86
N GLU A 94 -1.71 -5.35 -14.26
CA GLU A 94 -0.81 -5.84 -13.22
C GLU A 94 -0.72 -4.91 -12.03
N LYS A 95 -1.06 -3.62 -12.16
CA LYS A 95 -1.03 -2.70 -11.03
C LYS A 95 -2.07 -3.08 -9.99
N MET A 96 -3.27 -3.41 -10.44
CA MET A 96 -4.29 -3.99 -9.59
C MET A 96 -4.08 -5.51 -9.59
N GLY A 97 -5.06 -6.25 -9.07
CA GLY A 97 -4.96 -7.68 -9.10
C GLY A 97 -5.96 -8.31 -10.03
N GLN A 98 -7.03 -8.85 -9.48
CA GLN A 98 -8.13 -9.42 -10.24
C GLN A 98 -9.33 -8.49 -10.32
N LYS A 99 -9.23 -7.29 -9.75
CA LYS A 99 -10.35 -6.37 -9.65
C LYS A 99 -10.50 -5.46 -10.87
N ILE A 100 -10.02 -5.91 -12.04
CA ILE A 100 -10.27 -5.20 -13.28
C ILE A 100 -11.16 -6.12 -14.12
N ALA A 101 -11.88 -7.02 -13.43
CA ALA A 101 -12.73 -8.05 -14.04
C ALA A 101 -13.86 -7.54 -14.94
N PRO A 102 -14.62 -6.46 -14.63
CA PRO A 102 -15.59 -5.99 -15.62
C PRO A 102 -14.96 -5.24 -16.79
N TYR A 103 -13.69 -4.89 -16.69
CA TYR A 103 -12.96 -4.16 -17.73
C TYR A 103 -12.05 -5.07 -18.52
N SER A 104 -12.52 -6.27 -18.84
CA SER A 104 -11.66 -7.28 -19.44
C SER A 104 -12.08 -7.69 -20.85
N VAL A 105 -13.38 -7.84 -21.11
CA VAL A 105 -13.80 -8.29 -22.44
C VAL A 105 -13.61 -7.17 -23.46
N GLU A 106 -13.66 -5.92 -23.03
CA GLU A 106 -13.35 -4.82 -23.94
C GLU A 106 -11.86 -4.75 -24.24
N ILE A 107 -11.02 -5.15 -23.28
CA ILE A 107 -9.59 -5.21 -23.52
C ILE A 107 -9.27 -6.34 -24.50
N LYS A 108 -9.98 -7.47 -24.38
CA LYS A 108 -9.81 -8.55 -25.35
C LYS A 108 -10.26 -8.12 -26.75
N ASN A 109 -11.36 -7.36 -26.84
CA ASN A 109 -11.84 -6.96 -28.15
C ASN A 109 -10.95 -5.91 -28.80
N THR A 110 -10.37 -5.00 -28.01
CA THR A 110 -9.43 -4.07 -28.62
C THR A 110 -8.11 -4.74 -28.97
N CYS A 111 -7.73 -5.80 -28.24
CA CYS A 111 -6.56 -6.59 -28.61
C CYS A 111 -6.75 -7.25 -29.96
N THR A 112 -7.90 -7.90 -30.16
CA THR A 112 -8.19 -8.56 -31.42
C THR A 112 -8.26 -7.57 -32.58
N SER A 113 -8.87 -6.40 -32.35
CA SER A 113 -9.00 -5.44 -33.44
C SER A 113 -7.65 -4.82 -33.80
N VAL A 114 -6.89 -4.35 -32.80
CA VAL A 114 -5.61 -3.71 -33.08
C VAL A 114 -4.60 -4.72 -33.59
N TYR A 115 -4.79 -6.01 -33.31
CA TYR A 115 -3.90 -6.98 -33.93
C TYR A 115 -4.27 -7.20 -35.39
N THR A 116 -5.53 -7.52 -35.66
CA THR A 116 -5.89 -7.94 -37.01
C THR A 116 -5.99 -6.79 -38.01
N LYS A 117 -5.99 -5.53 -37.56
CA LYS A 117 -6.11 -4.44 -38.52
C LYS A 117 -4.80 -3.74 -38.82
N ASP A 118 -3.77 -3.92 -38.00
CA ASP A 118 -2.53 -3.17 -38.10
C ASP A 118 -1.50 -3.99 -38.90
N ARG A 119 -0.42 -3.33 -39.30
CA ARG A 119 0.60 -3.97 -40.13
C ARG A 119 2.02 -3.81 -39.63
N ALA A 120 2.25 -3.16 -38.50
CA ALA A 120 3.59 -2.93 -37.97
C ALA A 120 3.87 -3.89 -36.83
N ALA A 121 5.06 -4.51 -36.85
CA ALA A 121 5.40 -5.50 -35.84
C ALA A 121 5.75 -4.89 -34.50
N LYS A 122 5.93 -3.58 -34.41
CA LYS A 122 6.07 -2.94 -33.11
C LYS A 122 4.75 -2.73 -32.41
N CYS A 123 3.64 -3.11 -33.04
CA CYS A 123 2.30 -3.01 -32.46
C CYS A 123 1.66 -4.37 -32.18
N LYS A 124 1.91 -5.37 -33.02
CA LYS A 124 1.28 -6.67 -32.81
C LYS A 124 1.90 -7.46 -31.67
N ILE A 125 3.07 -7.08 -31.18
CA ILE A 125 3.72 -7.77 -30.07
C ILE A 125 3.12 -7.39 -28.71
N PRO A 126 2.93 -6.10 -28.34
CA PRO A 126 2.22 -5.85 -27.07
C PRO A 126 0.76 -6.20 -27.15
N ALA A 127 0.18 -6.19 -28.35
CA ALA A 127 -1.20 -6.62 -28.58
C ALA A 127 -1.40 -8.11 -28.38
N LEU A 128 -0.33 -8.89 -28.28
CA LEU A 128 -0.45 -10.28 -27.90
C LEU A 128 0.05 -10.57 -26.51
N ASP A 129 0.99 -9.77 -26.00
CA ASP A 129 1.38 -9.88 -24.59
C ASP A 129 0.21 -9.51 -23.67
N LEU A 130 -0.61 -8.54 -24.10
CA LEU A 130 -1.78 -8.14 -23.32
C LEU A 130 -2.80 -9.26 -23.25
N LEU A 131 -3.06 -9.92 -24.39
CA LEU A 131 -4.02 -11.01 -24.42
C LEU A 131 -3.53 -12.25 -23.70
N ILE A 132 -2.21 -12.48 -23.70
CA ILE A 132 -1.66 -13.59 -22.93
C ILE A 132 -1.74 -13.30 -21.43
N LYS A 133 -1.49 -12.04 -21.03
CA LYS A 133 -1.65 -11.67 -19.62
C LYS A 133 -3.12 -11.75 -19.18
N LEU A 134 -4.04 -11.44 -20.08
CA LEU A 134 -5.47 -11.55 -19.80
C LEU A 134 -5.96 -12.99 -19.75
N LEU A 135 -5.40 -13.88 -20.55
CA LEU A 135 -5.73 -15.29 -20.38
C LEU A 135 -4.97 -15.94 -19.25
N GLN A 136 -3.96 -15.25 -18.70
CA GLN A 136 -3.21 -15.74 -17.54
C GLN A 136 -3.82 -15.31 -16.21
N THR A 137 -4.47 -14.16 -16.16
CA THR A 137 -5.09 -13.75 -14.89
C THR A 137 -6.35 -14.56 -14.57
N PHE A 138 -7.26 -14.68 -15.52
CA PHE A 138 -8.56 -15.30 -15.28
C PHE A 138 -8.58 -16.75 -15.77
N ARG A 139 -7.70 -17.56 -15.20
CA ARG A 139 -7.66 -18.96 -15.55
C ARG A 139 -8.68 -19.78 -14.79
N SER A 140 -9.49 -19.16 -13.94
CA SER A 140 -10.53 -19.85 -13.22
C SER A 140 -11.72 -20.13 -14.13
N SER A 141 -12.78 -20.70 -13.56
CA SER A 141 -13.95 -21.06 -14.36
C SER A 141 -14.74 -19.83 -14.80
N ARG A 142 -14.69 -18.77 -14.02
CA ARG A 142 -15.49 -17.59 -14.29
C ARG A 142 -14.86 -16.79 -15.43
N LEU A 143 -15.71 -16.07 -16.17
CA LEU A 143 -15.33 -15.13 -17.23
C LEU A 143 -14.59 -15.82 -18.37
N MET A 144 -15.00 -17.04 -18.68
CA MET A 144 -14.29 -17.82 -19.69
C MET A 144 -15.15 -18.31 -20.85
N ASP A 145 -16.47 -18.35 -20.71
CA ASP A 145 -17.32 -18.25 -21.89
C ASP A 145 -17.75 -16.82 -22.14
N GLU A 146 -17.34 -15.89 -21.27
CA GLU A 146 -17.46 -14.46 -21.54
C GLU A 146 -16.35 -13.96 -22.45
N PHE A 147 -15.31 -14.77 -22.66
CA PHE A 147 -14.37 -14.61 -23.77
C PHE A 147 -14.61 -15.77 -24.73
N LYS A 148 -14.63 -15.46 -26.03
CA LYS A 148 -15.08 -16.43 -27.02
C LYS A 148 -13.91 -17.28 -27.47
N ILE A 149 -13.52 -18.22 -26.59
CA ILE A 149 -12.33 -19.04 -26.80
C ILE A 149 -12.50 -20.00 -27.98
N GLY A 150 -13.72 -20.33 -28.35
CA GLY A 150 -13.91 -21.12 -29.56
C GLY A 150 -13.62 -20.38 -30.85
N GLU A 151 -13.51 -19.05 -30.81
CA GLU A 151 -13.17 -18.27 -31.97
C GLU A 151 -11.69 -17.92 -32.05
N LEU A 152 -11.03 -17.81 -30.89
CA LEU A 152 -9.59 -17.53 -30.89
C LEU A 152 -8.82 -18.68 -31.51
N PHE A 153 -9.26 -19.92 -31.28
CA PHE A 153 -8.58 -21.06 -31.89
C PHE A 153 -8.74 -21.04 -33.40
N SER A 154 -9.94 -20.77 -33.90
CA SER A 154 -10.16 -20.75 -35.35
C SER A 154 -9.38 -19.63 -36.03
N LYS A 155 -9.38 -18.44 -35.42
CA LYS A 155 -8.66 -17.33 -36.05
C LYS A 155 -7.15 -17.48 -35.93
N PHE A 156 -6.64 -17.77 -34.74
CA PHE A 156 -5.21 -17.89 -34.55
C PHE A 156 -4.66 -19.24 -34.98
N TYR A 157 -5.51 -20.11 -35.53
CA TYR A 157 -5.07 -21.28 -36.28
C TYR A 157 -5.18 -21.06 -37.78
N GLY A 158 -6.12 -20.24 -38.23
CA GLY A 158 -6.12 -19.84 -39.62
C GLY A 158 -5.05 -18.83 -39.96
N GLU A 159 -4.41 -18.22 -38.97
CA GLU A 159 -3.29 -17.32 -39.25
C GLU A 159 -1.95 -18.04 -39.37
N LEU A 160 -1.92 -19.36 -39.53
CA LEU A 160 -0.67 -20.03 -39.87
C LEU A 160 -0.82 -20.92 -41.09
N ALA A 161 -1.89 -20.77 -41.85
CA ALA A 161 -2.03 -21.53 -43.09
C ALA A 161 -2.17 -20.55 -44.25
N LEU A 162 -1.33 -19.54 -44.29
CA LEU A 162 -1.37 -18.53 -45.34
C LEU A 162 0.06 -18.10 -45.61
N LYS A 163 0.22 -16.95 -46.27
CA LYS A 163 1.52 -16.51 -46.78
C LYS A 163 2.49 -16.22 -45.64
N LYS A 164 3.77 -16.23 -45.97
CA LYS A 164 4.82 -16.00 -44.97
C LYS A 164 5.07 -14.52 -44.91
N LYS A 165 4.55 -13.87 -43.86
CA LYS A 165 4.79 -12.47 -43.62
C LYS A 165 5.20 -12.17 -42.20
N ILE A 166 4.89 -13.05 -41.25
CA ILE A 166 5.15 -12.86 -39.83
C ILE A 166 6.65 -12.87 -39.57
N PRO A 167 7.20 -11.84 -38.92
CA PRO A 167 8.66 -11.81 -38.70
C PRO A 167 9.09 -12.55 -37.45
N ASP A 168 8.43 -13.67 -37.17
CA ASP A 168 8.82 -14.75 -36.26
C ASP A 168 8.83 -14.37 -34.77
N THR A 169 8.88 -13.08 -34.46
CA THR A 169 8.58 -12.67 -33.10
C THR A 169 7.10 -12.71 -32.85
N VAL A 170 6.31 -12.45 -33.89
CA VAL A 170 4.88 -12.66 -33.82
C VAL A 170 4.57 -14.15 -33.83
N LEU A 171 5.38 -14.96 -34.53
CA LEU A 171 5.12 -16.39 -34.58
C LEU A 171 5.45 -17.06 -33.25
N GLU A 172 6.40 -16.52 -32.50
CA GLU A 172 6.66 -16.98 -31.14
C GLU A 172 5.43 -16.80 -30.25
N LYS A 173 4.79 -15.64 -30.32
CA LYS A 173 3.61 -15.39 -29.52
C LYS A 173 2.41 -16.20 -29.98
N VAL A 174 2.29 -16.45 -31.29
CA VAL A 174 1.20 -17.28 -31.80
C VAL A 174 1.34 -18.72 -31.29
N TYR A 175 2.57 -19.25 -31.33
CA TYR A 175 2.78 -20.61 -30.86
C TYR A 175 2.61 -20.71 -29.35
N GLU A 176 2.89 -19.65 -28.61
CA GLU A 176 2.59 -19.67 -27.17
C GLU A 176 1.08 -19.62 -26.92
N LEU A 177 0.37 -18.79 -27.67
CA LEU A 177 -1.05 -18.57 -27.42
C LEU A 177 -1.89 -19.77 -27.77
N LEU A 178 -1.52 -20.51 -28.82
CA LEU A 178 -2.30 -21.70 -29.15
C LEU A 178 -2.09 -22.85 -28.17
N GLY A 179 -1.13 -22.74 -27.25
CA GLY A 179 -1.00 -23.72 -26.21
C GLY A 179 -1.64 -23.25 -24.92
N LEU A 180 -1.60 -21.93 -24.69
CA LEU A 180 -2.31 -21.38 -23.53
C LEU A 180 -3.82 -21.57 -23.66
N LEU A 181 -4.34 -21.50 -24.90
CA LEU A 181 -5.74 -21.82 -25.14
C LEU A 181 -6.07 -23.26 -24.79
N GLY A 182 -5.19 -24.20 -25.14
CA GLY A 182 -5.41 -25.58 -24.79
C GLY A 182 -5.21 -25.87 -23.32
N GLU A 183 -4.47 -25.01 -22.62
CA GLU A 183 -4.31 -25.21 -21.18
C GLU A 183 -5.52 -24.69 -20.41
N VAL A 184 -5.80 -23.39 -20.48
CA VAL A 184 -6.86 -22.86 -19.64
C VAL A 184 -8.19 -22.98 -20.37
N HIS A 185 -9.23 -23.24 -19.60
CA HIS A 185 -10.58 -23.55 -20.09
C HIS A 185 -10.61 -24.65 -21.16
N PRO A 186 -10.20 -25.91 -20.82
CA PRO A 186 -10.23 -27.00 -21.81
C PRO A 186 -11.56 -27.74 -21.82
N SER A 187 -12.65 -26.99 -21.81
CA SER A 187 -13.98 -27.54 -21.98
C SER A 187 -14.45 -27.49 -23.42
N GLU A 188 -13.77 -26.72 -24.27
CA GLU A 188 -14.17 -26.53 -25.66
C GLU A 188 -13.33 -27.39 -26.61
N MET A 189 -12.03 -27.25 -26.57
CA MET A 189 -11.14 -27.89 -27.55
C MET A 189 -10.69 -29.26 -27.06
N ILE A 190 -11.67 -30.13 -26.87
CA ILE A 190 -11.40 -31.50 -26.47
C ILE A 190 -11.53 -32.35 -27.74
N ASN A 191 -11.55 -31.70 -28.88
CA ASN A 191 -11.72 -32.39 -30.16
C ASN A 191 -10.66 -32.03 -31.20
N ASN A 192 -10.22 -30.77 -31.26
CA ASN A 192 -9.33 -30.34 -32.31
C ASN A 192 -7.86 -30.46 -31.93
N ALA A 193 -7.54 -30.96 -30.74
CA ALA A 193 -6.15 -31.06 -30.32
C ALA A 193 -5.41 -32.22 -30.97
N GLU A 194 -6.08 -32.99 -31.83
CA GLU A 194 -5.38 -33.97 -32.64
C GLU A 194 -4.47 -33.30 -33.66
N ASN A 195 -4.96 -32.25 -34.31
CA ASN A 195 -4.19 -31.56 -35.34
C ASN A 195 -3.18 -30.60 -34.75
N LEU A 196 -3.42 -30.09 -33.54
CA LEU A 196 -2.51 -29.12 -32.96
C LEU A 196 -1.18 -29.75 -32.59
N PHE A 197 -1.18 -31.03 -32.21
CA PHE A 197 0.09 -31.68 -31.92
C PHE A 197 0.87 -31.96 -33.20
N ARG A 198 0.17 -32.25 -34.30
CA ARG A 198 0.85 -32.38 -35.59
C ARG A 198 1.47 -31.05 -36.01
N ALA A 199 0.75 -29.95 -35.80
CA ALA A 199 1.28 -28.63 -36.16
C ALA A 199 2.38 -28.17 -35.20
N PHE A 200 2.40 -28.68 -33.98
CA PHE A 200 3.51 -28.41 -33.08
C PHE A 200 4.74 -29.25 -33.40
N LEU A 201 4.55 -30.46 -33.96
CA LEU A 201 5.67 -31.37 -34.16
C LEU A 201 6.34 -31.21 -35.52
N GLY A 202 5.55 -31.05 -36.59
CA GLY A 202 6.14 -30.91 -37.91
C GLY A 202 6.96 -29.65 -38.06
N GLU A 203 6.52 -28.56 -37.41
CA GLU A 203 7.28 -27.32 -37.43
C GLU A 203 8.61 -27.47 -36.72
N LEU A 204 8.61 -28.19 -35.59
CA LEU A 204 9.85 -28.36 -34.85
C LEU A 204 10.81 -29.27 -35.60
N LYS A 205 10.29 -30.27 -36.31
CA LYS A 205 11.13 -31.12 -37.14
C LYS A 205 11.79 -30.33 -38.26
N THR A 206 11.00 -29.49 -38.95
CA THR A 206 11.56 -28.65 -40.01
C THR A 206 12.56 -27.65 -39.45
N GLN A 207 12.27 -27.09 -38.28
CA GLN A 207 13.11 -26.02 -37.74
C GLN A 207 14.40 -26.54 -37.14
N MET A 208 14.45 -27.81 -36.72
CA MET A 208 15.66 -28.30 -36.09
C MET A 208 16.44 -29.31 -36.92
N THR A 209 15.82 -29.99 -37.88
CA THR A 209 16.48 -31.02 -38.66
C THR A 209 16.38 -30.70 -40.15
N SER A 210 17.29 -29.87 -40.64
CA SER A 210 17.36 -29.48 -42.04
C SER A 210 18.72 -28.85 -42.27
N ALA A 211 19.45 -29.31 -43.28
CA ALA A 211 20.79 -28.75 -43.52
C ALA A 211 20.76 -27.60 -44.52
N VAL A 212 19.83 -26.67 -44.31
CA VAL A 212 19.71 -25.43 -45.06
C VAL A 212 19.16 -24.43 -44.04
N ARG A 213 19.44 -23.14 -44.23
CA ARG A 213 18.64 -22.04 -43.67
C ARG A 213 18.72 -22.01 -42.13
N GLU A 214 19.90 -21.55 -41.66
CA GLU A 214 20.36 -21.33 -40.29
C GLU A 214 19.23 -20.88 -39.38
N PRO A 215 18.84 -21.71 -38.42
CA PRO A 215 17.75 -21.71 -37.42
C PRO A 215 17.07 -20.42 -36.89
N LYS A 216 15.89 -20.02 -37.40
CA LYS A 216 15.21 -18.91 -36.76
C LYS A 216 15.06 -19.27 -35.29
N LEU A 217 15.78 -18.55 -34.43
CA LEU A 217 15.91 -18.96 -33.04
C LEU A 217 14.60 -18.90 -32.25
N PRO A 218 13.91 -17.74 -32.10
CA PRO A 218 12.83 -17.68 -31.10
C PRO A 218 11.57 -18.45 -31.47
N VAL A 219 11.47 -18.91 -32.71
CA VAL A 219 10.36 -19.80 -33.07
C VAL A 219 10.48 -21.12 -32.31
N LEU A 220 11.71 -21.57 -32.02
CA LEU A 220 11.90 -22.76 -31.22
C LEU A 220 11.39 -22.57 -29.79
N ALA A 221 11.72 -21.42 -29.18
CA ALA A 221 11.26 -21.16 -27.81
C ALA A 221 9.76 -21.03 -27.75
N GLY A 222 9.16 -20.42 -28.77
CA GLY A 222 7.71 -20.32 -28.84
C GLY A 222 7.05 -21.68 -28.94
N CYS A 223 7.57 -22.54 -29.82
CA CYS A 223 7.00 -23.87 -29.97
C CYS A 223 7.20 -24.73 -28.73
N LEU A 224 8.30 -24.54 -28.01
CA LEU A 224 8.52 -25.35 -26.82
C LEU A 224 7.62 -24.92 -25.67
N LYS A 225 7.43 -23.61 -25.48
CA LYS A 225 6.51 -23.17 -24.43
C LYS A 225 5.06 -23.51 -24.77
N GLY A 226 4.70 -23.48 -26.05
CA GLY A 226 3.37 -23.91 -26.43
C GLY A 226 3.15 -25.40 -26.22
N LEU A 227 4.18 -26.20 -26.48
CA LEU A 227 4.09 -27.64 -26.20
C LEU A 227 3.98 -27.90 -24.71
N SER A 228 4.69 -27.10 -23.89
CA SER A 228 4.61 -27.24 -22.44
C SER A 228 3.23 -26.90 -21.91
N SER A 229 2.62 -25.85 -22.43
CA SER A 229 1.28 -25.50 -21.98
C SER A 229 0.24 -26.47 -22.53
N LEU A 230 0.47 -27.06 -23.70
CA LEU A 230 -0.51 -27.97 -24.27
C LEU A 230 -0.44 -29.37 -23.69
N LEU A 231 0.71 -29.77 -23.12
CA LEU A 231 0.89 -31.15 -22.66
C LEU A 231 -0.07 -31.52 -21.54
N CYS A 232 -0.42 -30.57 -20.68
CA CYS A 232 -1.44 -30.83 -19.68
C CYS A 232 -2.81 -30.99 -20.34
N ASN A 233 -3.66 -31.79 -19.70
CA ASN A 233 -5.07 -32.04 -20.03
C ASN A 233 -5.28 -32.79 -21.34
N PHE A 234 -4.23 -33.03 -22.13
CA PHE A 234 -4.31 -33.80 -23.36
C PHE A 234 -3.07 -34.66 -23.49
N THR A 235 -2.69 -35.31 -22.39
CA THR A 235 -1.40 -35.95 -22.28
C THR A 235 -1.26 -37.15 -23.22
N LYS A 236 -0.05 -37.35 -23.73
CA LYS A 236 0.31 -38.55 -24.48
C LYS A 236 1.50 -39.18 -23.77
N SER A 237 1.21 -39.99 -22.75
CA SER A 237 2.25 -40.68 -22.02
C SER A 237 2.54 -42.00 -22.70
N MET A 238 3.40 -42.82 -22.10
CA MET A 238 3.81 -44.07 -22.74
C MET A 238 2.93 -45.25 -22.31
N GLU A 239 1.61 -45.06 -22.38
CA GLU A 239 0.69 -46.15 -22.13
C GLU A 239 -0.39 -46.17 -23.21
N GLU A 240 -0.65 -45.02 -23.81
CA GLU A 240 -1.64 -44.91 -24.88
C GLU A 240 -1.03 -44.60 -26.24
N ASP A 241 0.08 -43.87 -26.27
CA ASP A 241 0.80 -43.57 -27.51
C ASP A 241 2.27 -43.36 -27.19
N PRO A 242 3.03 -44.43 -27.01
CA PRO A 242 4.46 -44.27 -26.77
C PRO A 242 5.28 -44.19 -28.05
N GLN A 243 4.77 -43.45 -29.03
CA GLN A 243 5.50 -43.14 -30.26
C GLN A 243 5.74 -41.65 -30.37
N THR A 244 4.67 -40.85 -30.31
CA THR A 244 4.82 -39.41 -30.32
C THR A 244 5.50 -38.91 -29.07
N SER A 245 5.34 -39.61 -27.95
CA SER A 245 6.06 -39.22 -26.74
C SER A 245 7.56 -39.48 -26.89
N ARG A 246 7.92 -40.58 -27.55
CA ARG A 246 9.32 -40.85 -27.86
C ARG A 246 9.89 -39.82 -28.81
N GLU A 247 9.08 -39.38 -29.79
CA GLU A 247 9.48 -38.35 -30.73
C GLU A 247 9.69 -37.00 -30.03
N ILE A 248 8.78 -36.64 -29.12
CA ILE A 248 8.89 -35.40 -28.37
C ILE A 248 10.13 -35.44 -27.48
N PHE A 249 10.39 -36.60 -26.87
CA PHE A 249 11.58 -36.70 -26.03
C PHE A 249 12.85 -36.63 -26.87
N ASN A 250 12.82 -37.15 -28.11
CA ASN A 250 13.97 -37.02 -28.98
C ASN A 250 14.21 -35.57 -29.38
N PHE A 251 13.13 -34.81 -29.58
CA PHE A 251 13.27 -33.39 -29.93
C PHE A 251 13.83 -32.59 -28.76
N VAL A 252 13.32 -32.82 -27.54
CA VAL A 252 13.87 -32.08 -26.41
C VAL A 252 15.27 -32.58 -26.08
N LEU A 253 15.60 -33.83 -26.44
CA LEU A 253 16.94 -34.34 -26.26
C LEU A 253 17.91 -33.66 -27.20
N LYS A 254 17.47 -33.38 -28.43
CA LYS A 254 18.28 -32.59 -29.34
C LYS A 254 18.44 -31.16 -28.81
N ALA A 255 17.37 -30.60 -28.24
CA ALA A 255 17.42 -29.23 -27.76
C ALA A 255 18.12 -29.07 -26.41
N ILE A 256 18.53 -30.16 -25.78
CA ILE A 256 19.36 -30.06 -24.58
C ILE A 256 20.79 -30.54 -24.85
N ARG A 257 21.20 -30.64 -26.10
CA ARG A 257 22.57 -31.02 -26.35
C ARG A 257 23.49 -29.82 -26.12
N PRO A 258 24.59 -29.98 -25.38
CA PRO A 258 25.38 -28.80 -25.01
C PRO A 258 26.27 -28.28 -26.13
N GLN A 259 25.87 -27.16 -26.71
CA GLN A 259 26.74 -26.45 -27.63
C GLN A 259 27.72 -25.62 -26.83
N ILE A 260 28.97 -25.56 -27.30
CA ILE A 260 30.02 -24.87 -26.55
C ILE A 260 29.86 -23.36 -26.66
N ASP A 261 29.95 -22.83 -27.87
CA ASP A 261 29.92 -21.39 -28.09
C ASP A 261 28.49 -21.01 -28.45
N LEU A 262 27.70 -20.67 -27.44
CA LEU A 262 26.38 -20.08 -27.66
C LEU A 262 26.22 -18.97 -26.64
N LYS A 263 25.54 -17.90 -27.04
CA LYS A 263 25.40 -16.76 -26.16
C LYS A 263 23.98 -16.50 -25.73
N ARG A 264 23.06 -16.29 -26.65
CA ARG A 264 21.68 -15.99 -26.29
C ARG A 264 21.01 -17.27 -25.83
N TYR A 265 20.88 -17.45 -24.52
CA TYR A 265 20.30 -18.66 -23.94
C TYR A 265 18.79 -18.48 -23.81
N ALA A 266 18.06 -19.01 -24.76
CA ALA A 266 16.62 -19.07 -24.59
C ALA A 266 16.08 -20.47 -24.77
N VAL A 267 16.59 -21.21 -25.74
CA VAL A 267 16.17 -22.59 -25.93
C VAL A 267 16.64 -23.58 -24.86
N PRO A 268 17.78 -23.41 -24.15
CA PRO A 268 17.95 -24.24 -22.94
C PRO A 268 16.91 -23.96 -21.85
N SER A 269 16.60 -22.69 -21.59
CA SER A 269 15.59 -22.35 -20.61
C SER A 269 14.20 -22.78 -21.03
N ALA A 270 13.96 -22.97 -22.33
CA ALA A 270 12.68 -23.51 -22.76
C ALA A 270 12.64 -25.02 -22.63
N GLY A 271 13.69 -25.70 -23.12
CA GLY A 271 13.66 -27.16 -23.15
C GLY A 271 13.74 -27.78 -21.77
N LEU A 272 14.55 -27.20 -20.88
CA LEU A 272 14.68 -27.78 -19.55
C LEU A 272 13.45 -27.52 -18.69
N ARG A 273 12.85 -26.34 -18.82
CA ARG A 273 11.61 -26.08 -18.08
C ARG A 273 10.43 -26.84 -18.64
N LEU A 274 10.50 -27.28 -19.91
CA LEU A 274 9.50 -28.24 -20.38
C LEU A 274 9.75 -29.62 -19.80
N PHE A 275 11.01 -30.06 -19.80
CA PHE A 275 11.34 -31.40 -19.32
C PHE A 275 11.13 -31.54 -17.82
N ALA A 276 11.13 -30.44 -17.07
CA ALA A 276 10.92 -30.51 -15.62
C ALA A 276 9.51 -30.96 -15.28
N LEU A 277 8.50 -30.32 -15.87
CA LEU A 277 7.12 -30.58 -15.47
C LEU A 277 6.66 -31.96 -15.88
N HIS A 278 6.61 -32.22 -17.18
CA HIS A 278 6.02 -33.46 -17.67
C HIS A 278 7.05 -34.56 -17.81
N ALA A 279 7.84 -34.80 -16.76
CA ALA A 279 8.87 -35.83 -16.83
C ALA A 279 8.27 -37.23 -16.76
N SER A 280 7.10 -37.37 -16.17
CA SER A 280 6.47 -38.68 -16.03
C SER A 280 5.89 -39.21 -17.32
N GLN A 281 5.81 -38.39 -18.36
CA GLN A 281 5.19 -38.82 -19.60
C GLN A 281 6.06 -39.82 -20.36
N PHE A 282 7.37 -39.77 -20.16
CA PHE A 282 8.32 -40.61 -20.90
C PHE A 282 8.74 -41.74 -19.98
N SER A 283 8.12 -42.91 -20.16
CA SER A 283 8.31 -44.00 -19.20
C SER A 283 9.57 -44.80 -19.48
N THR A 284 9.63 -45.47 -20.63
CA THR A 284 10.72 -46.39 -20.91
C THR A 284 11.84 -45.74 -21.72
N CYS A 285 11.62 -44.53 -22.24
CA CYS A 285 12.65 -43.80 -22.97
C CYS A 285 13.47 -42.90 -22.06
N LEU A 286 13.67 -43.31 -20.81
CA LEU A 286 14.45 -42.54 -19.86
C LEU A 286 15.50 -43.37 -19.14
N LEU A 287 15.42 -44.70 -19.20
CA LEU A 287 16.30 -45.57 -18.45
C LEU A 287 17.63 -45.84 -19.12
N ASP A 288 17.91 -45.25 -20.28
CA ASP A 288 19.08 -45.62 -21.07
C ASP A 288 20.17 -44.57 -21.09
N ASN A 289 19.84 -43.31 -21.33
CA ASN A 289 20.85 -42.26 -21.46
C ASN A 289 21.09 -41.51 -20.16
N TYR A 290 20.92 -42.19 -19.02
CA TYR A 290 20.94 -41.53 -17.72
C TYR A 290 22.30 -40.95 -17.38
N VAL A 291 23.38 -41.59 -17.84
CA VAL A 291 24.73 -41.08 -17.63
C VAL A 291 24.89 -39.73 -18.30
N SER A 292 24.69 -39.68 -19.62
CA SER A 292 24.88 -38.47 -20.41
C SER A 292 23.89 -37.37 -20.02
N LEU A 293 22.68 -37.76 -19.63
CA LEU A 293 21.73 -36.81 -19.08
C LEU A 293 22.27 -36.16 -17.82
N PHE A 294 22.86 -36.96 -16.92
CA PHE A 294 23.43 -36.38 -15.72
C PHE A 294 24.63 -35.51 -16.03
N GLU A 295 25.41 -35.87 -17.06
CA GLU A 295 26.56 -35.06 -17.45
C GLU A 295 26.13 -33.67 -17.91
N VAL A 296 25.18 -33.62 -18.85
CA VAL A 296 24.78 -32.31 -19.39
C VAL A 296 24.02 -31.51 -18.34
N LEU A 297 23.29 -32.19 -17.44
CA LEU A 297 22.55 -31.48 -16.42
C LEU A 297 23.48 -30.89 -15.37
N LEU A 298 24.47 -31.67 -14.92
CA LEU A 298 25.43 -31.17 -13.95
C LEU A 298 26.34 -30.10 -14.53
N LYS A 299 26.64 -30.20 -15.83
CA LYS A 299 27.39 -29.14 -16.49
C LYS A 299 26.57 -27.85 -16.55
N TRP A 300 25.28 -27.96 -16.85
CA TRP A 300 24.43 -26.77 -16.86
C TRP A 300 24.10 -26.26 -15.47
N CYS A 301 24.42 -27.01 -14.41
CA CYS A 301 24.28 -26.48 -13.04
C CYS A 301 25.25 -25.36 -12.71
N ALA A 302 26.31 -25.17 -13.49
CA ALA A 302 27.35 -24.23 -13.11
C ALA A 302 27.52 -23.11 -14.13
N HIS A 303 26.42 -22.48 -14.51
CA HIS A 303 26.36 -21.66 -15.71
C HIS A 303 26.38 -20.16 -15.45
N THR A 304 26.79 -19.74 -14.23
CA THR A 304 27.00 -18.36 -13.75
C THR A 304 25.94 -17.33 -14.17
N ASN A 305 24.70 -17.78 -14.30
CA ASN A 305 23.60 -17.01 -14.84
C ASN A 305 22.55 -16.79 -13.76
N VAL A 306 21.39 -16.24 -14.15
CA VAL A 306 20.30 -16.07 -13.20
C VAL A 306 19.00 -16.72 -13.67
N GLU A 307 18.83 -17.01 -14.95
CA GLU A 307 17.61 -17.65 -15.44
C GLU A 307 17.92 -18.94 -16.21
N LEU A 308 19.09 -19.53 -15.96
CA LEU A 308 19.44 -20.81 -16.54
C LEU A 308 19.69 -21.88 -15.47
N LYS A 309 20.52 -21.56 -14.47
CA LYS A 309 20.75 -22.53 -13.41
C LYS A 309 19.51 -22.74 -12.57
N LYS A 310 18.80 -21.66 -12.23
CA LYS A 310 17.60 -21.76 -11.41
C LYS A 310 16.42 -22.36 -12.17
N ALA A 311 16.52 -22.45 -13.49
CA ALA A 311 15.49 -23.10 -14.29
C ALA A 311 15.91 -24.47 -14.81
N ALA A 312 17.17 -24.86 -14.59
CA ALA A 312 17.60 -26.21 -14.88
C ALA A 312 17.70 -27.09 -13.65
N LEU A 313 17.87 -26.49 -12.47
CA LEU A 313 17.88 -27.26 -11.23
C LEU A 313 16.54 -27.93 -10.98
N SER A 314 15.45 -27.28 -11.41
CA SER A 314 14.13 -27.89 -11.37
C SER A 314 14.09 -29.15 -12.24
N ALA A 315 14.73 -29.11 -13.41
CA ALA A 315 14.69 -30.27 -14.29
C ALA A 315 15.54 -31.40 -13.75
N LEU A 316 16.70 -31.07 -13.17
CA LEU A 316 17.52 -32.09 -12.53
C LEU A 316 16.78 -32.73 -11.35
N GLU A 317 16.07 -31.90 -10.57
CA GLU A 317 15.35 -32.39 -9.40
C GLU A 317 14.21 -33.31 -9.81
N SER A 318 13.40 -32.89 -10.78
CA SER A 318 12.30 -33.73 -11.22
C SER A 318 12.79 -34.97 -11.94
N PHE A 319 13.97 -34.92 -12.57
CA PHE A 319 14.52 -36.12 -13.17
C PHE A 319 14.94 -37.12 -12.11
N LEU A 320 15.52 -36.64 -11.01
CA LEU A 320 15.89 -37.54 -9.92
C LEU A 320 14.66 -38.17 -9.27
N LYS A 321 13.63 -37.34 -9.04
CA LYS A 321 12.39 -37.82 -8.45
C LYS A 321 11.69 -38.82 -9.36
N GLN A 322 11.81 -38.65 -10.67
CA GLN A 322 11.15 -39.58 -11.57
C GLN A 322 11.98 -40.82 -11.86
N VAL A 323 13.30 -40.77 -11.64
CA VAL A 323 14.07 -41.99 -11.87
C VAL A 323 14.03 -42.91 -10.66
N SER A 324 13.89 -42.35 -9.44
CA SER A 324 13.89 -43.24 -8.27
C SER A 324 12.59 -44.04 -8.18
N ASN A 325 11.46 -43.41 -8.51
CA ASN A 325 10.17 -44.08 -8.43
C ASN A 325 10.01 -45.14 -9.50
N MET A 326 10.83 -45.12 -10.54
CA MET A 326 10.83 -46.20 -11.51
C MET A 326 11.88 -47.25 -11.19
N VAL A 327 12.99 -46.87 -10.55
CA VAL A 327 13.98 -47.87 -10.18
C VAL A 327 13.52 -48.67 -8.97
N ALA A 328 12.56 -48.16 -8.19
CA ALA A 328 12.18 -48.85 -6.97
C ALA A 328 11.25 -50.03 -7.21
N LYS A 329 10.44 -49.96 -8.27
CA LYS A 329 9.37 -50.94 -8.45
C LYS A 329 9.91 -52.30 -8.86
N ASN A 330 11.02 -52.34 -9.58
CA ASN A 330 11.63 -53.58 -10.04
C ASN A 330 13.10 -53.59 -9.69
N ALA A 331 13.41 -53.31 -8.41
CA ALA A 331 14.79 -53.08 -7.97
C ALA A 331 15.55 -54.39 -7.79
N GLU A 332 15.67 -55.13 -8.90
CA GLU A 332 16.41 -56.38 -8.92
C GLU A 332 17.64 -56.30 -9.81
N MET A 333 17.47 -55.94 -11.08
CA MET A 333 18.56 -55.90 -12.04
C MET A 333 19.23 -54.53 -12.12
N HIS A 334 18.77 -53.57 -11.32
CA HIS A 334 19.29 -52.20 -11.41
C HIS A 334 20.42 -51.95 -10.42
N LYS A 335 21.18 -52.99 -10.08
CA LYS A 335 22.20 -52.88 -9.03
C LYS A 335 23.33 -51.96 -9.44
N ASN A 336 23.77 -52.05 -10.69
CA ASN A 336 24.80 -51.16 -11.19
C ASN A 336 24.30 -49.73 -11.27
N LYS A 337 23.02 -49.54 -11.60
CA LYS A 337 22.44 -48.20 -11.64
C LYS A 337 22.43 -47.55 -10.26
N LEU A 338 21.95 -48.28 -9.26
CA LEU A 338 21.86 -47.70 -7.92
C LEU A 338 23.23 -47.49 -7.31
N GLN A 339 24.17 -48.42 -7.55
CA GLN A 339 25.52 -48.26 -7.03
C GLN A 339 26.24 -47.10 -7.69
N TYR A 340 26.04 -46.95 -9.01
CA TYR A 340 26.66 -45.84 -9.74
C TYR A 340 26.11 -44.50 -9.27
N PHE A 341 24.79 -44.40 -9.07
CA PHE A 341 24.20 -43.14 -8.64
C PHE A 341 24.62 -42.79 -7.22
N MET A 342 24.67 -43.79 -6.32
CA MET A 342 25.08 -43.52 -4.95
C MET A 342 26.55 -43.13 -4.88
N GLU A 343 27.41 -43.79 -5.65
CA GLU A 343 28.82 -43.41 -5.61
C GLU A 343 29.08 -42.10 -6.34
N GLN A 344 28.21 -41.69 -7.25
CA GLN A 344 28.30 -40.34 -7.79
C GLN A 344 27.92 -39.30 -6.73
N PHE A 345 26.91 -39.60 -5.91
CA PHE A 345 26.57 -38.72 -4.79
C PHE A 345 27.70 -38.62 -3.79
N TYR A 346 28.37 -39.75 -3.50
CA TYR A 346 29.51 -39.69 -2.59
C TYR A 346 30.68 -38.96 -3.22
N GLY A 347 30.87 -39.09 -4.53
CA GLY A 347 31.93 -38.35 -5.19
C GLY A 347 31.69 -36.86 -5.22
N ILE A 348 30.42 -36.45 -5.24
CA ILE A 348 30.10 -35.03 -5.07
C ILE A 348 30.37 -34.59 -3.64
N ILE A 349 29.93 -35.40 -2.67
CA ILE A 349 30.00 -34.98 -1.27
C ILE A 349 31.42 -35.09 -0.70
N ARG A 350 32.31 -35.83 -1.36
CA ARG A 350 33.71 -35.87 -0.96
C ARG A 350 34.55 -34.87 -1.72
N ASN A 351 34.02 -34.29 -2.79
CA ASN A 351 34.73 -33.27 -3.54
C ASN A 351 34.75 -31.97 -2.73
N VAL A 352 35.95 -31.44 -2.52
CA VAL A 352 36.10 -30.19 -1.77
C VAL A 352 35.78 -29.05 -2.73
N ASP A 353 34.60 -28.46 -2.56
CA ASP A 353 34.19 -27.30 -3.34
C ASP A 353 33.39 -26.37 -2.44
N SER A 354 33.31 -25.11 -2.86
CA SER A 354 32.64 -24.07 -2.10
C SER A 354 31.36 -23.61 -2.80
N ASN A 355 30.63 -24.54 -3.40
CA ASN A 355 29.32 -24.24 -3.95
C ASN A 355 28.26 -24.72 -2.98
N ASN A 356 27.19 -23.94 -2.85
CA ASN A 356 26.09 -24.32 -1.96
C ASN A 356 25.00 -25.06 -2.69
N LYS A 357 24.78 -24.77 -3.98
CA LYS A 357 23.74 -25.42 -4.77
C LYS A 357 24.30 -26.48 -5.71
N GLU A 358 25.45 -27.05 -5.38
CA GLU A 358 26.01 -28.18 -6.09
C GLU A 358 26.24 -29.39 -5.20
N LEU A 359 25.91 -29.31 -3.91
CA LEU A 359 25.88 -30.47 -3.04
C LEU A 359 24.53 -30.68 -2.39
N SER A 360 23.65 -29.68 -2.44
CA SER A 360 22.23 -29.86 -2.12
C SER A 360 21.48 -30.60 -3.21
N ILE A 361 22.14 -30.95 -4.31
CA ILE A 361 21.61 -31.91 -5.27
C ILE A 361 22.17 -33.31 -5.06
N ALA A 362 23.15 -33.46 -4.18
CA ALA A 362 23.61 -34.78 -3.75
C ALA A 362 22.95 -35.23 -2.46
N ILE A 363 22.67 -34.28 -1.57
CA ILE A 363 21.95 -34.57 -0.33
C ILE A 363 20.55 -35.12 -0.64
N ARG A 364 19.86 -34.49 -1.59
CA ARG A 364 18.51 -34.95 -1.95
C ARG A 364 18.56 -36.30 -2.64
N GLY A 365 19.59 -36.57 -3.44
CA GLY A 365 19.69 -37.86 -4.07
C GLY A 365 19.99 -38.96 -3.06
N TYR A 366 20.81 -38.64 -2.06
CA TYR A 366 21.06 -39.53 -0.93
C TYR A 366 19.75 -39.90 -0.23
N GLY A 367 19.01 -38.88 0.20
CA GLY A 367 17.78 -39.11 0.92
C GLY A 367 16.65 -39.65 0.09
N LEU A 368 16.74 -39.52 -1.23
CA LEU A 368 15.72 -40.11 -2.09
C LEU A 368 16.01 -41.57 -2.37
N PHE A 369 17.26 -41.88 -2.73
CA PHE A 369 17.59 -43.26 -3.04
C PHE A 369 17.78 -44.10 -1.80
N ALA A 370 17.73 -43.51 -0.60
CA ALA A 370 17.63 -44.32 0.61
C ALA A 370 16.33 -45.14 0.66
N GLY A 371 15.29 -44.70 -0.05
CA GLY A 371 14.08 -45.46 -0.21
C GLY A 371 14.25 -46.83 -0.85
N PRO A 372 14.64 -46.89 -2.13
CA PRO A 372 14.73 -48.19 -2.80
C PRO A 372 15.92 -49.03 -2.39
N CYS A 373 16.85 -48.51 -1.58
CA CYS A 373 17.90 -49.37 -1.03
C CYS A 373 17.43 -50.16 0.18
N LYS A 374 16.16 -50.07 0.56
CA LYS A 374 15.63 -50.94 1.60
C LYS A 374 15.55 -52.38 1.13
N VAL A 375 15.21 -52.60 -0.13
CA VAL A 375 14.96 -53.94 -0.62
C VAL A 375 16.23 -54.56 -1.14
N ILE A 376 17.39 -53.94 -0.89
CA ILE A 376 18.63 -54.48 -1.42
C ILE A 376 19.60 -54.83 -0.30
N ASN A 377 19.50 -54.16 0.84
CA ASN A 377 20.44 -54.53 1.89
C ASN A 377 19.81 -54.75 3.25
N ALA A 378 18.78 -53.96 3.59
CA ALA A 378 18.10 -53.95 4.89
C ALA A 378 19.03 -53.70 6.07
N LYS A 379 20.20 -53.13 5.84
CA LYS A 379 21.10 -52.69 6.90
C LYS A 379 21.60 -51.30 6.53
N ASP A 380 21.66 -51.02 5.23
CA ASP A 380 22.10 -49.71 4.77
C ASP A 380 21.06 -48.63 5.08
N VAL A 381 19.79 -49.02 5.23
CA VAL A 381 18.79 -48.09 5.75
C VAL A 381 19.05 -47.76 7.22
N ASP A 382 19.75 -48.62 7.94
CA ASP A 382 20.17 -48.34 9.30
C ASP A 382 21.55 -47.70 9.34
N PHE A 383 22.29 -47.74 8.23
CA PHE A 383 23.62 -47.15 8.09
C PHE A 383 23.52 -45.67 7.73
N MET A 384 22.70 -45.38 6.73
CA MET A 384 22.09 -44.06 6.62
C MET A 384 21.13 -43.88 7.79
N TYR A 385 20.86 -42.60 8.11
CA TYR A 385 20.24 -42.01 9.31
C TYR A 385 21.21 -42.04 10.49
N VAL A 386 22.33 -42.73 10.34
CA VAL A 386 23.45 -42.60 11.26
C VAL A 386 24.58 -41.82 10.62
N GLU A 387 24.97 -42.19 9.39
CA GLU A 387 25.90 -41.38 8.63
C GLU A 387 25.30 -40.02 8.29
N LEU A 388 24.00 -39.99 8.03
CA LEU A 388 23.33 -38.76 7.69
C LEU A 388 23.26 -37.82 8.88
N ILE A 389 22.92 -38.35 10.05
CA ILE A 389 22.83 -37.52 11.23
C ILE A 389 24.23 -37.11 11.71
N GLN A 390 25.24 -37.97 11.47
CA GLN A 390 26.59 -37.58 11.83
C GLN A 390 27.15 -36.51 10.91
N ARG A 391 26.73 -36.49 9.64
CA ARG A 391 27.05 -35.36 8.78
C ARG A 391 26.26 -34.13 9.19
N CYS A 392 25.00 -34.32 9.61
CA CYS A 392 24.13 -33.20 9.88
C CYS A 392 24.45 -32.52 11.20
N LYS A 393 25.03 -33.24 12.15
CA LYS A 393 25.38 -32.66 13.43
C LYS A 393 26.57 -31.73 13.30
N GLN A 394 27.71 -32.27 12.84
CA GLN A 394 28.93 -31.49 12.79
C GLN A 394 29.01 -30.59 11.57
N MET A 395 27.95 -29.88 11.28
CA MET A 395 27.97 -28.76 10.36
C MET A 395 27.31 -27.53 10.95
N PHE A 396 26.20 -27.71 11.65
CA PHE A 396 25.51 -26.58 12.26
C PHE A 396 24.92 -26.92 13.63
N LEU A 397 25.55 -27.81 14.37
CA LEU A 397 25.25 -27.81 15.79
C LEU A 397 26.50 -27.69 16.63
N THR A 398 27.60 -28.33 16.22
CA THR A 398 28.79 -28.42 17.04
C THR A 398 29.75 -27.26 16.76
N GLN A 399 30.23 -27.17 15.53
CA GLN A 399 31.21 -26.18 15.13
C GLN A 399 30.62 -25.29 14.06
N THR A 400 31.01 -24.01 14.09
CA THR A 400 30.59 -22.98 13.14
C THR A 400 29.08 -22.84 13.09
N ASP A 401 28.46 -22.80 14.27
CA ASP A 401 27.03 -22.54 14.34
C ASP A 401 26.73 -21.08 14.04
N THR A 402 27.65 -20.19 14.36
CA THR A 402 27.44 -18.74 14.21
C THR A 402 27.95 -18.24 12.86
N GLY A 403 29.25 -18.36 12.63
CA GLY A 403 29.78 -17.95 11.35
C GLY A 403 29.89 -19.08 10.36
N ASP A 404 28.87 -19.27 9.54
CA ASP A 404 28.89 -20.22 8.44
C ASP A 404 27.82 -19.83 7.45
N ASP A 405 27.95 -20.36 6.24
CA ASP A 405 27.02 -20.10 5.15
C ASP A 405 26.34 -21.39 4.73
N ARG A 406 26.56 -22.46 5.49
CA ARG A 406 25.97 -23.77 5.25
C ARG A 406 24.58 -23.82 5.89
N VAL A 407 23.69 -23.00 5.34
CA VAL A 407 22.37 -22.80 5.90
C VAL A 407 21.37 -23.07 4.79
N TYR A 408 21.80 -22.83 3.54
CA TYR A 408 20.95 -22.90 2.37
C TYR A 408 20.79 -24.32 1.84
N GLN A 409 21.03 -25.34 2.66
CA GLN A 409 20.80 -26.72 2.28
C GLN A 409 20.08 -27.51 3.36
N MET A 410 19.82 -26.91 4.51
CA MET A 410 18.98 -27.46 5.57
C MET A 410 17.59 -27.94 5.12
N PRO A 411 16.90 -27.30 4.14
CA PRO A 411 15.70 -27.95 3.62
C PRO A 411 15.96 -29.29 2.95
N SER A 412 17.06 -29.39 2.19
CA SER A 412 17.42 -30.68 1.61
C SER A 412 17.80 -31.68 2.70
N PHE A 413 18.41 -31.19 3.78
CA PHE A 413 18.78 -32.06 4.88
C PHE A 413 17.55 -32.67 5.55
N LEU A 414 16.57 -31.82 5.90
CA LEU A 414 15.40 -32.31 6.60
C LEU A 414 14.51 -33.14 5.69
N GLN A 415 14.48 -32.79 4.39
CA GLN A 415 13.76 -33.61 3.42
C GLN A 415 14.38 -35.00 3.32
N SER A 416 15.72 -35.08 3.37
CA SER A 416 16.38 -36.38 3.29
C SER A 416 16.14 -37.20 4.54
N VAL A 417 16.21 -36.56 5.72
CA VAL A 417 16.00 -37.28 6.97
C VAL A 417 14.56 -37.76 7.08
N ALA A 418 13.60 -36.98 6.59
CA ALA A 418 12.22 -37.44 6.60
C ALA A 418 11.98 -38.58 5.61
N SER A 419 12.61 -38.50 4.42
CA SER A 419 12.40 -39.54 3.43
C SER A 419 13.11 -40.84 3.79
N VAL A 420 14.14 -40.79 4.64
CA VAL A 420 14.70 -42.05 5.13
C VAL A 420 13.95 -42.53 6.38
N LEU A 421 13.41 -41.61 7.18
CA LEU A 421 12.68 -41.99 8.38
C LEU A 421 11.33 -42.60 8.06
N LEU A 422 10.80 -42.34 6.86
CA LEU A 422 9.62 -43.06 6.40
C LEU A 422 9.88 -44.55 6.32
N TYR A 423 10.99 -44.95 5.71
CA TYR A 423 11.26 -46.36 5.50
C TYR A 423 11.94 -47.02 6.69
N LEU A 424 12.59 -46.25 7.55
CA LEU A 424 13.32 -46.82 8.68
C LEU A 424 12.34 -47.21 9.78
N ASP A 425 12.24 -48.50 10.05
CA ASP A 425 11.60 -48.97 11.26
C ASP A 425 12.67 -49.25 12.31
N THR A 426 12.22 -49.48 13.55
CA THR A 426 13.06 -49.77 14.72
C THR A 426 14.10 -48.67 14.96
N VAL A 427 13.56 -47.51 15.33
CA VAL A 427 14.27 -46.26 15.63
C VAL A 427 15.35 -46.51 16.69
N PRO A 428 16.53 -45.89 16.59
CA PRO A 428 17.57 -46.13 17.60
C PRO A 428 17.27 -45.56 18.97
N GLU A 429 16.42 -44.53 19.05
CA GLU A 429 16.06 -43.81 20.28
C GLU A 429 17.27 -43.22 21.00
N VAL A 430 18.36 -42.99 20.30
CA VAL A 430 19.47 -42.20 20.81
C VAL A 430 19.68 -40.92 20.01
N TYR A 431 19.21 -40.87 18.76
CA TYR A 431 19.41 -39.73 17.89
C TYR A 431 18.18 -38.84 17.78
N THR A 432 17.06 -39.21 18.42
CA THR A 432 15.92 -38.31 18.46
C THR A 432 16.17 -36.99 19.21
N PRO A 433 17.02 -36.89 20.24
CA PRO A 433 17.46 -35.57 20.69
C PRO A 433 18.44 -34.86 19.77
N VAL A 434 18.77 -35.41 18.61
CA VAL A 434 19.46 -34.67 17.56
C VAL A 434 18.49 -34.26 16.47
N LEU A 435 17.51 -35.12 16.17
CA LEU A 435 16.46 -34.77 15.22
C LEU A 435 15.62 -33.60 15.71
N GLU A 436 15.22 -33.65 16.98
CA GLU A 436 14.40 -32.60 17.55
C GLU A 436 15.22 -31.53 18.23
N HIS A 437 16.50 -31.46 17.91
CA HIS A 437 17.31 -30.31 18.19
C HIS A 437 17.78 -29.70 16.89
N LEU A 438 17.54 -30.38 15.77
CA LEU A 438 17.71 -29.88 14.41
C LEU A 438 16.46 -29.20 13.87
N VAL A 439 15.28 -29.78 14.10
CA VAL A 439 14.10 -29.23 13.45
C VAL A 439 13.66 -27.92 14.11
N VAL A 440 13.96 -27.73 15.40
CA VAL A 440 13.72 -26.42 16.00
C VAL A 440 14.76 -25.41 15.52
N MET A 441 15.94 -25.87 15.09
CA MET A 441 16.89 -24.96 14.48
C MET A 441 16.40 -24.52 13.11
N GLN A 442 15.72 -25.40 12.38
CA GLN A 442 15.22 -24.98 11.08
C GLN A 442 13.98 -24.11 11.22
N ILE A 443 13.17 -24.32 12.26
CA ILE A 443 12.04 -23.43 12.52
C ILE A 443 12.55 -22.05 12.97
N ASP A 444 13.63 -22.03 13.75
CA ASP A 444 14.27 -20.77 14.14
C ASP A 444 14.82 -20.04 12.92
N SER A 445 15.48 -20.76 12.01
CA SER A 445 16.14 -20.13 10.87
C SER A 445 15.24 -20.06 9.64
N PHE A 446 14.03 -19.53 9.80
CA PHE A 446 13.11 -19.15 8.73
C PHE A 446 13.31 -17.78 8.10
N PRO A 447 13.52 -16.68 8.83
CA PRO A 447 13.54 -15.37 8.15
C PRO A 447 14.90 -14.92 7.64
N GLN A 448 15.94 -15.74 7.74
CA GLN A 448 17.20 -15.41 7.05
C GLN A 448 17.24 -16.08 5.69
N TYR A 449 16.19 -15.82 4.90
CA TYR A 449 15.94 -16.56 3.68
C TYR A 449 15.46 -15.61 2.60
N SER A 450 15.24 -16.17 1.44
CA SER A 450 14.69 -15.55 0.26
C SER A 450 13.32 -16.13 -0.04
N PRO A 451 12.45 -15.41 -0.76
CA PRO A 451 11.22 -16.03 -1.26
C PRO A 451 11.54 -17.15 -2.24
N LYS A 452 10.51 -17.95 -2.53
CA LYS A 452 10.52 -19.22 -3.27
C LYS A 452 11.54 -20.22 -2.72
N MET A 453 12.04 -20.02 -1.49
CA MET A 453 12.67 -21.03 -0.66
C MET A 453 12.09 -21.05 0.74
N GLN A 454 11.44 -19.96 1.18
CA GLN A 454 10.62 -19.94 2.39
C GLN A 454 9.41 -20.84 2.28
N LEU A 455 9.06 -21.31 1.09
CA LEU A 455 8.06 -22.35 0.89
C LEU A 455 8.68 -23.74 0.84
N VAL A 456 9.93 -23.86 0.39
CA VAL A 456 10.63 -25.14 0.46
C VAL A 456 10.90 -25.53 1.90
N CYS A 457 11.21 -24.53 2.74
CA CYS A 457 11.40 -24.79 4.17
C CYS A 457 10.11 -25.27 4.82
N CYS A 458 8.97 -24.70 4.40
CA CYS A 458 7.67 -25.16 4.86
C CYS A 458 7.40 -26.59 4.43
N ARG A 459 7.75 -26.94 3.20
CA ARG A 459 7.55 -28.31 2.74
C ARG A 459 8.43 -29.31 3.48
N ALA A 460 9.64 -28.88 3.87
CA ALA A 460 10.52 -29.73 4.66
C ALA A 460 9.95 -29.99 6.05
N ILE A 461 9.51 -28.93 6.74
CA ILE A 461 9.01 -29.09 8.10
C ILE A 461 7.70 -29.87 8.13
N VAL A 462 6.81 -29.64 7.15
CA VAL A 462 5.58 -30.42 7.04
C VAL A 462 5.89 -31.89 6.75
N LYS A 463 6.92 -32.15 5.93
CA LYS A 463 7.30 -33.53 5.64
C LYS A 463 7.82 -34.26 6.87
N VAL A 464 8.66 -33.59 7.68
CA VAL A 464 9.18 -34.21 8.90
C VAL A 464 8.06 -34.49 9.90
N PHE A 465 7.14 -33.53 10.07
CA PHE A 465 6.04 -33.73 11.00
C PHE A 465 5.05 -34.76 10.49
N LEU A 466 4.97 -34.96 9.18
CA LEU A 466 4.21 -36.09 8.66
C LEU A 466 4.92 -37.39 8.98
N ALA A 467 6.25 -37.37 8.97
CA ALA A 467 7.02 -38.60 9.11
C ALA A 467 6.94 -39.15 10.53
N LEU A 468 7.26 -38.33 11.52
CA LEU A 468 7.30 -38.87 12.89
C LEU A 468 5.94 -38.79 13.60
N ALA A 469 4.90 -39.20 12.91
CA ALA A 469 3.58 -39.27 13.53
C ALA A 469 2.74 -40.43 13.03
N ALA A 470 3.26 -41.29 12.16
CA ALA A 470 2.48 -42.37 11.56
C ALA A 470 2.98 -43.74 11.95
N LYS A 471 3.73 -43.84 13.04
CA LYS A 471 4.33 -45.11 13.43
C LYS A 471 3.90 -45.60 14.80
N GLY A 472 3.80 -44.72 15.79
CA GLY A 472 3.41 -45.15 17.11
C GLY A 472 3.15 -44.02 18.08
N PRO A 473 2.09 -44.15 18.88
CA PRO A 473 1.77 -43.10 19.86
C PRO A 473 2.67 -43.11 21.09
N VAL A 474 3.56 -44.09 21.23
CA VAL A 474 4.62 -43.98 22.22
C VAL A 474 5.76 -43.11 21.74
N LEU A 475 5.74 -42.73 20.47
CA LEU A 475 6.71 -41.81 19.91
C LEU A 475 6.20 -40.38 19.87
N ARG A 476 4.98 -40.15 19.37
CA ARG A 476 4.50 -38.82 18.98
C ARG A 476 4.23 -37.89 20.14
N ASN A 477 4.65 -38.16 21.37
CA ASN A 477 4.66 -37.11 22.38
C ASN A 477 5.70 -36.04 22.06
N CYS A 478 6.73 -36.39 21.28
CA CYS A 478 7.79 -35.44 20.94
C CYS A 478 7.33 -34.39 19.95
N ILE A 479 6.25 -34.66 19.20
CA ILE A 479 5.69 -33.64 18.33
C ILE A 479 5.03 -32.54 19.14
N SER A 480 4.76 -32.78 20.43
CA SER A 480 4.21 -31.77 21.30
C SER A 480 5.27 -30.94 21.99
N THR A 481 6.53 -31.39 22.02
CA THR A 481 7.57 -30.56 22.60
C THR A 481 8.44 -29.87 21.55
N VAL A 482 8.43 -30.34 20.30
CA VAL A 482 9.13 -29.57 19.27
C VAL A 482 8.44 -28.22 19.03
N VAL A 483 7.10 -28.20 18.97
CA VAL A 483 6.41 -26.93 18.73
C VAL A 483 6.41 -26.06 19.97
N HIS A 484 6.41 -26.66 21.16
CA HIS A 484 6.56 -25.90 22.39
C HIS A 484 7.93 -25.22 22.44
N GLN A 485 8.98 -25.93 22.05
CA GLN A 485 10.29 -25.29 22.00
C GLN A 485 10.37 -24.24 20.91
N GLY A 486 9.66 -24.43 19.80
CA GLY A 486 9.66 -23.42 18.76
C GLY A 486 8.93 -22.16 19.18
N LEU A 487 7.87 -22.31 19.96
CA LEU A 487 7.17 -21.13 20.48
C LEU A 487 8.03 -20.39 21.49
N ILE A 488 8.76 -21.10 22.34
CA ILE A 488 9.65 -20.37 23.25
C ILE A 488 10.85 -19.78 22.50
N ARG A 489 11.20 -20.36 21.35
CA ARG A 489 12.20 -19.75 20.48
C ARG A 489 11.72 -18.40 19.95
N ILE A 490 10.63 -18.39 19.19
CA ILE A 490 10.25 -17.15 18.51
C ILE A 490 9.59 -16.14 19.44
N CYS A 491 9.13 -16.55 20.61
CA CYS A 491 8.46 -15.63 21.52
C CYS A 491 9.40 -15.02 22.53
N SER A 492 10.68 -14.87 22.18
CA SER A 492 11.59 -14.11 23.03
C SER A 492 12.49 -13.16 22.26
N LYS A 493 12.51 -13.21 20.94
CA LYS A 493 13.36 -12.32 20.16
C LYS A 493 12.82 -10.90 20.21
N PRO A 494 13.69 -9.90 20.27
CA PRO A 494 13.22 -8.52 20.23
C PRO A 494 12.91 -8.11 18.80
N LYS A 518 26.65 -4.44 11.81
CA LYS A 518 25.22 -4.18 11.69
C LYS A 518 24.48 -5.50 11.50
N TRP A 519 23.16 -5.46 11.69
CA TRP A 519 22.22 -6.55 11.37
C TRP A 519 20.81 -6.02 11.55
N LYS A 520 19.83 -6.89 11.29
CA LYS A 520 18.44 -6.69 11.68
C LYS A 520 17.90 -8.03 12.18
N VAL A 521 17.02 -7.98 13.17
CA VAL A 521 16.42 -9.16 13.76
C VAL A 521 14.92 -9.10 13.50
N PRO A 522 14.32 -10.14 12.91
CA PRO A 522 12.88 -10.12 12.60
C PRO A 522 12.07 -10.54 13.82
N THR A 523 11.08 -9.72 14.18
CA THR A 523 10.56 -9.78 15.54
C THR A 523 9.55 -10.91 15.72
N TYR A 524 8.38 -10.76 15.12
CA TYR A 524 7.44 -11.87 15.01
C TYR A 524 6.67 -11.77 13.71
N LYS A 525 6.97 -10.80 12.86
CA LYS A 525 6.07 -10.40 11.80
C LYS A 525 6.16 -11.29 10.57
N ASP A 526 7.11 -12.21 10.52
CA ASP A 526 7.28 -13.06 9.36
C ASP A 526 7.28 -14.54 9.67
N TYR A 527 7.34 -14.93 10.94
CA TYR A 527 7.06 -16.32 11.27
C TYR A 527 5.58 -16.65 11.14
N VAL A 528 4.72 -15.63 11.08
CA VAL A 528 3.28 -15.82 10.96
C VAL A 528 2.94 -16.45 9.61
N ASP A 529 3.75 -16.21 8.59
CA ASP A 529 3.53 -16.86 7.30
C ASP A 529 3.77 -18.36 7.39
N LEU A 530 4.84 -18.76 8.07
CA LEU A 530 5.11 -20.19 8.24
C LEU A 530 4.06 -20.84 9.13
N PHE A 531 3.67 -20.18 10.21
CA PHE A 531 2.70 -20.78 11.11
C PHE A 531 1.30 -20.80 10.53
N ARG A 532 1.01 -19.98 9.52
CA ARG A 532 -0.25 -20.13 8.80
C ARG A 532 -0.17 -21.16 7.68
N HIS A 533 1.01 -21.35 7.07
CA HIS A 533 1.17 -22.46 6.15
C HIS A 533 1.04 -23.79 6.87
N LEU A 534 1.54 -23.86 8.09
CA LEU A 534 1.54 -25.11 8.85
C LEU A 534 0.15 -25.55 9.29
N LEU A 535 -0.82 -24.65 9.31
CA LEU A 535 -2.16 -25.00 9.75
C LEU A 535 -3.21 -24.80 8.68
N SER A 536 -3.31 -23.60 8.11
CA SER A 536 -4.52 -23.20 7.39
C SER A 536 -4.57 -23.73 5.97
N SER A 537 -3.64 -23.29 5.12
CA SER A 537 -3.61 -23.70 3.71
C SER A 537 -2.72 -24.91 3.51
N ASP A 538 -2.94 -25.93 4.33
CA ASP A 538 -2.05 -27.06 4.39
C ASP A 538 -2.39 -28.15 3.38
N GLN A 539 -3.61 -28.15 2.84
CA GLN A 539 -4.03 -29.22 1.95
C GLN A 539 -3.42 -29.12 0.56
N MET A 540 -2.76 -28.01 0.23
CA MET A 540 -1.87 -27.94 -0.91
C MET A 540 -0.42 -28.11 -0.52
N MET A 541 -0.16 -28.44 0.75
CA MET A 541 1.20 -28.70 1.21
C MET A 541 1.43 -30.13 1.66
N ASP A 542 0.38 -30.87 2.03
CA ASP A 542 0.49 -32.32 2.21
C ASP A 542 -0.11 -33.08 1.05
N SER A 543 -0.49 -32.39 -0.03
CA SER A 543 -0.87 -33.08 -1.25
C SER A 543 0.36 -33.68 -1.93
N ILE A 544 1.38 -32.85 -2.16
CA ILE A 544 2.58 -33.32 -2.84
C ILE A 544 3.45 -34.21 -1.97
N LEU A 545 3.12 -34.36 -0.70
CA LEU A 545 3.79 -35.28 0.21
C LEU A 545 2.81 -36.43 0.48
N ALA A 546 3.05 -37.55 -0.20
CA ALA A 546 2.19 -38.75 -0.19
C ALA A 546 0.73 -38.45 -0.56
N SER A 559 -6.86 -34.83 11.25
CA SER A 559 -5.64 -35.04 10.51
C SER A 559 -4.49 -34.24 11.10
N LEU A 560 -3.53 -33.93 10.24
CA LEU A 560 -2.32 -33.23 10.67
C LEU A 560 -2.63 -31.81 11.10
N ASN A 561 -3.60 -31.17 10.46
CA ASN A 561 -4.01 -29.84 10.90
C ASN A 561 -4.67 -29.88 12.27
N HIS A 562 -5.47 -30.91 12.53
CA HIS A 562 -6.07 -31.10 13.84
C HIS A 562 -5.00 -31.30 14.92
N LEU A 563 -4.00 -32.13 14.62
CA LEU A 563 -2.95 -32.43 15.58
C LEU A 563 -2.09 -31.20 15.87
N LEU A 564 -1.68 -30.48 14.82
CA LEU A 564 -0.86 -29.29 15.02
C LEU A 564 -1.65 -28.17 15.66
N TYR A 565 -2.96 -28.13 15.43
CA TYR A 565 -3.83 -27.17 16.11
C TYR A 565 -3.88 -27.43 17.61
N ASP A 566 -4.12 -28.70 17.98
CA ASP A 566 -4.24 -29.05 19.40
C ASP A 566 -2.91 -28.86 20.11
N GLU A 567 -1.80 -29.17 19.44
CA GLU A 567 -0.49 -28.92 20.03
C GLU A 567 -0.21 -27.43 20.18
N PHE A 568 -0.71 -26.60 19.24
CA PHE A 568 -0.52 -25.17 19.38
C PHE A 568 -1.33 -24.60 20.54
N VAL A 569 -2.55 -25.13 20.76
CA VAL A 569 -3.38 -24.64 21.86
C VAL A 569 -2.81 -25.08 23.21
N LYS A 570 -2.34 -26.33 23.29
CA LYS A 570 -1.72 -26.80 24.53
C LYS A 570 -0.44 -26.03 24.84
N SER A 571 0.32 -25.66 23.82
CA SER A 571 1.53 -24.89 24.08
C SER A 571 1.19 -23.46 24.51
N VAL A 572 0.19 -22.84 23.87
CA VAL A 572 -0.12 -21.46 24.20
C VAL A 572 -0.80 -21.35 25.56
N LEU A 573 -1.40 -22.43 26.05
CA LEU A 573 -1.87 -22.39 27.42
C LEU A 573 -0.80 -22.82 28.41
N LYS A 574 0.13 -23.68 28.01
CA LYS A 574 1.16 -24.12 28.94
C LYS A 574 2.25 -23.09 29.12
N ILE A 575 2.38 -22.15 28.20
CA ILE A 575 3.32 -21.05 28.43
C ILE A 575 2.79 -20.12 29.51
N VAL A 576 1.51 -19.73 29.41
CA VAL A 576 0.94 -18.67 30.24
C VAL A 576 0.74 -19.11 31.68
N GLU A 577 0.89 -20.40 31.98
CA GLU A 577 0.72 -20.86 33.36
C GLU A 577 1.91 -20.45 34.22
N LYS A 578 3.13 -20.64 33.71
CA LYS A 578 4.34 -20.30 34.45
C LYS A 578 5.01 -19.13 33.76
N LEU A 579 4.64 -17.91 34.14
CA LEU A 579 5.30 -16.75 33.57
C LEU A 579 5.71 -15.72 34.62
N ASP A 580 5.01 -15.68 35.75
CA ASP A 580 5.16 -14.67 36.82
C ASP A 580 4.96 -13.25 36.28
N LEU A 581 3.73 -13.00 35.86
CA LEU A 581 3.32 -11.72 35.29
C LEU A 581 2.89 -10.70 36.34
N THR A 582 3.26 -10.90 37.60
CA THR A 582 2.96 -9.88 38.60
C THR A 582 3.93 -8.71 38.43
N LEU A 583 3.52 -7.56 38.93
CA LEU A 583 4.23 -6.31 38.67
C LEU A 583 4.39 -5.52 39.96
N GLU A 584 5.53 -4.85 40.08
CA GLU A 584 5.98 -4.29 41.35
C GLU A 584 6.03 -2.77 41.28
N ILE A 585 6.24 -2.17 42.44
CA ILE A 585 6.22 -0.72 42.59
C ILE A 585 7.56 -0.13 42.15
N GLN A 586 7.50 0.91 41.33
CA GLN A 586 8.67 1.61 40.86
C GLN A 586 8.85 2.91 41.64
N THR A 587 10.03 3.51 41.50
CA THR A 587 10.29 4.81 42.11
C THR A 587 9.64 5.91 41.30
N MET A 602 4.05 11.74 46.38
CA MET A 602 2.67 11.90 45.95
C MET A 602 1.89 10.61 46.17
N ILE A 603 0.57 10.72 46.17
CA ILE A 603 -0.30 9.56 46.40
C ILE A 603 -1.22 9.37 45.19
N PRO A 604 -1.01 8.33 44.39
CA PRO A 604 -1.80 8.14 43.17
C PRO A 604 -3.20 7.62 43.50
N THR A 605 -4.02 7.53 42.46
CA THR A 605 -5.37 7.03 42.60
C THR A 605 -5.65 5.92 41.60
N SER A 606 -5.13 6.06 40.39
CA SER A 606 -5.40 5.12 39.33
C SER A 606 -4.62 3.82 39.55
N ASP A 607 -5.07 2.76 38.89
CA ASP A 607 -4.38 1.49 39.03
C ASP A 607 -3.09 1.46 38.22
N PRO A 608 -3.03 1.84 36.94
CA PRO A 608 -1.70 2.04 36.34
C PRO A 608 -1.10 3.32 36.88
N ALA A 609 0.08 3.20 37.45
CA ALA A 609 0.68 4.28 38.22
C ALA A 609 2.18 4.16 38.09
N ALA A 610 2.89 4.68 39.07
CA ALA A 610 4.25 4.17 39.26
C ALA A 610 4.28 2.65 39.74
N ASN A 611 3.16 1.94 39.85
CA ASN A 611 3.11 0.50 40.12
C ASN A 611 2.94 -0.23 38.80
N LEU A 612 3.60 0.27 37.76
CA LEU A 612 3.64 -0.38 36.46
C LEU A 612 5.10 -0.73 36.20
N HIS A 613 5.52 -1.84 36.76
CA HIS A 613 6.87 -2.38 36.57
C HIS A 613 6.86 -3.88 36.84
N PRO A 614 6.83 -4.71 35.81
CA PRO A 614 6.87 -6.17 36.04
C PRO A 614 8.24 -6.61 36.52
N ALA A 615 8.23 -7.49 37.52
CA ALA A 615 9.49 -7.92 38.12
C ALA A 615 10.25 -8.91 37.24
N LYS A 616 9.58 -9.53 36.26
CA LYS A 616 10.20 -10.47 35.33
C LYS A 616 10.09 -9.89 33.92
N PRO A 617 10.93 -8.91 33.57
CA PRO A 617 10.68 -8.10 32.37
C PRO A 617 10.87 -8.83 31.08
N LYS A 618 11.61 -9.94 31.07
CA LYS A 618 11.72 -10.72 29.83
C LYS A 618 10.49 -11.58 29.61
N ASP A 619 9.76 -11.92 30.67
CA ASP A 619 8.51 -12.66 30.51
C ASP A 619 7.41 -11.78 29.94
N PHE A 620 7.43 -10.48 30.27
CA PHE A 620 6.42 -9.56 29.77
C PHE A 620 6.55 -9.36 28.27
N SER A 621 7.79 -9.26 27.78
CA SER A 621 8.02 -9.15 26.35
C SER A 621 7.60 -10.42 25.62
N ALA A 622 7.81 -11.57 26.27
CA ALA A 622 7.31 -12.83 25.74
C ALA A 622 5.79 -12.83 25.68
N PHE A 623 5.15 -12.20 26.65
CA PHE A 623 3.70 -12.21 26.67
C PHE A 623 3.13 -11.29 25.60
N ILE A 624 3.70 -10.09 25.47
CA ILE A 624 3.18 -9.15 24.47
C ILE A 624 3.62 -9.52 23.06
N ASN A 625 4.60 -10.41 22.90
CA ASN A 625 4.80 -11.03 21.60
C ASN A 625 3.90 -12.24 21.40
N LEU A 626 3.41 -12.84 22.48
CA LEU A 626 2.57 -14.02 22.35
C LEU A 626 1.16 -13.67 21.93
N VAL A 627 0.62 -12.56 22.45
CA VAL A 627 -0.79 -12.26 22.23
C VAL A 627 -1.06 -11.89 20.77
N GLU A 628 -0.18 -11.08 20.16
CA GLU A 628 -0.39 -10.69 18.78
C GLU A 628 -0.15 -11.85 17.83
N PHE A 629 0.75 -12.74 18.20
CA PHE A 629 0.96 -13.94 17.42
C PHE A 629 -0.27 -14.83 17.44
N CYS A 630 -0.87 -15.04 18.61
CA CYS A 630 -2.10 -15.82 18.69
C CYS A 630 -3.24 -15.15 17.94
N ARG A 631 -3.25 -13.81 17.96
CA ARG A 631 -4.27 -13.04 17.27
C ARG A 631 -4.21 -13.24 15.76
N GLU A 632 -3.01 -13.14 15.19
CA GLU A 632 -2.87 -13.32 13.75
C GLU A 632 -2.82 -14.77 13.33
N ILE A 633 -2.71 -15.72 14.25
CA ILE A 633 -2.73 -17.12 13.85
C ILE A 633 -4.13 -17.73 13.95
N LEU A 634 -5.00 -17.23 14.85
CA LEU A 634 -6.33 -17.84 14.90
C LEU A 634 -7.50 -16.95 14.47
N PRO A 635 -7.65 -16.53 13.19
CA PRO A 635 -8.93 -15.91 12.81
C PRO A 635 -9.96 -16.90 12.32
N GLU A 636 -9.49 -18.00 11.74
CA GLU A 636 -10.32 -18.88 10.93
C GLU A 636 -9.75 -20.29 11.05
N LYS A 637 -10.16 -21.16 10.12
CA LYS A 637 -9.94 -22.61 10.15
C LYS A 637 -10.47 -23.22 11.44
N GLN A 638 -11.56 -22.65 11.96
CA GLN A 638 -12.13 -23.02 13.25
C GLN A 638 -13.50 -23.65 13.07
N ALA A 639 -13.61 -24.56 12.09
CA ALA A 639 -14.89 -25.16 11.74
C ALA A 639 -15.42 -26.01 12.90
N GLU A 640 -14.56 -26.81 13.48
CA GLU A 640 -14.80 -27.34 14.81
C GLU A 640 -13.50 -27.39 15.61
N PHE A 641 -12.41 -26.83 15.09
CA PHE A 641 -11.12 -27.03 15.74
C PHE A 641 -11.00 -26.21 17.01
N PHE A 642 -11.83 -25.18 17.17
CA PHE A 642 -11.93 -24.43 18.41
C PHE A 642 -13.22 -24.74 19.16
N GLU A 643 -13.97 -25.75 18.73
CA GLU A 643 -15.20 -26.09 19.43
C GLU A 643 -14.96 -26.70 20.81
N PRO A 644 -14.19 -27.78 20.99
CA PRO A 644 -14.13 -28.35 22.35
C PRO A 644 -13.18 -27.64 23.29
N TRP A 645 -12.54 -26.56 22.86
CA TRP A 645 -11.53 -25.90 23.68
C TRP A 645 -12.08 -24.74 24.48
N VAL A 646 -13.30 -24.27 24.18
CA VAL A 646 -13.73 -22.95 24.65
C VAL A 646 -13.99 -22.93 26.15
N TYR A 647 -14.43 -24.05 26.73
CA TYR A 647 -14.71 -24.06 28.15
C TYR A 647 -13.42 -24.05 28.95
N SER A 648 -12.48 -24.92 28.59
CA SER A 648 -11.19 -24.99 29.28
C SER A 648 -10.41 -23.69 29.11
N PHE A 649 -10.34 -23.18 27.88
CA PHE A 649 -9.55 -21.98 27.60
C PHE A 649 -10.17 -20.75 28.26
N SER A 650 -11.50 -20.63 28.19
CA SER A 650 -12.18 -19.51 28.82
C SER A 650 -12.09 -19.57 30.34
N TYR A 651 -12.21 -20.77 30.91
CA TYR A 651 -12.13 -20.92 32.36
C TYR A 651 -10.73 -20.63 32.86
N GLU A 652 -9.72 -21.02 32.08
CA GLU A 652 -8.34 -20.72 32.43
C GLU A 652 -8.08 -19.22 32.40
N LEU A 653 -8.59 -18.54 31.38
CA LEU A 653 -8.34 -17.11 31.27
C LEU A 653 -9.09 -16.31 32.31
N ILE A 654 -10.30 -16.73 32.69
CA ILE A 654 -11.02 -16.03 33.75
C ILE A 654 -10.34 -16.26 35.10
N LEU A 655 -9.94 -17.51 35.38
CA LEU A 655 -9.26 -17.81 36.65
C LEU A 655 -7.90 -17.15 36.74
N GLN A 656 -7.28 -16.85 35.60
CA GLN A 656 -6.07 -16.04 35.62
C GLN A 656 -6.39 -14.58 35.88
N SER A 657 -7.20 -13.97 35.02
CA SER A 657 -7.28 -12.52 35.03
C SER A 657 -8.22 -11.98 36.07
N THR A 658 -8.89 -12.82 36.86
CA THR A 658 -9.65 -12.27 37.97
C THR A 658 -8.72 -11.75 39.06
N ARG A 659 -7.62 -12.46 39.29
CA ARG A 659 -6.56 -11.99 40.16
C ARG A 659 -5.42 -11.37 39.38
N LEU A 660 -5.61 -11.16 38.08
CA LEU A 660 -4.69 -10.37 37.24
C LEU A 660 -5.50 -9.26 36.58
N PRO A 661 -5.83 -8.20 37.34
CA PRO A 661 -6.70 -7.17 36.78
C PRO A 661 -6.06 -6.32 35.69
N LEU A 662 -5.00 -5.60 36.01
CA LEU A 662 -4.53 -4.57 35.09
C LEU A 662 -3.40 -5.07 34.19
N ILE A 663 -3.60 -6.23 33.57
CA ILE A 663 -2.70 -6.71 32.54
C ILE A 663 -3.54 -6.90 31.30
N SER A 664 -3.31 -6.07 30.30
CA SER A 664 -4.01 -6.20 29.03
C SER A 664 -3.54 -7.44 28.30
N GLY A 665 -4.29 -7.81 27.27
CA GLY A 665 -3.90 -8.98 26.54
C GLY A 665 -4.71 -10.17 26.95
N PHE A 666 -5.01 -10.29 28.24
CA PHE A 666 -5.94 -11.33 28.68
C PHE A 666 -7.32 -11.07 28.12
N TYR A 667 -7.75 -9.81 28.11
CA TYR A 667 -8.97 -9.45 27.42
C TYR A 667 -8.82 -9.60 25.91
N LYS A 668 -7.60 -9.50 25.38
CA LYS A 668 -7.40 -9.72 23.96
C LYS A 668 -7.64 -11.17 23.59
N LEU A 669 -7.06 -12.10 24.37
CA LEU A 669 -7.27 -13.52 24.12
C LEU A 669 -8.72 -13.91 24.38
N LEU A 670 -9.36 -13.25 25.36
CA LEU A 670 -10.76 -13.46 25.61
C LEU A 670 -11.62 -12.98 24.45
N SER A 671 -11.25 -11.87 23.83
CA SER A 671 -12.02 -11.38 22.70
C SER A 671 -11.81 -12.26 21.48
N ILE A 672 -10.62 -12.85 21.36
CA ILE A 672 -10.38 -13.82 20.30
C ILE A 672 -11.28 -15.04 20.45
N THR A 673 -11.33 -15.61 21.67
CA THR A 673 -12.15 -16.80 21.83
C THR A 673 -13.64 -16.48 21.83
N VAL A 674 -14.06 -15.27 22.21
CA VAL A 674 -15.48 -15.01 22.18
C VAL A 674 -15.92 -14.62 20.77
N ARG A 675 -15.01 -14.08 19.95
CA ARG A 675 -15.32 -13.91 18.54
C ARG A 675 -15.41 -15.25 17.84
N ASN A 676 -14.58 -16.21 18.23
CA ASN A 676 -14.74 -17.55 17.65
C ASN A 676 -15.97 -18.26 18.21
N ALA A 677 -16.36 -17.98 19.45
CA ALA A 677 -17.58 -18.52 20.01
C ALA A 677 -18.83 -17.87 19.46
N LYS A 678 -18.69 -16.73 18.77
CA LYS A 678 -19.79 -16.20 17.98
C LYS A 678 -19.73 -16.66 16.54
N LYS A 679 -18.54 -16.98 16.03
CA LYS A 679 -18.42 -17.50 14.67
C LYS A 679 -18.99 -18.91 14.58
N ILE A 680 -18.59 -19.79 15.49
CA ILE A 680 -19.36 -20.99 15.76
C ILE A 680 -20.55 -20.61 16.64
N LYS A 681 -21.55 -21.47 16.73
CA LYS A 681 -22.82 -20.99 17.28
C LYS A 681 -22.79 -20.90 18.80
N TYR A 682 -22.77 -22.05 19.48
CA TYR A 682 -22.39 -22.24 20.88
C TYR A 682 -23.18 -21.38 21.90
N PHE A 683 -24.20 -20.65 21.50
CA PHE A 683 -24.82 -19.74 22.45
C PHE A 683 -26.34 -19.71 22.28
N GLU A 684 -26.97 -20.89 22.21
CA GLU A 684 -28.42 -20.98 22.13
C GLU A 684 -29.04 -21.50 23.42
N GLY A 685 -28.53 -21.05 24.55
CA GLY A 685 -29.08 -21.40 25.85
C GLY A 685 -29.73 -20.24 26.58
N LYS A 700 -21.99 -26.72 28.33
CA LYS A 700 -22.28 -25.53 27.54
C LYS A 700 -22.86 -24.44 28.44
N TYR A 701 -23.70 -24.83 29.39
CA TYR A 701 -24.27 -23.88 30.32
C TYR A 701 -23.28 -23.40 31.36
N SER A 702 -22.10 -24.00 31.43
CA SER A 702 -21.15 -23.64 32.48
C SER A 702 -20.41 -22.36 32.17
N CYS A 703 -20.22 -22.02 30.90
CA CYS A 703 -19.56 -20.77 30.51
C CYS A 703 -20.53 -19.63 30.32
N PHE A 704 -21.80 -19.97 30.10
CA PHE A 704 -22.87 -18.95 29.96
C PHE A 704 -22.99 -18.21 31.29
N ALA A 705 -22.59 -18.80 32.43
CA ALA A 705 -22.73 -18.04 33.66
C ALA A 705 -21.44 -17.36 34.04
N LEU A 706 -20.29 -17.87 33.59
CA LEU A 706 -19.01 -17.23 33.84
C LEU A 706 -18.90 -15.94 33.06
N PHE A 707 -19.34 -15.93 31.80
CA PHE A 707 -19.31 -14.72 31.01
C PHE A 707 -20.23 -13.65 31.58
N VAL A 708 -21.41 -14.06 32.03
CA VAL A 708 -22.39 -13.11 32.62
C VAL A 708 -21.83 -12.59 33.95
N LYS A 709 -21.16 -13.43 34.73
CA LYS A 709 -20.62 -12.96 35.99
C LYS A 709 -19.32 -12.18 35.84
N PHE A 710 -18.66 -12.26 34.68
CA PHE A 710 -17.47 -11.45 34.45
C PHE A 710 -17.77 -10.14 33.72
N GLY A 711 -18.79 -10.14 32.88
CA GLY A 711 -19.09 -8.95 32.09
C GLY A 711 -19.57 -7.81 32.94
N LYS A 712 -20.36 -8.11 33.98
CA LYS A 712 -20.77 -7.09 34.93
C LYS A 712 -19.57 -6.51 35.67
N GLU A 713 -18.58 -7.35 35.99
CA GLU A 713 -17.44 -6.87 36.77
C GLU A 713 -16.54 -5.99 35.92
N VAL A 714 -16.28 -6.35 34.67
CA VAL A 714 -15.49 -5.43 33.85
C VAL A 714 -16.28 -4.18 33.52
N ALA A 715 -17.61 -4.30 33.34
CA ALA A 715 -18.42 -3.14 33.01
C ALA A 715 -18.54 -2.17 34.17
N VAL A 716 -18.37 -2.64 35.39
CA VAL A 716 -18.33 -1.71 36.52
C VAL A 716 -16.91 -1.30 36.87
N LYS A 717 -15.90 -2.08 36.49
CA LYS A 717 -14.54 -1.77 36.90
C LYS A 717 -13.79 -0.94 35.89
N MET A 718 -14.25 -0.86 34.65
CA MET A 718 -13.47 -0.19 33.61
C MET A 718 -13.58 1.33 33.65
N LYS A 719 -14.20 1.92 34.67
CA LYS A 719 -14.26 3.37 34.73
C LYS A 719 -12.90 3.96 35.05
N GLN A 720 -12.21 3.39 36.03
CA GLN A 720 -10.96 3.99 36.52
C GLN A 720 -9.74 3.39 35.82
N TYR A 721 -9.74 3.37 34.50
CA TYR A 721 -8.59 2.91 33.73
C TYR A 721 -8.09 4.05 32.85
N LYS A 722 -7.15 3.73 31.97
CA LYS A 722 -6.65 4.69 31.00
C LYS A 722 -6.53 4.00 29.64
N ASP A 723 -5.93 4.72 28.69
CA ASP A 723 -6.05 4.55 27.25
C ASP A 723 -5.86 3.16 26.63
N GLU A 724 -4.65 2.60 26.71
CA GLU A 724 -4.39 1.36 25.99
C GLU A 724 -4.91 0.13 26.71
N LEU A 725 -5.35 0.29 27.94
CA LEU A 725 -6.08 -0.74 28.68
C LEU A 725 -7.57 -0.61 28.44
N LEU A 726 -8.05 0.63 28.35
CA LEU A 726 -9.45 0.88 28.01
C LEU A 726 -9.79 0.35 26.62
N ALA A 727 -8.85 0.42 25.68
CA ALA A 727 -9.14 -0.07 24.34
C ALA A 727 -9.39 -1.57 24.33
N SER A 728 -8.58 -2.33 25.07
CA SER A 728 -8.79 -3.77 25.15
C SER A 728 -10.06 -4.12 25.91
N CYS A 729 -10.36 -3.39 27.00
CA CYS A 729 -11.58 -3.66 27.75
C CYS A 729 -12.83 -3.40 26.92
N LEU A 730 -12.85 -2.29 26.16
CA LEU A 730 -14.03 -1.95 25.38
C LEU A 730 -14.18 -2.89 24.19
N THR A 731 -13.07 -3.30 23.58
CA THR A 731 -13.18 -4.26 22.48
C THR A 731 -13.60 -5.62 22.98
N PHE A 732 -13.34 -5.94 24.25
CA PHE A 732 -13.92 -7.16 24.80
C PHE A 732 -15.42 -7.01 24.98
N LEU A 733 -15.85 -5.95 25.69
CA LEU A 733 -17.24 -5.81 26.11
C LEU A 733 -18.20 -5.71 24.94
N LEU A 734 -17.86 -4.91 23.94
CA LEU A 734 -18.80 -4.73 22.85
C LEU A 734 -18.70 -5.81 21.80
N SER A 735 -18.15 -6.97 22.15
CA SER A 735 -18.16 -8.16 21.32
C SER A 735 -18.84 -9.34 21.99
N LEU A 736 -19.35 -9.17 23.21
CA LEU A 736 -20.18 -10.18 23.86
C LEU A 736 -21.43 -10.42 23.02
N PRO A 737 -21.99 -11.64 23.03
CA PRO A 737 -22.95 -12.04 21.98
C PRO A 737 -24.21 -11.19 21.90
N HIS A 738 -24.86 -10.91 23.02
CA HIS A 738 -25.75 -9.76 23.20
C HIS A 738 -27.04 -9.74 22.40
N ASN A 739 -27.20 -10.85 21.71
CA ASN A 739 -28.42 -11.30 21.00
C ASN A 739 -28.93 -12.39 21.94
N ILE A 740 -28.04 -12.79 22.87
CA ILE A 740 -28.31 -13.75 23.91
C ILE A 740 -28.12 -13.14 25.29
N ILE A 741 -27.12 -12.28 25.45
CA ILE A 741 -27.00 -11.45 26.66
C ILE A 741 -27.74 -10.15 26.35
N GLU A 742 -29.07 -10.21 26.47
CA GLU A 742 -29.94 -9.05 26.31
C GLU A 742 -30.39 -8.49 27.64
N LEU A 743 -30.40 -9.34 28.67
CA LEU A 743 -30.78 -8.95 30.01
C LEU A 743 -29.87 -7.87 30.55
N ASP A 744 -30.50 -6.84 31.13
CA ASP A 744 -29.88 -5.61 31.60
C ASP A 744 -29.06 -4.96 30.49
N VAL A 745 -29.78 -4.49 29.45
CA VAL A 745 -29.16 -3.77 28.36
C VAL A 745 -28.71 -2.38 28.78
N ARG A 746 -29.12 -1.90 29.94
CA ARG A 746 -28.62 -0.67 30.49
C ARG A 746 -27.28 -0.83 31.17
N ALA A 747 -26.74 -2.04 31.24
CA ALA A 747 -25.48 -2.28 31.90
C ALA A 747 -24.29 -2.05 31.00
N TYR A 748 -24.50 -1.61 29.77
CA TYR A 748 -23.35 -1.41 28.91
C TYR A 748 -23.36 -0.12 28.09
N VAL A 749 -24.47 0.61 27.98
CA VAL A 749 -24.45 1.85 27.20
C VAL A 749 -23.53 2.95 27.76
N PRO A 750 -23.13 2.99 29.03
CA PRO A 750 -21.95 3.79 29.37
C PRO A 750 -20.65 3.28 28.79
N ALA A 751 -20.59 2.05 28.27
CA ALA A 751 -19.43 1.59 27.54
C ALA A 751 -19.72 1.50 26.04
N LEU A 752 -20.76 2.17 25.57
CA LEU A 752 -20.96 2.42 24.15
C LEU A 752 -20.97 3.89 23.82
N GLN A 753 -21.41 4.74 24.73
CA GLN A 753 -21.15 6.16 24.56
C GLN A 753 -19.71 6.53 24.90
N MET A 754 -18.91 5.58 25.37
CA MET A 754 -17.48 5.77 25.55
C MET A 754 -16.70 5.30 24.35
N ALA A 755 -17.21 4.30 23.62
CA ALA A 755 -16.50 3.77 22.46
C ALA A 755 -16.54 4.71 21.27
N PHE A 756 -17.40 5.72 21.27
CA PHE A 756 -17.43 6.70 20.19
C PHE A 756 -16.67 7.96 20.51
N LYS A 757 -16.77 8.46 21.74
CA LYS A 757 -15.97 9.60 22.13
C LYS A 757 -14.49 9.24 22.21
N LEU A 758 -14.19 7.99 22.57
CA LEU A 758 -12.82 7.52 22.45
C LEU A 758 -12.47 7.11 21.04
N GLY A 759 -13.40 7.20 20.09
CA GLY A 759 -13.07 7.17 18.68
C GLY A 759 -12.49 8.50 18.26
N LEU A 760 -12.53 8.75 16.94
CA LEU A 760 -12.18 10.03 16.30
C LEU A 760 -10.70 10.41 16.43
N SER A 761 -9.93 9.65 17.18
CA SER A 761 -8.49 9.82 17.27
C SER A 761 -7.78 8.49 17.40
N TYR A 762 -8.53 7.38 17.38
CA TYR A 762 -7.96 6.04 17.31
C TYR A 762 -9.06 5.18 16.71
N THR A 763 -8.91 4.85 15.43
CA THR A 763 -10.05 4.40 14.64
C THR A 763 -10.60 3.01 14.99
N PRO A 764 -9.80 1.91 15.12
CA PRO A 764 -10.46 0.59 15.14
C PRO A 764 -11.21 0.21 16.40
N LEU A 765 -11.44 1.14 17.33
CA LEU A 765 -12.55 0.96 18.27
C LEU A 765 -13.75 1.80 17.90
N ALA A 766 -13.56 2.88 17.15
CA ALA A 766 -14.69 3.54 16.52
C ALA A 766 -15.29 2.69 15.42
N GLU A 767 -14.53 1.73 14.92
CA GLU A 767 -15.11 0.72 14.05
C GLU A 767 -15.94 -0.28 14.83
N VAL A 768 -15.45 -0.75 15.99
CA VAL A 768 -16.18 -1.77 16.71
C VAL A 768 -17.40 -1.17 17.41
N GLY A 769 -17.41 0.14 17.63
CA GLY A 769 -18.60 0.79 18.16
C GLY A 769 -19.79 0.70 17.21
N LEU A 770 -19.58 1.11 15.95
CA LEU A 770 -20.61 0.93 14.94
C LEU A 770 -20.88 -0.53 14.65
N ASN A 771 -19.86 -1.38 14.74
CA ASN A 771 -20.08 -2.78 14.42
C ASN A 771 -20.83 -3.49 15.55
N ALA A 772 -20.86 -2.92 16.75
CA ALA A 772 -21.70 -3.43 17.83
C ALA A 772 -23.09 -2.80 17.80
N LEU A 773 -23.19 -1.52 17.47
CA LEU A 773 -24.49 -0.87 17.37
C LEU A 773 -25.30 -1.39 16.19
N GLU A 774 -24.64 -1.93 15.17
CA GLU A 774 -25.39 -2.59 14.12
C GLU A 774 -25.80 -4.00 14.50
N GLU A 775 -25.02 -4.67 15.36
CA GLU A 775 -25.36 -6.02 15.77
C GLU A 775 -26.51 -6.03 16.76
N TRP A 776 -26.54 -5.05 17.67
CA TRP A 776 -27.60 -4.96 18.65
C TRP A 776 -28.96 -4.73 18.00
N SER A 777 -29.13 -3.59 17.33
CA SER A 777 -30.45 -3.08 17.03
C SER A 777 -31.18 -3.81 15.93
N ILE A 778 -30.55 -4.76 15.25
CA ILE A 778 -31.28 -5.63 14.33
C ILE A 778 -31.71 -6.93 15.00
N TYR A 779 -31.07 -7.31 16.11
CA TYR A 779 -31.31 -8.60 16.74
C TYR A 779 -32.05 -8.52 18.08
N ILE A 780 -31.68 -7.57 18.95
CA ILE A 780 -32.44 -7.32 20.17
C ILE A 780 -33.85 -6.90 19.79
N ASP A 781 -34.85 -7.51 20.44
CA ASP A 781 -36.23 -7.22 20.11
C ASP A 781 -36.60 -5.79 20.51
N ARG A 782 -37.31 -5.12 19.61
CA ARG A 782 -37.39 -3.67 19.60
C ARG A 782 -38.40 -3.10 20.58
N HIS A 783 -38.36 -3.53 21.83
CA HIS A 783 -39.07 -2.78 22.86
C HIS A 783 -38.26 -2.55 24.12
N VAL A 784 -37.27 -3.39 24.40
CA VAL A 784 -36.30 -3.04 25.42
C VAL A 784 -35.29 -2.06 24.87
N MET A 785 -35.17 -2.00 23.54
CA MET A 785 -34.18 -1.16 22.89
C MET A 785 -34.58 0.31 22.88
N GLN A 786 -35.76 0.61 22.32
CA GLN A 786 -36.24 1.94 21.98
C GLN A 786 -36.20 3.04 23.05
N PRO A 787 -36.27 2.76 24.36
CA PRO A 787 -35.91 3.81 25.31
C PRO A 787 -34.45 4.18 25.26
N TYR A 788 -33.58 3.26 24.88
CA TYR A 788 -32.15 3.49 24.88
C TYR A 788 -31.69 3.89 23.47
N TYR A 789 -32.15 5.05 23.04
CA TYR A 789 -31.68 5.68 21.80
C TYR A 789 -31.32 7.13 21.94
N LYS A 790 -31.85 7.85 22.92
CA LYS A 790 -31.45 9.23 23.12
C LYS A 790 -30.13 9.35 23.88
N ASP A 791 -29.53 8.24 24.26
CA ASP A 791 -28.25 8.22 24.93
C ASP A 791 -27.20 7.45 24.15
N ILE A 792 -27.58 6.85 23.03
CA ILE A 792 -26.62 6.27 22.09
C ILE A 792 -26.33 7.23 20.95
N LEU A 793 -27.36 7.71 20.26
CA LEU A 793 -27.25 8.53 19.07
C LEU A 793 -26.74 9.98 19.19
N PRO A 794 -26.97 10.77 20.25
CA PRO A 794 -26.41 12.13 20.28
C PRO A 794 -24.91 12.23 20.38
N CYS A 795 -24.18 11.12 20.55
CA CYS A 795 -22.72 11.14 20.48
C CYS A 795 -22.21 10.67 19.13
N LEU A 796 -23.10 10.51 18.16
CA LEU A 796 -22.75 10.12 16.80
C LEU A 796 -22.65 11.33 15.88
N ASP A 797 -22.25 12.50 16.40
CA ASP A 797 -22.15 13.70 15.59
C ASP A 797 -20.78 14.36 15.69
N GLY A 798 -19.76 13.63 16.09
CA GLY A 798 -18.44 14.10 15.78
C GLY A 798 -17.97 13.59 14.44
N TYR A 799 -18.77 12.75 13.82
CA TYR A 799 -18.44 12.11 12.55
C TYR A 799 -18.98 12.90 11.36
N LEU A 800 -20.14 13.52 11.52
CA LEU A 800 -20.69 14.40 10.51
C LEU A 800 -20.36 15.86 10.82
N LYS A 801 -19.06 16.13 10.92
CA LYS A 801 -18.54 17.47 11.24
C LYS A 801 -17.11 17.62 10.76
N GLU A 814 9.29 12.41 -2.81
CA GLU A 814 8.61 12.03 -4.04
C GLU A 814 9.33 10.91 -4.75
N VAL A 815 10.61 11.13 -5.08
CA VAL A 815 11.31 10.29 -6.04
C VAL A 815 11.74 8.99 -5.35
N SER A 816 11.25 7.88 -5.88
CA SER A 816 11.71 6.55 -5.47
C SER A 816 12.10 5.78 -6.73
N ALA A 817 12.38 4.48 -6.58
CA ALA A 817 12.69 3.66 -7.74
C ALA A 817 11.47 3.42 -8.62
N LEU A 818 10.27 3.45 -8.01
CA LEU A 818 9.03 3.39 -8.77
C LEU A 818 8.90 4.57 -9.72
N SER A 819 9.27 5.76 -9.26
CA SER A 819 9.16 6.96 -10.08
C SER A 819 10.17 6.96 -11.21
N ARG A 820 11.42 6.58 -10.93
CA ARG A 820 12.43 6.52 -11.96
C ARG A 820 12.17 5.42 -12.96
N ALA A 821 11.52 4.34 -12.52
CA ALA A 821 11.11 3.30 -13.46
C ALA A 821 9.95 3.77 -14.32
N ALA A 822 8.98 4.48 -13.75
CA ALA A 822 7.81 4.91 -14.50
C ALA A 822 8.10 6.10 -15.41
N GLN A 823 9.18 6.85 -15.16
CA GLN A 823 9.46 7.99 -16.02
C GLN A 823 10.03 7.58 -17.37
N LYS A 824 10.75 6.47 -17.45
CA LYS A 824 11.28 5.96 -18.72
C LYS A 824 10.40 4.84 -19.28
N GLY A 825 9.11 5.16 -19.47
CA GLY A 825 8.21 4.25 -20.15
C GLY A 825 7.87 2.98 -19.37
N PHE A 826 7.62 1.90 -20.11
CA PHE A 826 7.30 0.60 -19.54
C PHE A 826 8.14 -0.47 -20.24
N ASN A 827 9.33 -0.78 -19.71
CA ASN A 827 10.10 -1.92 -20.20
C ASN A 827 10.58 -2.78 -19.02
N LYS A 828 9.66 -3.63 -18.52
CA LYS A 828 9.93 -4.82 -17.70
C LYS A 828 10.47 -4.52 -16.29
N VAL A 829 10.98 -3.31 -16.07
CA VAL A 829 11.47 -2.95 -14.75
C VAL A 829 10.36 -2.29 -13.94
N VAL A 830 9.36 -1.73 -14.60
CA VAL A 830 8.13 -1.40 -13.90
C VAL A 830 7.40 -2.68 -13.51
N LEU A 831 7.60 -3.77 -14.27
CA LEU A 831 7.12 -5.06 -13.82
C LEU A 831 7.92 -5.56 -12.62
N LYS A 832 9.22 -5.26 -12.58
CA LYS A 832 10.04 -5.64 -11.43
C LYS A 832 9.59 -4.92 -10.16
N HIS A 833 9.40 -3.61 -10.25
CA HIS A 833 8.95 -2.83 -9.10
C HIS A 833 7.43 -2.87 -8.91
N LEU A 834 6.72 -3.62 -9.74
CA LEU A 834 5.32 -3.95 -9.50
C LEU A 834 5.14 -5.34 -8.88
N LYS A 835 6.05 -6.27 -9.14
CA LYS A 835 5.91 -7.59 -8.54
C LYS A 835 6.70 -7.73 -7.24
N LYS A 836 7.95 -7.24 -7.21
CA LYS A 836 8.75 -7.40 -6.00
C LYS A 836 8.29 -6.46 -4.89
N THR A 837 7.67 -5.33 -5.26
CA THR A 837 7.10 -4.39 -4.30
C THR A 837 5.61 -4.64 -4.09
N LYS A 838 5.18 -5.90 -4.18
CA LYS A 838 3.80 -6.32 -4.03
C LYS A 838 3.70 -7.23 -2.82
N ASN A 839 2.48 -7.71 -2.56
CA ASN A 839 2.02 -8.73 -1.61
C ASN A 839 2.03 -8.24 -0.17
N LEU A 840 2.55 -7.06 0.12
CA LEU A 840 2.37 -6.44 1.42
C LEU A 840 1.22 -5.43 1.31
N SER A 841 0.03 -6.00 1.15
CA SER A 841 -1.20 -5.24 0.90
C SER A 841 -2.30 -5.67 1.86
N SER A 842 -1.91 -6.11 3.07
CA SER A 842 -2.85 -6.70 4.01
C SER A 842 -3.18 -5.81 5.20
N ASN A 843 -2.46 -4.69 5.39
CA ASN A 843 -2.76 -3.78 6.47
C ASN A 843 -4.05 -3.01 6.18
N GLU A 844 -5.13 -3.38 6.86
CA GLU A 844 -6.44 -2.75 6.64
C GLU A 844 -6.67 -1.66 7.69
N ALA A 845 -5.79 -0.67 7.68
CA ALA A 845 -5.91 0.49 8.54
C ALA A 845 -7.07 1.33 8.00
N ILE A 846 -8.22 1.16 8.64
CA ILE A 846 -9.47 1.78 8.21
C ILE A 846 -9.43 3.30 8.41
N SER A 847 -9.63 4.04 7.32
CA SER A 847 -9.56 5.49 7.36
C SER A 847 -10.91 6.03 7.81
N LEU A 848 -11.07 7.35 7.78
CA LEU A 848 -12.25 7.94 8.39
C LEU A 848 -13.41 8.13 7.43
N GLU A 849 -13.17 8.17 6.13
CA GLU A 849 -14.26 8.45 5.20
C GLU A 849 -15.20 7.27 5.03
N GLU A 850 -14.68 6.05 5.04
CA GLU A 850 -15.54 4.88 5.00
C GLU A 850 -16.33 4.72 6.29
N ILE A 851 -15.75 5.15 7.41
CA ILE A 851 -16.49 5.23 8.67
C ILE A 851 -17.66 6.19 8.54
N ARG A 852 -17.44 7.36 7.95
CA ARG A 852 -18.51 8.34 7.82
C ARG A 852 -19.59 7.87 6.88
N ILE A 853 -19.22 7.18 5.79
CA ILE A 853 -20.22 6.62 4.90
C ILE A 853 -21.01 5.52 5.61
N ARG A 854 -20.37 4.76 6.49
CA ARG A 854 -21.11 3.76 7.25
C ARG A 854 -22.05 4.40 8.26
N VAL A 855 -21.64 5.53 8.85
CA VAL A 855 -22.50 6.27 9.77
C VAL A 855 -23.76 6.73 9.07
N VAL A 856 -23.63 7.30 7.87
CA VAL A 856 -24.81 7.80 7.17
C VAL A 856 -25.68 6.65 6.67
N GLN A 857 -25.08 5.50 6.29
CA GLN A 857 -25.89 4.37 5.86
C GLN A 857 -26.71 3.78 7.00
N MET A 858 -26.10 3.61 8.17
CA MET A 858 -26.84 3.09 9.32
C MET A 858 -27.88 4.09 9.81
N LEU A 859 -27.55 5.39 9.80
CA LEU A 859 -28.50 6.41 10.20
C LEU A 859 -29.67 6.49 9.25
N GLY A 860 -29.46 6.15 7.98
CA GLY A 860 -30.57 6.10 7.06
C GLY A 860 -31.47 4.91 7.32
N SER A 861 -30.87 3.73 7.51
CA SER A 861 -31.70 2.55 7.70
C SER A 861 -32.26 2.41 9.11
N LEU A 862 -31.92 3.33 10.03
CA LEU A 862 -32.39 3.23 11.40
C LEU A 862 -33.86 3.60 11.58
N GLY A 863 -34.50 4.14 10.57
CA GLY A 863 -35.92 4.47 10.68
C GLY A 863 -36.17 5.96 10.56
N GLY A 864 -37.40 6.34 10.83
CA GLY A 864 -37.78 7.74 10.75
C GLY A 864 -38.24 8.32 12.06
N GLN A 865 -38.87 7.50 12.90
CA GLN A 865 -39.28 7.96 14.21
C GLN A 865 -38.17 7.82 15.24
N ILE A 866 -37.05 7.25 14.84
CA ILE A 866 -35.90 6.96 15.69
C ILE A 866 -34.81 7.93 15.31
N ASN A 867 -34.81 8.31 14.04
CA ASN A 867 -33.69 9.01 13.40
C ASN A 867 -33.48 10.39 14.01
N LYS A 868 -34.56 11.10 14.30
CA LYS A 868 -34.47 12.44 14.85
C LYS A 868 -34.25 12.45 16.33
N ASN A 869 -33.86 11.33 16.93
CA ASN A 869 -33.39 11.36 18.30
C ASN A 869 -31.96 11.89 18.37
N LEU A 870 -31.26 11.88 17.24
CA LEU A 870 -29.85 12.24 17.12
C LEU A 870 -29.55 13.64 17.62
N LEU A 871 -30.13 14.64 16.97
CA LEU A 871 -29.76 16.00 17.29
C LEU A 871 -30.56 16.57 18.42
N THR A 872 -31.78 16.06 18.64
CA THR A 872 -32.69 16.71 19.57
C THR A 872 -32.46 16.24 20.99
N VAL A 873 -31.24 16.38 21.51
CA VAL A 873 -31.05 16.04 22.91
C VAL A 873 -31.57 17.17 23.78
N THR A 874 -30.90 18.33 23.79
CA THR A 874 -31.44 19.60 24.28
C THR A 874 -31.03 20.78 23.43
N SER A 875 -29.87 20.71 22.75
CA SER A 875 -29.10 21.77 22.08
C SER A 875 -28.55 22.85 23.04
N SER A 876 -28.85 22.75 24.36
CA SER A 876 -28.31 23.66 25.39
C SER A 876 -27.94 22.85 26.64
N ASP A 877 -26.77 22.21 26.61
CA ASP A 877 -26.27 21.53 27.80
C ASP A 877 -24.87 22.02 28.14
N GLU A 878 -23.97 21.99 27.15
CA GLU A 878 -22.58 22.32 27.33
C GLU A 878 -22.18 23.28 26.23
N MET A 879 -22.88 23.18 25.10
CA MET A 879 -22.63 24.07 23.96
C MET A 879 -23.13 25.48 24.23
N MET A 880 -24.22 25.62 24.98
CA MET A 880 -24.75 26.93 25.32
C MET A 880 -24.14 27.49 26.59
N LYS A 881 -23.03 26.92 27.06
CA LYS A 881 -22.14 27.58 28.00
C LYS A 881 -20.85 28.02 27.32
N SER A 882 -20.60 27.55 26.11
CA SER A 882 -19.54 28.08 25.26
C SER A 882 -20.06 29.14 24.29
N TYR A 883 -21.37 29.13 24.02
CA TYR A 883 -22.02 30.13 23.17
C TYR A 883 -22.55 31.31 23.95
N VAL A 884 -21.97 31.62 25.11
CA VAL A 884 -22.40 32.76 25.90
C VAL A 884 -21.18 33.59 26.26
N ALA A 885 -21.44 34.80 26.74
CA ALA A 885 -20.38 35.71 27.10
C ALA A 885 -19.71 35.25 28.40
N TRP A 886 -18.54 35.82 28.67
CA TRP A 886 -17.82 35.51 29.88
C TRP A 886 -17.94 36.61 30.92
N ASP A 887 -17.70 37.85 30.51
CA ASP A 887 -17.99 39.00 31.36
C ASP A 887 -18.78 40.01 30.56
N ARG A 888 -19.67 40.73 31.25
CA ARG A 888 -20.58 41.64 30.58
C ARG A 888 -19.85 42.88 30.08
N GLU A 889 -19.28 43.66 30.99
CA GLU A 889 -18.54 44.85 30.64
C GLU A 889 -17.07 44.49 30.45
N LYS A 890 -16.54 44.73 29.26
CA LYS A 890 -15.25 44.20 28.88
C LYS A 890 -14.10 44.92 29.56
N ARG A 891 -13.01 44.20 29.75
CA ARG A 891 -11.75 44.70 30.28
C ARG A 891 -10.66 44.35 29.27
N LEU A 892 -9.40 44.49 29.70
CA LEU A 892 -8.20 44.12 28.94
C LEU A 892 -8.12 44.87 27.62
N SER A 893 -7.94 46.18 27.74
CA SER A 893 -7.73 47.02 26.56
C SER A 893 -6.26 46.94 26.16
N PHE A 894 -5.98 46.27 25.06
CA PHE A 894 -4.63 46.21 24.50
C PHE A 894 -4.50 47.26 23.42
N ALA A 895 -3.38 47.97 23.43
CA ALA A 895 -3.15 49.10 22.52
C ALA A 895 -1.88 48.84 21.74
N VAL A 896 -2.03 48.23 20.53
CA VAL A 896 -0.90 47.91 19.67
C VAL A 896 -0.26 49.22 19.21
N PRO A 897 1.02 49.45 19.55
CA PRO A 897 1.65 50.74 19.25
C PRO A 897 2.17 50.80 17.83
N PHE A 898 1.51 51.57 16.99
CA PHE A 898 2.01 51.88 15.67
C PHE A 898 2.92 53.10 15.76
N ARG A 899 3.25 53.69 14.63
CA ARG A 899 4.17 54.82 14.64
C ARG A 899 3.53 56.10 15.16
N GLU A 900 2.24 56.30 14.90
CA GLU A 900 1.58 57.52 15.34
C GLU A 900 0.18 57.37 15.90
N MET A 901 -0.49 56.23 15.70
CA MET A 901 -1.93 56.13 15.94
C MET A 901 -2.26 55.54 17.32
N LYS A 902 -1.78 54.32 17.59
CA LYS A 902 -2.09 53.47 18.74
C LYS A 902 -3.59 53.25 18.90
N PRO A 903 -4.22 52.40 18.08
CA PRO A 903 -5.61 52.01 18.34
C PRO A 903 -5.68 51.01 19.48
N VAL A 904 -6.89 50.71 19.92
CA VAL A 904 -7.10 49.87 21.10
C VAL A 904 -7.85 48.61 20.71
N ILE A 905 -7.35 47.46 21.16
CA ILE A 905 -7.90 46.15 20.85
C ILE A 905 -8.34 45.51 22.15
N PHE A 906 -9.56 44.97 22.18
CA PHE A 906 -10.11 44.34 23.36
C PHE A 906 -9.74 42.88 23.37
N LEU A 907 -8.95 42.48 24.35
CA LEU A 907 -8.33 41.15 24.35
C LEU A 907 -9.20 40.14 25.11
N ASP A 908 -10.47 40.08 24.79
CA ASP A 908 -11.36 39.07 25.33
C ASP A 908 -12.01 38.24 24.25
N VAL A 909 -12.16 38.80 23.04
CA VAL A 909 -13.00 38.20 22.02
C VAL A 909 -12.39 36.94 21.44
N PHE A 910 -11.09 36.73 21.63
CA PHE A 910 -10.45 35.49 21.25
C PHE A 910 -9.74 34.85 22.42
N LEU A 911 -10.31 34.96 23.61
CA LEU A 911 -9.98 34.08 24.73
C LEU A 911 -10.69 32.73 24.70
N PRO A 912 -12.01 32.61 24.47
CA PRO A 912 -12.63 31.28 24.48
C PRO A 912 -12.38 30.45 23.25
N ARG A 913 -11.49 30.83 22.36
CA ARG A 913 -11.05 29.97 21.29
C ARG A 913 -9.60 29.55 21.45
N VAL A 914 -8.76 30.44 21.97
CA VAL A 914 -7.43 30.07 22.43
C VAL A 914 -7.52 29.01 23.52
N THR A 915 -8.45 29.18 24.46
CA THR A 915 -8.60 28.26 25.57
C THR A 915 -9.15 26.91 25.13
N GLU A 916 -9.82 26.82 23.99
CA GLU A 916 -10.20 25.53 23.45
C GLU A 916 -9.16 24.94 22.52
N LEU A 917 -8.37 25.78 21.85
CA LEU A 917 -7.24 25.26 21.08
C LEU A 917 -6.20 24.62 21.99
N ALA A 918 -6.00 25.18 23.17
CA ALA A 918 -4.92 24.70 24.00
C ALA A 918 -5.23 23.39 24.71
N LEU A 919 -6.37 22.76 24.47
CA LEU A 919 -6.67 21.48 25.09
C LEU A 919 -6.76 20.34 24.09
N THR A 920 -7.47 20.53 22.98
CA THR A 920 -7.54 19.52 21.92
C THR A 920 -7.23 20.16 20.56
N ALA A 921 -5.94 20.28 20.27
CA ALA A 921 -5.51 20.95 19.05
C ALA A 921 -5.28 19.98 17.90
N SER A 922 -4.78 18.78 18.19
CA SER A 922 -4.39 17.75 17.22
C SER A 922 -3.37 18.26 16.21
N ASP A 923 -2.53 19.20 16.64
CA ASP A 923 -1.36 19.64 15.88
C ASP A 923 -0.43 20.35 16.85
N ARG A 924 0.77 19.81 17.04
CA ARG A 924 1.71 20.44 17.97
C ARG A 924 2.41 21.64 17.38
N GLN A 925 2.02 22.11 16.19
CA GLN A 925 2.49 23.38 15.69
C GLN A 925 1.57 24.52 16.10
N THR A 926 0.29 24.25 16.32
CA THR A 926 -0.61 25.25 16.87
C THR A 926 -0.88 25.07 18.35
N LYS A 927 -0.64 23.89 18.91
CA LYS A 927 -0.83 23.71 20.34
C LYS A 927 0.20 24.48 21.14
N VAL A 928 1.47 24.48 20.71
CA VAL A 928 2.45 25.28 21.41
C VAL A 928 2.27 26.76 21.13
N ALA A 929 1.68 27.11 19.98
CA ALA A 929 1.37 28.51 19.72
C ALA A 929 0.27 29.00 20.64
N ALA A 930 -0.78 28.20 20.82
CA ALA A 930 -1.86 28.58 21.71
C ALA A 930 -1.43 28.56 23.16
N CYS A 931 -0.55 27.65 23.56
CA CYS A 931 -0.05 27.67 24.93
C CYS A 931 0.85 28.87 25.17
N GLU A 932 1.65 29.27 24.18
CA GLU A 932 2.48 30.46 24.36
C GLU A 932 1.62 31.73 24.43
N LEU A 933 0.60 31.80 23.57
CA LEU A 933 -0.29 32.95 23.58
C LEU A 933 -1.11 33.00 24.87
N LEU A 934 -1.53 31.85 25.37
CA LEU A 934 -2.34 31.82 26.57
C LEU A 934 -1.50 32.12 27.80
N HIS A 935 -0.24 31.70 27.83
CA HIS A 935 0.61 32.06 28.95
C HIS A 935 0.90 33.56 28.97
N SER A 936 1.16 34.15 27.80
CA SER A 936 1.37 35.59 27.76
C SER A 936 0.10 36.36 28.11
N MET A 937 -1.07 35.83 27.73
CA MET A 937 -2.32 36.50 28.04
C MET A 937 -2.64 36.42 29.51
N VAL A 938 -2.32 35.28 30.14
CA VAL A 938 -2.52 35.15 31.59
C VAL A 938 -1.61 36.12 32.34
N MET A 939 -0.36 36.27 31.89
CA MET A 939 0.52 37.25 32.52
C MET A 939 0.04 38.68 32.30
N PHE A 940 -0.54 38.98 31.14
CA PHE A 940 -1.04 40.33 30.90
C PHE A 940 -2.27 40.63 31.75
N MET A 941 -3.23 39.69 31.79
CA MET A 941 -4.43 39.93 32.58
C MET A 941 -4.16 39.92 34.07
N LEU A 942 -3.06 39.27 34.49
CA LEU A 942 -2.67 39.36 35.89
C LEU A 942 -1.97 40.68 36.17
N GLY A 943 -1.21 41.20 35.21
CA GLY A 943 -0.58 42.48 35.41
C GLY A 943 -1.50 43.67 35.30
N LYS A 944 -2.65 43.50 34.65
CA LYS A 944 -3.57 44.62 34.47
C LYS A 944 -4.27 44.97 35.78
N ALA A 945 -4.63 43.98 36.57
CA ALA A 945 -5.45 44.19 37.75
C ALA A 945 -4.66 44.68 38.96
N THR A 946 -3.45 45.20 38.77
CA THR A 946 -2.59 45.59 39.89
C THR A 946 -2.09 47.02 39.70
N GLN A 947 -3.01 47.92 39.38
CA GLN A 947 -2.65 49.33 39.21
C GLN A 947 -3.71 50.25 39.80
N PRO A 956 -10.47 47.44 38.32
CA PRO A 956 -11.04 46.53 37.30
C PRO A 956 -11.19 45.11 37.82
N PRO A 957 -12.29 44.81 38.51
CA PRO A 957 -12.49 43.46 39.02
C PRO A 957 -12.85 42.49 37.91
N MET A 958 -12.21 41.32 37.92
CA MET A 958 -12.34 40.36 36.83
C MET A 958 -12.44 38.92 37.36
N TYR A 959 -13.08 38.72 38.50
CA TYR A 959 -13.20 37.36 39.02
C TYR A 959 -14.20 36.54 38.23
N GLN A 960 -15.11 37.17 37.49
CA GLN A 960 -15.95 36.46 36.55
C GLN A 960 -15.15 35.93 35.38
N LEU A 961 -13.96 36.48 35.14
CA LEU A 961 -13.00 35.92 34.21
C LEU A 961 -12.10 34.90 34.86
N TYR A 962 -11.74 35.11 36.14
CA TYR A 962 -10.90 34.15 36.86
C TYR A 962 -11.59 32.81 37.03
N LYS A 963 -12.89 32.82 37.31
CA LYS A 963 -13.62 31.57 37.54
C LYS A 963 -13.78 30.73 36.27
N ARG A 964 -13.41 31.24 35.11
CA ARG A 964 -13.37 30.45 33.90
C ARG A 964 -11.99 30.35 33.29
N THR A 965 -11.01 31.12 33.77
CA THR A 965 -9.66 30.91 33.25
C THR A 965 -8.77 30.14 34.21
N PHE A 966 -9.17 29.96 35.46
CA PHE A 966 -8.41 29.10 36.36
C PHE A 966 -8.64 27.59 36.21
N PRO A 967 -9.85 27.05 35.98
CA PRO A 967 -9.93 25.59 35.84
C PRO A 967 -9.53 25.05 34.49
N VAL A 968 -8.83 25.83 33.68
CA VAL A 968 -8.15 25.32 32.50
C VAL A 968 -6.64 25.27 32.69
N LEU A 969 -6.09 26.04 33.63
CA LEU A 969 -4.66 25.99 33.89
C LEU A 969 -4.23 24.65 34.47
N LEU A 970 -5.06 24.03 35.32
CA LEU A 970 -4.71 22.75 35.90
C LEU A 970 -4.78 21.64 34.85
N ARG A 971 -5.86 21.64 34.07
CA ARG A 971 -6.05 20.67 33.01
C ARG A 971 -5.00 20.80 31.93
N LEU A 972 -4.40 21.99 31.77
CA LEU A 972 -3.17 22.09 31.01
C LEU A 972 -1.99 21.52 31.77
N ALA A 973 -1.82 21.94 33.02
CA ALA A 973 -0.58 21.78 33.74
C ALA A 973 -0.28 20.35 34.11
N CYS A 974 -1.23 19.45 34.02
CA CYS A 974 -0.89 18.05 34.20
C CYS A 974 -1.48 17.18 33.09
N ASP A 975 -1.37 17.60 31.83
CA ASP A 975 -2.14 16.86 30.84
C ASP A 975 -1.44 15.63 30.27
N VAL A 976 -0.59 15.80 29.25
CA VAL A 976 0.20 14.69 28.72
C VAL A 976 1.62 15.16 28.43
N ASP A 977 1.74 16.19 27.60
CA ASP A 977 2.98 16.50 26.89
C ASP A 977 3.99 17.17 27.79
N GLN A 978 5.27 16.85 27.55
CA GLN A 978 6.31 17.19 28.51
C GLN A 978 6.65 18.68 28.48
N VAL A 979 6.68 19.30 27.30
CA VAL A 979 7.10 20.70 27.29
C VAL A 979 5.97 21.61 27.76
N THR A 980 4.71 21.26 27.50
CA THR A 980 3.63 21.98 28.14
C THR A 980 3.37 21.50 29.56
N ARG A 981 4.19 20.60 30.07
CA ARG A 981 4.30 20.38 31.51
C ARG A 981 5.43 21.18 32.12
N GLN A 982 6.53 21.41 31.38
CA GLN A 982 7.58 22.29 31.84
C GLN A 982 7.09 23.72 31.90
N LEU A 983 6.17 24.07 31.02
CA LEU A 983 5.38 25.27 31.20
C LEU A 983 4.08 24.89 31.91
N TYR A 984 3.48 25.87 32.58
CA TYR A 984 2.22 25.83 33.34
C TYR A 984 2.32 25.05 34.64
N GLU A 985 3.40 24.31 34.87
CA GLU A 985 3.62 23.82 36.22
C GLU A 985 4.28 24.89 37.09
N PRO A 986 5.36 25.56 36.68
CA PRO A 986 5.85 26.65 37.55
C PRO A 986 4.92 27.84 37.60
N LEU A 987 4.10 28.08 36.57
CA LEU A 987 3.14 29.18 36.64
C LEU A 987 2.08 28.94 37.70
N VAL A 988 1.47 27.76 37.69
CA VAL A 988 0.41 27.50 38.65
C VAL A 988 0.98 27.10 40.00
N MET A 989 2.27 26.81 40.07
CA MET A 989 2.91 26.68 41.38
C MET A 989 3.44 28.01 41.90
N GLN A 990 3.52 29.03 41.05
CA GLN A 990 3.93 30.35 41.49
C GLN A 990 2.74 31.23 41.87
N LEU A 991 1.66 31.18 41.10
CA LEU A 991 0.55 32.06 41.43
C LEU A 991 -0.23 31.58 42.65
N ILE A 992 -0.04 30.34 43.06
CA ILE A 992 -0.48 29.93 44.39
C ILE A 992 0.28 30.70 45.46
N HIS A 993 1.60 30.86 45.27
CA HIS A 993 2.40 31.62 46.22
C HIS A 993 2.04 33.08 46.19
N TRP A 994 1.59 33.58 45.05
CA TRP A 994 1.19 34.98 44.97
C TRP A 994 -0.18 35.21 45.61
N PHE A 995 -1.14 34.33 45.32
CA PHE A 995 -2.50 34.48 45.83
C PHE A 995 -2.58 34.22 47.32
N THR A 996 -1.70 33.36 47.83
CA THR A 996 -1.65 33.10 49.26
C THR A 996 -0.62 34.00 49.94
N ASN A 997 -0.76 35.30 49.71
CA ASN A 997 0.09 36.31 50.29
C ASN A 997 -0.78 37.43 50.83
N ASN A 998 -0.24 38.22 51.76
CA ASN A 998 -1.02 39.27 52.39
C ASN A 998 -1.28 40.45 51.47
N LYS A 999 -0.55 40.57 50.36
CA LYS A 999 -0.83 41.63 49.40
C LYS A 999 -2.11 41.36 48.61
N LYS A 1000 -2.58 40.12 48.58
CA LYS A 1000 -3.87 39.79 47.99
C LYS A 1000 -4.61 38.78 48.86
N PHE A 1001 -4.57 38.96 50.17
CA PHE A 1001 -5.19 38.00 51.07
C PHE A 1001 -6.67 38.31 51.29
N GLU A 1002 -7.45 37.24 51.49
CA GLU A 1002 -8.86 37.21 51.88
C GLU A 1002 -9.80 37.80 50.84
N SER A 1003 -9.31 38.24 49.69
CA SER A 1003 -10.18 38.77 48.66
C SER A 1003 -10.89 37.63 47.95
N GLN A 1004 -11.87 38.00 47.12
CA GLN A 1004 -12.68 37.02 46.43
C GLN A 1004 -11.92 36.28 45.35
N ASP A 1005 -10.74 36.75 44.96
CA ASP A 1005 -9.99 36.09 43.90
C ASP A 1005 -9.33 34.81 44.36
N THR A 1006 -8.96 34.71 45.64
CA THR A 1006 -8.32 33.50 46.12
C THR A 1006 -9.31 32.36 46.30
N VAL A 1007 -10.57 32.69 46.61
CA VAL A 1007 -11.59 31.67 46.81
C VAL A 1007 -11.93 31.01 45.47
N ALA A 1008 -11.80 31.75 44.37
CA ALA A 1008 -11.94 31.15 43.04
C ALA A 1008 -10.86 30.10 42.80
N LEU A 1009 -9.63 30.38 43.24
CA LEU A 1009 -8.55 29.41 43.09
C LEU A 1009 -8.77 28.19 43.98
N LEU A 1010 -9.24 28.42 45.21
CA LEU A 1010 -9.43 27.31 46.15
C LEU A 1010 -10.56 26.40 45.71
N GLU A 1011 -11.69 26.98 45.30
CA GLU A 1011 -12.75 26.14 44.77
C GLU A 1011 -12.41 25.55 43.42
N ALA A 1012 -11.49 26.18 42.66
CA ALA A 1012 -11.01 25.55 41.45
C ALA A 1012 -10.20 24.31 41.77
N ILE A 1013 -9.41 24.37 42.85
CA ILE A 1013 -8.65 23.22 43.31
C ILE A 1013 -9.58 22.09 43.76
N LEU A 1014 -10.58 22.43 44.56
CA LEU A 1014 -11.46 21.38 45.10
C LEU A 1014 -12.37 20.80 44.03
N ASP A 1015 -12.87 21.63 43.12
CA ASP A 1015 -13.63 21.13 41.99
C ASP A 1015 -12.76 20.31 41.05
N GLY A 1016 -11.46 20.56 41.05
CA GLY A 1016 -10.55 19.61 40.43
C GLY A 1016 -10.53 18.29 41.17
N ILE A 1017 -10.46 18.34 42.50
CA ILE A 1017 -10.15 17.13 43.26
C ILE A 1017 -11.34 16.17 43.35
N VAL A 1018 -12.58 16.61 43.14
CA VAL A 1018 -13.71 15.68 43.16
C VAL A 1018 -14.50 15.73 41.84
N ASP A 1019 -14.27 14.75 40.96
CA ASP A 1019 -14.89 14.71 39.65
C ASP A 1019 -14.76 13.32 39.08
N PRO A 1020 -15.64 12.92 38.17
CA PRO A 1020 -15.41 11.70 37.39
C PRO A 1020 -14.21 11.88 36.47
N VAL A 1021 -13.60 10.74 36.17
CA VAL A 1021 -12.42 10.49 35.27
C VAL A 1021 -11.39 11.63 35.11
N ASP A 1022 -10.60 12.02 36.12
CA ASP A 1022 -9.49 12.89 35.80
C ASP A 1022 -8.35 12.50 36.73
N SER A 1023 -8.10 11.19 36.77
CA SER A 1023 -7.18 10.57 37.73
C SER A 1023 -5.76 11.07 37.59
N THR A 1024 -5.40 11.66 36.47
CA THR A 1024 -4.15 12.39 36.39
C THR A 1024 -4.22 13.76 37.04
N LEU A 1025 -5.42 14.29 37.27
CA LEU A 1025 -5.56 15.63 37.85
C LEU A 1025 -5.75 15.62 39.35
N ARG A 1026 -6.38 14.57 39.89
CA ARG A 1026 -6.66 14.55 41.32
C ARG A 1026 -5.37 14.51 42.15
N ASP A 1027 -4.39 13.72 41.71
CA ASP A 1027 -3.12 13.70 42.41
C ASP A 1027 -2.28 14.94 42.16
N PHE A 1028 -2.67 15.80 41.21
CA PHE A 1028 -2.05 17.11 41.12
C PHE A 1028 -2.71 18.10 42.05
N CYS A 1029 -4.04 18.02 42.19
CA CYS A 1029 -4.75 18.89 43.13
C CYS A 1029 -4.34 18.59 44.57
N GLY A 1030 -3.93 17.36 44.85
CA GLY A 1030 -3.33 17.07 46.15
C GLY A 1030 -2.06 17.88 46.40
N ARG A 1031 -1.20 17.98 45.38
CA ARG A 1031 0.02 18.76 45.54
C ARG A 1031 -0.28 20.25 45.63
N CYS A 1032 -1.33 20.71 44.97
CA CYS A 1032 -1.75 22.10 45.15
C CYS A 1032 -2.23 22.37 46.57
N ILE A 1033 -2.96 21.42 47.16
CA ILE A 1033 -3.39 21.61 48.56
C ILE A 1033 -2.20 21.59 49.50
N ARG A 1034 -1.18 20.78 49.20
CA ARG A 1034 0.01 20.76 50.05
C ARG A 1034 0.78 22.07 49.96
N GLU A 1035 0.93 22.62 48.77
CA GLU A 1035 1.53 23.94 48.61
C GLU A 1035 0.71 25.01 49.32
N PHE A 1036 -0.62 24.86 49.26
CA PHE A 1036 -1.53 25.82 49.88
C PHE A 1036 -1.35 25.82 51.40
N LEU A 1037 -1.25 24.64 51.99
CA LEU A 1037 -1.10 24.51 53.44
C LEU A 1037 0.26 25.00 53.89
N LYS A 1038 1.31 24.73 53.11
CA LYS A 1038 2.65 25.20 53.47
C LYS A 1038 2.73 26.72 53.43
N TRP A 1039 2.27 27.33 52.34
CA TRP A 1039 2.38 28.77 52.23
C TRP A 1039 1.34 29.51 53.05
N SER A 1040 0.32 28.84 53.56
CA SER A 1040 -0.68 29.50 54.38
C SER A 1040 -0.33 29.47 55.88
N ILE A 1041 0.85 28.99 56.25
CA ILE A 1041 1.36 29.18 57.61
C ILE A 1041 2.78 29.71 57.52
N LYS A 1042 3.38 29.64 56.33
CA LYS A 1042 4.68 30.26 56.13
C LYS A 1042 4.60 31.78 56.12
N GLN A 1043 3.42 32.35 55.86
CA GLN A 1043 3.28 33.80 55.74
C GLN A 1043 2.41 34.43 56.82
N ILE A 1044 1.24 33.86 57.10
CA ILE A 1044 0.36 34.44 58.12
C ILE A 1044 0.95 34.15 59.49
N THR A 1045 1.03 35.18 60.32
CA THR A 1045 1.57 35.37 61.65
C THR A 1045 0.48 35.26 62.71
N PRO A 1046 0.77 34.65 63.87
CA PRO A 1046 -0.30 34.35 64.82
C PRO A 1046 -0.87 35.56 65.55
N GLN A 1047 -0.25 36.74 65.41
CA GLN A 1047 -0.86 37.96 65.93
C GLN A 1047 -2.02 38.44 65.07
N GLN A 1048 -2.21 37.85 63.89
CA GLN A 1048 -3.34 38.15 63.03
C GLN A 1048 -3.99 36.90 62.45
N GLN A 1049 -3.54 35.71 62.84
CA GLN A 1049 -4.09 34.47 62.28
C GLN A 1049 -5.20 33.95 63.20
N GLU A 1050 -6.27 34.73 63.27
CA GLU A 1050 -7.42 34.35 64.08
C GLU A 1050 -8.75 34.69 63.42
N LYS A 1051 -8.75 35.11 62.16
CA LYS A 1051 -9.94 35.70 61.55
C LYS A 1051 -10.36 35.09 60.23
N SER A 1052 -9.45 34.47 59.48
CA SER A 1052 -9.67 34.22 58.05
C SER A 1052 -10.66 33.08 57.85
N PRO A 1053 -11.67 33.26 56.99
CA PRO A 1053 -12.53 32.14 56.61
C PRO A 1053 -11.98 31.28 55.49
N VAL A 1054 -10.72 31.47 55.08
CA VAL A 1054 -10.01 30.54 54.21
C VAL A 1054 -8.70 30.15 54.88
N ASN A 1055 -8.69 30.15 56.20
CA ASN A 1055 -7.52 29.82 57.01
C ASN A 1055 -7.36 28.29 57.06
N THR A 1056 -6.49 27.83 57.96
CA THR A 1056 -6.24 26.40 58.11
C THR A 1056 -7.47 25.68 58.64
N LYS A 1057 -7.99 26.13 59.78
CA LYS A 1057 -9.11 25.43 60.42
C LYS A 1057 -10.39 25.49 59.59
N SER A 1058 -10.56 26.55 58.79
CA SER A 1058 -11.68 26.60 57.86
C SER A 1058 -11.52 25.56 56.76
N LEU A 1059 -10.27 25.34 56.32
CA LEU A 1059 -10.01 24.24 55.40
C LEU A 1059 -10.28 22.89 56.06
N PHE A 1060 -10.03 22.77 57.36
CA PHE A 1060 -10.29 21.50 58.03
C PHE A 1060 -11.78 21.22 58.16
N LYS A 1061 -12.57 22.25 58.47
CA LYS A 1061 -14.03 22.07 58.50
C LYS A 1061 -14.59 21.81 57.11
N ARG A 1062 -13.97 22.43 56.09
CA ARG A 1062 -14.32 22.13 54.71
C ARG A 1062 -14.03 20.67 54.38
N LEU A 1063 -12.93 20.14 54.93
CA LEU A 1063 -12.58 18.73 54.72
C LEU A 1063 -13.59 17.80 55.36
N TYR A 1064 -14.02 18.09 56.59
CA TYR A 1064 -14.95 17.17 57.26
C TYR A 1064 -16.34 17.24 56.62
N SER A 1065 -16.80 18.45 56.28
CA SER A 1065 -18.07 18.61 55.59
C SER A 1065 -18.04 18.00 54.19
N LEU A 1066 -16.87 17.94 53.57
CA LEU A 1066 -16.71 17.07 52.41
C LEU A 1066 -16.81 15.62 52.81
N ALA A 1067 -16.30 15.26 54.00
CA ALA A 1067 -16.06 13.85 54.29
C ALA A 1067 -17.33 13.08 54.61
N LEU A 1068 -18.32 13.69 55.26
CA LEU A 1068 -19.51 12.91 55.59
C LEU A 1068 -20.55 12.90 54.46
N HIS A 1069 -20.16 12.55 53.24
CA HIS A 1069 -21.00 12.84 52.09
C HIS A 1069 -21.48 11.57 51.40
N PRO A 1070 -22.75 11.48 51.03
CA PRO A 1070 -23.25 10.28 50.37
C PRO A 1070 -22.77 10.12 48.94
N ASN A 1071 -22.11 11.12 48.38
CA ASN A 1071 -21.48 10.95 47.08
C ASN A 1071 -20.32 9.99 47.19
N ALA A 1072 -20.03 9.30 46.10
CA ALA A 1072 -18.92 8.35 46.11
C ALA A 1072 -17.57 9.05 46.10
N PHE A 1073 -17.50 10.22 45.50
CA PHE A 1073 -16.22 10.83 45.23
C PHE A 1073 -15.84 11.91 46.23
N LYS A 1074 -16.80 12.46 46.97
CA LYS A 1074 -16.46 13.54 47.89
C LYS A 1074 -15.85 13.05 49.19
N ARG A 1075 -15.64 11.74 49.36
CA ARG A 1075 -14.81 11.21 50.43
C ARG A 1075 -13.46 10.73 49.94
N LEU A 1076 -13.40 10.25 48.69
CA LEU A 1076 -12.13 10.01 48.02
C LEU A 1076 -11.32 11.30 47.91
N GLY A 1077 -12.01 12.42 47.67
CA GLY A 1077 -11.33 13.69 47.67
C GLY A 1077 -10.78 14.08 49.02
N ALA A 1078 -11.53 13.80 50.09
CA ALA A 1078 -11.05 14.11 51.43
C ALA A 1078 -9.88 13.23 51.84
N SER A 1079 -9.90 11.96 51.44
CA SER A 1079 -8.77 11.08 51.76
C SER A 1079 -7.52 11.41 50.96
N LEU A 1080 -7.66 11.84 49.70
CA LEU A 1080 -6.49 12.31 48.96
C LEU A 1080 -5.91 13.56 49.58
N ALA A 1081 -6.80 14.45 50.08
CA ALA A 1081 -6.33 15.63 50.80
C ALA A 1081 -5.56 15.25 52.06
N PHE A 1082 -6.06 14.26 52.81
CA PHE A 1082 -5.37 13.91 54.05
C PHE A 1082 -4.07 13.16 53.81
N ASN A 1083 -4.00 12.31 52.79
CA ASN A 1083 -2.74 11.69 52.42
C ASN A 1083 -1.73 12.68 51.90
N ASN A 1084 -2.19 13.83 51.44
CA ASN A 1084 -1.20 14.83 51.08
C ASN A 1084 -0.88 15.80 52.22
N ILE A 1085 -1.69 15.85 53.28
CA ILE A 1085 -1.34 16.76 54.37
C ILE A 1085 -0.86 16.02 55.63
N TYR A 1086 -0.69 14.70 55.58
CA TYR A 1086 -0.09 14.06 56.75
C TYR A 1086 1.42 14.26 56.84
N ARG A 1087 2.07 14.71 55.76
CA ARG A 1087 3.49 15.00 55.86
C ARG A 1087 3.73 16.28 56.65
N GLU A 1088 2.82 17.24 56.54
CA GLU A 1088 2.74 18.31 57.52
C GLU A 1088 1.79 17.85 58.62
N PHE A 1089 1.38 18.77 59.49
CA PHE A 1089 0.46 18.55 60.62
C PHE A 1089 1.04 17.63 61.70
N ARG A 1090 2.25 17.12 61.54
CA ARG A 1090 2.85 16.35 62.61
C ARG A 1090 4.27 16.83 62.87
N GLU A 1091 4.95 17.31 61.84
CA GLU A 1091 6.34 17.69 61.97
C GLU A 1091 6.52 19.13 62.41
N GLU A 1092 5.45 19.76 62.91
CA GLU A 1092 5.54 21.01 63.64
C GLU A 1092 4.63 20.89 64.85
N GLU A 1093 4.82 21.77 65.83
CA GLU A 1093 4.16 21.68 67.12
C GLU A 1093 3.22 22.86 67.32
N SER A 1094 2.52 22.83 68.46
CA SER A 1094 1.53 23.82 68.91
C SER A 1094 0.34 23.94 67.98
N LEU A 1095 0.09 22.95 67.14
CA LEU A 1095 -1.08 22.95 66.28
C LEU A 1095 -1.74 21.59 66.17
N VAL A 1096 -1.14 20.54 66.71
CA VAL A 1096 -1.57 19.20 66.33
C VAL A 1096 -2.73 18.73 67.21
N GLU A 1097 -2.78 19.15 68.47
CA GLU A 1097 -3.52 18.46 69.50
C GLU A 1097 -4.96 18.93 69.61
N GLN A 1098 -5.53 19.46 68.54
CA GLN A 1098 -6.83 20.09 68.60
C GLN A 1098 -7.87 19.38 67.76
N PHE A 1099 -7.62 19.21 66.45
CA PHE A 1099 -8.68 18.83 65.52
C PHE A 1099 -8.68 17.35 65.15
N VAL A 1100 -7.60 16.88 64.53
CA VAL A 1100 -7.66 15.57 63.87
C VAL A 1100 -7.46 14.45 64.87
N PHE A 1101 -6.93 14.76 66.03
CA PHE A 1101 -6.87 13.77 67.10
C PHE A 1101 -8.21 13.62 67.80
N GLU A 1102 -9.21 14.40 67.41
CA GLU A 1102 -10.62 14.09 67.58
C GLU A 1102 -11.25 13.52 66.31
N ALA A 1103 -10.87 14.07 65.15
CA ALA A 1103 -11.46 13.73 63.85
C ALA A 1103 -10.97 12.41 63.28
N LEU A 1104 -10.16 11.67 64.03
CA LEU A 1104 -9.89 10.27 63.70
C LEU A 1104 -11.20 9.48 63.64
N VAL A 1105 -12.14 9.80 64.52
CA VAL A 1105 -13.43 9.12 64.50
C VAL A 1105 -14.24 9.56 63.28
N ILE A 1106 -14.01 10.77 62.76
CA ILE A 1106 -14.80 11.15 61.60
C ILE A 1106 -14.22 10.54 60.34
N TYR A 1107 -12.90 10.31 60.32
CA TYR A 1107 -12.33 9.55 59.21
C TYR A 1107 -12.79 8.10 59.27
N MET A 1108 -12.87 7.54 60.48
CA MET A 1108 -13.38 6.19 60.64
C MET A 1108 -14.87 6.10 60.30
N GLU A 1109 -15.62 7.17 60.54
CA GLU A 1109 -17.04 7.14 60.23
C GLU A 1109 -17.29 7.31 58.76
N SER A 1110 -16.44 8.06 58.05
CA SER A 1110 -16.51 8.08 56.60
C SER A 1110 -16.16 6.72 56.02
N LEU A 1111 -15.19 6.05 56.65
CA LEU A 1111 -14.86 4.67 56.29
C LEU A 1111 -16.05 3.74 56.49
N ALA A 1112 -16.79 3.93 57.58
CA ALA A 1112 -18.02 3.17 57.81
C ALA A 1112 -19.08 3.49 56.77
N LEU A 1113 -19.23 4.76 56.44
CA LEU A 1113 -20.16 5.23 55.41
C LEU A 1113 -19.80 4.70 54.03
N ALA A 1114 -18.56 4.26 53.84
CA ALA A 1114 -18.13 3.72 52.57
C ALA A 1114 -18.40 2.22 52.48
N HIS A 1115 -19.47 1.75 53.14
CA HIS A 1115 -19.68 0.32 53.34
C HIS A 1115 -19.99 -0.41 52.05
N ALA A 1116 -20.91 0.10 51.24
CA ALA A 1116 -21.40 -0.65 50.10
C ALA A 1116 -21.27 0.14 48.82
N ASP A 1117 -20.12 0.78 48.60
CA ASP A 1117 -19.95 1.53 47.36
C ASP A 1117 -19.55 0.60 46.23
N GLU A 1118 -18.32 0.10 46.28
CA GLU A 1118 -17.68 -0.87 45.39
C GLU A 1118 -16.33 -1.22 45.98
N LYS A 1119 -15.92 -2.48 45.79
CA LYS A 1119 -14.57 -2.84 46.18
C LYS A 1119 -13.54 -2.32 45.21
N SER A 1120 -13.92 -2.12 43.95
CA SER A 1120 -13.01 -1.70 42.90
C SER A 1120 -12.96 -0.19 42.73
N LEU A 1121 -13.54 0.57 43.64
CA LEU A 1121 -13.56 2.02 43.48
C LEU A 1121 -12.21 2.63 43.82
N GLY A 1122 -11.62 2.22 44.92
CA GLY A 1122 -10.36 2.78 45.34
C GLY A 1122 -10.54 3.73 46.49
N THR A 1123 -11.58 3.50 47.31
CA THR A 1123 -11.88 4.36 48.44
C THR A 1123 -11.54 3.74 49.79
N ILE A 1124 -11.62 2.41 49.92
CA ILE A 1124 -11.28 1.77 51.18
C ILE A 1124 -9.77 1.76 51.37
N GLN A 1125 -9.02 1.49 50.29
CA GLN A 1125 -7.56 1.53 50.33
C GLN A 1125 -7.04 2.93 50.60
N GLN A 1126 -7.82 3.95 50.28
CA GLN A 1126 -7.39 5.30 50.58
C GLN A 1126 -7.75 5.67 52.01
N CYS A 1127 -8.94 5.28 52.48
CA CYS A 1127 -9.30 5.71 53.83
C CYS A 1127 -8.57 4.92 54.91
N CYS A 1128 -8.22 3.65 54.64
CA CYS A 1128 -7.42 2.88 55.59
C CYS A 1128 -6.04 3.50 55.77
N ASP A 1129 -5.40 3.85 54.66
CA ASP A 1129 -4.12 4.56 54.73
C ASP A 1129 -4.30 5.93 55.36
N ALA A 1130 -5.45 6.56 55.17
CA ALA A 1130 -5.69 7.87 55.74
C ALA A 1130 -5.78 7.81 57.27
N ILE A 1131 -6.34 6.74 57.82
CA ILE A 1131 -6.43 6.68 59.27
C ILE A 1131 -5.15 6.10 59.88
N ASP A 1132 -4.52 5.18 59.15
CA ASP A 1132 -3.25 4.55 59.59
C ASP A 1132 -2.13 5.59 59.62
N HIS A 1133 -2.13 6.54 58.70
CA HIS A 1133 -1.06 7.53 58.69
C HIS A 1133 -1.09 8.40 59.93
N LEU A 1134 -2.17 8.34 60.70
CA LEU A 1134 -2.35 9.09 61.93
C LEU A 1134 -2.26 8.22 63.17
N CYS A 1135 -2.67 6.95 63.07
CA CYS A 1135 -2.44 6.04 64.17
C CYS A 1135 -0.96 5.72 64.34
N ARG A 1136 -0.15 5.95 63.32
CA ARG A 1136 1.29 5.89 63.45
C ARG A 1136 1.90 7.17 63.99
N ILE A 1137 1.08 8.14 64.36
CA ILE A 1137 1.57 9.28 65.13
C ILE A 1137 0.90 9.39 66.49
N ILE A 1138 -0.24 8.73 66.71
CA ILE A 1138 -0.79 8.68 68.05
C ILE A 1138 0.02 7.75 68.95
N GLU A 1139 0.84 6.87 68.38
CA GLU A 1139 1.75 6.05 69.15
C GLU A 1139 3.19 6.54 69.07
N LYS A 1140 3.38 7.83 68.80
CA LYS A 1140 4.68 8.46 68.95
C LYS A 1140 4.65 9.60 69.96
N LYS A 1141 3.50 10.21 70.21
CA LYS A 1141 3.39 11.27 71.20
C LYS A 1141 2.52 10.88 72.38
N HIS A 1142 1.38 10.24 72.14
CA HIS A 1142 0.47 9.85 73.21
C HIS A 1142 0.89 8.56 73.90
N VAL A 1143 2.04 8.00 73.52
CA VAL A 1143 2.71 7.03 74.39
C VAL A 1143 3.28 7.75 75.61
N SER A 1144 3.57 9.05 75.48
CA SER A 1144 4.03 9.88 76.58
C SER A 1144 3.07 11.01 76.90
N LEU A 1145 2.69 11.80 75.90
CA LEU A 1145 1.86 12.98 76.14
C LEU A 1145 0.44 12.55 76.42
N ASN A 1146 0.07 12.53 77.70
CA ASN A 1146 -1.28 12.26 78.14
C ASN A 1146 -1.58 13.19 79.30
N LYS A 1147 -2.60 14.02 79.15
CA LYS A 1147 -2.96 14.99 80.18
C LYS A 1147 -4.41 15.37 80.02
N ALA A 1148 -4.95 16.03 81.04
CA ALA A 1148 -6.31 16.55 81.00
C ALA A 1148 -6.31 18.04 80.64
N LYS A 1149 -5.83 18.33 79.44
CA LYS A 1149 -5.77 19.69 78.93
C LYS A 1149 -7.14 20.08 78.37
N LYS A 1150 -7.18 21.19 77.63
CA LYS A 1150 -8.41 21.67 77.01
C LYS A 1150 -8.52 21.10 75.61
N ARG A 1151 -9.46 20.17 75.41
CA ARG A 1151 -9.55 19.37 74.20
C ARG A 1151 -10.85 19.65 73.47
N ARG A 1152 -10.89 19.26 72.19
CA ARG A 1152 -12.01 19.55 71.31
C ARG A 1152 -12.82 18.28 71.05
N LEU A 1153 -14.16 18.43 71.00
CA LEU A 1153 -15.07 17.29 70.92
C LEU A 1153 -15.38 16.95 69.48
N PRO A 1154 -15.28 15.69 69.08
CA PRO A 1154 -15.74 15.27 67.75
C PRO A 1154 -17.19 14.87 67.74
N ARG A 1155 -17.64 14.35 66.60
CA ARG A 1155 -19.06 14.07 66.36
C ARG A 1155 -19.47 12.77 67.04
N GLY A 1156 -20.18 12.88 68.16
CA GLY A 1156 -20.82 11.72 68.76
C GLY A 1156 -20.63 11.54 70.25
N PHE A 1157 -19.47 11.93 70.77
CA PHE A 1157 -19.14 11.65 72.16
C PHE A 1157 -19.84 12.65 73.08
N PRO A 1158 -20.04 12.29 74.36
CA PRO A 1158 -20.58 13.27 75.30
C PRO A 1158 -19.55 14.34 75.62
N PRO A 1159 -19.98 15.57 75.89
CA PRO A 1159 -19.02 16.66 76.15
C PRO A 1159 -18.44 16.62 77.55
N SER A 1160 -17.18 17.01 77.64
CA SER A 1160 -16.46 17.03 78.91
C SER A 1160 -15.40 18.12 78.84
N ALA A 1161 -14.42 18.08 79.74
CA ALA A 1161 -13.29 18.99 79.69
C ALA A 1161 -12.03 18.35 79.12
N SER A 1162 -11.97 17.03 79.06
CA SER A 1162 -10.85 16.32 78.44
C SER A 1162 -11.35 15.01 77.85
N LEU A 1163 -10.68 14.56 76.80
CA LEU A 1163 -10.99 13.35 76.05
C LEU A 1163 -9.73 12.55 75.79
N CYS A 1164 -8.96 12.29 76.86
CA CYS A 1164 -7.54 11.92 76.80
C CYS A 1164 -7.22 10.69 75.96
N LEU A 1165 -7.58 9.49 76.42
CA LEU A 1165 -7.74 8.37 75.50
C LEU A 1165 -8.90 7.45 75.86
N LEU A 1166 -9.33 7.42 77.12
CA LEU A 1166 -10.02 6.26 77.69
C LEU A 1166 -11.43 6.08 77.17
N ASP A 1167 -12.07 7.14 76.68
CA ASP A 1167 -13.40 7.01 76.13
C ASP A 1167 -13.40 6.62 74.67
N LEU A 1168 -12.28 6.86 73.97
CA LEU A 1168 -12.18 6.43 72.58
C LEU A 1168 -12.24 4.92 72.47
N VAL A 1169 -11.51 4.21 73.34
CA VAL A 1169 -11.53 2.76 73.32
C VAL A 1169 -12.86 2.21 73.82
N LYS A 1170 -13.55 2.96 74.67
CA LYS A 1170 -14.88 2.51 75.12
C LYS A 1170 -15.90 2.67 74.01
N TRP A 1171 -15.81 3.76 73.23
CA TRP A 1171 -16.63 3.90 72.03
C TRP A 1171 -16.31 2.82 71.02
N LEU A 1172 -15.03 2.45 70.91
CA LEU A 1172 -14.62 1.39 70.01
C LEU A 1172 -15.25 0.06 70.42
N LEU A 1173 -15.09 -0.32 71.70
CA LEU A 1173 -15.66 -1.55 72.22
C LEU A 1173 -17.17 -1.53 72.30
N ALA A 1174 -17.79 -0.35 72.22
CA ALA A 1174 -19.24 -0.26 72.03
C ALA A 1174 -19.64 -0.28 70.57
N HIS A 1175 -18.70 -0.09 69.64
CA HIS A 1175 -19.00 -0.15 68.21
C HIS A 1175 -18.17 -1.20 67.48
N CYS A 1176 -17.72 -2.24 68.18
CA CYS A 1176 -17.11 -3.39 67.51
C CYS A 1176 -18.12 -4.37 66.98
N GLY A 1177 -19.41 -4.11 67.14
CA GLY A 1177 -20.42 -4.96 66.55
C GLY A 1177 -21.21 -4.16 65.54
N ARG A 1178 -20.62 -3.05 65.12
CA ARG A 1178 -21.18 -2.23 64.07
C ARG A 1178 -21.20 -3.03 62.78
N PRO A 1179 -22.33 -3.17 62.11
CA PRO A 1179 -22.42 -4.04 60.93
C PRO A 1179 -21.79 -3.47 59.68
N GLN A 1180 -21.04 -2.38 59.76
CA GLN A 1180 -20.22 -1.89 58.65
C GLN A 1180 -18.84 -2.53 58.76
N THR A 1181 -18.53 -3.43 57.81
CA THR A 1181 -17.48 -4.44 58.03
C THR A 1181 -16.08 -3.84 58.02
N GLU A 1182 -15.80 -2.91 57.10
CA GLU A 1182 -14.47 -2.34 57.03
C GLU A 1182 -14.22 -1.37 58.17
N CYS A 1183 -15.26 -0.91 58.85
CA CYS A 1183 -15.08 -0.16 60.09
C CYS A 1183 -14.91 -1.10 61.28
N ARG A 1184 -15.60 -2.25 61.24
CA ARG A 1184 -15.56 -3.20 62.34
C ARG A 1184 -14.17 -3.82 62.47
N HIS A 1185 -13.55 -4.15 61.32
CA HIS A 1185 -12.20 -4.71 61.31
C HIS A 1185 -11.20 -3.75 61.93
N LYS A 1186 -11.24 -2.51 61.48
CA LYS A 1186 -10.31 -1.45 61.96
C LYS A 1186 -10.57 -1.13 63.44
N SER A 1187 -11.83 -1.17 63.89
CA SER A 1187 -12.10 -0.85 65.29
C SER A 1187 -11.62 -1.96 66.22
N ILE A 1188 -11.77 -3.22 65.81
CA ILE A 1188 -11.23 -4.33 66.60
C ILE A 1188 -9.71 -4.28 66.63
N GLU A 1189 -9.09 -4.01 65.48
CA GLU A 1189 -7.63 -3.92 65.40
C GLU A 1189 -7.10 -2.77 66.25
N LEU A 1190 -7.78 -1.63 66.22
CA LEU A 1190 -7.38 -0.52 67.05
C LEU A 1190 -7.69 -0.77 68.52
N PHE A 1191 -8.67 -1.61 68.82
CA PHE A 1191 -8.93 -2.00 70.20
C PHE A 1191 -7.75 -2.77 70.77
N TYR A 1192 -7.25 -3.74 70.01
CA TYR A 1192 -6.10 -4.52 70.45
C TYR A 1192 -4.83 -3.70 70.53
N LYS A 1193 -4.61 -2.77 69.61
CA LYS A 1193 -3.40 -1.97 69.66
C LYS A 1193 -3.58 -0.66 70.42
N PHE A 1194 -4.74 -0.46 71.05
CA PHE A 1194 -4.96 0.69 71.91
C PHE A 1194 -5.20 0.36 73.37
N VAL A 1195 -5.52 -0.89 73.71
CA VAL A 1195 -5.56 -1.27 75.13
C VAL A 1195 -4.21 -1.11 75.85
N PRO A 1196 -2.98 -1.59 75.27
CA PRO A 1196 -1.78 -1.51 76.10
C PRO A 1196 -1.10 -0.15 76.04
N LEU A 1197 -1.87 0.91 76.30
CA LEU A 1197 -1.27 2.23 76.43
C LEU A 1197 -1.90 3.06 77.56
N LEU A 1198 -2.61 2.43 78.47
CA LEU A 1198 -3.02 3.07 79.71
C LEU A 1198 -1.80 3.33 80.59
N PRO A 1199 -1.91 4.26 81.56
CA PRO A 1199 -0.79 4.46 82.50
C PRO A 1199 -0.48 3.27 83.40
N GLY A 1200 -1.34 2.25 83.45
CA GLY A 1200 -0.98 0.99 84.05
C GLY A 1200 -0.18 0.07 83.16
N ASN A 1201 0.00 0.44 81.88
CA ASN A 1201 0.66 -0.36 80.85
C ASN A 1201 0.07 -1.75 80.78
N ARG A 1202 -1.25 -1.80 80.60
CA ARG A 1202 -2.02 -3.01 80.82
C ARG A 1202 -1.93 -3.94 79.62
N SER A 1203 -2.80 -4.94 79.60
CA SER A 1203 -2.89 -5.94 78.57
C SER A 1203 -4.35 -6.30 78.41
N PRO A 1204 -4.76 -6.89 77.29
CA PRO A 1204 -6.19 -7.23 77.13
C PRO A 1204 -6.68 -8.27 78.11
N ASN A 1205 -5.83 -9.23 78.50
CA ASN A 1205 -6.27 -10.34 79.33
C ASN A 1205 -6.69 -9.90 80.74
N LEU A 1206 -6.03 -8.87 81.28
CA LEU A 1206 -6.47 -8.33 82.56
C LEU A 1206 -7.73 -7.50 82.39
N TRP A 1207 -7.84 -6.77 81.29
CA TRP A 1207 -8.71 -5.61 81.23
C TRP A 1207 -10.17 -6.01 81.01
N LEU A 1208 -10.43 -6.91 80.07
CA LEU A 1208 -11.81 -7.17 79.69
C LEU A 1208 -12.52 -8.03 80.74
N LYS A 1209 -11.82 -9.02 81.31
CA LYS A 1209 -12.38 -9.72 82.47
C LYS A 1209 -12.43 -8.81 83.69
N ASP A 1210 -11.47 -7.89 83.80
CA ASP A 1210 -11.42 -6.94 84.92
C ASP A 1210 -12.59 -5.99 84.91
N VAL A 1211 -13.14 -5.69 83.74
CA VAL A 1211 -14.37 -4.90 83.70
C VAL A 1211 -15.63 -5.76 83.59
N LEU A 1212 -15.51 -7.01 83.14
CA LEU A 1212 -16.69 -7.87 83.08
C LEU A 1212 -17.11 -8.33 84.45
N LYS A 1213 -16.16 -8.42 85.39
CA LYS A 1213 -16.52 -8.76 86.77
C LYS A 1213 -17.25 -7.65 87.49
N GLU A 1214 -17.15 -6.40 87.00
CA GLU A 1214 -17.64 -5.25 87.77
C GLU A 1214 -18.51 -4.32 86.94
N GLU A 1215 -19.05 -4.77 85.82
CA GLU A 1215 -19.97 -3.92 85.07
C GLU A 1215 -21.18 -4.68 84.52
N GLY A 1216 -21.33 -5.95 84.83
CA GLY A 1216 -22.48 -6.69 84.37
C GLY A 1216 -22.11 -7.67 83.27
N VAL A 1217 -22.65 -8.88 83.35
CA VAL A 1217 -22.33 -9.92 82.38
C VAL A 1217 -23.03 -9.67 81.06
N SER A 1218 -24.27 -9.15 81.10
CA SER A 1218 -24.97 -8.83 79.86
C SER A 1218 -24.49 -7.53 79.23
N PHE A 1219 -23.72 -6.73 79.98
CA PHE A 1219 -23.19 -5.47 79.45
C PHE A 1219 -22.17 -5.73 78.36
N LEU A 1220 -21.36 -6.77 78.51
CA LEU A 1220 -20.48 -7.23 77.44
C LEU A 1220 -21.14 -8.25 76.54
N ILE A 1221 -22.45 -8.46 76.67
CA ILE A 1221 -23.19 -9.28 75.74
C ILE A 1221 -23.90 -8.42 74.72
N ASN A 1222 -24.59 -7.37 75.18
CA ASN A 1222 -25.36 -6.52 74.26
C ASN A 1222 -24.47 -5.69 73.35
N THR A 1223 -23.22 -5.42 73.75
CA THR A 1223 -22.27 -4.80 72.84
C THR A 1223 -21.60 -5.81 71.91
N PHE A 1224 -22.02 -7.07 71.96
CA PHE A 1224 -21.62 -8.10 71.01
C PHE A 1224 -22.76 -8.50 70.09
N GLU A 1225 -23.97 -8.68 70.65
CA GLU A 1225 -25.15 -9.00 69.85
C GLU A 1225 -25.68 -7.78 69.14
N GLY A 1226 -25.43 -6.59 69.68
CA GLY A 1226 -25.90 -5.37 69.08
C GLY A 1226 -27.38 -5.14 69.33
N GLY A 1227 -27.92 -4.18 68.58
CA GLY A 1227 -29.33 -3.85 68.69
C GLY A 1227 -30.18 -4.63 67.71
N GLY A 1228 -29.73 -5.83 67.35
CA GLY A 1228 -30.43 -6.66 66.40
C GLY A 1228 -30.62 -8.10 66.87
N CYS A 1229 -30.72 -8.30 68.19
CA CYS A 1229 -31.09 -9.61 68.71
C CYS A 1229 -32.56 -9.89 68.44
N GLY A 1230 -33.42 -8.93 68.73
CA GLY A 1230 -34.83 -9.05 68.42
C GLY A 1230 -35.11 -8.91 66.94
N LEU A 1241 -40.49 -15.72 61.67
CA LEU A 1241 -41.05 -15.34 60.38
C LEU A 1241 -40.47 -16.20 59.27
N LEU A 1242 -41.25 -17.18 58.81
CA LEU A 1242 -40.84 -18.13 57.78
C LEU A 1242 -41.16 -17.63 56.38
N TYR A 1243 -41.25 -16.32 56.19
CA TYR A 1243 -41.49 -15.71 54.89
C TYR A 1243 -40.25 -15.69 54.01
N LEU A 1244 -39.12 -16.19 54.49
CA LEU A 1244 -37.84 -16.11 53.80
C LEU A 1244 -37.34 -17.45 53.27
N ARG A 1245 -38.09 -18.54 53.47
CA ARG A 1245 -37.66 -19.84 52.97
C ARG A 1245 -37.69 -19.91 51.45
N GLY A 1246 -38.52 -19.08 50.81
CA GLY A 1246 -38.34 -18.82 49.41
C GLY A 1246 -37.08 -18.00 49.25
N PRO A 1247 -36.16 -18.46 48.38
CA PRO A 1247 -34.88 -17.76 48.24
C PRO A 1247 -35.03 -16.43 47.54
N PHE A 1248 -34.93 -15.34 48.29
CA PHE A 1248 -35.18 -14.01 47.75
C PHE A 1248 -34.45 -12.99 48.61
N SER A 1249 -34.50 -11.73 48.19
CA SER A 1249 -33.62 -10.68 48.69
C SER A 1249 -34.42 -9.48 49.21
N LEU A 1250 -35.38 -9.75 50.08
CA LEU A 1250 -36.03 -8.66 50.82
C LEU A 1250 -34.99 -7.98 51.71
N GLN A 1251 -35.00 -6.65 51.69
CA GLN A 1251 -33.96 -5.85 52.34
C GLN A 1251 -33.97 -5.98 53.86
N ALA A 1252 -35.04 -6.52 54.45
CA ALA A 1252 -35.00 -6.84 55.86
C ALA A 1252 -34.13 -8.06 56.12
N THR A 1253 -34.20 -9.06 55.24
CA THR A 1253 -33.45 -10.28 55.44
C THR A 1253 -31.94 -10.04 55.34
N LEU A 1254 -31.52 -9.23 54.36
CA LEU A 1254 -30.10 -8.97 54.17
C LEU A 1254 -29.54 -8.17 55.34
N CYS A 1255 -30.32 -7.23 55.86
CA CYS A 1255 -29.85 -6.46 57.00
C CYS A 1255 -29.82 -7.31 58.27
N TRP A 1256 -30.76 -8.25 58.43
CA TRP A 1256 -30.64 -9.14 59.58
C TRP A 1256 -29.45 -10.08 59.44
N LEU A 1257 -29.16 -10.51 58.21
CA LEU A 1257 -27.97 -11.32 57.95
C LEU A 1257 -26.69 -10.58 58.31
N ASP A 1258 -26.64 -9.30 57.96
CA ASP A 1258 -25.52 -8.44 58.33
C ASP A 1258 -25.39 -8.33 59.85
N LEU A 1259 -26.54 -8.21 60.55
CA LEU A 1259 -26.51 -8.16 62.02
C LEU A 1259 -25.97 -9.46 62.61
N LEU A 1260 -26.40 -10.58 62.04
CA LEU A 1260 -25.95 -11.90 62.50
C LEU A 1260 -24.46 -12.07 62.27
N LEU A 1261 -23.96 -11.59 61.13
CA LEU A 1261 -22.54 -11.69 60.84
C LEU A 1261 -21.71 -10.83 61.78
N ALA A 1262 -22.22 -9.65 62.14
CA ALA A 1262 -21.54 -8.82 63.14
C ALA A 1262 -21.48 -9.54 64.48
N ALA A 1263 -22.59 -10.15 64.88
CA ALA A 1263 -22.64 -10.93 66.12
C ALA A 1263 -21.77 -12.17 66.05
N LEU A 1264 -21.49 -12.66 64.86
CA LEU A 1264 -20.72 -13.87 64.68
C LEU A 1264 -19.22 -13.60 64.67
N GLU A 1265 -18.81 -12.49 64.06
CA GLU A 1265 -17.40 -12.16 63.99
C GLU A 1265 -16.95 -11.32 65.16
N CYS A 1266 -17.84 -10.91 66.05
CA CYS A 1266 -17.38 -10.27 67.28
C CYS A 1266 -16.67 -11.26 68.18
N TYR A 1267 -17.26 -12.43 68.40
CA TYR A 1267 -16.68 -13.45 69.27
C TYR A 1267 -15.41 -14.06 68.69
N ASN A 1268 -15.28 -14.05 67.37
CA ASN A 1268 -14.28 -14.86 66.67
C ASN A 1268 -12.86 -14.42 66.96
N THR A 1269 -12.65 -13.21 67.46
CA THR A 1269 -11.32 -12.83 67.90
C THR A 1269 -11.17 -12.78 69.41
N PHE A 1270 -12.24 -12.55 70.17
CA PHE A 1270 -12.09 -12.49 71.61
C PHE A 1270 -11.96 -13.87 72.23
N ILE A 1271 -12.63 -14.86 71.64
CA ILE A 1271 -12.43 -16.23 72.09
C ILE A 1271 -11.08 -16.76 71.61
N GLY A 1272 -10.72 -16.44 70.36
CA GLY A 1272 -9.45 -16.88 69.80
C GLY A 1272 -8.24 -16.29 70.47
N GLU A 1273 -8.36 -15.11 71.04
CA GLU A 1273 -7.30 -14.61 71.89
C GLU A 1273 -7.57 -14.98 73.35
N ARG A 1274 -6.56 -14.78 74.19
CA ARG A 1274 -6.62 -15.09 75.61
C ARG A 1274 -7.19 -13.95 76.44
N THR A 1275 -7.97 -13.08 75.82
CA THR A 1275 -8.58 -11.96 76.52
C THR A 1275 -9.72 -12.42 77.43
N VAL A 1276 -10.61 -13.27 76.91
CA VAL A 1276 -11.71 -13.86 77.67
C VAL A 1276 -11.68 -15.37 77.52
N GLY A 1277 -12.50 -16.03 78.34
CA GLY A 1277 -12.75 -17.45 78.20
C GLY A 1277 -13.92 -17.72 77.28
N ALA A 1278 -14.37 -18.97 77.29
CA ALA A 1278 -15.41 -19.43 76.38
C ALA A 1278 -16.68 -19.82 77.11
N LEU A 1279 -16.58 -20.69 78.11
CA LEU A 1279 -17.71 -21.00 78.98
C LEU A 1279 -18.01 -19.88 79.96
N GLN A 1280 -17.09 -18.93 80.11
CA GLN A 1280 -17.35 -17.73 80.90
C GLN A 1280 -18.35 -16.83 80.21
N VAL A 1281 -18.09 -16.50 78.94
CA VAL A 1281 -18.96 -15.58 78.22
C VAL A 1281 -20.27 -16.26 77.85
N LEU A 1282 -20.18 -17.44 77.27
CA LEU A 1282 -21.38 -18.20 76.92
C LEU A 1282 -21.85 -18.99 78.14
N GLY A 1283 -22.79 -19.89 77.93
CA GLY A 1283 -23.26 -20.78 78.96
C GLY A 1283 -24.74 -20.55 79.27
N THR A 1284 -25.21 -21.32 80.24
CA THR A 1284 -26.62 -21.26 80.64
C THR A 1284 -26.88 -20.13 81.65
N GLU A 1285 -25.83 -19.55 82.23
CA GLU A 1285 -26.00 -18.54 83.27
C GLU A 1285 -26.30 -17.15 82.71
N ALA A 1286 -26.35 -16.97 81.40
CA ALA A 1286 -26.55 -15.66 80.80
C ALA A 1286 -27.85 -15.52 80.01
N GLN A 1287 -28.27 -16.58 79.32
CA GLN A 1287 -29.44 -16.62 78.44
C GLN A 1287 -29.35 -15.55 77.36
N SER A 1288 -28.34 -15.71 76.50
CA SER A 1288 -28.13 -14.80 75.39
C SER A 1288 -29.05 -15.16 74.22
N SER A 1289 -28.83 -14.56 73.06
CA SER A 1289 -29.69 -14.80 71.91
C SER A 1289 -28.97 -15.35 70.69
N LEU A 1290 -27.63 -15.37 70.67
CA LEU A 1290 -26.92 -15.87 69.49
C LEU A 1290 -27.03 -17.39 69.40
N LEU A 1291 -27.02 -18.08 70.55
CA LEU A 1291 -27.10 -19.53 70.54
C LEU A 1291 -28.42 -20.02 69.98
N LYS A 1292 -29.50 -19.29 70.26
CA LYS A 1292 -30.80 -19.56 69.65
C LYS A 1292 -30.86 -19.03 68.23
N ALA A 1293 -30.12 -17.96 67.94
CA ALA A 1293 -30.20 -17.32 66.64
C ALA A 1293 -29.58 -18.19 65.56
N VAL A 1294 -28.48 -18.87 65.88
CA VAL A 1294 -27.84 -19.73 64.88
C VAL A 1294 -28.70 -20.96 64.61
N ALA A 1295 -29.44 -21.44 65.61
CA ALA A 1295 -30.35 -22.56 65.38
C ALA A 1295 -31.56 -22.13 64.57
N PHE A 1296 -32.03 -20.89 64.78
CA PHE A 1296 -33.05 -20.33 63.91
C PHE A 1296 -32.53 -20.20 62.49
N PHE A 1297 -31.25 -19.85 62.36
CA PHE A 1297 -30.62 -19.70 61.05
C PHE A 1297 -30.47 -21.03 60.34
N LEU A 1298 -30.24 -22.10 61.10
CA LEU A 1298 -29.94 -23.40 60.54
C LEU A 1298 -31.20 -24.23 60.27
N GLU A 1299 -32.32 -23.58 60.00
CA GLU A 1299 -33.56 -24.25 59.60
C GLU A 1299 -33.77 -24.22 58.09
N SER A 1300 -33.74 -23.02 57.49
CA SER A 1300 -33.91 -22.86 56.05
C SER A 1300 -32.70 -22.16 55.44
N ILE A 1301 -31.50 -22.52 55.91
CA ILE A 1301 -30.28 -21.97 55.33
C ILE A 1301 -30.03 -22.58 53.96
N ALA A 1302 -30.31 -23.87 53.79
CA ALA A 1302 -30.18 -24.54 52.51
C ALA A 1302 -31.43 -24.41 51.66
N MET A 1303 -32.24 -23.37 51.90
CA MET A 1303 -33.50 -23.07 51.21
C MET A 1303 -34.48 -24.23 51.27
N SER A 1323 -36.07 -10.66 39.03
CA SER A 1323 -36.08 -11.38 40.30
C SER A 1323 -35.03 -12.50 40.43
N PRO A 1324 -34.67 -13.20 39.34
CA PRO A 1324 -33.38 -13.94 39.40
C PRO A 1324 -32.18 -13.01 39.43
N GLN A 1325 -32.32 -11.78 38.94
CA GLN A 1325 -31.23 -10.81 38.97
C GLN A 1325 -30.93 -10.30 40.37
N GLU A 1326 -31.81 -10.53 41.33
CA GLU A 1326 -31.57 -10.20 42.73
C GLU A 1326 -31.46 -11.44 43.60
N GLY A 1327 -31.63 -12.64 43.04
CA GLY A 1327 -31.53 -13.84 43.85
C GLY A 1327 -30.11 -14.16 44.26
N GLU A 1328 -29.17 -14.09 43.31
CA GLU A 1328 -27.77 -14.35 43.61
C GLU A 1328 -27.17 -13.28 44.50
N ARG A 1329 -27.73 -12.06 44.48
CA ARG A 1329 -27.32 -11.04 45.43
C ARG A 1329 -27.63 -11.48 46.85
N TYR A 1330 -28.75 -12.17 47.04
CA TYR A 1330 -29.04 -12.75 48.35
C TYR A 1330 -28.15 -13.95 48.60
N ASN A 1331 -27.83 -14.72 47.55
CA ASN A 1331 -27.07 -15.95 47.71
C ASN A 1331 -25.64 -15.69 48.15
N TYR A 1332 -25.05 -14.59 47.68
CA TYR A 1332 -23.68 -14.26 48.08
C TYR A 1332 -23.60 -13.93 49.57
N SER A 1333 -24.51 -13.10 50.04
CA SER A 1333 -24.47 -12.75 51.46
C SER A 1333 -25.02 -13.87 52.34
N LYS A 1334 -25.73 -14.84 51.77
CA LYS A 1334 -26.05 -16.03 52.54
C LYS A 1334 -24.84 -16.94 52.66
N CYS A 1335 -24.05 -17.06 51.59
CA CYS A 1335 -22.89 -17.93 51.63
C CYS A 1335 -21.69 -17.30 52.30
N THR A 1336 -21.68 -16.00 52.55
CA THR A 1336 -20.53 -15.44 53.24
C THR A 1336 -20.56 -15.64 54.74
N VAL A 1337 -21.60 -16.26 55.29
CA VAL A 1337 -21.71 -16.42 56.74
C VAL A 1337 -21.57 -17.87 57.18
N VAL A 1338 -21.79 -18.86 56.31
CA VAL A 1338 -21.61 -20.24 56.72
C VAL A 1338 -20.14 -20.55 56.92
N VAL A 1339 -19.27 -19.84 56.20
CA VAL A 1339 -17.84 -19.97 56.42
C VAL A 1339 -17.46 -19.42 57.79
N ARG A 1340 -18.10 -18.33 58.21
CA ARG A 1340 -17.84 -17.80 59.54
C ARG A 1340 -18.40 -18.70 60.64
N ILE A 1341 -19.52 -19.37 60.37
CA ILE A 1341 -20.05 -20.39 61.28
C ILE A 1341 -19.06 -21.54 61.44
N MET A 1342 -18.50 -22.01 60.31
CA MET A 1342 -17.53 -23.09 60.35
C MET A 1342 -16.25 -22.68 61.08
N GLU A 1343 -15.79 -21.45 60.85
CA GLU A 1343 -14.61 -20.95 61.55
C GLU A 1343 -14.89 -20.76 63.04
N PHE A 1344 -16.11 -20.39 63.41
CA PHE A 1344 -16.44 -20.26 64.83
C PHE A 1344 -16.47 -21.61 65.53
N THR A 1345 -17.08 -22.62 64.87
CA THR A 1345 -17.06 -23.98 65.40
C THR A 1345 -15.65 -24.52 65.51
N THR A 1346 -14.76 -24.10 64.61
CA THR A 1346 -13.36 -24.48 64.75
C THR A 1346 -12.71 -23.79 65.95
N THR A 1347 -12.82 -22.46 66.03
CA THR A 1347 -12.07 -21.71 67.03
C THR A 1347 -12.62 -21.84 68.43
N LEU A 1348 -13.83 -22.37 68.62
CA LEU A 1348 -14.34 -22.50 69.97
C LEU A 1348 -13.68 -23.67 70.70
N LEU A 1349 -13.38 -24.75 69.99
CA LEU A 1349 -12.94 -25.98 70.63
C LEU A 1349 -11.47 -25.92 70.99
N ASN A 1350 -10.62 -25.54 70.03
CA ASN A 1350 -9.19 -25.75 70.14
C ASN A 1350 -8.48 -24.70 70.99
N THR A 1351 -9.21 -23.93 71.80
CA THR A 1351 -8.60 -22.96 72.70
C THR A 1351 -8.73 -23.34 74.17
N SER A 1352 -9.74 -24.15 74.53
CA SER A 1352 -9.93 -24.65 75.89
C SER A 1352 -10.82 -25.89 75.84
N PRO A 1353 -10.27 -27.07 75.50
CA PRO A 1353 -11.10 -28.27 75.30
C PRO A 1353 -11.59 -28.89 76.61
N GLU A 1354 -12.35 -28.10 77.37
CA GLU A 1354 -13.05 -28.59 78.55
C GLU A 1354 -14.49 -28.10 78.56
N GLY A 1355 -14.89 -27.34 77.56
CA GLY A 1355 -16.24 -26.81 77.45
C GLY A 1355 -16.95 -27.33 76.23
N TRP A 1356 -16.85 -28.64 75.96
CA TRP A 1356 -17.47 -29.20 74.75
C TRP A 1356 -18.99 -29.14 74.84
N LYS A 1357 -19.55 -29.58 75.96
CA LYS A 1357 -20.98 -29.85 76.06
C LYS A 1357 -21.84 -28.57 76.23
N LEU A 1358 -21.23 -27.38 76.22
CA LEU A 1358 -22.06 -26.18 76.30
C LEU A 1358 -22.82 -25.92 75.00
N LEU A 1359 -22.35 -26.42 73.87
CA LEU A 1359 -23.13 -26.34 72.65
C LEU A 1359 -24.17 -27.46 72.65
N LYS A 1360 -25.21 -27.27 71.83
CA LYS A 1360 -26.32 -28.20 71.75
C LYS A 1360 -25.98 -29.30 70.74
N LYS A 1361 -26.97 -30.09 70.36
CA LYS A 1361 -26.73 -31.24 69.50
C LYS A 1361 -27.37 -31.11 68.12
N ASP A 1362 -28.01 -29.97 67.81
CA ASP A 1362 -28.50 -29.75 66.44
C ASP A 1362 -27.34 -29.56 65.48
N LEU A 1363 -26.27 -28.91 65.94
CA LEU A 1363 -25.02 -28.85 65.20
C LEU A 1363 -24.32 -30.18 65.18
N CYS A 1364 -24.65 -31.08 66.11
CA CYS A 1364 -24.22 -32.45 66.08
C CYS A 1364 -25.23 -33.36 65.38
N ASN A 1365 -26.03 -32.81 64.47
CA ASN A 1365 -27.15 -33.53 63.88
C ASN A 1365 -27.15 -33.22 62.38
N THR A 1366 -28.28 -33.47 61.73
CA THR A 1366 -28.39 -33.51 60.28
C THR A 1366 -28.71 -32.12 59.71
N HIS A 1367 -28.19 -31.08 60.37
CA HIS A 1367 -28.14 -29.75 59.77
C HIS A 1367 -26.71 -29.30 59.54
N LEU A 1368 -25.87 -29.24 60.58
CA LEU A 1368 -24.48 -28.87 60.39
C LEU A 1368 -23.70 -30.00 59.75
N MET A 1369 -23.94 -31.23 60.19
CA MET A 1369 -23.36 -32.39 59.52
C MET A 1369 -24.13 -32.79 58.27
N ARG A 1370 -25.08 -31.97 57.82
CA ARG A 1370 -25.59 -32.03 56.46
C ARG A 1370 -24.90 -31.00 55.56
N VAL A 1371 -24.79 -29.76 56.04
CA VAL A 1371 -24.15 -28.73 55.22
C VAL A 1371 -22.64 -28.95 55.12
N LEU A 1372 -22.04 -29.66 56.08
CA LEU A 1372 -20.62 -29.98 55.95
C LEU A 1372 -20.39 -30.97 54.83
N VAL A 1373 -21.27 -31.97 54.72
CA VAL A 1373 -21.19 -32.88 53.59
C VAL A 1373 -21.59 -32.18 52.30
N GLN A 1374 -22.39 -31.11 52.38
CA GLN A 1374 -22.69 -30.35 51.18
C GLN A 1374 -21.47 -29.56 50.70
N THR A 1375 -20.81 -28.83 51.59
CA THR A 1375 -19.58 -28.12 51.20
C THR A 1375 -18.39 -29.06 51.02
N LEU A 1376 -18.52 -30.33 51.38
CA LEU A 1376 -17.53 -31.33 51.04
C LEU A 1376 -17.75 -31.88 49.63
N CYS A 1377 -18.87 -32.53 49.40
CA CYS A 1377 -19.21 -33.06 48.09
C CYS A 1377 -20.43 -32.33 47.55
N GLU A 1378 -20.29 -31.79 46.35
CA GLU A 1378 -21.27 -30.99 45.62
C GLU A 1378 -21.83 -29.82 46.43
N PRO A 1379 -21.07 -28.70 46.66
CA PRO A 1379 -21.68 -27.45 47.10
C PRO A 1379 -22.16 -26.57 45.94
N ALA A 1380 -22.81 -27.19 44.96
CA ALA A 1380 -23.65 -26.50 44.00
C ALA A 1380 -25.11 -26.58 44.39
N SER A 1381 -25.37 -26.79 45.67
CA SER A 1381 -26.72 -26.91 46.20
C SER A 1381 -27.06 -25.82 47.18
N ILE A 1382 -26.23 -25.58 48.19
CA ILE A 1382 -26.61 -24.67 49.27
C ILE A 1382 -26.45 -23.21 48.90
N GLY A 1383 -25.98 -22.91 47.71
CA GLY A 1383 -25.87 -21.55 47.24
C GLY A 1383 -24.48 -21.11 46.83
N PHE A 1384 -23.45 -21.94 47.02
CA PHE A 1384 -22.13 -21.58 46.53
C PHE A 1384 -22.10 -21.68 45.02
N ASN A 1385 -22.32 -20.56 44.35
CA ASN A 1385 -22.09 -20.48 42.92
C ASN A 1385 -20.59 -20.45 42.65
N ILE A 1386 -20.19 -20.97 41.50
CA ILE A 1386 -18.80 -20.92 41.06
C ILE A 1386 -18.74 -19.97 39.87
N GLY A 1387 -17.70 -19.15 39.84
CA GLY A 1387 -17.65 -17.97 39.01
C GLY A 1387 -16.97 -16.91 39.83
N ASP A 1388 -16.75 -17.26 41.09
CA ASP A 1388 -15.92 -16.50 41.99
C ASP A 1388 -14.52 -17.09 42.00
N VAL A 1389 -13.61 -16.44 42.72
CA VAL A 1389 -12.28 -17.00 42.96
C VAL A 1389 -11.89 -16.99 44.42
N GLN A 1390 -12.58 -16.26 45.30
CA GLN A 1390 -12.19 -16.23 46.69
C GLN A 1390 -12.82 -17.36 47.48
N VAL A 1391 -14.16 -17.48 47.43
CA VAL A 1391 -14.82 -18.50 48.24
C VAL A 1391 -14.60 -19.89 47.66
N MET A 1392 -14.46 -20.00 46.33
CA MET A 1392 -14.16 -21.29 45.71
C MET A 1392 -12.78 -21.80 46.10
N ALA A 1393 -11.84 -20.90 46.36
CA ALA A 1393 -10.54 -21.29 46.86
C ALA A 1393 -10.51 -21.43 48.36
N HIS A 1394 -11.45 -20.81 49.06
CA HIS A 1394 -11.44 -20.84 50.52
C HIS A 1394 -12.34 -21.90 51.13
N LEU A 1395 -13.11 -22.64 50.33
CA LEU A 1395 -13.84 -23.78 50.88
C LEU A 1395 -12.92 -24.91 51.39
N PRO A 1396 -12.02 -25.50 50.60
CA PRO A 1396 -11.27 -26.64 51.12
C PRO A 1396 -10.09 -26.27 51.99
N ASP A 1397 -9.97 -25.01 52.43
CA ASP A 1397 -9.06 -24.67 53.50
C ASP A 1397 -9.77 -24.59 54.83
N VAL A 1398 -11.10 -24.44 54.82
CA VAL A 1398 -11.86 -24.39 56.07
C VAL A 1398 -12.58 -25.71 56.36
N CYS A 1399 -12.95 -26.49 55.34
CA CYS A 1399 -13.53 -27.81 55.57
C CYS A 1399 -12.54 -28.73 56.27
N VAL A 1400 -11.29 -28.70 55.82
CA VAL A 1400 -10.28 -29.62 56.34
C VAL A 1400 -9.84 -29.19 57.75
N ASN A 1401 -9.73 -27.89 57.99
CA ASN A 1401 -9.38 -27.45 59.34
C ASN A 1401 -10.54 -27.64 60.32
N LEU A 1402 -11.78 -27.60 59.84
CA LEU A 1402 -12.91 -27.93 60.69
C LEU A 1402 -12.92 -29.42 61.02
N MET A 1403 -12.61 -30.27 60.03
CA MET A 1403 -12.58 -31.71 60.30
C MET A 1403 -11.45 -32.08 61.24
N LYS A 1404 -10.30 -31.44 61.09
CA LYS A 1404 -9.21 -31.62 62.05
C LYS A 1404 -9.54 -31.01 63.40
N ALA A 1405 -10.47 -30.06 63.46
CA ALA A 1405 -10.99 -29.57 64.73
C ALA A 1405 -12.07 -30.46 65.31
N LEU A 1406 -12.40 -31.58 64.67
CA LEU A 1406 -13.40 -32.51 65.18
C LEU A 1406 -12.91 -33.92 65.39
N LYS A 1407 -11.77 -34.33 64.81
CA LYS A 1407 -11.23 -35.66 65.10
C LYS A 1407 -10.68 -35.71 66.52
N MET A 1408 -10.09 -34.62 67.00
CA MET A 1408 -9.70 -34.57 68.40
C MET A 1408 -10.89 -34.38 69.32
N SER A 1409 -12.03 -33.94 68.78
CA SER A 1409 -13.23 -33.80 69.59
C SER A 1409 -13.79 -35.15 69.97
N PRO A 1410 -14.46 -35.26 71.13
CA PRO A 1410 -15.08 -36.54 71.51
C PRO A 1410 -16.21 -36.98 70.59
N TYR A 1411 -16.86 -36.07 69.88
CA TYR A 1411 -17.90 -36.45 68.93
C TYR A 1411 -17.34 -36.55 67.52
N LYS A 1412 -16.34 -37.42 67.37
CA LYS A 1412 -15.93 -37.84 66.04
C LYS A 1412 -16.88 -38.88 65.48
N ASP A 1413 -17.67 -39.51 66.34
CA ASP A 1413 -18.48 -40.65 65.93
C ASP A 1413 -19.68 -40.23 65.10
N ILE A 1414 -20.23 -39.03 65.35
CA ILE A 1414 -21.28 -38.51 64.50
C ILE A 1414 -20.75 -38.25 63.09
N LEU A 1415 -19.51 -37.75 62.99
CA LEU A 1415 -18.89 -37.54 61.70
C LEU A 1415 -18.64 -38.86 60.98
N GLU A 1416 -18.18 -39.87 61.71
CA GLU A 1416 -17.92 -41.17 61.10
C GLU A 1416 -19.21 -41.84 60.65
N THR A 1417 -20.24 -41.80 61.49
CA THR A 1417 -21.51 -42.43 61.14
C THR A 1417 -22.27 -41.66 60.07
N HIS A 1418 -21.98 -40.37 59.87
CA HIS A 1418 -22.60 -39.66 58.76
C HIS A 1418 -21.83 -39.89 57.47
N LEU A 1419 -20.52 -39.61 57.48
CA LEU A 1419 -19.71 -39.73 56.28
C LEU A 1419 -19.43 -41.17 55.89
N ARG A 1420 -19.83 -42.15 56.70
CA ARG A 1420 -19.67 -43.55 56.35
C ARG A 1420 -20.79 -44.07 55.45
N GLU A 1421 -21.63 -43.19 54.93
CA GLU A 1421 -22.80 -43.59 54.15
C GLU A 1421 -22.75 -43.15 52.70
N LYS A 1422 -21.83 -42.25 52.33
CA LYS A 1422 -21.85 -41.66 51.00
C LYS A 1422 -20.66 -42.04 50.14
N ILE A 1423 -19.53 -42.39 50.76
CA ILE A 1423 -18.29 -42.59 50.03
C ILE A 1423 -17.83 -44.04 50.20
N THR A 1424 -18.79 -44.95 50.32
CA THR A 1424 -18.49 -46.36 50.54
C THR A 1424 -17.95 -47.00 49.26
N ALA A 1425 -17.60 -48.29 49.37
CA ALA A 1425 -17.02 -49.00 48.24
C ALA A 1425 -18.05 -49.23 47.13
N GLN A 1426 -19.28 -49.59 47.50
CA GLN A 1426 -20.33 -49.81 46.52
C GLN A 1426 -20.72 -48.52 45.83
N SER A 1427 -20.75 -47.41 46.58
CA SER A 1427 -21.00 -46.11 45.95
C SER A 1427 -19.87 -45.72 45.02
N ILE A 1428 -18.64 -46.11 45.33
CA ILE A 1428 -17.51 -45.82 44.44
C ILE A 1428 -17.65 -46.64 43.16
N GLU A 1429 -17.93 -47.94 43.28
CA GLU A 1429 -18.03 -48.79 42.10
C GLU A 1429 -19.29 -48.52 41.30
N GLU A 1430 -20.30 -47.90 41.91
CA GLU A 1430 -21.43 -47.38 41.15
C GLU A 1430 -21.15 -45.99 40.58
N LEU A 1431 -20.16 -45.29 41.11
CA LEU A 1431 -19.67 -44.09 40.45
C LEU A 1431 -18.61 -44.43 39.42
N CYS A 1432 -17.66 -45.30 39.77
CA CYS A 1432 -16.69 -45.80 38.80
C CYS A 1432 -17.38 -46.80 37.87
N ALA A 1433 -17.94 -46.28 36.79
CA ALA A 1433 -18.82 -47.05 35.92
C ALA A 1433 -17.98 -47.90 34.98
N VAL A 1434 -18.64 -48.48 33.98
CA VAL A 1434 -17.96 -49.29 32.97
C VAL A 1434 -17.88 -48.59 31.62
N ASN A 1435 -18.62 -47.49 31.42
CA ASN A 1435 -18.51 -46.64 30.24
C ASN A 1435 -18.07 -45.26 30.70
N LEU A 1436 -16.86 -44.87 30.32
CA LEU A 1436 -16.28 -43.63 30.82
C LEU A 1436 -15.91 -42.63 29.74
N TYR A 1437 -15.46 -43.09 28.58
CA TYR A 1437 -14.92 -42.20 27.56
C TYR A 1437 -15.81 -42.28 26.31
N GLY A 1438 -16.84 -41.44 26.28
CA GLY A 1438 -17.74 -41.37 25.14
C GLY A 1438 -18.18 -39.94 24.87
N PRO A 1439 -19.47 -39.74 24.63
CA PRO A 1439 -20.00 -38.38 24.47
C PRO A 1439 -20.50 -37.74 25.76
N ASP A 1440 -20.39 -38.41 26.90
CA ASP A 1440 -20.81 -37.87 28.19
C ASP A 1440 -19.82 -36.82 28.66
N ALA A 1441 -20.18 -35.55 28.52
CA ALA A 1441 -19.25 -34.47 28.82
C ALA A 1441 -19.21 -34.14 30.31
N GLN A 1442 -20.33 -33.69 30.87
CA GLN A 1442 -20.32 -33.18 32.22
C GLN A 1442 -20.54 -34.29 33.25
N VAL A 1443 -21.38 -35.27 32.92
CA VAL A 1443 -22.14 -36.00 33.92
C VAL A 1443 -21.26 -36.98 34.70
N ASP A 1444 -20.66 -37.95 34.03
CA ASP A 1444 -20.00 -39.04 34.75
C ASP A 1444 -18.64 -38.61 35.28
N ARG A 1445 -17.94 -37.77 34.52
CA ARG A 1445 -16.66 -37.26 34.98
C ARG A 1445 -16.85 -36.31 36.15
N SER A 1446 -17.93 -35.53 36.15
CA SER A 1446 -18.22 -34.69 37.31
C SER A 1446 -18.57 -35.52 38.54
N ARG A 1447 -19.37 -36.58 38.32
CA ARG A 1447 -19.78 -37.44 39.43
C ARG A 1447 -18.61 -38.24 40.00
N LEU A 1448 -17.60 -38.51 39.18
CA LEU A 1448 -16.37 -39.08 39.71
C LEU A 1448 -15.53 -38.04 40.44
N ALA A 1449 -15.38 -36.85 39.84
CA ALA A 1449 -14.46 -35.84 40.36
C ALA A 1449 -14.93 -35.29 41.69
N ALA A 1450 -16.24 -35.35 41.96
CA ALA A 1450 -16.76 -34.95 43.26
C ALA A 1450 -16.17 -35.79 44.39
N VAL A 1451 -16.24 -37.11 44.26
CA VAL A 1451 -15.74 -37.96 45.33
C VAL A 1451 -14.21 -38.00 45.31
N VAL A 1452 -13.58 -37.76 44.16
CA VAL A 1452 -12.11 -37.63 44.13
C VAL A 1452 -11.65 -36.44 44.97
N SER A 1453 -12.28 -35.28 44.76
CA SER A 1453 -11.96 -34.09 45.56
C SER A 1453 -12.28 -34.32 47.03
N ALA A 1454 -13.38 -35.04 47.30
CA ALA A 1454 -13.77 -35.31 48.68
C ALA A 1454 -12.74 -36.15 49.42
N CYS A 1455 -12.30 -37.25 48.80
CA CYS A 1455 -11.31 -38.09 49.47
C CYS A 1455 -9.95 -37.41 49.54
N LYS A 1456 -9.63 -36.52 48.61
CA LYS A 1456 -8.35 -35.81 48.73
C LYS A 1456 -8.38 -34.81 49.88
N GLN A 1457 -9.52 -34.15 50.11
CA GLN A 1457 -9.66 -33.30 51.28
C GLN A 1457 -9.59 -34.12 52.56
N LEU A 1458 -10.15 -35.33 52.53
CA LEU A 1458 -10.07 -36.20 53.70
C LEU A 1458 -8.63 -36.60 53.99
N HIS A 1459 -7.84 -36.87 52.93
CA HIS A 1459 -6.46 -37.26 53.14
C HIS A 1459 -5.61 -36.11 53.64
N ARG A 1460 -5.92 -34.87 53.24
CA ARG A 1460 -5.28 -33.73 53.90
C ARG A 1460 -5.71 -33.62 55.35
N ALA A 1461 -6.97 -33.95 55.65
CA ALA A 1461 -7.46 -33.89 57.02
C ALA A 1461 -6.84 -34.95 57.91
N GLY A 1462 -6.34 -36.04 57.34
CA GLY A 1462 -5.86 -37.11 58.18
C GLY A 1462 -6.95 -37.98 58.76
N LEU A 1463 -8.11 -37.99 58.13
CA LEU A 1463 -9.25 -38.79 58.54
C LEU A 1463 -9.71 -39.55 57.30
N LEU A 1464 -9.04 -40.64 57.02
CA LEU A 1464 -9.49 -41.54 55.97
C LEU A 1464 -9.54 -42.98 56.44
N HIS A 1465 -8.61 -43.40 57.30
CA HIS A 1465 -8.72 -44.72 57.91
C HIS A 1465 -9.70 -44.74 59.06
N ASN A 1466 -10.14 -43.58 59.54
CA ASN A 1466 -11.30 -43.48 60.41
C ASN A 1466 -12.61 -43.44 59.65
N ILE A 1467 -12.57 -43.61 58.33
CA ILE A 1467 -13.80 -43.72 57.55
C ILE A 1467 -13.79 -45.06 56.82
N LEU A 1468 -12.80 -45.26 55.97
CA LEU A 1468 -12.78 -46.45 55.12
C LEU A 1468 -11.58 -47.32 55.47
N PRO A 1469 -11.80 -48.49 56.08
CA PRO A 1469 -10.74 -49.50 56.15
C PRO A 1469 -10.83 -50.48 55.00
N SER A 1470 -9.75 -51.24 54.85
CA SER A 1470 -9.61 -52.19 53.76
C SER A 1470 -10.25 -53.53 54.12
N GLN A 1471 -10.00 -54.55 53.31
CA GLN A 1471 -10.44 -55.89 53.64
C GLN A 1471 -9.51 -56.50 54.70
N SER A 1472 -9.92 -57.63 55.25
CA SER A 1472 -9.14 -58.36 56.26
C SER A 1472 -8.00 -59.11 55.56
N THR A 1473 -7.01 -58.33 55.12
CA THR A 1473 -5.88 -58.79 54.31
C THR A 1473 -4.68 -57.93 54.68
N ASP A 1474 -3.69 -57.87 53.80
CA ASP A 1474 -2.48 -57.09 54.04
C ASP A 1474 -2.78 -55.60 53.82
N LEU A 1475 -1.70 -54.79 53.72
CA LEU A 1475 -1.77 -53.34 53.78
C LEU A 1475 -2.60 -52.73 52.66
N HIS A 1476 -2.18 -53.19 51.48
CA HIS A 1476 -2.66 -52.91 50.10
C HIS A 1476 -4.19 -52.82 50.06
N HIS A 1477 -4.65 -51.61 50.24
CA HIS A 1477 -6.05 -51.19 50.17
C HIS A 1477 -6.69 -51.65 48.87
N SER A 1478 -7.78 -52.41 49.01
CA SER A 1478 -8.39 -53.08 47.87
C SER A 1478 -9.00 -52.08 46.88
N VAL A 1479 -9.51 -50.95 47.38
CA VAL A 1479 -10.01 -49.92 46.48
C VAL A 1479 -8.87 -49.28 45.71
N GLY A 1480 -7.69 -49.16 46.33
CA GLY A 1480 -6.54 -48.64 45.63
C GLY A 1480 -6.05 -49.57 44.53
N THR A 1481 -5.97 -50.87 44.83
CA THR A 1481 -5.58 -51.83 43.81
C THR A 1481 -6.61 -51.90 42.68
N GLU A 1482 -7.89 -51.76 43.03
CA GLU A 1482 -8.95 -51.75 42.03
C GLU A 1482 -8.84 -50.53 41.11
N LEU A 1483 -8.55 -49.36 41.69
CA LEU A 1483 -8.42 -48.13 40.90
C LEU A 1483 -7.23 -48.20 39.96
N LEU A 1484 -6.10 -48.72 40.46
CA LEU A 1484 -4.90 -48.84 39.62
C LEU A 1484 -5.11 -49.83 38.49
N SER A 1485 -5.73 -50.98 38.78
CA SER A 1485 -6.06 -51.93 37.72
C SER A 1485 -7.04 -51.36 36.72
N LEU A 1486 -7.97 -50.51 37.19
CA LEU A 1486 -8.94 -49.87 36.31
C LEU A 1486 -8.25 -48.94 35.32
N VAL A 1487 -7.37 -48.07 35.81
CA VAL A 1487 -6.73 -47.10 34.92
C VAL A 1487 -5.73 -47.81 34.01
N TYR A 1488 -5.10 -48.88 34.49
CA TYR A 1488 -4.21 -49.66 33.63
C TYR A 1488 -4.98 -50.33 32.50
N LYS A 1489 -6.10 -50.96 32.81
CA LYS A 1489 -6.80 -51.70 31.76
C LYS A 1489 -7.74 -50.83 30.94
N GLY A 1490 -7.92 -49.56 31.30
CA GLY A 1490 -8.78 -48.70 30.52
C GLY A 1490 -8.20 -48.36 29.17
N ILE A 1491 -6.90 -48.02 29.13
CA ILE A 1491 -6.26 -47.54 27.90
C ILE A 1491 -6.00 -48.68 26.93
N ALA A 1492 -6.21 -49.92 27.34
CA ALA A 1492 -6.24 -51.02 26.39
C ALA A 1492 -7.44 -50.87 25.46
N PRO A 1493 -7.29 -51.18 24.16
CA PRO A 1493 -8.36 -50.87 23.21
C PRO A 1493 -9.47 -51.90 23.24
N GLY A 1494 -10.44 -51.75 22.35
CA GLY A 1494 -11.57 -52.68 22.25
C GLY A 1494 -12.36 -52.50 20.99
N PRO A 1501 -7.67 -46.01 22.08
CA PRO A 1501 -8.61 -45.15 22.81
C PRO A 1501 -8.18 -43.69 22.80
N SER A 1502 -9.12 -42.79 22.57
CA SER A 1502 -8.82 -41.38 22.43
C SER A 1502 -8.77 -40.73 23.81
N LEU A 1503 -8.75 -39.40 23.84
CA LEU A 1503 -8.47 -38.67 25.07
C LEU A 1503 -9.10 -37.28 24.99
N ASP A 1504 -8.82 -36.47 26.00
CA ASP A 1504 -9.26 -35.08 26.10
C ASP A 1504 -8.29 -34.39 27.04
N LEU A 1505 -8.65 -33.18 27.50
CA LEU A 1505 -7.88 -32.51 28.54
C LEU A 1505 -8.44 -32.77 29.93
N SER A 1506 -9.75 -32.56 30.10
CA SER A 1506 -10.34 -32.82 31.40
C SER A 1506 -10.45 -34.30 31.70
N CYS A 1507 -10.50 -35.16 30.67
CA CYS A 1507 -10.44 -36.60 30.92
C CYS A 1507 -9.08 -36.99 31.50
N LYS A 1508 -8.01 -36.40 30.98
CA LYS A 1508 -6.69 -36.66 31.54
C LYS A 1508 -6.53 -36.02 32.91
N GLN A 1509 -7.18 -34.88 33.14
CA GLN A 1509 -7.15 -34.27 34.47
C GLN A 1509 -7.85 -35.16 35.50
N LEU A 1510 -8.99 -35.74 35.11
CA LEU A 1510 -9.70 -36.67 35.97
C LEU A 1510 -8.89 -37.93 36.22
N ALA A 1511 -8.27 -38.47 35.16
CA ALA A 1511 -7.46 -39.67 35.30
C ALA A 1511 -6.25 -39.44 36.19
N SER A 1512 -5.64 -38.25 36.09
CA SER A 1512 -4.50 -37.94 36.93
C SER A 1512 -4.92 -37.73 38.38
N GLY A 1513 -6.09 -37.14 38.61
CA GLY A 1513 -6.57 -37.00 39.98
C GLY A 1513 -6.90 -38.33 40.62
N LEU A 1514 -7.53 -39.23 39.85
CA LEU A 1514 -7.86 -40.57 40.34
C LEU A 1514 -6.62 -41.38 40.64
N LEU A 1515 -5.66 -41.36 39.71
CA LEU A 1515 -4.41 -42.08 39.91
C LEU A 1515 -3.52 -41.44 40.96
N GLU A 1516 -3.75 -40.16 41.29
CA GLU A 1516 -3.04 -39.58 42.43
C GLU A 1516 -3.68 -39.96 43.75
N LEU A 1517 -5.01 -40.12 43.77
CA LEU A 1517 -5.66 -40.62 44.97
C LEU A 1517 -5.28 -42.07 45.25
N ALA A 1518 -5.12 -42.87 44.19
CA ALA A 1518 -4.90 -44.30 44.34
C ALA A 1518 -3.58 -44.66 45.02
N PHE A 1519 -2.64 -43.73 45.13
CA PHE A 1519 -1.43 -43.96 45.90
C PHE A 1519 -1.52 -43.42 47.31
N ALA A 1520 -2.55 -42.66 47.65
CA ALA A 1520 -2.66 -42.09 48.99
C ALA A 1520 -3.10 -43.09 50.03
N PHE A 1521 -3.56 -44.28 49.62
CA PHE A 1521 -4.08 -45.26 50.55
C PHE A 1521 -2.97 -45.95 51.33
N GLY A 1522 -2.08 -46.67 50.63
CA GLY A 1522 -1.07 -47.44 51.31
C GLY A 1522 0.33 -47.25 50.76
N GLY A 1523 1.21 -48.23 51.00
CA GLY A 1523 2.55 -48.18 50.47
C GLY A 1523 2.56 -48.36 48.97
N LEU A 1524 2.26 -49.57 48.50
CA LEU A 1524 1.79 -49.90 47.15
C LEU A 1524 2.84 -49.65 46.05
N CYS A 1525 4.04 -49.18 46.37
CA CYS A 1525 5.01 -48.81 45.34
C CYS A 1525 5.60 -50.02 44.64
N GLU A 1526 5.72 -51.14 45.35
CA GLU A 1526 6.23 -52.37 44.73
C GLU A 1526 5.28 -52.86 43.65
N ARG A 1527 3.98 -52.75 43.91
CA ARG A 1527 2.97 -53.00 42.89
C ARG A 1527 3.11 -52.03 41.72
N LEU A 1528 3.51 -50.80 41.98
CA LEU A 1528 3.65 -49.81 40.92
C LEU A 1528 4.82 -50.12 40.00
N VAL A 1529 5.97 -50.51 40.58
CA VAL A 1529 7.12 -50.87 39.77
C VAL A 1529 6.86 -52.16 39.01
N SER A 1530 6.14 -53.10 39.65
CA SER A 1530 5.76 -54.32 38.97
C SER A 1530 4.80 -54.05 37.82
N LEU A 1531 3.96 -53.03 37.96
CA LEU A 1531 3.12 -52.61 36.84
C LEU A 1531 3.96 -51.99 35.73
N LEU A 1532 5.00 -51.22 36.11
CA LEU A 1532 5.79 -50.50 35.13
C LEU A 1532 6.62 -51.45 34.27
N LEU A 1533 7.23 -52.46 34.88
CA LEU A 1533 8.02 -53.42 34.11
C LEU A 1533 7.08 -54.52 33.64
N ASN A 1534 6.52 -54.35 32.45
CA ASN A 1534 5.56 -55.31 31.94
C ASN A 1534 5.82 -55.60 30.46
N PRO A 1535 5.88 -56.87 30.08
CA PRO A 1535 6.25 -57.23 28.71
C PRO A 1535 5.09 -57.37 27.73
N ALA A 1536 3.92 -56.83 28.04
CA ALA A 1536 2.73 -57.04 27.20
C ALA A 1536 2.89 -56.38 25.82
N VAL A 1537 1.99 -56.74 24.90
CA VAL A 1537 2.04 -56.27 23.53
C VAL A 1537 0.66 -55.74 23.15
N LEU A 1538 0.59 -54.47 22.77
CA LEU A 1538 -0.66 -53.81 22.39
C LEU A 1538 -0.62 -53.50 20.90
N SER A 1539 -1.29 -54.35 20.10
CA SER A 1539 -1.28 -54.20 18.66
C SER A 1539 -2.12 -53.00 18.21
N THR A 1540 -1.81 -52.50 17.02
CA THR A 1540 -2.50 -51.35 16.45
C THR A 1540 -2.30 -51.37 14.93
N ALA A 1541 -3.41 -51.18 14.20
CA ALA A 1541 -3.37 -51.05 12.75
C ALA A 1541 -2.61 -49.78 12.33
N HIS A 1552 2.18 -52.44 16.95
CA HIS A 1552 2.29 -53.10 18.25
C HIS A 1552 3.50 -52.61 18.99
N PHE A 1553 3.33 -51.60 19.85
CA PHE A 1553 4.52 -50.96 20.40
C PHE A 1553 5.16 -51.60 21.62
N SER A 1554 4.63 -51.40 22.83
CA SER A 1554 5.27 -52.00 23.99
C SER A 1554 4.35 -52.29 25.16
N HIS A 1555 3.20 -51.63 25.19
CA HIS A 1555 2.16 -51.71 26.23
C HIS A 1555 2.58 -51.30 27.65
N GLY A 1556 3.82 -50.90 27.86
CA GLY A 1556 4.17 -50.38 29.17
C GLY A 1556 4.70 -48.97 29.07
N GLU A 1557 5.38 -48.70 27.94
CA GLU A 1557 5.87 -47.35 27.70
C GLU A 1557 4.74 -46.37 27.46
N TYR A 1558 3.61 -46.85 26.95
CA TYR A 1558 2.46 -45.97 26.74
C TYR A 1558 1.91 -45.49 28.08
N PHE A 1559 1.73 -46.42 29.01
CA PHE A 1559 1.24 -46.07 30.34
C PHE A 1559 2.25 -45.23 31.10
N TYR A 1560 3.55 -45.42 30.86
CA TYR A 1560 4.48 -44.49 31.47
C TYR A 1560 4.45 -43.13 30.77
N SER A 1561 4.21 -43.12 29.47
CA SER A 1561 4.39 -41.90 28.68
C SER A 1561 3.25 -40.93 28.82
N LEU A 1562 2.02 -41.42 29.08
CA LEU A 1562 0.91 -40.50 29.27
C LEU A 1562 1.09 -39.69 30.54
N PHE A 1563 1.23 -40.34 31.68
CA PHE A 1563 1.18 -39.63 32.95
C PHE A 1563 2.51 -38.98 33.29
N SER A 1564 3.53 -39.80 33.56
CA SER A 1564 4.94 -39.42 33.58
C SER A 1564 5.34 -38.40 34.64
N GLU A 1565 4.40 -37.89 35.42
CA GLU A 1565 4.68 -36.93 36.47
C GLU A 1565 4.18 -37.41 37.82
N THR A 1566 2.93 -37.86 37.89
CA THR A 1566 2.37 -38.41 39.12
C THR A 1566 3.11 -39.68 39.52
N ILE A 1567 3.47 -40.49 38.52
CA ILE A 1567 4.22 -41.71 38.77
C ILE A 1567 5.60 -41.41 39.32
N ASN A 1568 6.27 -40.40 38.76
CA ASN A 1568 7.62 -40.08 39.21
C ASN A 1568 7.62 -39.42 40.57
N THR A 1569 6.65 -38.54 40.84
CA THR A 1569 6.57 -37.94 42.16
C THR A 1569 6.03 -38.89 43.21
N GLU A 1570 5.43 -40.02 42.81
CA GLU A 1570 5.13 -41.05 43.79
C GLU A 1570 6.32 -41.95 44.05
N LEU A 1571 7.08 -42.28 42.99
CA LEU A 1571 8.28 -43.09 43.15
C LEU A 1571 9.34 -42.38 43.97
N LEU A 1572 9.40 -41.05 43.88
CA LEU A 1572 10.36 -40.30 44.69
C LEU A 1572 9.84 -40.00 46.09
N LYS A 1573 8.63 -40.43 46.44
CA LYS A 1573 8.15 -40.21 47.80
C LYS A 1573 8.84 -41.13 48.78
N ASN A 1574 9.21 -42.32 48.36
CA ASN A 1574 9.88 -43.29 49.20
C ASN A 1574 11.18 -43.71 48.53
N LEU A 1575 12.28 -43.62 49.27
CA LEU A 1575 13.59 -43.98 48.77
C LEU A 1575 14.10 -45.23 49.46
N ASP A 1576 15.14 -45.82 48.85
CA ASP A 1576 15.95 -46.97 49.27
C ASP A 1576 15.19 -48.28 49.09
N LEU A 1577 13.88 -48.23 48.84
CA LEU A 1577 13.13 -49.41 48.46
C LEU A 1577 12.51 -49.26 47.09
N ALA A 1578 12.81 -48.18 46.37
CA ALA A 1578 12.36 -47.99 45.01
C ALA A 1578 13.44 -48.36 44.01
N VAL A 1579 14.60 -47.72 44.11
CA VAL A 1579 15.71 -48.00 43.20
C VAL A 1579 16.30 -49.37 43.46
N LEU A 1580 16.17 -49.90 44.68
CA LEU A 1580 16.66 -51.24 44.97
C LEU A 1580 15.88 -52.30 44.21
N GLU A 1581 14.55 -52.26 44.31
CA GLU A 1581 13.72 -53.16 43.52
C GLU A 1581 13.82 -52.86 42.03
N LEU A 1582 14.07 -51.62 41.67
CA LEU A 1582 14.18 -51.26 40.27
C LEU A 1582 15.48 -51.74 39.65
N MET A 1583 16.54 -51.88 40.44
CA MET A 1583 17.83 -52.30 39.94
C MET A 1583 18.14 -53.76 40.22
N GLN A 1584 17.31 -54.45 41.00
CA GLN A 1584 17.37 -55.91 41.00
C GLN A 1584 17.04 -56.46 39.61
N SER A 1585 16.09 -55.81 38.93
CA SER A 1585 15.75 -56.15 37.55
C SER A 1585 16.56 -55.25 36.61
N SER A 1586 17.85 -55.53 36.53
CA SER A 1586 18.76 -54.72 35.72
C SER A 1586 19.16 -55.40 34.42
N VAL A 1587 18.92 -56.69 34.27
CA VAL A 1587 19.32 -57.43 33.09
C VAL A 1587 18.13 -57.75 32.19
N ASP A 1588 16.93 -57.94 32.76
CA ASP A 1588 15.80 -58.44 31.99
C ASP A 1588 15.25 -57.38 31.05
N ASN A 1589 14.96 -56.19 31.55
CA ASN A 1589 14.40 -55.11 30.73
C ASN A 1589 15.27 -53.88 30.99
N THR A 1590 16.35 -53.76 30.22
CA THR A 1590 17.30 -52.68 30.44
C THR A 1590 16.80 -51.34 29.89
N LYS A 1591 16.03 -51.37 28.80
CA LYS A 1591 15.59 -50.14 28.17
C LYS A 1591 14.58 -49.39 29.04
N MET A 1592 13.63 -50.12 29.59
CA MET A 1592 12.60 -49.49 30.41
C MET A 1592 13.16 -49.02 31.75
N VAL A 1593 14.11 -49.74 32.32
CA VAL A 1593 14.68 -49.25 33.57
C VAL A 1593 15.61 -48.07 33.32
N SER A 1594 16.22 -48.00 32.13
CA SER A 1594 17.00 -46.82 31.76
C SER A 1594 16.10 -45.60 31.59
N ALA A 1595 14.95 -45.80 30.92
CA ALA A 1595 14.04 -44.69 30.68
C ALA A 1595 13.39 -44.21 31.98
N VAL A 1596 13.05 -45.14 32.88
CA VAL A 1596 12.47 -44.75 34.16
C VAL A 1596 13.51 -44.02 35.01
N LEU A 1597 14.77 -44.44 34.92
CA LEU A 1597 15.80 -43.75 35.68
C LEU A 1597 16.08 -42.36 35.11
N ASN A 1598 16.00 -42.19 33.79
CA ASN A 1598 16.17 -40.86 33.22
C ASN A 1598 15.00 -39.95 33.58
N GLY A 1599 13.78 -40.47 33.52
CA GLY A 1599 12.61 -39.68 33.86
C GLY A 1599 12.53 -39.35 35.33
N MET A 1600 13.12 -40.17 36.19
CA MET A 1600 13.21 -39.81 37.59
C MET A 1600 14.34 -38.82 37.81
N LEU A 1601 15.42 -38.95 37.04
CA LEU A 1601 16.60 -38.11 37.24
C LEU A 1601 16.32 -36.66 36.90
N ASP A 1602 15.80 -36.39 35.70
CA ASP A 1602 15.61 -34.99 35.34
C ASP A 1602 14.49 -34.34 36.12
N GLN A 1603 13.50 -35.12 36.56
CA GLN A 1603 12.47 -34.56 37.43
C GLN A 1603 13.01 -34.28 38.82
N SER A 1604 14.02 -35.03 39.27
CA SER A 1604 14.71 -34.62 40.48
C SER A 1604 15.65 -33.46 40.23
N PHE A 1605 16.00 -33.19 38.97
CA PHE A 1605 16.78 -32.01 38.63
C PHE A 1605 15.92 -30.77 38.43
N ARG A 1606 14.66 -30.95 38.00
CA ARG A 1606 13.81 -29.82 37.68
C ARG A 1606 13.46 -29.00 38.91
N GLU A 1607 12.87 -29.63 39.91
CA GLU A 1607 12.54 -28.92 41.14
C GLU A 1607 13.69 -28.99 42.15
N ARG A 1608 14.89 -28.63 41.70
CA ARG A 1608 16.04 -28.60 42.59
C ARG A 1608 16.11 -27.30 43.39
N ALA A 1609 15.30 -26.30 43.04
CA ALA A 1609 15.39 -25.02 43.72
C ALA A 1609 14.71 -25.07 45.08
N ASN A 1610 13.77 -25.99 45.28
CA ASN A 1610 13.07 -26.11 46.55
C ASN A 1610 13.30 -27.45 47.24
N GLN A 1611 13.84 -28.44 46.55
CA GLN A 1611 14.00 -29.77 47.11
C GLN A 1611 15.38 -30.34 46.77
N LYS A 1612 16.42 -29.56 47.03
CA LYS A 1612 17.80 -30.04 46.83
C LYS A 1612 18.29 -30.86 48.02
N HIS A 1613 17.51 -31.87 48.40
CA HIS A 1613 17.90 -32.88 49.37
C HIS A 1613 17.83 -34.27 48.77
N GLN A 1614 16.80 -34.53 47.97
CA GLN A 1614 16.59 -35.81 47.34
C GLN A 1614 17.35 -35.94 46.02
N GLY A 1615 17.70 -34.81 45.40
CA GLY A 1615 18.35 -34.85 44.09
C GLY A 1615 19.78 -35.35 44.17
N LEU A 1616 20.39 -35.25 45.34
CA LEU A 1616 21.70 -35.82 45.55
C LEU A 1616 21.63 -37.17 46.23
N LYS A 1617 20.59 -37.41 47.04
CA LYS A 1617 20.43 -38.70 47.71
C LYS A 1617 20.10 -39.80 46.70
N LEU A 1618 19.32 -39.47 45.67
CA LEU A 1618 19.02 -40.44 44.62
C LEU A 1618 20.26 -40.85 43.85
N ALA A 1619 21.09 -39.87 43.48
CA ALA A 1619 22.33 -40.17 42.76
C ALA A 1619 23.30 -40.95 43.63
N THR A 1620 23.32 -40.66 44.94
CA THR A 1620 24.11 -41.44 45.88
C THR A 1620 23.63 -42.88 45.94
N THR A 1621 22.31 -43.07 46.00
CA THR A 1621 21.76 -44.41 46.16
C THR A 1621 21.92 -45.22 44.89
N ILE A 1622 21.89 -44.59 43.72
CA ILE A 1622 22.15 -45.35 42.51
C ILE A 1622 23.65 -45.60 42.34
N LEU A 1623 24.53 -44.71 42.82
CA LEU A 1623 25.95 -45.00 42.71
C LEU A 1623 26.43 -46.05 43.70
N GLN A 1624 25.71 -46.25 44.81
CA GLN A 1624 26.03 -47.33 45.72
C GLN A 1624 25.46 -48.68 45.27
N HIS A 1625 24.83 -48.74 44.10
CA HIS A 1625 24.24 -49.97 43.60
C HIS A 1625 24.76 -50.34 42.22
N TRP A 1626 25.96 -49.89 41.86
CA TRP A 1626 26.52 -50.14 40.54
C TRP A 1626 26.95 -51.59 40.33
N LYS A 1627 27.01 -52.36 41.43
CA LYS A 1627 27.34 -53.78 41.33
C LYS A 1627 26.27 -54.54 40.57
N LYS A 1628 25.01 -54.13 40.72
CA LYS A 1628 23.89 -54.83 40.12
C LYS A 1628 23.83 -54.68 38.61
N CYS A 1629 24.53 -53.70 38.05
CA CYS A 1629 24.62 -53.54 36.61
C CYS A 1629 26.05 -53.84 36.16
N ASP A 1630 26.20 -54.87 35.35
CA ASP A 1630 27.48 -55.13 34.69
C ASP A 1630 27.36 -55.52 33.24
N SER A 1631 26.17 -55.90 32.75
CA SER A 1631 26.01 -56.24 31.35
C SER A 1631 25.97 -55.03 30.46
N TRP A 1632 25.92 -53.84 31.03
CA TRP A 1632 25.93 -52.62 30.24
C TRP A 1632 27.33 -52.27 29.77
N TRP A 1633 28.23 -51.99 30.72
CA TRP A 1633 29.57 -51.51 30.40
C TRP A 1633 30.56 -52.66 30.30
N ALA A 1634 30.20 -53.68 29.55
CA ALA A 1634 31.08 -54.78 29.22
C ALA A 1634 31.15 -54.89 27.70
N LYS A 1635 32.08 -55.71 27.22
CA LYS A 1635 32.20 -55.88 25.78
C LYS A 1635 31.03 -56.72 25.25
N ASP A 1636 30.96 -56.81 23.93
CA ASP A 1636 30.01 -57.56 23.11
C ASP A 1636 28.59 -57.02 23.16
N SER A 1637 28.31 -56.00 23.97
CA SER A 1637 27.03 -55.31 23.91
C SER A 1637 27.05 -54.33 22.74
N PRO A 1638 25.93 -54.21 22.02
CA PRO A 1638 25.90 -53.27 20.89
C PRO A 1638 25.97 -51.82 21.36
N LEU A 1639 26.49 -50.97 20.49
CA LEU A 1639 27.00 -49.66 20.91
C LEU A 1639 25.90 -48.61 21.07
N GLU A 1640 24.87 -48.94 21.79
CA GLU A 1640 23.82 -48.00 22.17
C GLU A 1640 23.59 -48.00 23.67
N THR A 1641 23.65 -49.17 24.29
CA THR A 1641 23.55 -49.25 25.75
C THR A 1641 24.72 -48.57 26.41
N LYS A 1642 25.89 -48.61 25.78
CA LYS A 1642 27.06 -47.92 26.32
C LYS A 1642 26.88 -46.40 26.29
N MET A 1643 26.31 -45.88 25.19
CA MET A 1643 26.04 -44.44 25.12
C MET A 1643 24.93 -44.05 26.09
N ALA A 1644 23.97 -44.93 26.32
CA ALA A 1644 22.96 -44.67 27.35
C ALA A 1644 23.59 -44.67 28.74
N VAL A 1645 24.59 -45.51 28.96
CA VAL A 1645 25.35 -45.49 30.20
C VAL A 1645 26.12 -44.18 30.36
N LEU A 1646 26.69 -43.69 29.25
CA LEU A 1646 27.40 -42.42 29.25
C LEU A 1646 26.47 -41.27 29.62
N ALA A 1647 25.31 -41.20 28.98
CA ALA A 1647 24.36 -40.14 29.29
C ALA A 1647 23.79 -40.27 30.69
N LEU A 1648 23.61 -41.50 31.17
CA LEU A 1648 23.10 -41.72 32.52
C LEU A 1648 24.11 -41.25 33.56
N LEU A 1649 25.38 -41.63 33.37
CA LEU A 1649 26.43 -41.17 34.28
C LEU A 1649 26.65 -39.66 34.16
N ALA A 1650 26.44 -39.10 32.97
CA ALA A 1650 26.61 -37.66 32.78
C ALA A 1650 25.53 -36.89 33.51
N LYS A 1651 24.28 -37.38 33.47
CA LYS A 1651 23.22 -36.75 34.26
C LYS A 1651 23.47 -36.93 35.75
N ILE A 1652 23.91 -38.12 36.15
CA ILE A 1652 24.15 -38.44 37.55
C ILE A 1652 25.23 -37.54 38.13
N LEU A 1653 26.28 -37.27 37.36
CA LEU A 1653 27.36 -36.45 37.87
C LEU A 1653 27.22 -34.97 37.54
N GLN A 1654 26.32 -34.60 36.63
CA GLN A 1654 26.01 -33.19 36.43
C GLN A 1654 24.98 -32.69 37.41
N ILE A 1655 24.24 -33.60 38.05
CA ILE A 1655 23.24 -33.16 39.02
C ILE A 1655 23.87 -32.94 40.39
N ASP A 1656 24.67 -33.90 40.85
CA ASP A 1656 25.07 -33.92 42.26
C ASP A 1656 26.26 -32.99 42.50
N SER A 1657 26.87 -33.13 43.67
CA SER A 1657 28.10 -32.43 44.02
C SER A 1657 29.30 -33.32 43.71
N SER A 1658 30.49 -32.74 43.88
CA SER A 1658 31.74 -33.45 43.64
C SER A 1658 32.02 -34.31 44.86
N VAL A 1659 31.34 -35.47 44.91
CA VAL A 1659 31.42 -36.32 46.10
C VAL A 1659 31.84 -37.74 45.71
N SER A 1660 31.81 -38.06 44.42
CA SER A 1660 32.16 -39.42 44.00
C SER A 1660 33.64 -39.53 43.63
N PHE A 1661 34.52 -39.00 44.47
CA PHE A 1661 35.95 -39.23 44.27
C PHE A 1661 36.74 -39.41 45.57
N ASN A 1662 36.28 -38.90 46.70
CA ASN A 1662 37.18 -38.48 47.77
C ASN A 1662 37.13 -39.43 48.96
N THR A 1663 38.33 -39.70 49.51
CA THR A 1663 38.54 -40.34 50.82
C THR A 1663 37.93 -41.76 50.84
N SER A 1664 37.90 -42.40 49.67
CA SER A 1664 37.21 -43.66 49.41
C SER A 1664 35.75 -43.62 49.89
N HIS A 1665 34.99 -42.70 49.26
CA HIS A 1665 33.62 -42.43 49.70
C HIS A 1665 32.70 -43.61 49.47
N GLY A 1666 32.55 -44.02 48.21
CA GLY A 1666 31.70 -45.14 47.88
C GLY A 1666 32.36 -46.06 46.89
N SER A 1667 31.67 -46.35 45.80
CA SER A 1667 32.18 -47.27 44.79
C SER A 1667 33.01 -46.56 43.73
N PHE A 1668 34.00 -45.79 44.19
CA PHE A 1668 34.94 -45.17 43.27
C PHE A 1668 35.76 -46.15 42.42
N PRO A 1669 36.15 -47.35 42.89
CA PRO A 1669 36.70 -48.34 41.92
C PRO A 1669 35.73 -48.72 40.81
N GLU A 1670 34.49 -49.06 41.14
CA GLU A 1670 33.57 -49.54 40.12
C GLU A 1670 32.74 -48.43 39.48
N VAL A 1671 33.19 -47.18 39.57
CA VAL A 1671 32.70 -46.16 38.65
C VAL A 1671 33.90 -45.67 37.84
N PHE A 1672 35.09 -45.71 38.45
CA PHE A 1672 36.26 -45.27 37.71
C PHE A 1672 36.68 -46.32 36.71
N THR A 1673 36.43 -47.59 37.00
CA THR A 1673 36.69 -48.64 36.02
C THR A 1673 35.76 -48.50 34.81
N THR A 1674 34.52 -48.07 35.05
CA THR A 1674 33.60 -47.78 33.95
C THR A 1674 34.10 -46.62 33.12
N TYR A 1675 34.48 -45.52 33.78
CA TYR A 1675 34.92 -44.32 33.10
C TYR A 1675 36.21 -44.55 32.31
N ILE A 1676 37.06 -45.46 32.80
CA ILE A 1676 38.25 -45.82 32.02
C ILE A 1676 37.86 -46.72 30.85
N SER A 1677 37.13 -47.81 31.14
CA SER A 1677 36.90 -48.85 30.15
C SER A 1677 35.96 -48.44 29.03
N LEU A 1678 35.18 -47.37 29.22
CA LEU A 1678 34.32 -46.91 28.16
C LEU A 1678 35.12 -46.27 27.03
N LEU A 1679 36.17 -45.53 27.38
CA LEU A 1679 37.03 -44.92 26.38
C LEU A 1679 38.28 -45.74 26.09
N ALA A 1680 38.50 -46.83 26.85
CA ALA A 1680 39.76 -47.56 26.73
C ALA A 1680 39.86 -48.33 25.41
N ASP A 1681 38.98 -49.32 25.22
CA ASP A 1681 39.17 -50.25 24.12
C ASP A 1681 38.70 -49.63 22.81
N THR A 1682 39.32 -50.10 21.71
CA THR A 1682 38.94 -49.67 20.36
C THR A 1682 37.69 -50.46 19.96
N LYS A 1683 36.57 -50.01 20.50
CA LYS A 1683 35.27 -50.62 20.25
C LYS A 1683 34.25 -49.67 19.66
N LEU A 1684 34.30 -48.40 20.01
CA LEU A 1684 33.42 -47.39 19.44
C LEU A 1684 34.08 -46.80 18.20
N ASP A 1685 33.52 -45.71 17.70
CA ASP A 1685 34.21 -44.86 16.76
C ASP A 1685 34.70 -43.61 17.49
N LEU A 1686 35.31 -42.70 16.74
CA LEU A 1686 35.91 -41.52 17.33
C LEU A 1686 34.88 -40.51 17.81
N HIS A 1687 33.78 -40.34 17.10
CA HIS A 1687 32.69 -39.49 17.58
C HIS A 1687 31.71 -40.24 18.47
N LEU A 1688 32.09 -41.41 18.97
CA LEU A 1688 31.35 -42.08 20.01
C LEU A 1688 32.10 -42.09 21.33
N LYS A 1689 33.34 -41.61 21.36
CA LYS A 1689 34.03 -41.26 22.60
C LYS A 1689 33.93 -39.78 22.91
N GLY A 1690 33.33 -39.00 22.00
CA GLY A 1690 33.14 -37.58 22.28
C GLY A 1690 32.19 -37.33 23.43
N GLN A 1691 31.17 -38.19 23.57
CA GLN A 1691 30.34 -38.12 24.76
C GLN A 1691 31.10 -38.56 26.00
N ALA A 1692 32.13 -39.38 25.83
CA ALA A 1692 32.92 -39.81 26.98
C ALA A 1692 33.83 -38.69 27.46
N VAL A 1693 34.43 -37.93 26.53
CA VAL A 1693 35.31 -36.83 26.92
C VAL A 1693 34.41 -35.60 27.07
N THR A 1694 33.72 -35.56 28.21
CA THR A 1694 32.97 -34.39 28.66
C THR A 1694 33.15 -34.11 30.14
N LEU A 1695 33.49 -35.10 30.96
CA LEU A 1695 33.33 -35.01 32.40
C LEU A 1695 34.66 -35.01 33.12
N LEU A 1696 35.71 -34.70 32.41
CA LEU A 1696 37.04 -34.49 32.97
C LEU A 1696 37.13 -33.43 34.07
N PRO A 1697 36.35 -32.32 34.08
CA PRO A 1697 36.40 -31.40 35.24
C PRO A 1697 36.07 -32.03 36.58
N PHE A 1698 35.19 -33.01 36.61
CA PHE A 1698 34.93 -33.70 37.86
C PHE A 1698 35.98 -34.75 38.17
N PHE A 1699 36.75 -35.18 37.18
CA PHE A 1699 37.69 -36.27 37.36
C PHE A 1699 39.04 -35.95 36.75
N THR A 1700 39.53 -34.74 37.03
CA THR A 1700 40.96 -34.42 36.93
C THR A 1700 41.43 -33.73 38.21
N SER A 1701 40.83 -34.08 39.33
CA SER A 1701 41.18 -33.50 40.63
C SER A 1701 41.52 -34.61 41.62
N LEU A 1702 42.36 -35.54 41.19
CA LEU A 1702 42.76 -36.68 42.00
C LEU A 1702 44.25 -36.60 42.31
N THR A 1703 44.73 -37.64 42.99
CA THR A 1703 46.15 -37.79 43.32
C THR A 1703 46.75 -38.80 42.34
N GLY A 1704 48.04 -38.62 42.05
CA GLY A 1704 48.73 -39.34 40.99
C GLY A 1704 48.87 -40.85 41.06
N GLY A 1705 48.24 -41.49 42.05
CA GLY A 1705 48.22 -42.94 42.11
C GLY A 1705 47.42 -43.54 40.96
N SER A 1706 46.12 -43.25 40.92
CA SER A 1706 45.30 -43.63 39.77
C SER A 1706 45.33 -42.59 38.66
N LEU A 1707 45.70 -41.35 38.99
CA LEU A 1707 45.77 -40.30 37.99
C LEU A 1707 46.92 -40.52 37.02
N GLU A 1708 47.95 -41.27 37.42
CA GLU A 1708 48.94 -41.74 36.47
C GLU A 1708 48.31 -42.66 35.42
N GLU A 1709 47.40 -43.55 35.84
CA GLU A 1709 46.69 -44.38 34.90
C GLU A 1709 45.73 -43.56 34.04
N LEU A 1710 45.17 -42.49 34.62
CA LEU A 1710 44.30 -41.59 33.86
C LEU A 1710 45.08 -40.88 32.76
N ARG A 1711 46.24 -40.32 33.11
CA ARG A 1711 47.13 -39.72 32.11
C ARG A 1711 47.65 -40.75 31.12
N ARG A 1712 47.81 -42.00 31.57
CA ARG A 1712 48.29 -43.06 30.71
C ARG A 1712 47.27 -43.39 29.63
N VAL A 1713 46.01 -43.53 30.02
CA VAL A 1713 45.00 -43.87 29.02
C VAL A 1713 44.64 -42.65 28.16
N LEU A 1714 44.79 -41.44 28.71
CA LEU A 1714 44.64 -40.23 27.90
C LEU A 1714 45.73 -40.14 26.85
N GLU A 1715 46.98 -40.39 27.24
CA GLU A 1715 48.09 -40.39 26.29
C GLU A 1715 47.99 -41.56 25.32
N GLN A 1716 47.38 -42.67 25.73
CA GLN A 1716 47.14 -43.77 24.81
C GLN A 1716 46.11 -43.38 23.75
N LEU A 1717 45.05 -42.66 24.16
CA LEU A 1717 44.12 -42.09 23.19
C LEU A 1717 44.80 -41.09 22.28
N ILE A 1718 45.75 -40.32 22.82
CA ILE A 1718 46.45 -39.32 22.02
C ILE A 1718 47.31 -39.99 20.97
N VAL A 1719 48.08 -41.01 21.36
CA VAL A 1719 48.96 -41.65 20.40
C VAL A 1719 48.22 -42.63 19.48
N ALA A 1720 47.00 -43.04 19.83
CA ALA A 1720 46.29 -44.01 19.01
C ALA A 1720 45.17 -43.42 18.18
N HIS A 1721 44.69 -42.23 18.50
CA HIS A 1721 43.54 -41.67 17.81
C HIS A 1721 43.83 -40.40 17.04
N PHE A 1722 44.79 -39.60 17.47
CA PHE A 1722 45.11 -38.37 16.78
C PHE A 1722 45.88 -38.68 15.49
N PRO A 1723 45.86 -37.77 14.52
CA PRO A 1723 46.65 -37.97 13.30
C PRO A 1723 48.14 -38.05 13.58
N MET A 1724 48.85 -38.68 12.65
CA MET A 1724 50.23 -39.10 12.89
C MET A 1724 51.20 -37.91 12.94
N GLN A 1725 51.13 -37.03 11.94
CA GLN A 1725 52.07 -35.92 11.83
C GLN A 1725 51.39 -34.57 12.01
N SER A 1726 50.40 -34.27 11.19
CA SER A 1726 49.72 -32.99 11.22
C SER A 1726 48.29 -33.21 10.78
N ARG A 1727 47.60 -32.13 10.41
CA ARG A 1727 46.21 -32.19 10.03
C ARG A 1727 45.99 -33.05 8.80
N GLU A 1728 46.47 -32.55 7.64
CA GLU A 1728 46.49 -33.23 6.34
C GLU A 1728 45.12 -33.64 5.79
N PHE A 1729 44.05 -33.30 6.49
CA PHE A 1729 42.68 -33.59 6.07
C PHE A 1729 41.95 -32.26 6.12
N PRO A 1730 41.38 -31.79 5.01
CA PRO A 1730 40.60 -30.55 5.06
C PRO A 1730 39.27 -30.80 5.75
N PRO A 1731 38.58 -29.74 6.18
CA PRO A 1731 37.19 -29.95 6.64
C PRO A 1731 36.29 -30.22 5.44
N GLY A 1732 35.80 -31.45 5.32
CA GLY A 1732 35.16 -31.90 4.10
C GLY A 1732 35.44 -33.36 3.80
N THR A 1733 36.33 -33.95 4.59
CA THR A 1733 36.57 -35.38 4.64
C THR A 1733 35.96 -35.93 5.92
N PRO A 1734 35.66 -37.24 5.99
CA PRO A 1734 35.13 -37.77 7.26
C PRO A 1734 36.21 -38.13 8.26
N ARG A 1735 37.23 -37.30 8.39
CA ARG A 1735 38.18 -37.42 9.49
C ARG A 1735 38.43 -36.10 10.20
N PHE A 1736 38.51 -34.99 9.46
CA PHE A 1736 38.83 -33.72 10.10
C PHE A 1736 37.61 -33.04 10.69
N ASN A 1737 36.42 -33.28 10.11
CA ASN A 1737 35.19 -32.83 10.74
C ASN A 1737 35.04 -33.47 12.12
N ASN A 1738 35.32 -34.77 12.18
CA ASN A 1738 35.43 -35.49 13.44
C ASN A 1738 36.52 -34.91 14.33
N TYR A 1739 37.65 -34.53 13.72
CA TYR A 1739 38.80 -34.10 14.51
C TYR A 1739 38.53 -32.77 15.19
N VAL A 1740 37.87 -31.84 14.48
CA VAL A 1740 37.45 -30.59 15.10
C VAL A 1740 36.36 -30.85 16.13
N ASP A 1741 35.47 -31.82 15.84
CA ASP A 1741 34.42 -32.19 16.79
C ASP A 1741 35.00 -32.75 18.10
N CYS A 1742 36.18 -33.34 18.04
CA CYS A 1742 36.83 -33.83 19.26
C CYS A 1742 37.68 -32.75 19.93
N MET A 1743 38.43 -31.98 19.13
CA MET A 1743 39.34 -31.00 19.71
C MET A 1743 38.61 -29.82 20.32
N LYS A 1744 37.42 -29.47 19.83
CA LYS A 1744 36.68 -28.39 20.47
C LYS A 1744 36.18 -28.80 21.85
N LYS A 1745 35.82 -30.08 22.03
CA LYS A 1745 35.44 -30.57 23.34
C LYS A 1745 36.64 -30.65 24.27
N PHE A 1746 37.81 -31.02 23.72
CA PHE A 1746 39.06 -30.93 24.47
C PHE A 1746 39.34 -29.52 24.95
N LEU A 1747 39.13 -28.54 24.08
CA LEU A 1747 39.44 -27.15 24.43
C LEU A 1747 38.47 -26.60 25.45
N ASP A 1748 37.19 -27.01 25.40
CA ASP A 1748 36.29 -26.58 26.46
C ASP A 1748 36.61 -27.25 27.79
N ALA A 1749 37.08 -28.51 27.74
CA ALA A 1749 37.53 -29.18 28.95
C ALA A 1749 38.70 -28.46 29.59
N LEU A 1750 39.69 -28.09 28.78
CA LEU A 1750 40.82 -27.32 29.27
C LEU A 1750 40.41 -25.93 29.72
N GLU A 1751 39.35 -25.38 29.11
CA GLU A 1751 38.90 -24.04 29.48
C GLU A 1751 38.25 -24.02 30.85
N LEU A 1752 37.33 -24.94 31.11
CA LEU A 1752 36.65 -24.86 32.40
C LEU A 1752 37.41 -25.55 33.52
N SER A 1753 38.28 -26.51 33.21
CA SER A 1753 39.08 -27.18 34.23
C SER A 1753 40.50 -26.66 34.16
N GLN A 1754 40.89 -25.86 35.16
CA GLN A 1754 42.28 -25.45 35.28
C GLN A 1754 43.11 -26.61 35.79
N SER A 1755 43.49 -27.50 34.88
CA SER A 1755 44.22 -28.70 35.22
C SER A 1755 45.60 -28.66 34.57
N PRO A 1756 46.67 -28.83 35.35
CA PRO A 1756 48.02 -28.74 34.78
C PRO A 1756 48.42 -29.92 33.91
N MET A 1757 47.60 -30.97 33.82
CA MET A 1757 47.94 -32.11 32.98
C MET A 1757 47.41 -31.95 31.56
N LEU A 1758 46.17 -31.51 31.43
CA LEU A 1758 45.55 -31.33 30.12
C LEU A 1758 46.24 -30.25 29.31
N LEU A 1759 46.71 -29.19 29.97
CA LEU A 1759 47.52 -28.19 29.28
C LEU A 1759 48.84 -28.78 28.85
N GLU A 1760 49.41 -29.66 29.68
CA GLU A 1760 50.66 -30.32 29.33
C GLU A 1760 50.50 -31.43 28.32
N LEU A 1761 49.26 -31.74 27.90
CA LEU A 1761 49.05 -32.55 26.71
C LEU A 1761 48.70 -31.71 25.49
N MET A 1762 47.92 -30.65 25.69
CA MET A 1762 47.47 -29.82 24.56
C MET A 1762 48.61 -28.99 24.01
N THR A 1763 49.54 -28.57 24.88
CA THR A 1763 50.74 -27.89 24.40
C THR A 1763 51.61 -28.85 23.59
N GLU A 1764 51.68 -30.12 24.00
CA GLU A 1764 52.48 -31.08 23.27
C GLU A 1764 51.88 -31.39 21.91
N VAL A 1765 50.55 -31.45 21.82
CA VAL A 1765 49.94 -31.78 20.54
C VAL A 1765 49.89 -30.54 19.63
N LEU A 1766 49.93 -29.34 20.20
CA LEU A 1766 49.93 -28.15 19.35
C LEU A 1766 51.28 -27.95 18.67
N CYS A 1767 52.36 -27.94 19.43
CA CYS A 1767 53.68 -27.58 18.92
C CYS A 1767 54.32 -28.80 18.26
N ARG A 1768 53.82 -29.13 17.08
CA ARG A 1768 54.42 -30.17 16.25
C ARG A 1768 54.61 -29.73 14.81
N GLU A 1769 54.11 -28.55 14.44
CA GLU A 1769 54.32 -28.00 13.11
C GLU A 1769 54.35 -26.48 13.25
N GLN A 1770 54.36 -25.78 12.11
CA GLN A 1770 54.48 -24.33 12.13
C GLN A 1770 53.20 -23.67 12.65
N GLN A 1771 52.04 -24.22 12.28
CA GLN A 1771 50.75 -23.70 12.72
C GLN A 1771 49.69 -24.76 12.48
N HIS A 1772 49.03 -25.19 13.54
CA HIS A 1772 47.74 -25.81 13.38
C HIS A 1772 46.72 -24.70 13.17
N VAL A 1773 45.85 -24.86 12.18
CA VAL A 1773 45.08 -23.73 11.65
C VAL A 1773 43.97 -23.25 12.58
N MET A 1774 43.83 -23.84 13.77
CA MET A 1774 42.83 -23.42 14.74
C MET A 1774 43.41 -22.55 15.85
N GLU A 1775 44.34 -21.64 15.51
CA GLU A 1775 45.11 -20.91 16.54
C GLU A 1775 44.26 -19.95 17.36
N GLU A 1776 43.22 -19.35 16.78
CA GLU A 1776 42.54 -18.25 17.43
C GLU A 1776 41.74 -18.71 18.64
N LEU A 1777 40.99 -19.80 18.50
CA LEU A 1777 40.32 -20.38 19.67
C LEU A 1777 41.33 -20.94 20.68
N PHE A 1778 42.49 -21.42 20.21
CA PHE A 1778 43.56 -21.81 21.13
C PHE A 1778 44.01 -20.63 21.98
N GLN A 1779 44.26 -19.48 21.35
CA GLN A 1779 44.76 -18.33 22.09
C GLN A 1779 43.69 -17.75 23.01
N SER A 1780 42.44 -17.70 22.56
CA SER A 1780 41.36 -17.19 23.40
C SER A 1780 41.08 -18.13 24.57
N SER A 1781 41.22 -19.43 24.33
CA SER A 1781 41.07 -20.39 25.42
C SER A 1781 42.20 -20.24 26.44
N PHE A 1782 43.43 -20.00 25.97
CA PHE A 1782 44.55 -19.77 26.89
C PHE A 1782 44.34 -18.48 27.68
N ARG A 1783 43.75 -17.47 27.02
CA ARG A 1783 43.39 -16.25 27.72
C ARG A 1783 42.35 -16.51 28.80
N ARG A 1784 41.38 -17.38 28.52
CA ARG A 1784 40.37 -17.70 29.51
C ARG A 1784 40.93 -18.53 30.66
N ILE A 1785 41.96 -19.34 30.39
CA ILE A 1785 42.68 -19.99 31.49
C ILE A 1785 43.39 -18.95 32.35
N ALA A 1786 43.93 -17.91 31.71
CA ALA A 1786 44.77 -16.94 32.41
C ALA A 1786 43.99 -16.14 33.45
N ARG A 1787 42.71 -15.94 33.26
CA ARG A 1787 41.87 -15.21 34.21
C ARG A 1787 40.92 -16.19 34.89
N ARG A 1788 41.30 -16.68 36.06
CA ARG A 1788 40.38 -17.53 36.82
C ARG A 1788 40.28 -17.07 38.28
N GLY A 1789 41.36 -16.54 38.82
CA GLY A 1789 41.41 -16.30 40.25
C GLY A 1789 42.06 -17.47 40.96
N SER A 1790 42.04 -17.39 42.30
CA SER A 1790 42.71 -18.33 43.20
C SER A 1790 44.19 -18.46 42.85
N CYS A 1791 44.92 -17.36 43.09
CA CYS A 1791 46.18 -17.06 42.40
C CYS A 1791 47.36 -17.96 42.73
N VAL A 1792 47.15 -19.03 43.50
CA VAL A 1792 48.22 -19.95 43.84
C VAL A 1792 48.26 -21.10 42.85
N THR A 1793 47.47 -21.03 41.78
CA THR A 1793 47.49 -22.07 40.76
C THR A 1793 48.04 -21.62 39.42
N GLN A 1794 48.03 -20.31 39.15
CA GLN A 1794 48.63 -19.81 37.91
C GLN A 1794 50.13 -19.98 37.93
N VAL A 1795 50.73 -19.88 39.12
CA VAL A 1795 52.13 -20.23 39.30
C VAL A 1795 52.36 -21.71 39.00
N GLY A 1796 51.36 -22.55 39.28
CA GLY A 1796 51.47 -23.96 38.93
C GLY A 1796 51.43 -24.20 37.44
N LEU A 1797 50.55 -23.49 36.73
CA LEU A 1797 50.46 -23.62 35.28
C LEU A 1797 51.74 -23.15 34.59
N LEU A 1798 52.20 -21.95 34.96
CA LEU A 1798 53.43 -21.42 34.38
C LEU A 1798 54.64 -22.23 34.79
N GLU A 1799 54.63 -22.81 36.00
CA GLU A 1799 55.70 -23.69 36.43
C GLU A 1799 55.74 -24.95 35.60
N SER A 1800 54.56 -25.51 35.28
CA SER A 1800 54.49 -26.73 34.48
C SER A 1800 55.03 -26.50 33.08
N VAL A 1801 54.64 -25.38 32.44
CA VAL A 1801 55.13 -25.17 31.09
C VAL A 1801 56.60 -24.75 31.09
N TYR A 1802 57.06 -24.10 32.16
CA TYR A 1802 58.49 -23.80 32.26
C TYR A 1802 59.31 -25.07 32.38
N GLU A 1803 58.86 -26.02 33.21
CA GLU A 1803 59.62 -27.25 33.40
C GLU A 1803 59.57 -28.13 32.15
N MET A 1804 58.47 -28.08 31.39
CA MET A 1804 58.46 -28.81 30.14
C MET A 1804 59.22 -28.09 29.03
N PHE A 1805 59.55 -26.82 29.22
CA PHE A 1805 60.42 -26.12 28.30
C PHE A 1805 61.91 -26.30 28.64
N ARG A 1806 62.25 -26.35 29.93
CA ARG A 1806 63.63 -26.18 30.36
C ARG A 1806 64.46 -27.45 30.24
N LYS A 1807 63.84 -28.62 30.44
CA LYS A 1807 64.57 -29.87 30.56
C LYS A 1807 65.21 -30.28 29.23
N ASP A 1808 66.11 -31.27 29.32
CA ASP A 1808 66.94 -31.66 28.19
C ASP A 1808 66.35 -32.84 27.41
N ASP A 1809 65.02 -32.92 27.34
CA ASP A 1809 64.36 -33.80 26.39
C ASP A 1809 64.80 -33.37 24.99
N PRO A 1810 65.58 -34.20 24.29
CA PRO A 1810 66.27 -33.72 23.09
C PRO A 1810 65.32 -33.53 21.90
N ARG A 1811 64.61 -32.41 21.89
CA ARG A 1811 63.69 -32.08 20.82
C ARG A 1811 64.41 -31.29 19.74
N LEU A 1812 63.69 -30.95 18.68
CA LEU A 1812 64.24 -30.13 17.62
C LEU A 1812 64.23 -28.66 18.02
N SER A 1813 64.67 -27.80 17.11
CA SER A 1813 64.76 -26.38 17.45
C SER A 1813 63.38 -25.70 17.45
N PHE A 1814 62.54 -26.06 16.47
CA PHE A 1814 61.23 -25.40 16.33
C PHE A 1814 60.32 -25.73 17.50
N THR A 1815 60.31 -26.99 17.92
CA THR A 1815 59.47 -27.39 19.04
C THR A 1815 59.99 -26.81 20.35
N ARG A 1816 61.31 -26.66 20.48
CA ARG A 1816 61.88 -26.02 21.65
C ARG A 1816 61.54 -24.54 21.70
N GLN A 1817 61.49 -23.88 20.55
CA GLN A 1817 61.19 -22.46 20.56
C GLN A 1817 59.71 -22.18 20.71
N SER A 1818 58.85 -23.06 20.16
CA SER A 1818 57.44 -22.76 20.03
C SER A 1818 56.72 -22.71 21.36
N PHE A 1819 57.25 -23.37 22.39
CA PHE A 1819 56.64 -23.31 23.73
C PHE A 1819 56.66 -21.89 24.26
N VAL A 1820 57.85 -21.33 24.41
CA VAL A 1820 58.01 -19.95 24.85
C VAL A 1820 57.58 -18.96 23.79
N ASP A 1821 57.39 -19.39 22.55
CA ASP A 1821 56.82 -18.50 21.54
C ASP A 1821 55.33 -18.29 21.79
N ARG A 1822 54.55 -19.38 21.83
CA ARG A 1822 53.12 -19.20 21.72
C ARG A 1822 52.31 -20.13 22.62
N SER A 1823 52.83 -20.55 23.77
CA SER A 1823 51.95 -21.23 24.70
C SER A 1823 52.10 -20.79 26.15
N LEU A 1824 53.23 -20.25 26.56
CA LEU A 1824 53.35 -19.65 27.86
C LEU A 1824 53.36 -18.13 27.81
N LEU A 1825 53.78 -17.55 26.69
CA LEU A 1825 53.72 -16.10 26.55
C LEU A 1825 52.30 -15.61 26.39
N THR A 1826 51.40 -16.44 25.87
CA THR A 1826 49.99 -16.09 25.85
C THR A 1826 49.43 -15.99 27.27
N LEU A 1827 49.85 -16.92 28.14
CA LEU A 1827 49.43 -16.85 29.54
C LEU A 1827 50.12 -15.71 30.26
N LEU A 1828 51.36 -15.41 29.90
CA LEU A 1828 52.10 -14.37 30.59
C LEU A 1828 51.59 -12.99 30.22
N TRP A 1829 51.25 -12.78 28.95
CA TRP A 1829 50.89 -11.44 28.50
C TRP A 1829 49.48 -11.07 28.90
N HIS A 1830 48.53 -12.02 28.79
CA HIS A 1830 47.12 -11.73 29.00
C HIS A 1830 46.81 -11.32 30.45
N CYS A 1831 46.93 -12.26 31.37
CA CYS A 1831 46.70 -11.99 32.79
C CYS A 1831 47.45 -13.06 33.58
N SER A 1832 48.66 -12.74 34.04
CA SER A 1832 49.32 -13.69 34.94
C SER A 1832 48.86 -13.48 36.36
N LEU A 1833 49.24 -12.34 36.95
CA LEU A 1833 49.04 -12.01 38.35
C LEU A 1833 49.46 -10.56 38.53
N ASP A 1834 48.65 -9.78 39.25
CA ASP A 1834 48.92 -8.36 39.38
C ASP A 1834 50.10 -8.07 40.29
N ALA A 1835 50.46 -9.01 41.17
CA ALA A 1835 51.59 -8.86 42.08
C ALA A 1835 52.51 -10.08 41.98
N LEU A 1836 52.83 -10.49 40.75
CA LEU A 1836 53.63 -11.69 40.53
C LEU A 1836 55.09 -11.39 40.79
N ARG A 1837 55.63 -11.98 41.85
CA ARG A 1837 57.05 -12.00 42.08
C ARG A 1837 57.57 -13.42 42.22
N GLU A 1838 56.68 -14.42 42.19
CA GLU A 1838 57.08 -15.80 42.40
C GLU A 1838 57.77 -16.36 41.17
N PHE A 1839 57.11 -16.29 40.01
CA PHE A 1839 57.71 -16.78 38.79
C PHE A 1839 58.76 -15.85 38.23
N PHE A 1840 58.88 -14.63 38.75
CA PHE A 1840 60.05 -13.83 38.42
C PHE A 1840 61.21 -14.12 39.36
N SER A 1841 60.93 -14.51 40.60
CA SER A 1841 61.99 -14.72 41.57
C SER A 1841 62.64 -16.08 41.39
N THR A 1842 61.85 -17.13 41.22
CA THR A 1842 62.40 -18.48 41.25
C THR A 1842 62.96 -18.96 39.91
N ILE A 1843 63.29 -18.05 39.00
CA ILE A 1843 63.68 -18.44 37.65
C ILE A 1843 65.06 -17.87 37.30
N VAL A 1844 65.42 -16.73 37.89
CA VAL A 1844 66.53 -15.93 37.38
C VAL A 1844 67.88 -16.63 37.57
N VAL A 1845 68.09 -17.26 38.73
CA VAL A 1845 69.25 -18.14 38.83
C VAL A 1845 68.80 -19.55 38.48
N ASP A 1846 68.39 -19.71 37.23
CA ASP A 1846 68.38 -20.96 36.48
C ASP A 1846 68.77 -20.72 35.03
N ALA A 1847 68.64 -19.48 34.55
CA ALA A 1847 68.91 -19.11 33.18
C ALA A 1847 69.87 -17.95 33.04
N ILE A 1848 70.16 -17.18 34.10
CA ILE A 1848 71.20 -16.17 33.98
C ILE A 1848 72.57 -16.83 33.88
N ASP A 1849 72.69 -18.07 34.33
CA ASP A 1849 73.94 -18.80 34.18
C ASP A 1849 74.12 -19.27 32.74
N VAL A 1850 73.06 -19.76 32.09
CA VAL A 1850 73.18 -20.18 30.70
C VAL A 1850 73.22 -18.96 29.78
N LEU A 1851 72.76 -17.80 30.25
CA LEU A 1851 73.05 -16.57 29.54
C LEU A 1851 74.50 -16.16 29.73
N LYS A 1852 75.07 -16.44 30.89
CA LYS A 1852 76.48 -16.17 31.17
C LYS A 1852 77.38 -17.32 30.71
N SER A 1853 76.83 -18.26 29.95
CA SER A 1853 77.56 -19.43 29.52
C SER A 1853 78.38 -19.11 28.27
N ARG A 1854 78.90 -20.14 27.63
CA ARG A 1854 79.68 -20.01 26.41
C ARG A 1854 78.95 -20.73 25.27
N PHE A 1855 79.61 -20.80 24.12
CA PHE A 1855 79.12 -21.54 22.98
C PHE A 1855 80.18 -22.58 22.62
N THR A 1856 79.84 -23.86 22.76
CA THR A 1856 80.76 -24.93 22.40
C THR A 1856 80.53 -25.25 20.93
N LYS A 1857 81.18 -24.47 20.07
CA LYS A 1857 80.92 -24.50 18.63
C LYS A 1857 81.71 -25.65 18.01
N LEU A 1858 81.20 -26.86 18.20
CA LEU A 1858 81.80 -28.03 17.54
C LEU A 1858 80.75 -28.79 16.75
N ASN A 1859 79.50 -28.76 17.21
CA ASN A 1859 78.40 -29.46 16.58
C ASN A 1859 77.14 -28.66 16.84
N GLU A 1860 76.28 -28.57 15.82
CA GLU A 1860 75.20 -27.59 15.85
C GLU A 1860 74.06 -28.01 16.76
N SER A 1861 74.01 -29.28 17.17
CA SER A 1861 72.91 -29.78 17.99
C SER A 1861 72.91 -29.15 19.37
N THR A 1862 74.07 -29.13 20.04
CA THR A 1862 74.18 -28.41 21.31
C THR A 1862 74.27 -26.91 21.11
N PHE A 1863 74.55 -26.47 19.89
CA PHE A 1863 74.65 -25.04 19.60
C PHE A 1863 73.27 -24.39 19.61
N ASP A 1864 72.40 -24.81 18.68
CA ASP A 1864 71.16 -24.09 18.45
C ASP A 1864 70.18 -24.27 19.60
N THR A 1865 70.28 -25.39 20.32
CA THR A 1865 69.46 -25.57 21.51
C THR A 1865 69.82 -24.55 22.59
N GLN A 1866 71.11 -24.27 22.76
CA GLN A 1866 71.53 -23.26 23.71
C GLN A 1866 71.13 -21.87 23.23
N ILE A 1867 71.17 -21.64 21.91
CA ILE A 1867 70.70 -20.36 21.37
C ILE A 1867 69.21 -20.16 21.65
N THR A 1868 68.40 -21.21 21.44
CA THR A 1868 66.96 -21.11 21.66
C THR A 1868 66.63 -20.98 23.14
N LYS A 1869 67.42 -21.60 24.01
CA LYS A 1869 67.23 -21.41 25.44
C LYS A 1869 67.56 -19.98 25.87
N LYS A 1870 68.61 -19.40 25.29
CA LYS A 1870 68.93 -18.01 25.57
C LYS A 1870 67.86 -17.08 25.02
N MET A 1871 67.29 -17.42 23.86
CA MET A 1871 66.24 -16.62 23.26
C MET A 1871 64.97 -16.64 24.10
N GLY A 1872 64.63 -17.82 24.62
CA GLY A 1872 63.48 -17.93 25.51
C GLY A 1872 63.68 -17.17 26.81
N TYR A 1873 64.89 -17.25 27.38
CA TYR A 1873 65.18 -16.50 28.60
C TYR A 1873 65.13 -15.01 28.35
N TYR A 1874 65.59 -14.57 27.17
CA TYR A 1874 65.48 -13.18 26.75
C TYR A 1874 64.03 -12.73 26.69
N LYS A 1875 63.17 -13.52 26.07
CA LYS A 1875 61.78 -13.09 25.91
C LYS A 1875 61.03 -13.10 27.23
N ILE A 1876 61.33 -14.06 28.12
CA ILE A 1876 60.67 -14.10 29.43
C ILE A 1876 61.12 -12.91 30.26
N LEU A 1877 62.41 -12.60 30.27
CA LEU A 1877 62.89 -11.43 30.99
C LEU A 1877 62.36 -10.13 30.37
N ASP A 1878 62.14 -10.13 29.06
CA ASP A 1878 61.54 -8.98 28.37
C ASP A 1878 60.14 -8.70 28.89
N VAL A 1879 59.28 -9.72 28.90
CA VAL A 1879 57.90 -9.53 29.37
C VAL A 1879 57.87 -9.22 30.86
N MET A 1880 58.77 -9.85 31.63
CA MET A 1880 58.78 -9.62 33.06
C MET A 1880 59.30 -8.23 33.41
N TYR A 1881 60.19 -7.66 32.60
CA TYR A 1881 60.56 -6.27 32.83
C TYR A 1881 59.48 -5.34 32.33
N SER A 1882 58.75 -5.74 31.28
CA SER A 1882 57.79 -4.84 30.66
C SER A 1882 56.57 -4.66 31.55
N ARG A 1883 55.82 -5.73 31.82
CA ARG A 1883 54.56 -5.52 32.54
C ARG A 1883 54.73 -5.69 34.05
N LEU A 1884 55.73 -5.01 34.60
CA LEU A 1884 55.98 -4.94 36.03
C LEU A 1884 56.22 -3.49 36.44
N PRO A 1885 55.86 -3.12 37.65
CA PRO A 1885 56.25 -1.80 38.15
C PRO A 1885 57.74 -1.72 38.36
N LYS A 1886 58.24 -0.48 38.45
CA LYS A 1886 59.68 -0.25 38.55
C LYS A 1886 60.19 -0.22 39.98
N ASP A 1887 59.30 -0.04 40.97
CA ASP A 1887 59.77 0.15 42.34
C ASP A 1887 60.26 -1.15 42.95
N ASP A 1888 59.53 -2.24 42.76
CA ASP A 1888 59.94 -3.52 43.32
C ASP A 1888 61.08 -4.17 42.55
N VAL A 1889 61.48 -3.63 41.41
CA VAL A 1889 62.61 -4.15 40.67
C VAL A 1889 63.84 -3.24 40.76
N HIS A 1890 63.67 -1.96 41.08
CA HIS A 1890 64.76 -1.00 41.14
C HIS A 1890 65.08 -0.54 42.56
N ALA A 1891 64.08 -0.30 43.39
CA ALA A 1891 64.31 0.08 44.76
C ALA A 1891 64.69 -1.13 45.60
N LYS A 1892 65.10 -0.87 46.84
CA LYS A 1892 65.44 -1.92 47.79
C LYS A 1892 64.16 -2.61 48.25
N GLU A 1893 63.92 -3.82 47.74
CA GLU A 1893 62.70 -4.55 48.05
C GLU A 1893 63.05 -6.02 48.23
N SER A 1894 62.03 -6.86 48.25
CA SER A 1894 62.19 -8.30 48.43
C SER A 1894 62.21 -9.05 47.10
N LYS A 1895 62.67 -8.41 46.04
CA LYS A 1895 62.81 -9.06 44.74
C LYS A 1895 64.20 -8.96 44.15
N ILE A 1896 65.05 -8.06 44.64
CA ILE A 1896 66.41 -7.92 44.12
C ILE A 1896 67.43 -8.70 44.93
N ASN A 1897 67.04 -9.19 46.10
CA ASN A 1897 67.95 -9.95 46.98
C ASN A 1897 67.91 -11.43 46.60
N GLN A 1898 68.25 -11.70 45.36
CA GLN A 1898 68.11 -13.02 44.79
C GLN A 1898 69.38 -13.54 44.13
N VAL A 1899 70.15 -12.67 43.48
CA VAL A 1899 71.25 -13.11 42.65
C VAL A 1899 72.58 -13.13 43.40
N PHE A 1900 72.80 -12.19 44.32
CA PHE A 1900 74.09 -12.06 44.99
C PHE A 1900 73.95 -12.36 46.47
N HIS A 1901 74.59 -13.47 46.90
CA HIS A 1901 74.93 -13.75 48.30
C HIS A 1901 73.72 -13.83 49.21
N GLY A 1902 72.58 -14.29 48.69
CA GLY A 1902 71.40 -14.46 49.50
C GLY A 1902 70.60 -13.19 49.72
N SER A 1903 70.14 -12.98 50.96
CA SER A 1903 69.20 -11.91 51.29
C SER A 1903 69.89 -10.69 51.87
N CYS A 1904 71.09 -10.36 51.41
CA CYS A 1904 71.83 -9.22 51.95
C CYS A 1904 71.63 -7.99 51.09
N ILE A 1905 71.86 -6.83 51.70
CA ILE A 1905 71.76 -5.54 51.03
C ILE A 1905 73.03 -5.37 50.20
N THR A 1906 72.95 -5.62 48.89
CA THR A 1906 74.16 -5.46 48.10
C THR A 1906 74.37 -4.02 47.64
N GLU A 1907 73.60 -3.57 46.66
CA GLU A 1907 73.58 -2.14 46.32
C GLU A 1907 72.25 -1.67 45.77
N GLY A 1908 71.26 -2.53 45.59
CA GLY A 1908 70.04 -2.15 44.90
C GLY A 1908 70.18 -2.19 43.39
N ASN A 1909 69.23 -2.87 42.73
CA ASN A 1909 69.08 -2.88 41.26
C ASN A 1909 70.30 -3.41 40.53
N GLU A 1910 70.99 -4.38 41.13
CA GLU A 1910 72.19 -4.94 40.50
C GLU A 1910 71.84 -5.85 39.34
N LEU A 1911 70.65 -6.45 39.37
CA LEU A 1911 70.24 -7.39 38.33
C LEU A 1911 70.12 -6.70 36.98
N THR A 1912 69.66 -5.45 36.97
CA THR A 1912 69.63 -4.68 35.74
C THR A 1912 71.02 -4.40 35.21
N LYS A 1913 72.00 -4.20 36.09
CA LYS A 1913 73.37 -3.94 35.64
C LYS A 1913 73.99 -5.18 35.03
N THR A 1914 73.89 -6.33 35.73
CA THR A 1914 74.47 -7.55 35.19
C THR A 1914 73.69 -8.09 34.00
N LEU A 1915 72.46 -7.62 33.79
CA LEU A 1915 71.75 -7.95 32.57
C LEU A 1915 72.11 -7.01 31.42
N ILE A 1916 72.29 -5.71 31.72
CA ILE A 1916 72.48 -4.74 30.65
C ILE A 1916 73.87 -4.90 30.06
N LYS A 1917 74.84 -5.38 30.87
CA LYS A 1917 76.18 -5.64 30.34
C LYS A 1917 76.17 -6.73 29.29
N LEU A 1918 75.60 -7.90 29.63
CA LEU A 1918 75.59 -8.99 28.66
C LEU A 1918 74.63 -8.76 27.50
N CYS A 1919 73.57 -7.96 27.68
CA CYS A 1919 72.73 -7.71 26.52
C CYS A 1919 73.35 -6.69 25.59
N TYR A 1920 74.13 -5.73 26.10
CA TYR A 1920 74.91 -4.89 25.22
C TYR A 1920 76.03 -5.68 24.56
N ASP A 1921 76.54 -6.71 25.24
CA ASP A 1921 77.47 -7.62 24.61
C ASP A 1921 76.81 -8.41 23.48
N ALA A 1922 75.54 -8.75 23.64
CA ALA A 1922 74.77 -9.34 22.56
C ALA A 1922 74.43 -8.27 21.52
N PHE A 1923 73.90 -8.75 20.39
CA PHE A 1923 73.63 -7.99 19.14
C PHE A 1923 74.82 -7.16 18.65
N THR A 1924 76.05 -7.50 19.03
CA THR A 1924 77.23 -6.78 18.58
C THR A 1924 78.30 -7.71 18.04
N GLU A 1925 78.10 -9.01 18.10
CA GLU A 1925 79.10 -9.97 17.66
C GLU A 1925 79.19 -9.96 16.14
N ASN A 1926 80.34 -9.52 15.62
CA ASN A 1926 80.53 -9.53 14.17
C ASN A 1926 80.68 -10.96 13.67
N MET A 1927 80.05 -11.25 12.53
CA MET A 1927 79.99 -12.61 12.02
C MET A 1927 80.54 -12.67 10.61
N ALA A 1928 81.72 -12.08 10.41
CA ALA A 1928 82.37 -12.12 9.10
C ALA A 1928 82.78 -13.54 8.72
N GLY A 1929 83.40 -14.25 9.65
CA GLY A 1929 83.76 -15.64 9.41
C GLY A 1929 82.71 -16.60 9.90
N GLU A 1930 81.89 -16.17 10.85
CA GLU A 1930 80.85 -17.01 11.45
C GLU A 1930 79.73 -17.20 10.43
N ASN A 1931 79.66 -18.39 9.84
CA ASN A 1931 78.68 -18.67 8.79
C ASN A 1931 78.07 -20.05 8.95
N GLN A 1932 77.72 -20.42 10.19
CA GLN A 1932 77.16 -21.75 10.43
C GLN A 1932 75.64 -21.73 10.57
N LEU A 1933 75.11 -20.99 11.54
CA LEU A 1933 73.68 -20.84 11.77
C LEU A 1933 73.47 -19.39 12.18
N LEU A 1934 73.09 -18.55 11.21
CA LEU A 1934 73.11 -17.11 11.41
C LEU A 1934 71.75 -16.45 11.49
N GLU A 1935 70.72 -17.08 10.93
CA GLU A 1935 69.37 -16.51 11.02
C GLU A 1935 68.85 -16.60 12.44
N ARG A 1936 69.07 -17.74 13.10
CA ARG A 1936 68.64 -17.88 14.48
C ARG A 1936 69.47 -17.02 15.40
N ARG A 1937 70.73 -16.77 15.04
CA ARG A 1937 71.52 -15.80 15.80
C ARG A 1937 70.99 -14.40 15.59
N ARG A 1938 70.46 -14.08 14.39
CA ARG A 1938 69.82 -12.79 14.18
C ARG A 1938 68.58 -12.64 15.06
N LEU A 1939 67.80 -13.71 15.17
CA LEU A 1939 66.65 -13.74 16.09
C LEU A 1939 67.10 -13.54 17.54
N TYR A 1940 68.23 -14.15 17.89
CA TYR A 1940 68.82 -13.99 19.22
C TYR A 1940 69.22 -12.54 19.47
N HIS A 1941 69.77 -11.88 18.46
CA HIS A 1941 70.12 -10.47 18.56
C HIS A 1941 68.90 -9.58 18.73
N CYS A 1942 67.84 -9.85 17.95
CA CYS A 1942 66.61 -9.05 18.07
C CYS A 1942 65.94 -9.26 19.43
N ALA A 1943 66.02 -10.48 19.97
CA ALA A 1943 65.46 -10.73 21.28
C ALA A 1943 66.24 -9.98 22.36
N ALA A 1944 67.56 -9.91 22.20
CA ALA A 1944 68.37 -9.09 23.11
C ALA A 1944 68.03 -7.62 22.99
N TYR A 1945 67.70 -7.17 21.78
CA TYR A 1945 67.28 -5.79 21.56
C TYR A 1945 65.97 -5.49 22.28
N ASN A 1946 64.99 -6.40 22.18
CA ASN A 1946 63.71 -6.20 22.85
C ASN A 1946 63.87 -6.19 24.36
N CYS A 1947 64.74 -7.07 24.88
CA CYS A 1947 65.05 -7.05 26.32
C CYS A 1947 65.72 -5.75 26.73
N ALA A 1948 66.56 -5.20 25.85
CA ALA A 1948 67.24 -3.93 26.14
C ALA A 1948 66.25 -2.79 26.23
N ILE A 1949 65.30 -2.70 25.30
CA ILE A 1949 64.32 -1.63 25.35
C ILE A 1949 63.40 -1.80 26.56
N SER A 1950 63.10 -3.06 26.92
CA SER A 1950 62.25 -3.29 28.08
C SER A 1950 62.93 -2.92 29.39
N VAL A 1951 64.25 -3.09 29.49
CA VAL A 1951 64.88 -2.69 30.74
C VAL A 1951 65.12 -1.17 30.76
N ILE A 1952 65.39 -0.55 29.59
CA ILE A 1952 65.53 0.89 29.52
C ILE A 1952 64.18 1.58 29.76
N CYS A 1953 63.07 0.87 29.57
CA CYS A 1953 61.79 1.34 30.07
C CYS A 1953 61.76 1.47 31.58
N CYS A 1954 62.59 0.70 32.30
CA CYS A 1954 62.58 0.70 33.75
C CYS A 1954 63.80 1.39 34.37
N VAL A 1955 64.77 1.84 33.59
CA VAL A 1955 65.91 2.61 34.11
C VAL A 1955 65.46 4.01 34.51
N PHE A 1956 66.40 4.76 35.13
CA PHE A 1956 66.12 6.10 35.67
C PHE A 1956 65.65 7.09 34.60
N ASN A 1957 65.97 6.83 33.33
CA ASN A 1957 65.32 7.37 32.12
C ASN A 1957 65.27 8.91 32.07
N GLU A 1958 66.32 9.57 32.56
CA GLU A 1958 66.45 11.01 32.40
C GLU A 1958 67.62 11.41 31.51
N LEU A 1959 68.83 11.02 31.87
CA LEU A 1959 70.02 11.49 31.18
C LEU A 1959 70.33 10.55 30.01
N LYS A 1960 71.53 10.67 29.44
CA LYS A 1960 71.82 9.99 28.18
C LYS A 1960 72.16 8.51 28.34
N PHE A 1961 71.34 7.76 29.08
CA PHE A 1961 71.32 6.32 28.92
C PHE A 1961 70.75 5.95 27.57
N TYR A 1962 69.77 6.73 27.09
CA TYR A 1962 69.20 6.49 25.77
C TYR A 1962 70.22 6.72 24.68
N GLN A 1963 71.16 7.62 24.93
CA GLN A 1963 72.25 7.92 23.96
C GLN A 1963 73.36 6.88 24.14
N GLY A 1964 73.55 6.36 25.35
CA GLY A 1964 74.57 5.36 25.59
C GLY A 1964 74.21 4.01 25.00
N PHE A 1965 73.03 3.49 25.34
CA PHE A 1965 72.63 2.15 24.96
C PHE A 1965 71.61 2.22 23.81
N LEU A 1966 71.55 1.11 23.05
CA LEU A 1966 70.79 0.85 21.81
C LEU A 1966 71.35 1.62 20.60
N PHE A 1967 72.30 2.50 20.85
CA PHE A 1967 72.97 3.29 19.82
C PHE A 1967 74.44 3.34 20.23
N SER A 1968 75.19 4.28 19.64
CA SER A 1968 76.55 4.66 20.01
C SER A 1968 77.52 3.48 19.95
N GLU A 1969 77.71 3.00 18.73
CA GLU A 1969 78.70 1.98 18.45
C GLU A 1969 80.05 2.61 18.09
N LYS A 1970 81.05 1.75 17.90
CA LYS A 1970 82.40 2.17 17.53
C LYS A 1970 82.88 1.25 16.42
N PRO A 1971 82.68 1.62 15.16
CA PRO A 1971 82.88 0.68 14.05
C PRO A 1971 84.34 0.39 13.70
N GLU A 1972 85.30 0.99 14.40
CA GLU A 1972 86.69 0.60 14.21
C GLU A 1972 86.93 -0.80 14.76
N LYS A 1973 86.33 -1.12 15.90
CA LYS A 1973 86.40 -2.44 16.51
C LYS A 1973 85.23 -3.34 16.09
N ASN A 1974 84.60 -3.04 14.95
CA ASN A 1974 83.53 -3.83 14.33
C ASN A 1974 82.32 -3.97 15.26
N LEU A 1975 81.69 -2.83 15.53
CA LEU A 1975 80.47 -2.76 16.32
C LEU A 1975 79.33 -2.39 15.38
N LEU A 1976 78.55 -3.38 14.97
CA LEU A 1976 77.49 -3.21 13.97
C LEU A 1976 76.15 -3.54 14.60
N ILE A 1977 75.43 -2.50 15.06
CA ILE A 1977 74.11 -2.71 15.63
C ILE A 1977 73.13 -3.14 14.55
N PHE A 1978 72.90 -2.28 13.57
CA PHE A 1978 71.80 -2.50 12.63
C PHE A 1978 72.18 -3.44 11.50
N GLU A 1979 73.44 -3.42 11.07
CA GLU A 1979 73.87 -4.21 9.92
C GLU A 1979 73.96 -5.70 10.21
N ASN A 1980 73.67 -6.13 11.43
CA ASN A 1980 73.55 -7.54 11.77
C ASN A 1980 72.11 -7.97 11.98
N LEU A 1981 71.33 -7.19 12.74
CA LEU A 1981 69.94 -7.61 12.99
C LEU A 1981 69.06 -7.39 11.77
N ILE A 1982 69.40 -6.45 10.91
CA ILE A 1982 68.70 -6.31 9.63
C ILE A 1982 69.21 -7.41 8.70
N ASP A 1983 68.29 -8.03 7.95
CA ASP A 1983 68.59 -9.26 7.22
C ASP A 1983 69.59 -9.03 6.09
N LEU A 1984 69.37 -7.97 5.30
CA LEU A 1984 70.22 -7.56 4.15
C LEU A 1984 70.50 -8.68 3.16
N LYS A 1985 69.57 -9.63 3.03
CA LYS A 1985 69.65 -10.63 1.98
C LYS A 1985 68.32 -10.89 1.29
N ARG A 1986 67.19 -10.62 1.92
CA ARG A 1986 65.90 -10.92 1.35
C ARG A 1986 65.45 -9.82 0.39
N ARG A 1987 65.05 -10.21 -0.81
CA ARG A 1987 64.54 -9.28 -1.81
C ARG A 1987 63.09 -8.98 -1.49
N TYR A 1988 62.82 -7.76 -1.03
CA TYR A 1988 61.48 -7.41 -0.56
C TYR A 1988 60.54 -7.22 -1.74
N ASN A 1989 59.30 -7.70 -1.57
CA ASN A 1989 58.37 -7.80 -2.68
C ASN A 1989 57.75 -6.45 -3.02
N PHE A 1990 57.03 -5.83 -2.07
CA PHE A 1990 56.39 -4.52 -2.17
C PHE A 1990 55.46 -4.40 -3.37
N PRO A 1991 54.23 -4.92 -3.30
CA PRO A 1991 53.32 -4.90 -4.46
C PRO A 1991 52.83 -3.52 -4.85
N VAL A 1992 51.94 -3.44 -5.85
CA VAL A 1992 51.64 -2.15 -6.46
C VAL A 1992 50.79 -1.24 -5.57
N GLU A 1993 49.53 -1.58 -5.29
CA GLU A 1993 48.88 -1.04 -4.10
C GLU A 1993 48.05 -2.11 -3.40
N VAL A 1994 47.37 -2.94 -4.20
CA VAL A 1994 46.26 -3.75 -3.72
C VAL A 1994 46.70 -5.16 -3.36
N SER A 2034 14.48 -15.27 31.05
CA SER A 2034 14.00 -15.32 32.42
C SER A 2034 12.71 -16.12 32.48
N THR A 2035 12.82 -17.30 33.09
CA THR A 2035 11.85 -18.40 33.29
C THR A 2035 11.59 -19.16 31.99
N LEU A 2036 11.80 -18.51 30.86
CA LEU A 2036 11.81 -19.20 29.59
C LEU A 2036 13.22 -19.55 29.16
N SER A 2037 14.22 -18.86 29.71
CA SER A 2037 15.57 -19.40 29.69
C SER A 2037 15.65 -20.71 30.46
N GLU A 2038 14.92 -20.81 31.58
CA GLU A 2038 14.94 -22.04 32.35
C GLU A 2038 14.17 -23.15 31.64
N GLU A 2039 12.97 -22.85 31.15
CA GLU A 2039 12.24 -23.86 30.35
C GLU A 2039 12.83 -24.08 28.96
N MET A 2040 13.86 -23.32 28.56
CA MET A 2040 14.65 -23.62 27.39
C MET A 2040 15.93 -24.38 27.72
N SER A 2041 16.41 -24.27 28.94
CA SER A 2041 17.56 -25.06 29.38
C SER A 2041 17.16 -26.44 29.86
N GLN A 2042 15.89 -26.65 30.21
CA GLN A 2042 15.44 -28.01 30.52
C GLN A 2042 15.41 -28.90 29.30
N PHE A 2043 15.27 -28.33 28.10
CA PHE A 2043 15.46 -29.09 26.87
C PHE A 2043 16.92 -29.28 26.54
N ASP A 2044 17.83 -28.57 27.20
CA ASP A 2044 19.25 -28.73 26.99
C ASP A 2044 19.94 -29.50 28.11
N PHE A 2045 19.20 -29.87 29.15
CA PHE A 2045 19.75 -30.73 30.20
C PHE A 2045 19.57 -32.20 29.86
N SER A 2046 18.37 -32.58 29.44
CA SER A 2046 18.02 -33.97 29.25
C SER A 2046 18.30 -34.47 27.85
N THR A 2047 18.88 -33.65 26.99
CA THR A 2047 19.21 -34.08 25.64
C THR A 2047 20.71 -34.01 25.33
N GLY A 2048 21.34 -32.85 25.52
CA GLY A 2048 22.72 -32.67 25.12
C GLY A 2048 23.02 -31.27 24.58
N GLU A 2082 47.02 0.93 15.69
CA GLU A 2082 47.59 -0.28 15.11
C GLU A 2082 47.96 -0.06 13.63
N LEU A 2083 48.23 -1.17 12.93
CA LEU A 2083 48.72 -1.12 11.57
C LEU A 2083 48.12 -2.27 10.78
N GLU A 2084 48.69 -2.51 9.60
CA GLU A 2084 48.45 -3.71 8.82
C GLU A 2084 49.81 -4.23 8.36
N MET A 2085 50.09 -5.50 8.65
CA MET A 2085 51.43 -6.06 8.49
C MET A 2085 51.53 -6.79 7.16
N ASP A 2086 52.28 -6.22 6.22
CA ASP A 2086 52.50 -6.86 4.93
C ASP A 2086 53.86 -7.53 4.81
N GLU A 2087 54.96 -6.76 4.86
CA GLU A 2087 56.30 -7.35 4.84
C GLU A 2087 57.27 -6.73 5.82
N LEU A 2088 57.14 -5.45 6.16
CA LEU A 2088 58.11 -4.79 7.00
C LEU A 2088 57.59 -4.44 8.37
N ASN A 2089 56.27 -4.30 8.54
CA ASN A 2089 55.75 -3.91 9.84
C ASN A 2089 55.82 -5.04 10.86
N ARG A 2090 55.94 -6.29 10.41
CA ARG A 2090 56.28 -7.39 11.31
C ARG A 2090 57.75 -7.73 11.16
N HIS A 2091 58.59 -6.87 11.74
CA HIS A 2091 60.03 -7.10 11.79
C HIS A 2091 60.52 -7.27 13.22
N GLU A 2092 59.60 -7.56 14.16
CA GLU A 2092 59.83 -7.91 15.58
C GLU A 2092 60.78 -6.95 16.31
N CYS A 2093 60.84 -5.71 15.85
CA CYS A 2093 61.58 -4.64 16.50
C CYS A 2093 60.84 -3.33 16.46
N MET A 2094 59.79 -3.24 15.64
CA MET A 2094 59.21 -1.95 15.26
C MET A 2094 58.33 -1.39 16.36
N ALA A 2095 57.47 -2.23 16.92
CA ALA A 2095 56.58 -1.76 17.98
C ALA A 2095 57.29 -1.27 19.25
N PRO A 2096 58.33 -1.95 19.80
CA PRO A 2096 59.02 -1.32 20.94
C PRO A 2096 59.82 -0.10 20.56
N LEU A 2097 60.35 -0.03 19.34
CA LEU A 2097 61.06 1.16 18.90
C LEU A 2097 60.13 2.35 18.78
N THR A 2098 58.93 2.14 18.24
CA THR A 2098 57.96 3.23 18.09
C THR A 2098 57.41 3.66 19.44
N ALA A 2099 57.14 2.69 20.33
CA ALA A 2099 56.76 3.07 21.69
C ALA A 2099 57.89 3.78 22.42
N LEU A 2100 59.14 3.44 22.09
CA LEU A 2100 60.28 4.10 22.71
C LEU A 2100 60.43 5.53 22.25
N VAL A 2101 60.26 5.77 20.94
CA VAL A 2101 60.32 7.13 20.40
C VAL A 2101 59.15 7.97 20.94
N LYS A 2102 57.97 7.35 21.04
CA LYS A 2102 56.83 8.04 21.61
C LYS A 2102 57.03 8.36 23.08
N HIS A 2103 57.69 7.45 23.82
CA HIS A 2103 57.97 7.70 25.23
C HIS A 2103 59.03 8.79 25.38
N MET A 2104 60.00 8.82 24.47
CA MET A 2104 60.99 9.90 24.43
C MET A 2104 60.32 11.24 24.22
N HIS A 2105 59.27 11.27 23.38
CA HIS A 2105 58.51 12.50 23.21
C HIS A 2105 57.74 12.86 24.47
N ARG A 2106 56.79 12.03 24.88
CA ARG A 2106 55.98 12.37 26.05
C ARG A 2106 56.56 11.80 27.34
N SER A 2107 57.85 12.00 27.53
CA SER A 2107 58.51 11.73 28.80
C SER A 2107 59.23 12.94 29.37
N LEU A 2108 59.91 13.71 28.54
CA LEU A 2108 60.72 14.82 29.02
C LEU A 2108 60.34 16.12 28.31
N ARG A 2120 68.28 22.20 17.35
CA ARG A 2120 68.98 21.41 16.34
C ARG A 2120 68.54 19.96 16.37
N ASP A 2121 69.45 19.06 16.03
CA ASP A 2121 69.12 17.65 15.94
C ASP A 2121 69.06 17.01 17.32
N LEU A 2122 68.73 15.73 17.34
CA LEU A 2122 68.79 14.90 18.54
C LEU A 2122 69.71 13.74 18.24
N PRO A 2123 70.87 13.65 18.88
CA PRO A 2123 72.04 12.99 18.29
C PRO A 2123 71.94 11.49 18.01
N SER A 2124 71.66 10.70 19.04
CA SER A 2124 71.85 9.27 18.92
C SER A 2124 70.69 8.55 18.28
N TRP A 2125 69.53 9.20 18.15
CA TRP A 2125 68.34 8.54 17.62
C TRP A 2125 67.71 9.25 16.44
N MET A 2126 68.07 10.50 16.17
CA MET A 2126 67.67 11.19 14.95
C MET A 2126 68.86 11.54 14.08
N LYS A 2127 69.89 12.19 14.66
CA LYS A 2127 71.06 12.55 13.86
C LYS A 2127 71.88 11.33 13.49
N PHE A 2128 71.88 10.29 14.34
CA PHE A 2128 72.59 9.06 14.00
C PHE A 2128 71.93 8.34 12.83
N LEU A 2129 70.59 8.29 12.82
CA LEU A 2129 69.87 7.74 11.66
C LEU A 2129 70.02 8.64 10.45
N HIS A 2130 70.15 9.95 10.67
CA HIS A 2130 70.38 10.88 9.57
C HIS A 2130 71.73 10.62 8.91
N GLY A 2131 72.73 10.29 9.72
CA GLY A 2131 74.01 9.89 9.17
C GLY A 2131 73.97 8.52 8.50
N LYS A 2132 73.17 7.61 9.04
CA LYS A 2132 73.07 6.27 8.48
C LYS A 2132 71.97 6.13 7.42
N LEU A 2133 71.36 7.22 6.99
CA LEU A 2133 70.46 7.22 5.86
C LEU A 2133 70.94 8.08 4.70
N GLY A 2134 71.75 9.11 4.97
CA GLY A 2134 72.20 10.02 3.94
C GLY A 2134 73.20 9.43 2.96
N ASN A 2135 73.92 8.40 3.36
CA ASN A 2135 74.85 7.76 2.45
C ASN A 2135 74.11 6.80 1.54
N PRO A 2136 74.25 6.91 0.22
CA PRO A 2136 73.78 5.86 -0.69
C PRO A 2136 74.83 4.77 -0.92
N ILE A 2137 75.47 4.33 0.16
CA ILE A 2137 76.49 3.30 0.08
C ILE A 2137 76.18 2.26 1.16
N VAL A 2138 75.23 2.60 2.03
CA VAL A 2138 74.71 1.71 3.07
C VAL A 2138 73.94 0.60 2.36
N PRO A 2139 73.80 -0.59 2.96
CA PRO A 2139 72.87 -1.59 2.44
C PRO A 2139 71.45 -1.06 2.23
N LEU A 2140 70.73 -1.70 1.31
CA LEU A 2140 69.43 -1.18 0.90
C LEU A 2140 68.39 -1.40 1.98
N ASN A 2141 68.41 -2.57 2.62
CA ASN A 2141 67.28 -2.96 3.47
C ASN A 2141 67.22 -2.15 4.75
N ILE A 2142 68.38 -1.77 5.29
CA ILE A 2142 68.38 -0.81 6.41
C ILE A 2142 67.89 0.55 5.96
N ARG A 2143 68.25 0.95 4.73
CA ARG A 2143 67.83 2.26 4.23
C ARG A 2143 66.32 2.32 4.01
N LEU A 2144 65.69 1.18 3.72
CA LEU A 2144 64.24 1.13 3.65
C LEU A 2144 63.62 0.96 5.03
N PHE A 2145 64.30 0.27 5.94
CA PHE A 2145 63.75 -0.01 7.25
C PHE A 2145 63.71 1.23 8.12
N LEU A 2146 64.65 2.14 7.92
CA LEU A 2146 64.72 3.30 8.79
C LEU A 2146 63.65 4.35 8.48
N ALA A 2147 63.11 4.37 7.26
CA ALA A 2147 62.08 5.33 6.92
C ALA A 2147 60.71 4.95 7.47
N LYS A 2148 60.47 3.67 7.72
CA LYS A 2148 59.21 3.28 8.35
C LYS A 2148 59.31 3.35 9.87
N LEU A 2149 59.86 4.43 10.35
CA LEU A 2149 59.84 4.94 11.71
C LEU A 2149 59.45 6.40 11.72
N VAL A 2150 59.96 7.20 10.77
CA VAL A 2150 59.46 8.55 10.59
C VAL A 2150 58.10 8.50 9.91
N ILE A 2151 57.79 7.42 9.19
CA ILE A 2151 56.44 7.27 8.65
C ILE A 2151 55.44 7.00 9.77
N ASN A 2152 55.75 6.04 10.64
CA ASN A 2152 54.78 5.65 11.65
C ASN A 2152 54.75 6.57 12.85
N THR A 2153 55.80 7.36 13.10
CA THR A 2153 55.87 8.23 14.26
C THR A 2153 56.24 9.65 13.85
N GLU A 2154 55.54 10.19 12.85
CA GLU A 2154 55.91 11.51 12.34
C GLU A 2154 55.60 12.64 13.31
N GLU A 2155 54.82 12.39 14.37
CA GLU A 2155 54.47 13.44 15.32
C GLU A 2155 55.67 13.89 16.15
N VAL A 2156 56.71 13.06 16.23
CA VAL A 2156 57.96 13.47 16.85
C VAL A 2156 58.86 14.17 15.83
N PHE A 2157 58.88 13.67 14.59
CA PHE A 2157 59.74 14.22 13.56
C PHE A 2157 59.15 15.43 12.85
N ARG A 2158 57.90 15.80 13.15
CA ARG A 2158 57.32 16.98 12.50
C ARG A 2158 57.99 18.29 12.89
N PRO A 2159 58.26 18.60 14.18
CA PRO A 2159 58.99 19.85 14.45
C PRO A 2159 60.43 19.84 13.98
N TYR A 2160 61.03 18.67 13.78
CA TYR A 2160 62.38 18.57 13.23
C TYR A 2160 62.36 18.06 11.80
N ALA A 2161 61.26 18.35 11.08
CA ALA A 2161 61.17 18.02 9.66
C ALA A 2161 61.92 19.00 8.78
N LYS A 2162 62.45 20.08 9.36
CA LYS A 2162 63.25 21.01 8.57
C LYS A 2162 64.58 20.38 8.17
N HIS A 2163 65.07 19.43 8.95
CA HIS A 2163 66.25 18.68 8.58
C HIS A 2163 65.90 17.41 7.82
N TRP A 2164 64.76 16.80 8.11
CA TRP A 2164 64.27 15.66 7.35
C TRP A 2164 63.53 16.20 6.13
N LEU A 2165 64.30 16.63 5.16
CA LEU A 2165 63.73 17.13 3.92
C LEU A 2165 64.33 16.47 2.69
N SER A 2166 65.63 16.21 2.69
CA SER A 2166 66.35 15.59 1.59
C SER A 2166 66.30 14.06 1.53
N PRO A 2167 66.58 13.28 2.60
CA PRO A 2167 66.83 11.85 2.38
C PRO A 2167 65.60 11.04 2.05
N LEU A 2168 64.41 11.50 2.44
CA LEU A 2168 63.19 10.85 1.99
C LEU A 2168 63.04 10.96 0.48
N LEU A 2169 63.28 12.15 -0.07
CA LEU A 2169 63.23 12.31 -1.51
C LEU A 2169 64.40 11.65 -2.21
N GLN A 2170 65.53 11.48 -1.52
CA GLN A 2170 66.63 10.71 -2.10
C GLN A 2170 66.28 9.23 -2.14
N LEU A 2171 65.49 8.76 -1.18
CA LEU A 2171 64.96 7.40 -1.24
C LEU A 2171 63.97 7.25 -2.39
N ALA A 2172 63.13 8.27 -2.60
CA ALA A 2172 62.09 8.16 -3.61
C ALA A 2172 62.62 8.32 -5.03
N ALA A 2173 63.57 9.21 -5.24
CA ALA A 2173 63.96 9.62 -6.58
C ALA A 2173 64.97 8.69 -7.24
N SER A 2174 65.98 8.24 -6.51
CA SER A 2174 67.03 7.41 -7.08
C SER A 2174 66.48 6.02 -7.43
N GLU A 2175 66.89 5.51 -8.59
CA GLU A 2175 66.43 4.21 -9.06
C GLU A 2175 67.23 3.10 -8.38
N ASN A 2176 66.97 2.95 -7.08
CA ASN A 2176 67.49 1.82 -6.32
C ASN A 2176 66.49 1.33 -5.30
N ASN A 2177 65.19 1.43 -5.60
CA ASN A 2177 64.18 1.05 -4.62
C ASN A 2177 63.74 -0.39 -4.76
N GLY A 2178 63.69 -0.93 -5.96
CA GLY A 2178 63.34 -2.33 -6.14
C GLY A 2178 62.19 -2.59 -7.09
N GLY A 2179 62.38 -3.50 -8.03
CA GLY A 2179 61.36 -3.72 -9.05
C GLY A 2179 61.36 -2.55 -10.03
N GLU A 2180 60.19 -1.94 -10.22
CA GLU A 2180 60.07 -0.69 -10.95
C GLU A 2180 60.09 0.52 -10.01
N GLY A 2181 60.74 0.36 -8.85
CA GLY A 2181 60.54 1.26 -7.73
C GLY A 2181 59.44 0.68 -6.87
N ILE A 2182 59.67 0.61 -5.57
CA ILE A 2182 58.70 -0.01 -4.66
C ILE A 2182 57.57 1.00 -4.43
N HIS A 2183 56.49 0.69 -5.13
CA HIS A 2183 55.34 1.62 -5.31
C HIS A 2183 54.74 2.23 -4.05
N TYR A 2184 54.07 1.44 -3.23
CA TYR A 2184 53.29 2.02 -2.16
C TYR A 2184 54.18 2.72 -1.14
N MET A 2185 55.43 2.28 -1.02
CA MET A 2185 56.42 3.02 -0.25
C MET A 2185 56.67 4.39 -0.85
N VAL A 2186 56.71 4.46 -2.19
CA VAL A 2186 56.91 5.73 -2.89
C VAL A 2186 55.75 6.67 -2.62
N VAL A 2187 54.52 6.15 -2.73
CA VAL A 2187 53.37 7.05 -2.56
C VAL A 2187 53.20 7.46 -1.10
N GLU A 2188 53.58 6.59 -0.16
CA GLU A 2188 53.46 6.96 1.24
C GLU A 2188 54.53 7.96 1.65
N ILE A 2189 55.74 7.83 1.08
CA ILE A 2189 56.82 8.77 1.37
C ILE A 2189 56.48 10.15 0.81
N VAL A 2190 55.98 10.21 -0.44
CA VAL A 2190 55.66 11.53 -0.99
C VAL A 2190 54.44 12.13 -0.30
N ALA A 2191 53.51 11.31 0.20
CA ALA A 2191 52.40 11.84 0.97
C ALA A 2191 52.86 12.43 2.30
N THR A 2192 53.71 11.69 3.02
CA THR A 2192 54.13 12.18 4.32
C THR A 2192 55.14 13.32 4.22
N ILE A 2193 55.77 13.54 3.06
CA ILE A 2193 56.60 14.72 2.95
C ILE A 2193 55.83 15.92 2.42
N LEU A 2194 54.80 15.71 1.60
CA LEU A 2194 54.00 16.85 1.17
C LEU A 2194 52.97 17.25 2.20
N SER A 2195 52.79 16.45 3.25
CA SER A 2195 51.80 16.76 4.28
C SER A 2195 52.13 18.00 5.11
N TRP A 2196 53.34 18.55 5.04
CA TRP A 2196 53.66 19.75 5.79
C TRP A 2196 54.04 20.90 4.86
N THR A 2197 53.04 21.65 4.40
CA THR A 2197 53.32 22.90 3.71
C THR A 2197 53.66 23.98 4.71
N GLY A 2198 54.34 25.02 4.23
CA GLY A 2198 54.82 26.06 5.12
C GLY A 2198 55.89 25.61 6.08
N LEU A 2199 56.53 24.48 5.79
CA LEU A 2199 57.46 23.82 6.70
C LEU A 2199 58.38 22.97 5.83
N ALA A 2200 59.67 23.33 5.81
CA ALA A 2200 60.71 22.65 5.03
C ALA A 2200 60.34 22.62 3.54
N THR A 2201 60.35 23.81 2.96
CA THR A 2201 59.96 23.99 1.57
C THR A 2201 60.91 23.25 0.64
N PRO A 2202 60.41 22.36 -0.23
CA PRO A 2202 61.31 21.58 -1.08
C PRO A 2202 62.02 22.41 -2.13
N THR A 2203 61.37 23.44 -2.66
CA THR A 2203 62.03 24.30 -3.61
C THR A 2203 63.02 25.22 -2.89
N GLY A 2204 63.97 25.74 -3.65
CA GLY A 2204 65.00 26.60 -3.12
C GLY A 2204 66.22 25.87 -2.59
N VAL A 2205 66.07 24.60 -2.22
CA VAL A 2205 67.23 23.78 -1.85
C VAL A 2205 68.05 23.51 -3.11
N PRO A 2206 69.35 23.82 -3.13
CA PRO A 2206 70.13 23.71 -4.37
C PRO A 2206 70.47 22.28 -4.79
N LYS A 2207 69.91 21.26 -4.13
CA LYS A 2207 70.06 19.88 -4.57
C LYS A 2207 68.70 19.22 -4.72
N ASP A 2208 67.76 19.60 -3.84
CA ASP A 2208 66.44 18.99 -3.93
C ASP A 2208 65.66 19.50 -5.12
N GLU A 2209 66.06 20.63 -5.70
CA GLU A 2209 65.49 21.05 -6.98
C GLU A 2209 65.75 20.02 -8.07
N VAL A 2210 67.03 19.68 -8.27
CA VAL A 2210 67.40 18.74 -9.31
C VAL A 2210 67.05 17.30 -8.93
N LEU A 2211 66.75 17.04 -7.66
CA LEU A 2211 66.16 15.74 -7.31
C LEU A 2211 64.66 15.71 -7.59
N ALA A 2212 63.97 16.82 -7.30
CA ALA A 2212 62.52 16.85 -7.42
C ALA A 2212 62.08 16.88 -8.87
N ASN A 2213 62.92 17.41 -9.76
CA ASN A 2213 62.60 17.34 -11.18
C ASN A 2213 62.61 15.90 -11.68
N ARG A 2214 63.60 15.12 -11.22
CA ARG A 2214 63.64 13.70 -11.55
C ARG A 2214 62.46 12.95 -10.94
N LEU A 2215 62.09 13.34 -9.71
CA LEU A 2215 60.90 12.82 -9.04
C LEU A 2215 59.65 13.04 -9.88
N LEU A 2216 59.43 14.29 -10.30
CA LEU A 2216 58.22 14.66 -11.01
C LEU A 2216 58.17 14.03 -12.39
N ASN A 2217 59.33 13.91 -13.06
CA ASN A 2217 59.30 13.28 -14.36
C ASN A 2217 59.09 11.77 -14.27
N PHE A 2218 59.57 11.12 -13.20
CA PHE A 2218 59.25 9.72 -13.01
C PHE A 2218 57.76 9.52 -12.75
N LEU A 2219 57.18 10.40 -11.93
CA LEU A 2219 55.76 10.30 -11.62
C LEU A 2219 54.91 10.53 -12.86
N MET A 2220 55.31 11.48 -13.70
CA MET A 2220 54.62 11.68 -14.98
C MET A 2220 54.88 10.53 -15.93
N LYS A 2221 55.99 9.81 -15.79
CA LYS A 2221 56.28 8.72 -16.70
C LYS A 2221 55.39 7.53 -16.40
N HIS A 2222 55.47 6.98 -15.20
CA HIS A 2222 54.78 5.73 -14.88
C HIS A 2222 53.46 6.08 -14.20
N VAL A 2223 52.39 6.17 -14.99
CA VAL A 2223 51.14 6.71 -14.46
C VAL A 2223 49.90 5.91 -14.88
N PHE A 2224 50.01 5.04 -15.89
CA PHE A 2224 48.82 4.54 -16.57
C PHE A 2224 47.95 3.60 -15.74
N HIS A 2225 48.46 2.42 -15.39
CA HIS A 2225 47.82 1.46 -14.48
C HIS A 2225 46.39 1.05 -14.85
N PRO A 2226 46.20 0.06 -15.77
CA PRO A 2226 44.86 -0.30 -16.31
C PRO A 2226 43.68 -0.46 -15.34
N LYS A 2227 43.92 -0.66 -14.05
CA LYS A 2227 42.84 -0.63 -13.08
C LYS A 2227 42.47 0.81 -12.76
N ARG A 2228 41.19 1.15 -12.94
CA ARG A 2228 40.74 2.53 -12.99
C ARG A 2228 40.81 3.23 -11.65
N ALA A 2229 40.84 2.49 -10.54
CA ALA A 2229 40.61 3.09 -9.24
C ALA A 2229 41.80 3.89 -8.71
N VAL A 2230 43.02 3.40 -8.91
CA VAL A 2230 44.20 4.12 -8.44
C VAL A 2230 44.79 5.04 -9.49
N PHE A 2231 44.26 5.01 -10.72
CA PHE A 2231 44.60 5.99 -11.74
C PHE A 2231 44.30 7.40 -11.25
N ARG A 2232 43.11 7.58 -10.65
CA ARG A 2232 42.74 8.86 -10.08
C ARG A 2232 43.63 9.23 -8.91
N HIS A 2233 44.13 8.24 -8.17
CA HIS A 2233 45.04 8.57 -7.07
C HIS A 2233 46.40 9.01 -7.58
N ASN A 2234 46.86 8.40 -8.68
CA ASN A 2234 48.10 8.84 -9.31
C ASN A 2234 47.97 10.27 -9.83
N LEU A 2235 46.85 10.57 -10.49
CA LEU A 2235 46.63 11.93 -10.98
C LEU A 2235 46.47 12.93 -9.85
N GLU A 2236 45.88 12.49 -8.72
CA GLU A 2236 45.76 13.38 -7.58
C GLU A 2236 47.09 13.64 -6.93
N ILE A 2237 47.98 12.65 -6.90
CA ILE A 2237 49.31 12.86 -6.34
C ILE A 2237 50.12 13.81 -7.22
N ILE A 2238 49.99 13.68 -8.55
CA ILE A 2238 50.66 14.62 -9.46
C ILE A 2238 50.10 16.03 -9.30
N LYS A 2239 48.77 16.15 -9.16
CA LYS A 2239 48.14 17.45 -9.03
C LYS A 2239 48.53 18.13 -7.72
N THR A 2240 48.55 17.37 -6.62
CA THR A 2240 49.00 17.94 -5.35
C THR A 2240 50.47 18.28 -5.38
N LEU A 2241 51.28 17.51 -6.11
CA LEU A 2241 52.71 17.80 -6.19
C LEU A 2241 52.97 19.11 -6.92
N VAL A 2242 52.34 19.31 -8.08
CA VAL A 2242 52.55 20.55 -8.81
C VAL A 2242 51.88 21.72 -8.10
N GLU A 2243 50.79 21.47 -7.37
CA GLU A 2243 50.13 22.53 -6.64
C GLU A 2243 50.94 22.98 -5.43
N CYS A 2244 51.69 22.07 -4.81
CA CYS A 2244 52.46 22.47 -3.64
C CYS A 2244 53.86 22.95 -3.96
N TRP A 2245 54.51 22.41 -4.99
CA TRP A 2245 55.91 22.79 -5.23
C TRP A 2245 56.00 24.16 -5.90
N LYS A 2246 55.57 24.24 -7.16
CA LYS A 2246 55.19 25.47 -7.86
C LYS A 2246 56.31 26.49 -8.10
N ASP A 2247 57.50 26.27 -7.57
CA ASP A 2247 58.58 27.24 -7.68
C ASP A 2247 59.74 26.73 -8.50
N CYS A 2248 60.32 25.59 -8.14
CA CYS A 2248 61.26 24.94 -9.02
C CYS A 2248 60.44 24.31 -10.15
N LEU A 2249 60.29 25.06 -11.24
CA LEU A 2249 59.23 24.85 -12.22
C LEU A 2249 59.35 23.51 -12.94
N SER A 2250 60.36 23.41 -13.82
CA SER A 2250 60.71 22.24 -14.63
C SER A 2250 59.55 21.44 -15.19
N ILE A 2251 58.50 22.12 -15.65
CA ILE A 2251 57.32 21.44 -16.15
C ILE A 2251 57.67 20.74 -17.46
N PRO A 2252 57.68 19.42 -17.47
CA PRO A 2252 58.35 18.69 -18.54
C PRO A 2252 57.46 18.43 -19.73
N TYR A 2253 57.95 18.78 -20.92
CA TYR A 2253 57.18 18.53 -22.12
C TYR A 2253 57.79 17.36 -22.88
N ARG A 2254 57.19 17.09 -24.04
CA ARG A 2254 57.53 16.08 -25.05
C ARG A 2254 57.22 14.66 -24.62
N LEU A 2255 56.96 14.44 -23.33
CA LEU A 2255 56.46 13.15 -22.89
C LEU A 2255 54.93 13.13 -22.95
N ILE A 2256 54.29 14.24 -22.61
CA ILE A 2256 52.88 14.40 -22.89
C ILE A 2256 52.65 14.44 -24.40
N PHE A 2257 53.60 15.04 -25.13
CA PHE A 2257 53.49 15.07 -26.58
C PHE A 2257 53.63 13.67 -27.17
N GLU A 2258 54.52 12.85 -26.62
CA GLU A 2258 54.57 11.47 -27.02
C GLU A 2258 53.35 10.69 -26.55
N LYS A 2259 52.69 11.16 -25.48
CA LYS A 2259 51.50 10.47 -24.99
C LYS A 2259 50.32 10.69 -25.93
N PHE A 2260 50.05 11.94 -26.32
CA PHE A 2260 48.86 12.17 -27.13
C PHE A 2260 49.12 12.29 -28.63
N SER A 2261 50.37 12.20 -29.08
CA SER A 2261 50.62 12.31 -30.51
C SER A 2261 50.29 11.03 -31.28
N GLY A 2262 49.85 9.98 -30.60
CA GLY A 2262 49.61 8.70 -31.26
C GLY A 2262 48.32 8.70 -32.05
N LYS A 2263 48.42 8.24 -33.29
CA LYS A 2263 47.31 8.20 -34.24
C LYS A 2263 46.51 6.91 -34.03
N ASP A 2264 45.76 6.48 -35.07
CA ASP A 2264 44.87 5.33 -35.12
C ASP A 2264 43.72 5.47 -34.12
N PRO A 2265 42.71 6.28 -34.45
CA PRO A 2265 41.63 6.58 -33.49
C PRO A 2265 40.70 5.42 -33.18
N ASN A 2266 41.23 4.38 -32.55
CA ASN A 2266 40.40 3.28 -32.08
C ASN A 2266 40.74 2.89 -30.66
N SER A 2267 41.83 3.39 -30.09
CA SER A 2267 42.23 3.09 -28.73
C SER A 2267 42.65 4.37 -28.04
N LYS A 2268 42.37 4.46 -26.75
CA LYS A 2268 42.44 5.73 -26.02
C LYS A 2268 43.82 5.99 -25.46
N ASP A 2269 44.85 5.86 -26.29
CA ASP A 2269 46.21 6.04 -25.80
C ASP A 2269 46.62 7.50 -25.76
N ASN A 2270 45.79 8.42 -26.26
CA ASN A 2270 46.06 9.84 -26.19
C ASN A 2270 45.42 10.49 -24.98
N SER A 2271 44.77 9.70 -24.12
CA SER A 2271 43.97 10.27 -23.04
C SER A 2271 44.86 10.90 -21.97
N VAL A 2272 46.00 10.26 -21.68
CA VAL A 2272 46.82 10.66 -20.55
C VAL A 2272 47.47 12.00 -20.81
N GLY A 2273 47.77 12.29 -22.08
CA GLY A 2273 48.34 13.58 -22.43
C GLY A 2273 47.38 14.73 -22.16
N ILE A 2274 46.12 14.57 -22.55
CA ILE A 2274 45.20 15.68 -22.35
C ILE A 2274 44.73 15.78 -20.89
N GLN A 2275 44.61 14.66 -20.17
CA GLN A 2275 44.32 14.78 -18.74
C GLN A 2275 45.46 15.47 -18.00
N LEU A 2276 46.70 15.10 -18.32
CA LEU A 2276 47.83 15.68 -17.60
C LEU A 2276 48.06 17.14 -18.01
N LEU A 2277 47.72 17.48 -19.26
CA LEU A 2277 47.76 18.87 -19.67
C LEU A 2277 46.67 19.67 -18.97
N GLY A 2278 45.50 19.08 -18.74
CA GLY A 2278 44.51 19.75 -17.92
C GLY A 2278 44.94 19.90 -16.48
N ILE A 2279 45.71 18.95 -15.98
CA ILE A 2279 46.24 19.03 -14.61
C ILE A 2279 47.22 20.20 -14.49
N VAL A 2280 48.15 20.32 -15.44
CA VAL A 2280 49.12 21.41 -15.36
C VAL A 2280 48.48 22.75 -15.74
N MET A 2281 47.40 22.73 -16.52
CA MET A 2281 46.78 23.97 -16.96
C MET A 2281 45.87 24.57 -15.91
N ALA A 2282 45.07 23.72 -15.25
CA ALA A 2282 43.96 24.17 -14.41
C ALA A 2282 44.42 24.94 -13.18
N ASN A 2283 45.66 24.77 -12.75
CA ASN A 2283 46.19 25.60 -11.68
C ASN A 2283 46.68 26.94 -12.22
N ASP A 2284 47.72 26.88 -13.05
CA ASP A 2284 48.54 28.04 -13.43
C ASP A 2284 49.39 27.62 -14.62
N LEU A 2285 50.52 28.32 -14.84
CA LEU A 2285 51.68 27.80 -15.56
C LEU A 2285 51.38 27.48 -17.03
N PRO A 2286 51.40 28.51 -17.89
CA PRO A 2286 50.93 28.38 -19.29
C PRO A 2286 51.62 27.26 -20.05
N PRO A 2287 50.97 26.72 -21.09
CA PRO A 2287 51.57 25.64 -21.89
C PRO A 2287 52.52 26.13 -22.97
N TYR A 2288 53.44 27.01 -22.59
CA TYR A 2288 54.40 27.56 -23.53
C TYR A 2288 55.40 26.48 -23.91
N ASP A 2289 55.36 26.10 -25.16
CA ASP A 2289 56.27 25.10 -25.70
C ASP A 2289 57.69 25.63 -25.98
N PRO A 2290 57.90 26.67 -26.83
CA PRO A 2290 59.23 26.81 -27.45
C PRO A 2290 60.27 27.50 -26.59
N GLN A 2291 60.35 27.11 -25.33
CA GLN A 2291 61.42 27.54 -24.45
C GLN A 2291 62.40 26.42 -24.13
N CYS A 2292 61.92 25.20 -24.03
CA CYS A 2292 62.80 24.04 -23.89
C CYS A 2292 62.47 22.93 -24.88
N GLY A 2293 61.20 22.69 -25.17
CA GLY A 2293 60.83 21.53 -25.94
C GLY A 2293 60.75 21.76 -27.43
N ILE A 2294 59.56 21.55 -27.99
CA ILE A 2294 59.32 21.74 -29.41
C ILE A 2294 58.78 23.14 -29.62
N GLN A 2295 58.77 23.60 -30.87
CA GLN A 2295 58.18 24.88 -31.20
C GLN A 2295 56.68 24.87 -30.94
N SER A 2296 56.13 26.06 -30.67
CA SER A 2296 54.72 26.15 -30.31
C SER A 2296 53.79 25.95 -31.51
N SER A 2297 54.31 26.05 -32.72
CA SER A 2297 53.45 26.03 -33.89
C SER A 2297 53.00 24.64 -34.30
N GLU A 2298 53.48 23.59 -33.64
CA GLU A 2298 53.10 22.23 -33.99
C GLU A 2298 52.46 21.46 -32.84
N TYR A 2299 52.78 21.81 -31.61
CA TYR A 2299 52.19 21.15 -30.45
C TYR A 2299 50.68 21.39 -30.37
N PHE A 2300 50.28 22.64 -30.56
CA PHE A 2300 48.85 22.97 -30.61
C PHE A 2300 48.16 22.28 -31.76
N GLN A 2301 48.84 22.16 -32.90
CA GLN A 2301 48.25 21.47 -34.04
C GLN A 2301 48.08 19.99 -33.76
N ALA A 2302 48.99 19.39 -33.00
CA ALA A 2302 48.82 18.00 -32.60
C ALA A 2302 47.62 17.83 -31.69
N LEU A 2303 47.41 18.78 -30.80
CA LEU A 2303 46.24 18.76 -29.91
C LEU A 2303 44.94 18.86 -30.70
N VAL A 2304 44.87 19.84 -31.60
CA VAL A 2304 43.69 20.05 -32.43
C VAL A 2304 43.47 18.87 -33.37
N ASN A 2305 44.55 18.22 -33.79
CA ASN A 2305 44.43 17.07 -34.68
C ASN A 2305 43.87 15.86 -33.96
N ASN A 2306 44.22 15.65 -32.68
CA ASN A 2306 43.53 14.57 -31.96
C ASN A 2306 42.11 14.93 -31.58
N MET A 2307 41.77 16.22 -31.58
CA MET A 2307 40.38 16.61 -31.34
C MET A 2307 39.44 16.08 -32.42
N SER A 2308 39.94 15.84 -33.63
CA SER A 2308 39.09 15.23 -34.65
C SER A 2308 38.90 13.74 -34.46
N PHE A 2309 39.59 13.10 -33.51
CA PHE A 2309 39.53 11.65 -33.37
C PHE A 2309 38.22 11.28 -32.68
N VAL A 2310 37.15 11.30 -33.45
CA VAL A 2310 35.79 11.27 -32.89
C VAL A 2310 35.35 9.81 -32.82
N ARG A 2311 35.82 9.12 -31.79
CA ARG A 2311 35.32 7.76 -31.59
C ARG A 2311 34.89 7.47 -30.16
N TYR A 2312 35.62 7.95 -29.17
CA TYR A 2312 35.34 7.63 -27.77
C TYR A 2312 35.08 8.92 -27.01
N LYS A 2313 34.24 8.82 -25.98
CA LYS A 2313 33.84 10.01 -25.23
C LYS A 2313 35.01 10.59 -24.43
N GLU A 2314 35.98 9.75 -24.07
CA GLU A 2314 37.05 10.20 -23.20
C GLU A 2314 38.05 11.10 -23.89
N VAL A 2315 38.11 11.10 -25.22
CA VAL A 2315 39.15 11.82 -25.93
C VAL A 2315 38.65 13.15 -26.50
N TYR A 2316 37.56 13.18 -27.28
CA TYR A 2316 37.28 14.40 -28.02
C TYR A 2316 36.61 15.47 -27.18
N ALA A 2317 35.72 15.08 -26.27
CA ALA A 2317 35.11 16.06 -25.37
C ALA A 2317 36.15 16.66 -24.43
N ALA A 2318 37.07 15.83 -23.94
CA ALA A 2318 38.15 16.32 -23.10
C ALA A 2318 39.09 17.22 -23.87
N ALA A 2319 39.33 16.90 -25.15
CA ALA A 2319 40.17 17.75 -25.98
C ALA A 2319 39.52 19.11 -26.20
N ALA A 2320 38.21 19.12 -26.43
CA ALA A 2320 37.48 20.37 -26.59
C ALA A 2320 37.53 21.21 -25.31
N GLU A 2321 37.42 20.55 -24.16
CA GLU A 2321 37.41 21.26 -22.89
C GLU A 2321 38.78 21.88 -22.60
N VAL A 2322 39.85 21.12 -22.80
CA VAL A 2322 41.18 21.66 -22.53
C VAL A 2322 41.55 22.70 -23.57
N LEU A 2323 41.03 22.58 -24.80
CA LEU A 2323 41.25 23.61 -25.80
C LEU A 2323 40.54 24.90 -25.44
N GLY A 2324 39.34 24.79 -24.87
CA GLY A 2324 38.63 25.97 -24.41
C GLY A 2324 39.38 26.66 -23.29
N LEU A 2325 39.96 25.88 -22.39
CA LEU A 2325 40.80 26.47 -21.34
C LEU A 2325 42.03 27.16 -21.91
N ILE A 2326 42.65 26.54 -22.91
CA ILE A 2326 43.85 27.10 -23.52
C ILE A 2326 43.54 28.42 -24.20
N LEU A 2327 42.46 28.44 -24.98
CA LEU A 2327 42.04 29.64 -25.70
C LEU A 2327 41.65 30.75 -24.74
N ARG A 2328 40.98 30.40 -23.65
CA ARG A 2328 40.59 31.40 -22.66
C ARG A 2328 41.81 32.02 -22.00
N TYR A 2329 42.81 31.20 -21.67
CA TYR A 2329 44.00 31.73 -21.04
C TYR A 2329 44.80 32.61 -22.00
N VAL A 2330 44.91 32.20 -23.27
CA VAL A 2330 45.77 32.95 -24.16
C VAL A 2330 45.07 34.23 -24.60
N MET A 2331 43.73 34.26 -24.59
CA MET A 2331 43.02 35.51 -24.84
C MET A 2331 43.12 36.44 -23.65
N GLU A 2332 42.94 35.92 -22.43
CA GLU A 2332 42.97 36.78 -21.26
C GLU A 2332 44.37 37.25 -20.92
N ARG A 2333 45.40 36.59 -21.45
CA ARG A 2333 46.73 37.15 -21.39
C ARG A 2333 46.95 38.07 -22.58
N LYS A 2334 47.86 39.02 -22.43
CA LYS A 2334 48.14 40.01 -23.46
C LYS A 2334 49.31 39.53 -24.30
N ASN A 2335 49.02 38.67 -25.27
CA ASN A 2335 50.04 38.18 -26.19
C ASN A 2335 49.38 37.95 -27.55
N ILE A 2336 50.13 38.20 -28.61
CA ILE A 2336 49.63 37.98 -29.98
C ILE A 2336 49.91 36.50 -30.29
N LEU A 2337 49.06 35.66 -29.77
CA LEU A 2337 49.13 34.23 -29.97
C LEU A 2337 47.76 33.62 -30.19
N GLU A 2338 46.69 34.26 -29.71
CA GLU A 2338 45.37 33.66 -29.69
C GLU A 2338 44.75 33.58 -31.06
N GLU A 2339 45.18 34.40 -32.01
CA GLU A 2339 44.72 34.25 -33.39
C GLU A 2339 45.20 32.94 -34.00
N SER A 2340 46.48 32.63 -33.78
CA SER A 2340 47.15 31.52 -34.48
C SER A 2340 46.54 30.18 -34.15
N LEU A 2341 45.90 30.03 -32.99
CA LEU A 2341 45.19 28.81 -32.68
C LEU A 2341 43.69 28.99 -32.60
N CYS A 2342 43.20 30.21 -32.43
CA CYS A 2342 41.76 30.45 -32.46
C CYS A 2342 41.21 30.17 -33.84
N GLU A 2343 41.88 30.67 -34.88
CA GLU A 2343 41.48 30.34 -36.23
C GLU A 2343 41.77 28.88 -36.58
N LEU A 2344 42.72 28.25 -35.88
CA LEU A 2344 43.02 26.83 -36.14
C LEU A 2344 41.89 25.93 -35.65
N VAL A 2345 41.45 26.14 -34.41
CA VAL A 2345 40.32 25.40 -33.91
C VAL A 2345 39.03 25.83 -34.61
N ALA A 2346 39.00 27.05 -35.17
CA ALA A 2346 37.86 27.45 -35.99
C ALA A 2346 37.78 26.63 -37.27
N LYS A 2347 38.92 26.40 -37.93
CA LYS A 2347 38.92 25.56 -39.12
C LYS A 2347 38.55 24.12 -38.77
N GLN A 2348 39.06 23.64 -37.63
CA GLN A 2348 38.74 22.29 -37.19
C GLN A 2348 37.27 22.12 -36.86
N LEU A 2349 36.64 23.18 -36.33
CA LEU A 2349 35.22 23.12 -36.03
C LEU A 2349 34.36 23.25 -37.29
N LYS A 2350 34.75 24.13 -38.20
CA LYS A 2350 34.04 24.28 -39.47
C LYS A 2350 34.13 23.04 -40.33
N GLN A 2351 35.15 22.20 -40.12
CA GLN A 2351 35.21 20.92 -40.82
C GLN A 2351 34.13 19.95 -40.38
N HIS A 2352 33.43 20.21 -39.28
CA HIS A 2352 32.48 19.24 -38.76
C HIS A 2352 31.07 19.40 -39.30
N GLN A 2353 30.56 20.63 -39.39
CA GLN A 2353 29.12 20.91 -39.41
C GLN A 2353 28.42 20.52 -40.70
N ASN A 2354 29.00 19.74 -41.61
CA ASN A 2354 28.30 19.24 -42.78
C ASN A 2354 27.95 17.77 -42.70
N THR A 2355 28.86 16.93 -42.21
CA THR A 2355 28.62 15.50 -42.12
C THR A 2355 28.53 14.96 -40.70
N MET A 2356 29.14 15.64 -39.73
CA MET A 2356 29.09 15.22 -38.32
C MET A 2356 28.62 16.42 -37.52
N GLU A 2357 27.35 16.38 -37.08
CA GLU A 2357 26.76 17.50 -36.37
C GLU A 2357 26.61 17.26 -34.88
N ASP A 2358 26.49 16.01 -34.45
CA ASP A 2358 26.36 15.71 -33.03
C ASP A 2358 27.63 16.07 -32.28
N LYS A 2359 28.77 15.56 -32.78
CA LYS A 2359 30.07 15.89 -32.20
C LYS A 2359 30.38 17.36 -32.37
N PHE A 2360 29.87 17.97 -33.43
CA PHE A 2360 30.00 19.41 -33.65
C PHE A 2360 29.34 20.18 -32.52
N ILE A 2361 28.10 19.83 -32.17
CA ILE A 2361 27.40 20.62 -31.17
C ILE A 2361 27.96 20.32 -29.78
N VAL A 2362 28.47 19.12 -29.55
CA VAL A 2362 29.04 18.79 -28.25
C VAL A 2362 30.34 19.56 -28.04
N CYS A 2363 31.23 19.52 -29.04
CA CYS A 2363 32.50 20.24 -28.93
C CYS A 2363 32.30 21.74 -28.89
N LEU A 2364 31.29 22.25 -29.61
CA LEU A 2364 31.03 23.69 -29.60
C LEU A 2364 30.53 24.14 -28.25
N ASN A 2365 29.67 23.34 -27.62
CA ASN A 2365 29.20 23.67 -26.28
C ASN A 2365 30.35 23.61 -25.28
N LYS A 2366 31.23 22.63 -25.43
CA LYS A 2366 32.36 22.49 -24.50
C LYS A 2366 33.33 23.65 -24.61
N VAL A 2367 33.59 24.14 -25.83
CA VAL A 2367 34.49 25.27 -26.00
C VAL A 2367 33.82 26.55 -25.50
N THR A 2368 32.54 26.74 -25.84
CA THR A 2368 31.86 27.98 -25.51
C THR A 2368 31.53 28.10 -24.02
N LYS A 2369 31.53 27.00 -23.27
CA LYS A 2369 31.28 27.08 -21.83
C LYS A 2369 32.39 27.81 -21.09
N SER A 2370 33.60 27.84 -21.63
CA SER A 2370 34.70 28.58 -21.02
C SER A 2370 35.31 29.61 -21.96
N PHE A 2371 34.72 29.79 -23.14
CA PHE A 2371 35.22 30.78 -24.11
C PHE A 2371 34.03 31.43 -24.81
N PRO A 2372 33.67 32.65 -24.44
CA PRO A 2372 32.48 33.30 -25.03
C PRO A 2372 32.61 33.58 -26.52
N PRO A 2373 33.66 34.37 -27.04
CA PRO A 2373 33.52 34.91 -28.40
C PRO A 2373 33.95 33.97 -29.52
N LEU A 2374 33.50 32.71 -29.43
CA LEU A 2374 33.62 31.77 -30.54
C LEU A 2374 32.23 31.32 -30.97
N ALA A 2375 31.24 32.18 -30.72
CA ALA A 2375 29.88 31.95 -31.15
C ALA A 2375 29.42 32.95 -32.20
N ASP A 2376 30.05 34.12 -32.26
CA ASP A 2376 29.66 35.15 -33.22
C ASP A 2376 30.03 34.77 -34.65
N ARG A 2377 30.90 33.80 -34.82
CA ARG A 2377 31.26 33.27 -36.13
C ARG A 2377 30.52 31.98 -36.43
N PHE A 2378 29.58 31.60 -35.58
CA PHE A 2378 28.83 30.37 -35.73
C PHE A 2378 27.35 30.52 -35.39
N MET A 2379 26.88 31.74 -35.07
CA MET A 2379 25.57 31.91 -34.45
C MET A 2379 24.44 31.59 -35.42
N ASN A 2380 24.66 31.79 -36.72
CA ASN A 2380 23.66 31.37 -37.70
C ASN A 2380 23.55 29.86 -37.77
N ALA A 2381 24.65 29.15 -37.52
CA ALA A 2381 24.67 27.70 -37.66
C ALA A 2381 23.84 27.03 -36.57
N VAL A 2382 23.96 27.51 -35.33
CA VAL A 2382 23.21 26.90 -34.23
C VAL A 2382 21.73 27.23 -34.34
N PHE A 2383 21.38 28.42 -34.82
CA PHE A 2383 19.97 28.73 -35.07
C PHE A 2383 19.42 27.89 -36.20
N PHE A 2384 20.24 27.57 -37.19
CA PHE A 2384 19.80 26.65 -38.23
C PHE A 2384 19.64 25.24 -37.68
N LEU A 2385 20.46 24.87 -36.71
CA LEU A 2385 20.44 23.50 -36.21
C LEU A 2385 19.52 23.32 -35.01
N LEU A 2386 18.83 24.36 -34.57
CA LEU A 2386 17.95 24.22 -33.40
C LEU A 2386 16.75 23.30 -33.60
N PRO A 2387 15.90 23.41 -34.67
CA PRO A 2387 14.70 22.57 -34.68
C PRO A 2387 14.92 21.16 -35.19
N LYS A 2388 16.15 20.68 -35.22
CA LYS A 2388 16.44 19.34 -35.69
C LYS A 2388 16.87 18.38 -34.58
N PHE A 2389 16.88 18.84 -33.32
CA PHE A 2389 17.33 18.03 -32.21
C PHE A 2389 16.22 17.87 -31.18
N HIS A 2390 16.23 16.74 -30.46
CA HIS A 2390 15.14 16.45 -29.55
C HIS A 2390 15.61 16.04 -28.16
N GLY A 2391 16.80 15.47 -28.06
CA GLY A 2391 17.29 15.00 -26.78
C GLY A 2391 17.96 16.09 -25.97
N VAL A 2392 19.04 15.73 -25.28
CA VAL A 2392 19.81 16.69 -24.49
C VAL A 2392 20.60 17.66 -25.36
N LEU A 2393 20.74 17.33 -26.65
CA LEU A 2393 21.45 18.20 -27.57
C LEU A 2393 20.75 19.54 -27.76
N LYS A 2394 19.42 19.56 -27.66
CA LYS A 2394 18.69 20.82 -27.74
C LYS A 2394 19.00 21.71 -26.54
N THR A 2395 19.17 21.09 -25.37
CA THR A 2395 19.65 21.82 -24.21
C THR A 2395 21.06 22.34 -24.42
N LEU A 2396 21.89 21.58 -25.15
CA LEU A 2396 23.23 22.09 -25.45
C LEU A 2396 23.18 23.29 -26.40
N CYS A 2397 22.25 23.27 -27.38
CA CYS A 2397 22.08 24.42 -28.26
C CYS A 2397 21.63 25.66 -27.50
N LEU A 2398 20.73 25.48 -26.54
CA LEU A 2398 20.32 26.63 -25.75
C LEU A 2398 21.43 27.09 -24.82
N GLU A 2399 22.28 26.17 -24.36
CA GLU A 2399 23.44 26.56 -23.57
C GLU A 2399 24.45 27.32 -24.41
N VAL A 2400 24.49 27.05 -25.71
CA VAL A 2400 25.31 27.86 -26.62
C VAL A 2400 24.72 29.26 -26.71
N VAL A 2401 23.41 29.34 -26.99
CA VAL A 2401 22.79 30.63 -27.30
C VAL A 2401 22.60 31.52 -26.09
N LEU A 2402 22.73 30.98 -24.86
CA LEU A 2402 22.52 31.82 -23.69
C LEU A 2402 23.62 32.85 -23.52
N CYS A 2403 24.86 32.51 -23.85
CA CYS A 2403 25.97 33.38 -23.46
C CYS A 2403 26.17 34.56 -24.39
N ARG A 2404 25.45 34.63 -25.51
CA ARG A 2404 25.66 35.68 -26.50
C ARG A 2404 24.34 36.31 -26.91
N VAL A 2405 23.47 36.64 -25.95
CA VAL A 2405 22.31 37.45 -26.25
C VAL A 2405 22.52 38.90 -25.87
N GLU A 2406 23.68 39.24 -25.33
CA GLU A 2406 24.03 40.63 -25.07
C GLU A 2406 24.87 41.11 -26.24
N GLY A 2407 24.21 41.54 -27.29
CA GLY A 2407 24.92 42.01 -28.45
C GLY A 2407 24.24 41.66 -29.75
N MET A 2408 23.35 40.66 -29.71
CA MET A 2408 22.62 40.32 -30.91
C MET A 2408 21.54 41.37 -31.18
N THR A 2409 21.15 41.46 -32.46
CA THR A 2409 20.33 42.59 -32.89
C THR A 2409 18.84 42.25 -33.01
N GLU A 2410 18.46 41.29 -33.85
CA GLU A 2410 17.03 41.03 -34.03
C GLU A 2410 16.52 40.08 -32.96
N LEU A 2411 16.94 38.82 -33.04
CA LEU A 2411 16.78 37.72 -32.08
C LEU A 2411 15.34 37.26 -31.83
N TYR A 2412 14.38 38.14 -32.08
CA TYR A 2412 13.02 37.78 -31.69
C TYR A 2412 12.30 37.09 -32.83
N PHE A 2413 12.54 37.55 -34.06
CA PHE A 2413 12.02 36.85 -35.22
C PHE A 2413 12.65 35.47 -35.34
N GLN A 2414 13.93 35.36 -34.97
CA GLN A 2414 14.62 34.08 -35.03
C GLN A 2414 14.05 33.11 -34.01
N LEU A 2415 13.84 33.58 -32.77
CA LEU A 2415 13.20 32.74 -31.75
C LEU A 2415 11.76 32.42 -32.11
N LYS A 2416 11.05 33.36 -32.75
CA LYS A 2416 9.67 33.11 -33.13
C LYS A 2416 9.57 32.09 -34.23
N SER A 2417 10.53 32.11 -35.16
CA SER A 2417 10.54 31.14 -36.24
C SER A 2417 10.93 29.76 -35.73
N LYS A 2418 11.77 29.69 -34.71
CA LYS A 2418 12.21 28.40 -34.21
C LYS A 2418 11.34 27.85 -33.09
N ASP A 2419 10.07 28.29 -33.02
CA ASP A 2419 9.02 27.71 -32.15
C ASP A 2419 9.37 27.80 -30.68
N PHE A 2420 9.70 29.01 -30.22
CA PHE A 2420 10.12 29.18 -28.84
C PHE A 2420 8.98 28.98 -27.86
N VAL A 2421 7.75 29.23 -28.29
CA VAL A 2421 6.57 29.10 -27.44
C VAL A 2421 5.97 27.71 -27.63
N GLN A 2422 6.76 26.79 -28.18
CA GLN A 2422 6.44 25.38 -28.13
C GLN A 2422 7.60 24.53 -27.60
N VAL A 2423 8.72 25.15 -27.25
CA VAL A 2423 9.78 24.49 -26.50
C VAL A 2423 9.70 25.01 -25.07
N MET A 2424 9.12 26.20 -24.89
CA MET A 2424 8.94 26.74 -23.57
C MET A 2424 7.88 25.98 -22.78
N ARG A 2425 7.00 25.24 -23.45
CA ARG A 2425 5.90 24.55 -22.80
C ARG A 2425 6.03 23.04 -22.88
N HIS A 2426 7.23 22.52 -22.64
CA HIS A 2426 7.44 21.08 -22.61
C HIS A 2426 7.54 20.61 -21.16
N ARG A 2427 7.94 19.36 -20.97
CA ARG A 2427 7.91 18.73 -19.65
C ARG A 2427 9.28 18.33 -19.12
N ASP A 2428 10.36 18.74 -19.76
CA ASP A 2428 11.71 18.52 -19.23
C ASP A 2428 12.00 19.61 -18.19
N ASP A 2429 13.20 19.64 -17.64
CA ASP A 2429 13.45 20.65 -16.62
C ASP A 2429 14.64 21.56 -16.94
N GLU A 2430 15.71 21.02 -17.52
CA GLU A 2430 16.86 21.87 -17.80
C GLU A 2430 16.58 22.82 -18.95
N ARG A 2431 15.81 22.35 -19.94
CA ARG A 2431 15.40 23.21 -21.03
C ARG A 2431 14.56 24.38 -20.53
N GLN A 2432 13.72 24.12 -19.53
CA GLN A 2432 12.86 25.16 -19.02
C GLN A 2432 13.50 25.97 -17.91
N LYS A 2433 14.70 25.62 -17.47
CA LYS A 2433 15.46 26.63 -16.75
C LYS A 2433 16.24 27.53 -17.70
N VAL A 2434 16.86 26.96 -18.73
CA VAL A 2434 17.71 27.77 -19.60
C VAL A 2434 16.86 28.69 -20.49
N CYS A 2435 15.65 28.25 -20.89
CA CYS A 2435 14.87 29.11 -21.76
C CYS A 2435 14.20 30.23 -20.99
N LEU A 2436 14.15 30.13 -19.67
CA LEU A 2436 13.77 31.29 -18.86
C LEU A 2436 14.95 32.17 -18.55
N ASP A 2437 16.15 31.60 -18.43
CA ASP A 2437 17.29 32.46 -18.19
C ASP A 2437 17.69 33.26 -19.41
N ILE A 2438 17.30 32.81 -20.61
CA ILE A 2438 17.54 33.70 -21.76
C ILE A 2438 16.50 34.81 -21.81
N ILE A 2439 15.26 34.52 -21.40
CA ILE A 2439 14.22 35.54 -21.52
C ILE A 2439 14.31 36.53 -20.38
N TYR A 2440 15.01 36.21 -19.30
CA TYR A 2440 15.37 37.24 -18.35
C TYR A 2440 16.47 38.15 -18.91
N LYS A 2441 17.27 37.65 -19.84
CA LYS A 2441 18.31 38.49 -20.42
C LYS A 2441 17.78 39.40 -21.50
N MET A 2442 16.86 38.91 -22.33
CA MET A 2442 16.41 39.70 -23.47
C MET A 2442 15.16 40.51 -23.19
N MET A 2443 14.88 40.89 -21.94
CA MET A 2443 13.78 41.81 -21.72
C MET A 2443 14.09 43.23 -22.22
N PRO A 2444 15.11 44.00 -21.64
CA PRO A 2444 15.13 45.44 -21.86
C PRO A 2444 15.60 45.88 -23.24
N LYS A 2445 15.11 45.21 -24.27
CA LYS A 2445 15.16 45.66 -25.65
C LYS A 2445 13.85 45.44 -26.36
N LEU A 2446 12.93 44.66 -25.80
CA LEU A 2446 11.71 44.29 -26.50
C LEU A 2446 10.65 45.38 -26.39
N LYS A 2447 9.99 45.64 -27.51
CA LYS A 2447 8.85 46.53 -27.53
C LYS A 2447 7.65 45.82 -26.90
N PRO A 2448 6.68 46.57 -26.39
CA PRO A 2448 5.51 45.92 -25.77
C PRO A 2448 4.54 45.28 -26.74
N VAL A 2449 4.81 45.29 -28.04
CA VAL A 2449 3.95 44.57 -28.97
C VAL A 2449 4.22 43.07 -28.90
N GLU A 2450 5.40 42.68 -28.42
CA GLU A 2450 5.81 41.29 -28.41
C GLU A 2450 6.08 40.73 -27.02
N LEU A 2451 6.35 41.58 -26.03
CA LEU A 2451 6.42 41.14 -24.65
C LEU A 2451 5.09 40.57 -24.18
N ARG A 2452 3.98 41.11 -24.70
CA ARG A 2452 2.67 40.54 -24.43
C ARG A 2452 2.53 39.14 -25.03
N GLU A 2453 3.23 38.86 -26.13
CA GLU A 2453 3.16 37.50 -26.66
C GLU A 2453 4.03 36.55 -25.88
N LEU A 2454 5.19 37.01 -25.42
CA LEU A 2454 6.06 36.12 -24.66
C LEU A 2454 5.60 35.96 -23.21
N LEU A 2455 4.78 36.87 -22.68
CA LEU A 2455 4.33 36.78 -21.30
C LEU A 2455 3.16 35.83 -21.13
N ASN A 2456 2.53 35.41 -22.20
CA ASN A 2456 1.45 34.43 -22.06
C ASN A 2456 1.88 33.01 -21.68
N PRO A 2457 3.02 32.45 -22.11
CA PRO A 2457 3.43 31.16 -21.56
C PRO A 2457 4.36 31.22 -20.36
N VAL A 2458 4.92 32.37 -20.04
CA VAL A 2458 5.73 32.50 -18.82
C VAL A 2458 4.88 32.33 -17.59
N VAL A 2459 3.73 33.01 -17.53
CA VAL A 2459 2.94 33.08 -16.31
C VAL A 2459 2.03 31.87 -16.17
N GLU A 2460 2.21 30.86 -17.02
CA GLU A 2460 1.60 29.56 -16.79
C GLU A 2460 2.47 28.68 -15.90
N PHE A 2461 3.61 29.19 -15.42
CA PHE A 2461 4.53 28.39 -14.63
C PHE A 2461 4.27 28.49 -13.15
N VAL A 2462 3.05 28.83 -12.72
CA VAL A 2462 2.74 28.80 -11.30
C VAL A 2462 2.28 27.43 -10.84
N SER A 2463 2.03 26.51 -11.76
CA SER A 2463 1.63 25.15 -11.43
C SER A 2463 2.76 24.17 -11.74
N HIS A 2464 3.99 24.57 -11.44
CA HIS A 2464 5.15 23.81 -11.83
C HIS A 2464 5.96 23.40 -10.60
N PRO A 2465 6.38 22.15 -10.51
CA PRO A 2465 7.45 21.79 -9.55
C PRO A 2465 8.82 22.27 -10.01
N SER A 2466 9.86 21.80 -9.32
CA SER A 2466 11.25 22.19 -9.55
C SER A 2466 11.45 23.69 -9.33
N THR A 2467 11.37 24.03 -8.03
CA THR A 2467 11.37 25.37 -7.46
C THR A 2467 12.36 26.39 -8.01
N THR A 2468 13.49 25.96 -8.58
CA THR A 2468 14.41 26.93 -9.17
C THR A 2468 13.82 27.61 -10.41
N CYS A 2469 13.07 26.87 -11.23
CA CYS A 2469 12.48 27.48 -12.41
C CYS A 2469 11.34 28.42 -12.03
N ARG A 2470 10.58 28.03 -11.01
CA ARG A 2470 9.54 28.92 -10.48
C ARG A 2470 10.14 30.15 -9.82
N GLU A 2471 11.35 30.03 -9.27
CA GLU A 2471 12.04 31.21 -8.77
C GLU A 2471 12.42 32.15 -9.91
N GLN A 2472 12.85 31.59 -11.04
CA GLN A 2472 13.16 32.42 -12.20
C GLN A 2472 11.91 33.13 -12.72
N MET A 2473 10.79 32.41 -12.75
CA MET A 2473 9.54 32.99 -13.22
C MET A 2473 9.03 34.07 -12.28
N TYR A 2474 9.27 33.94 -10.98
CA TYR A 2474 8.92 35.03 -10.08
C TYR A 2474 10.00 36.11 -10.03
N ASN A 2475 11.14 35.90 -10.70
CA ASN A 2475 12.16 36.93 -10.75
C ASN A 2475 12.08 37.81 -11.98
N ILE A 2476 11.50 37.34 -13.08
CA ILE A 2476 11.37 38.26 -14.21
C ILE A 2476 10.16 39.18 -14.04
N LEU A 2477 9.13 38.74 -13.33
CA LEU A 2477 7.96 39.58 -13.13
C LEU A 2477 8.25 40.70 -12.13
N MET A 2478 9.19 40.47 -11.23
CA MET A 2478 9.60 41.50 -10.28
C MET A 2478 10.32 42.66 -10.97
N TRP A 2479 10.78 42.46 -12.20
CA TRP A 2479 11.27 43.54 -13.04
C TRP A 2479 10.20 44.10 -13.94
N ILE A 2480 9.30 43.24 -14.46
CA ILE A 2480 8.23 43.71 -15.34
C ILE A 2480 7.34 44.70 -14.60
N HIS A 2481 6.97 44.38 -13.36
CA HIS A 2481 6.13 45.27 -12.60
C HIS A 2481 6.84 46.55 -12.21
N ASP A 2482 8.17 46.50 -12.06
CA ASP A 2482 8.89 47.69 -11.63
C ASP A 2482 9.19 48.63 -12.79
N ASN A 2483 9.31 48.11 -14.00
CA ASN A 2483 9.63 48.96 -15.15
C ASN A 2483 8.50 49.13 -16.13
N TYR A 2484 7.32 48.58 -15.84
CA TYR A 2484 6.12 48.88 -16.62
C TYR A 2484 5.04 49.49 -15.74
N ARG A 2485 5.45 50.10 -14.61
CA ARG A 2485 4.51 50.77 -13.72
C ARG A 2485 3.81 51.92 -14.44
N ASP A 2486 4.56 52.66 -15.27
CA ASP A 2486 4.11 53.69 -16.20
C ASP A 2486 3.29 54.78 -15.50
N PRO A 2487 3.94 55.69 -14.76
CA PRO A 2487 3.20 56.65 -13.94
C PRO A 2487 2.44 57.69 -14.76
N GLU A 2488 1.26 57.26 -15.25
CA GLU A 2488 0.30 58.08 -16.00
C GLU A 2488 0.91 58.65 -17.29
N SER A 2489 1.28 57.73 -18.18
CA SER A 2489 1.55 58.09 -19.57
C SER A 2489 0.27 58.03 -20.40
N GLU A 2490 -0.43 56.90 -20.32
CA GLU A 2490 -1.76 56.69 -20.90
C GLU A 2490 -1.77 56.94 -22.41
N THR A 2491 -0.95 56.16 -23.12
CA THR A 2491 -0.82 56.32 -24.55
C THR A 2491 -0.95 54.98 -25.27
N ASP A 2492 -0.63 53.89 -24.58
CA ASP A 2492 -0.74 52.54 -25.13
C ASP A 2492 -1.65 51.71 -24.24
N ASN A 2493 -2.12 50.59 -24.80
CA ASN A 2493 -3.00 49.67 -24.07
C ASN A 2493 -2.34 48.37 -23.68
N ASP A 2494 -1.36 47.88 -24.45
CA ASP A 2494 -0.63 46.69 -24.04
C ASP A 2494 0.28 46.98 -22.85
N SER A 2495 0.81 48.21 -22.77
CA SER A 2495 1.64 48.60 -21.64
C SER A 2495 0.86 48.72 -20.35
N GLN A 2496 -0.46 48.81 -20.41
CA GLN A 2496 -1.29 48.76 -19.23
C GLN A 2496 -2.11 47.48 -19.14
N GLU A 2497 -1.95 46.56 -20.09
CA GLU A 2497 -2.53 45.24 -19.96
C GLU A 2497 -1.55 44.20 -19.40
N ILE A 2498 -0.29 44.26 -19.82
CA ILE A 2498 0.66 43.30 -19.24
C ILE A 2498 1.04 43.69 -17.82
N PHE A 2499 0.83 44.94 -17.42
CA PHE A 2499 0.96 45.26 -16.01
C PHE A 2499 -0.16 44.62 -15.20
N LYS A 2500 -1.35 44.49 -15.78
CA LYS A 2500 -2.43 43.74 -15.14
C LYS A 2500 -2.08 42.26 -15.05
N LEU A 2501 -1.56 41.69 -16.13
CA LEU A 2501 -1.27 40.26 -16.14
C LEU A 2501 -0.04 39.91 -15.31
N ALA A 2502 0.82 40.88 -14.99
CA ALA A 2502 1.90 40.69 -14.04
C ALA A 2502 1.54 41.12 -12.63
N LYS A 2503 0.39 41.77 -12.44
CA LYS A 2503 -0.18 41.84 -11.10
C LYS A 2503 -0.82 40.52 -10.74
N ASP A 2504 -1.47 39.88 -11.70
CA ASP A 2504 -2.29 38.69 -11.45
C ASP A 2504 -1.47 37.41 -11.25
N VAL A 2505 -0.15 37.45 -11.16
CA VAL A 2505 0.61 36.27 -10.78
C VAL A 2505 1.50 36.65 -9.61
N LEU A 2506 1.89 37.92 -9.54
CA LEU A 2506 2.56 38.42 -8.34
C LEU A 2506 1.64 38.46 -7.14
N ILE A 2507 0.33 38.42 -7.34
CA ILE A 2507 -0.55 38.22 -6.20
C ILE A 2507 -0.63 36.74 -5.84
N GLN A 2508 -0.94 35.88 -6.82
CA GLN A 2508 -1.11 34.45 -6.60
C GLN A 2508 0.16 33.73 -6.17
N GLY A 2509 1.31 34.40 -6.20
CA GLY A 2509 2.51 33.86 -5.61
C GLY A 2509 2.68 34.29 -4.18
N LEU A 2510 1.66 34.05 -3.37
CA LEU A 2510 1.78 34.17 -1.93
C LEU A 2510 1.36 32.91 -1.21
N ILE A 2511 0.90 31.89 -1.94
CA ILE A 2511 0.43 30.64 -1.36
C ILE A 2511 1.18 29.46 -1.96
N ASP A 2512 2.39 29.68 -2.43
CA ASP A 2512 3.14 28.64 -3.13
C ASP A 2512 3.60 27.57 -2.16
N GLU A 2513 3.56 26.32 -2.60
CA GLU A 2513 3.83 25.19 -1.71
C GLU A 2513 5.31 24.94 -1.53
N ASN A 2514 6.07 25.97 -1.16
CA ASN A 2514 7.49 25.88 -0.89
C ASN A 2514 7.91 27.09 -0.06
N PRO A 2515 7.85 27.00 1.27
CA PRO A 2515 8.29 28.12 2.12
C PRO A 2515 9.78 28.38 1.99
N GLY A 2516 10.16 29.60 2.36
CA GLY A 2516 11.49 30.11 2.08
C GLY A 2516 11.49 30.91 0.79
N LEU A 2517 10.78 30.42 -0.22
CA LEU A 2517 10.64 31.16 -1.46
C LEU A 2517 9.67 32.32 -1.30
N GLN A 2518 8.58 32.12 -0.56
CA GLN A 2518 7.59 33.18 -0.44
C GLN A 2518 8.03 34.30 0.49
N LEU A 2519 9.08 34.09 1.29
CA LEU A 2519 9.60 35.18 2.11
C LEU A 2519 10.22 36.27 1.24
N ILE A 2520 10.76 35.88 0.08
CA ILE A 2520 11.27 36.84 -0.89
C ILE A 2520 10.14 37.73 -1.39
N ILE A 2521 9.00 37.14 -1.72
CA ILE A 2521 7.89 37.92 -2.25
C ILE A 2521 7.24 38.75 -1.15
N ARG A 2522 7.30 38.28 0.10
CA ARG A 2522 6.79 39.08 1.21
C ARG A 2522 7.67 40.30 1.44
N ASN A 2523 8.99 40.13 1.40
CA ASN A 2523 9.89 41.26 1.54
C ASN A 2523 9.79 42.21 0.34
N PHE A 2524 9.40 41.68 -0.82
CA PHE A 2524 9.15 42.52 -2.00
C PHE A 2524 7.93 43.40 -1.77
N TRP A 2525 6.77 42.79 -1.47
CA TRP A 2525 5.54 43.55 -1.30
C TRP A 2525 5.53 44.41 -0.07
N SER A 2526 6.42 44.17 0.90
CA SER A 2526 6.40 44.87 2.18
C SER A 2526 7.41 46.01 2.23
N HIS A 2527 7.59 46.72 1.13
CA HIS A 2527 8.56 47.81 1.02
C HIS A 2527 7.83 49.08 0.60
N GLU A 2528 8.43 50.22 0.95
CA GLU A 2528 7.88 51.51 0.57
C GLU A 2528 7.93 51.68 -0.93
N THR A 2529 7.01 52.54 -1.43
CA THR A 2529 6.58 52.93 -2.78
C THR A 2529 5.74 51.84 -3.45
N ARG A 2530 5.67 50.66 -2.85
CA ARG A 2530 4.76 49.62 -3.32
C ARG A 2530 3.63 49.35 -2.35
N LEU A 2531 3.80 49.73 -1.08
CA LEU A 2531 2.77 49.78 -0.03
C LEU A 2531 3.24 50.77 1.02
N PRO A 2532 2.46 51.81 1.34
CA PRO A 2532 2.95 52.88 2.22
C PRO A 2532 3.13 52.48 3.68
N SER A 2533 3.52 53.44 4.51
CA SER A 2533 3.83 53.15 5.90
C SER A 2533 3.23 54.20 6.84
N ASN A 2534 2.01 54.62 6.55
CA ASN A 2534 1.22 55.44 7.46
C ASN A 2534 0.12 54.65 8.15
N THR A 2535 -0.07 53.38 7.76
CA THR A 2535 -0.95 52.32 8.24
C THR A 2535 -2.42 52.56 7.95
N LEU A 2536 -2.84 53.79 7.79
CA LEU A 2536 -4.18 54.03 7.27
C LEU A 2536 -4.14 54.07 5.76
N ASP A 2537 -3.05 54.60 5.20
CA ASP A 2537 -2.78 54.44 3.78
C ASP A 2537 -2.58 52.97 3.43
N ARG A 2538 -1.97 52.19 4.33
CA ARG A 2538 -1.78 50.78 4.05
C ARG A 2538 -3.09 50.01 4.13
N LEU A 2539 -3.94 50.34 5.12
CA LEU A 2539 -5.25 49.72 5.22
C LEU A 2539 -6.12 50.09 4.03
N LEU A 2540 -6.00 51.31 3.52
CA LEU A 2540 -6.75 51.66 2.32
C LEU A 2540 -6.20 50.97 1.09
N ALA A 2541 -4.89 50.79 1.01
CA ALA A 2541 -4.28 50.16 -0.15
C ALA A 2541 -4.48 48.66 -0.18
N LEU A 2542 -4.74 48.03 0.97
CA LEU A 2542 -4.77 46.58 1.07
C LEU A 2542 -5.93 45.94 0.34
N ASN A 2543 -6.91 46.70 -0.13
CA ASN A 2543 -7.98 46.12 -0.91
C ASN A 2543 -7.61 45.96 -2.39
N SER A 2544 -6.58 46.66 -2.84
CA SER A 2544 -6.21 46.58 -4.26
C SER A 2544 -5.60 45.24 -4.60
N LEU A 2545 -4.85 44.66 -3.67
CA LEU A 2545 -4.17 43.40 -3.94
C LEU A 2545 -5.00 42.20 -3.48
N TYR A 2546 -6.29 42.18 -3.85
CA TYR A 2546 -7.12 41.08 -3.38
C TYR A 2546 -6.97 39.83 -4.27
N SER A 2547 -7.44 39.91 -5.53
CA SER A 2547 -7.38 38.84 -6.53
C SER A 2547 -7.92 37.49 -6.08
N PRO A 2548 -9.22 37.22 -6.27
CA PRO A 2548 -9.87 36.02 -5.68
C PRO A 2548 -9.31 34.63 -6.00
N LYS A 2549 -8.16 34.52 -6.68
CA LYS A 2549 -7.40 33.29 -6.62
C LYS A 2549 -6.91 32.99 -5.21
N ILE A 2550 -6.66 34.03 -4.42
CA ILE A 2550 -6.40 33.87 -2.99
C ILE A 2550 -7.51 34.55 -2.21
N GLU A 2551 -8.26 33.76 -1.47
CA GLU A 2551 -9.07 34.29 -0.38
C GLU A 2551 -8.97 33.42 0.85
N VAL A 2552 -8.46 32.20 0.72
CA VAL A 2552 -8.30 31.29 1.84
C VAL A 2552 -7.23 31.80 2.78
N HIS A 2553 -6.34 32.66 2.31
CA HIS A 2553 -5.25 33.16 3.13
C HIS A 2553 -5.27 34.66 3.30
N PHE A 2554 -6.27 35.36 2.75
CA PHE A 2554 -6.20 36.82 2.63
C PHE A 2554 -6.25 37.50 3.99
N LEU A 2555 -6.98 36.94 4.95
CA LEU A 2555 -7.11 37.58 6.26
C LEU A 2555 -5.80 37.50 7.03
N SER A 2556 -5.11 36.36 6.92
CA SER A 2556 -3.80 36.21 7.55
C SER A 2556 -2.76 37.11 6.90
N LEU A 2557 -2.78 37.23 5.57
CA LEU A 2557 -1.82 38.11 4.91
C LEU A 2557 -2.10 39.57 5.24
N ALA A 2558 -3.37 39.93 5.39
CA ALA A 2558 -3.75 41.29 5.73
C ALA A 2558 -3.25 41.66 7.11
N THR A 2559 -3.47 40.80 8.10
CA THR A 2559 -2.97 41.14 9.43
C THR A 2559 -1.46 41.03 9.53
N ASN A 2560 -0.82 40.23 8.68
CA ASN A 2560 0.64 40.16 8.66
C ASN A 2560 1.25 41.48 8.18
N PHE A 2561 0.74 42.01 7.07
CA PHE A 2561 1.23 43.30 6.58
C PHE A 2561 0.84 44.43 7.52
N LEU A 2562 -0.34 44.33 8.14
CA LEU A 2562 -0.77 45.39 9.05
C LEU A 2562 -0.02 45.39 10.37
N LEU A 2563 0.64 44.29 10.73
CA LEU A 2563 1.39 44.26 11.97
C LEU A 2563 2.90 44.28 11.78
N GLU A 2564 3.42 44.11 10.56
CA GLU A 2564 4.86 44.12 10.36
C GLU A 2564 5.49 45.47 10.68
N MET A 2565 4.79 46.57 10.44
CA MET A 2565 5.44 47.88 10.52
C MET A 2565 5.63 48.38 11.94
N THR A 2566 5.14 47.67 12.97
CA THR A 2566 5.38 48.12 14.33
C THR A 2566 6.80 47.87 14.81
N SER A 2567 7.62 47.17 14.01
CA SER A 2567 9.04 47.03 14.34
C SER A 2567 9.77 48.37 14.23
N MET A 2568 9.37 49.21 13.27
CA MET A 2568 9.92 50.55 13.16
C MET A 2568 9.14 51.55 13.99
N SER A 2569 8.95 51.21 15.27
CA SER A 2569 8.19 52.02 16.20
C SER A 2569 8.94 52.02 17.51
N PRO A 2570 9.01 53.14 18.20
CA PRO A 2570 9.96 53.29 19.32
C PRO A 2570 9.50 52.73 20.66
N ASP A 2571 8.43 51.94 20.70
CA ASP A 2571 7.90 51.44 21.96
C ASP A 2571 7.98 49.92 22.02
N TYR A 2572 9.12 49.42 22.46
CA TYR A 2572 9.15 48.08 23.02
C TYR A 2572 9.75 48.10 24.43
N PRO A 2573 9.36 49.07 25.31
CA PRO A 2573 10.16 49.30 26.51
C PRO A 2573 9.65 48.56 27.74
N ASN A 2574 9.44 47.23 27.64
CA ASN A 2574 8.85 46.39 28.67
C ASN A 2574 7.53 46.96 29.16
N PRO A 2575 6.44 46.81 28.39
CA PRO A 2575 5.23 47.61 28.64
C PRO A 2575 4.43 47.21 29.88
N MET A 2576 4.87 46.23 30.66
CA MET A 2576 4.30 45.97 31.97
C MET A 2576 5.15 46.55 33.10
N PHE A 2577 6.42 46.87 32.79
CA PHE A 2577 7.33 47.82 33.50
C PHE A 2577 7.41 47.62 35.01
N GLU A 2578 7.16 46.41 35.51
CA GLU A 2578 7.09 46.24 36.96
C GLU A 2578 7.57 44.85 37.34
N HIS A 2579 7.30 44.48 38.57
CA HIS A 2579 7.47 43.22 39.25
C HIS A 2579 6.12 42.58 39.51
N PRO A 2580 6.03 41.25 39.59
CA PRO A 2580 4.72 40.64 39.85
C PRO A 2580 4.27 40.81 41.30
N GLN A 2784 8.47 43.40 33.29
CA GLN A 2784 7.90 42.07 33.25
C GLN A 2784 8.00 41.50 31.85
N ILE A 2785 6.85 41.31 31.21
CA ILE A 2785 6.80 40.74 29.88
C ILE A 2785 7.15 41.82 28.87
N LYS A 2786 8.08 41.51 27.96
CA LYS A 2786 8.40 42.44 26.90
C LYS A 2786 7.26 42.51 25.89
N HIS A 2787 7.25 43.60 25.12
CA HIS A 2787 6.19 43.83 24.15
C HIS A 2787 6.28 42.89 22.98
N SER A 2788 7.47 42.36 22.72
CA SER A 2788 7.68 41.40 21.64
C SER A 2788 7.21 40.00 22.01
N SER A 2789 6.91 39.75 23.27
CA SER A 2789 6.55 38.41 23.73
C SER A 2789 5.06 38.14 23.64
N LEU A 2790 4.28 39.05 23.10
CA LEU A 2790 2.86 38.80 22.88
C LEU A 2790 2.44 39.04 21.45
N ILE A 2791 2.98 40.07 20.79
CA ILE A 2791 2.53 40.39 19.46
C ILE A 2791 3.11 39.42 18.43
N THR A 2792 4.23 38.77 18.73
CA THR A 2792 4.74 37.77 17.80
C THR A 2792 3.97 36.45 17.82
N PRO A 2793 3.60 35.83 18.96
CA PRO A 2793 2.76 34.63 18.86
C PRO A 2793 1.33 34.93 18.45
N LEU A 2794 0.87 36.16 18.61
CA LEU A 2794 -0.48 36.51 18.20
C LEU A 2794 -0.63 36.46 16.70
N GLN A 2795 0.37 36.92 15.97
CA GLN A 2795 0.35 36.74 14.53
C GLN A 2795 0.92 35.40 14.10
N ALA A 2796 1.57 34.67 15.00
CA ALA A 2796 1.98 33.32 14.65
C ALA A 2796 0.82 32.34 14.70
N VAL A 2797 -0.15 32.57 15.58
CA VAL A 2797 -1.30 31.67 15.66
C VAL A 2797 -2.32 31.96 14.57
N ALA A 2798 -2.28 33.15 13.97
CA ALA A 2798 -3.34 33.56 13.06
C ALA A 2798 -3.27 32.82 11.74
N GLN A 2799 -2.07 32.43 11.31
CA GLN A 2799 -1.92 31.79 10.01
C GLN A 2799 -2.06 30.28 10.09
N ARG A 2800 -2.77 29.76 11.08
CA ARG A 2800 -2.99 28.34 11.22
C ARG A 2800 -4.45 27.93 11.16
N ASP A 2801 -5.34 28.69 11.78
CA ASP A 2801 -6.77 28.45 11.80
C ASP A 2801 -7.50 29.74 11.48
N PRO A 2802 -8.65 29.68 10.83
CA PRO A 2802 -9.22 30.91 10.26
C PRO A 2802 -10.02 31.76 11.24
N ILE A 2803 -10.58 31.18 12.30
CA ILE A 2803 -11.57 31.91 13.10
C ILE A 2803 -10.92 32.99 13.96
N ILE A 2804 -9.80 32.67 14.60
CA ILE A 2804 -9.13 33.67 15.42
C ILE A 2804 -8.47 34.73 14.53
N ALA A 2805 -8.09 34.36 13.31
CA ALA A 2805 -7.59 35.36 12.36
C ALA A 2805 -8.68 36.31 11.91
N LYS A 2806 -9.88 35.78 11.69
CA LYS A 2806 -11.04 36.61 11.39
C LYS A 2806 -11.32 37.58 12.53
N GLN A 2807 -11.20 37.11 13.77
CA GLN A 2807 -11.44 37.98 14.92
C GLN A 2807 -10.38 39.06 15.06
N LEU A 2808 -9.13 38.73 14.74
CA LEU A 2808 -8.05 39.71 14.84
C LEU A 2808 -8.20 40.80 13.79
N PHE A 2809 -8.51 40.42 12.55
CA PHE A 2809 -8.69 41.40 11.49
C PHE A 2809 -9.92 42.26 11.76
N SER A 2810 -11.04 41.64 12.11
CA SER A 2810 -12.27 42.36 12.35
C SER A 2810 -12.24 43.22 13.61
N SER A 2811 -11.28 43.00 14.51
CA SER A 2811 -11.14 43.95 15.60
C SER A 2811 -10.16 45.07 15.27
N LEU A 2812 -9.07 44.76 14.54
CA LEU A 2812 -8.06 45.77 14.31
C LEU A 2812 -8.51 46.80 13.30
N PHE A 2813 -9.38 46.40 12.37
CA PHE A 2813 -9.93 47.33 11.39
C PHE A 2813 -10.77 48.40 12.06
N SER A 2814 -11.69 47.98 12.94
CA SER A 2814 -12.53 48.94 13.63
C SER A 2814 -11.73 49.77 14.62
N GLY A 2815 -10.63 49.23 15.16
CA GLY A 2815 -9.75 50.04 15.98
C GLY A 2815 -9.10 51.18 15.20
N ILE A 2816 -8.62 50.88 13.98
CA ILE A 2816 -8.00 51.91 13.14
C ILE A 2816 -9.01 52.98 12.76
N LEU A 2817 -10.22 52.55 12.34
CA LEU A 2817 -11.23 53.53 11.97
C LEU A 2817 -11.77 54.31 13.16
N LYS A 2818 -11.68 53.77 14.37
CA LYS A 2818 -11.98 54.58 15.54
C LYS A 2818 -10.91 55.63 15.76
N GLU A 2819 -9.64 55.26 15.58
CA GLU A 2819 -8.58 56.23 15.82
C GLU A 2819 -8.46 57.28 14.71
N MET A 2820 -9.02 57.02 13.52
CA MET A 2820 -8.90 58.00 12.43
C MET A 2820 -9.76 59.23 12.64
N ASP A 2821 -10.70 59.20 13.56
CA ASP A 2821 -11.73 60.24 13.65
C ASP A 2821 -11.29 61.46 14.44
N LYS A 2822 -10.04 61.54 14.88
CA LYS A 2822 -9.58 62.75 15.55
C LYS A 2822 -9.19 63.82 14.53
N PHE A 2823 -8.15 63.53 13.76
CA PHE A 2823 -7.76 64.33 12.61
C PHE A 2823 -8.46 63.74 11.39
N LYS A 2824 -8.01 64.09 10.18
CA LYS A 2824 -8.65 63.72 8.90
C LYS A 2824 -10.10 64.24 8.85
N THR A 2825 -10.19 65.57 8.77
CA THR A 2825 -11.42 66.32 8.98
C THR A 2825 -12.46 66.01 7.91
N LEU A 2826 -13.70 66.24 8.34
CA LEU A 2826 -15.04 65.99 7.72
C LEU A 2826 -15.10 65.81 6.20
N SER A 2827 -14.32 66.53 5.39
CA SER A 2827 -14.51 66.45 3.95
C SER A 2827 -13.97 65.16 3.35
N GLU A 2828 -13.04 64.50 4.04
CA GLU A 2828 -12.32 63.37 3.47
C GLU A 2828 -12.90 62.02 3.87
N LYS A 2829 -13.50 61.95 5.07
CA LYS A 2829 -14.02 60.70 5.60
C LYS A 2829 -15.14 60.13 4.73
N ASN A 2830 -15.94 61.01 4.12
CA ASN A 2830 -17.04 60.54 3.29
C ASN A 2830 -16.51 59.88 2.02
N ASN A 2831 -15.46 60.43 1.43
CA ASN A 2831 -14.88 59.80 0.24
C ASN A 2831 -14.17 58.50 0.60
N ILE A 2832 -13.51 58.47 1.77
CA ILE A 2832 -12.83 57.25 2.20
C ILE A 2832 -13.84 56.13 2.43
N THR A 2833 -14.97 56.46 3.07
CA THR A 2833 -15.99 55.44 3.31
C THR A 2833 -16.69 55.03 2.04
N GLN A 2834 -16.85 55.94 1.08
CA GLN A 2834 -17.41 55.52 -0.21
C GLN A 2834 -16.45 54.63 -0.98
N LYS A 2835 -15.14 54.85 -0.82
CA LYS A 2835 -14.16 53.98 -1.44
C LYS A 2835 -14.20 52.60 -0.81
N LEU A 2836 -14.30 52.52 0.53
CA LEU A 2836 -14.39 51.24 1.20
C LEU A 2836 -15.69 50.51 0.85
N LEU A 2837 -16.78 51.26 0.65
CA LEU A 2837 -18.03 50.66 0.23
C LEU A 2837 -17.91 50.07 -1.16
N GLN A 2838 -17.25 50.79 -2.08
CA GLN A 2838 -17.04 50.26 -3.42
C GLN A 2838 -16.14 49.04 -3.41
N ASP A 2839 -15.14 49.03 -2.53
CA ASP A 2839 -14.25 47.87 -2.43
C ASP A 2839 -14.97 46.64 -1.90
N PHE A 2840 -15.83 46.82 -0.89
CA PHE A 2840 -16.55 45.67 -0.35
C PHE A 2840 -17.60 45.16 -1.34
N ASN A 2841 -18.22 46.07 -2.10
CA ASN A 2841 -19.09 45.66 -3.19
C ASN A 2841 -18.33 44.83 -4.22
N ARG A 2842 -17.12 45.25 -4.56
CA ARG A 2842 -16.31 44.52 -5.53
C ARG A 2842 -15.90 43.16 -4.98
N PHE A 2843 -15.61 43.08 -3.68
CA PHE A 2843 -15.30 41.81 -3.02
C PHE A 2843 -16.44 40.81 -3.17
N LEU A 2844 -17.65 41.25 -2.81
CA LEU A 2844 -18.81 40.36 -2.84
C LEU A 2844 -19.17 39.97 -4.26
N ASN A 2845 -19.03 40.88 -5.21
CA ASN A 2845 -19.39 40.53 -6.58
C ASN A 2845 -18.31 39.72 -7.27
N THR A 2846 -17.08 39.76 -6.79
CA THR A 2846 -15.95 39.21 -7.53
C THR A 2846 -15.44 37.90 -6.90
N THR A 2847 -15.89 37.54 -5.70
CA THR A 2847 -15.37 36.33 -5.10
C THR A 2847 -15.92 35.08 -5.78
N PHE A 2848 -15.14 34.02 -5.72
CA PHE A 2848 -15.29 32.85 -6.59
C PHE A 2848 -15.57 31.58 -5.82
N SER A 2849 -14.74 31.25 -4.84
CA SER A 2849 -14.99 30.13 -3.93
C SER A 2849 -15.26 30.74 -2.57
N PHE A 2850 -16.50 30.59 -2.09
CA PHE A 2850 -16.95 31.31 -0.92
C PHE A 2850 -16.32 30.76 0.34
N PHE A 2851 -15.75 31.65 1.15
CA PHE A 2851 -15.10 31.26 2.39
C PHE A 2851 -15.90 31.83 3.55
N PRO A 2852 -16.38 30.99 4.46
CA PRO A 2852 -17.28 31.45 5.52
C PRO A 2852 -16.64 32.44 6.47
N PRO A 2853 -15.40 32.23 7.02
CA PRO A 2853 -14.91 33.25 7.96
C PRO A 2853 -14.28 34.45 7.28
N PHE A 2854 -14.52 34.63 5.99
CA PHE A 2854 -14.20 35.87 5.28
C PHE A 2854 -15.46 36.61 4.87
N VAL A 2855 -16.43 35.89 4.31
CA VAL A 2855 -17.73 36.48 4.00
C VAL A 2855 -18.38 37.00 5.27
N SER A 2856 -18.32 36.21 6.35
CA SER A 2856 -18.78 36.70 7.62
C SER A 2856 -17.92 37.83 8.15
N CYS A 2857 -16.65 37.90 7.76
CA CYS A 2857 -15.80 38.96 8.28
C CYS A 2857 -16.15 40.31 7.67
N ILE A 2858 -16.39 40.36 6.35
CA ILE A 2858 -16.77 41.63 5.76
C ILE A 2858 -18.20 42.00 6.17
N GLN A 2859 -19.11 41.02 6.26
CA GLN A 2859 -20.46 41.35 6.68
C GLN A 2859 -20.58 41.57 8.18
N ASP A 2860 -19.51 41.34 8.93
CA ASP A 2860 -19.45 41.72 10.33
C ASP A 2860 -18.87 43.12 10.51
N ILE A 2861 -17.81 43.46 9.77
CA ILE A 2861 -17.26 44.80 9.93
C ILE A 2861 -18.10 45.85 9.23
N SER A 2862 -18.97 45.44 8.31
CA SER A 2862 -19.88 46.41 7.71
C SER A 2862 -20.92 46.90 8.70
N CYS A 2863 -21.47 45.99 9.51
CA CYS A 2863 -22.65 46.25 10.32
C CYS A 2863 -22.34 47.01 11.61
N GLN A 2864 -21.19 47.67 11.73
CA GLN A 2864 -20.86 48.42 12.94
C GLN A 2864 -20.38 49.83 12.65
N HIS A 2865 -20.64 50.36 11.46
CA HIS A 2865 -20.15 51.69 11.11
C HIS A 2865 -21.21 52.43 10.33
N ALA A 2866 -20.92 53.70 10.04
CA ALA A 2866 -21.97 54.63 9.65
C ALA A 2866 -22.39 54.48 8.20
N ALA A 2867 -21.47 54.71 7.28
CA ALA A 2867 -21.83 54.75 5.87
C ALA A 2867 -21.79 53.38 5.20
N LEU A 2868 -21.16 52.39 5.82
CA LEU A 2868 -20.97 51.09 5.21
C LEU A 2868 -22.22 50.22 5.24
N LEU A 2869 -23.31 50.70 5.87
CA LEU A 2869 -24.49 49.87 6.08
C LEU A 2869 -25.20 49.57 4.77
N SER A 2870 -25.29 50.54 3.87
CA SER A 2870 -25.96 50.35 2.60
C SER A 2870 -24.97 49.65 1.67
N LEU A 2871 -24.79 48.35 1.87
CA LEU A 2871 -23.69 47.67 1.21
C LEU A 2871 -24.03 47.30 -0.22
N ASP A 2872 -24.88 46.29 -0.40
CA ASP A 2872 -25.27 45.79 -1.70
C ASP A 2872 -26.47 44.86 -1.52
N PRO A 2873 -27.68 45.38 -1.40
CA PRO A 2873 -28.78 44.57 -0.86
C PRO A 2873 -29.30 43.46 -1.75
N ALA A 2874 -28.63 43.17 -2.86
CA ALA A 2874 -28.90 41.96 -3.61
C ALA A 2874 -27.66 41.12 -3.83
N ALA A 2875 -26.50 41.57 -3.36
CA ALA A 2875 -25.31 40.73 -3.32
C ALA A 2875 -25.07 40.09 -1.97
N VAL A 2876 -25.52 40.77 -0.90
CA VAL A 2876 -25.50 40.20 0.45
C VAL A 2876 -26.30 38.91 0.50
N SER A 2877 -27.49 38.93 -0.11
CA SER A 2877 -28.34 37.75 -0.12
C SER A 2877 -27.76 36.63 -0.95
N ALA A 2878 -27.21 36.95 -2.12
CA ALA A 2878 -26.65 35.91 -2.98
C ALA A 2878 -25.34 35.35 -2.45
N GLY A 2879 -24.65 36.10 -1.58
CA GLY A 2879 -23.48 35.53 -0.94
C GLY A 2879 -23.82 34.68 0.25
N CYS A 2880 -24.68 35.20 1.13
CA CYS A 2880 -25.03 34.49 2.35
C CYS A 2880 -25.86 33.24 2.08
N LEU A 2881 -26.61 33.20 1.00
CA LEU A 2881 -27.38 31.99 0.71
C LEU A 2881 -26.51 30.85 0.24
N ALA A 2882 -25.30 31.12 -0.24
CA ALA A 2882 -24.46 30.08 -0.81
C ALA A 2882 -23.24 29.78 0.03
N SER A 2883 -22.82 30.68 0.91
CA SER A 2883 -21.77 30.35 1.86
C SER A 2883 -22.31 29.75 3.14
N LEU A 2884 -23.64 29.61 3.24
CA LEU A 2884 -24.35 29.06 4.41
C LEU A 2884 -24.03 29.83 5.69
N GLN A 2885 -24.05 31.15 5.58
CA GLN A 2885 -23.85 32.05 6.71
C GLN A 2885 -25.02 33.02 6.79
N GLN A 2886 -26.22 32.48 6.76
CA GLN A 2886 -27.44 33.29 6.78
C GLN A 2886 -27.65 34.16 8.02
N PRO A 2887 -27.35 33.74 9.26
CA PRO A 2887 -27.68 34.62 10.39
C PRO A 2887 -27.08 36.00 10.23
N VAL A 2888 -25.87 36.13 9.71
CA VAL A 2888 -25.24 37.44 9.75
C VAL A 2888 -25.79 38.38 8.69
N GLY A 2889 -26.18 37.85 7.53
CA GLY A 2889 -26.85 38.68 6.54
C GLY A 2889 -28.24 39.10 6.96
N ILE A 2890 -28.94 38.24 7.71
CA ILE A 2890 -30.25 38.61 8.24
C ILE A 2890 -30.13 39.78 9.21
N ARG A 2891 -29.11 39.72 10.07
CA ARG A 2891 -28.86 40.82 11.00
C ARG A 2891 -28.42 42.09 10.26
N LEU A 2892 -27.63 41.94 9.20
CA LEU A 2892 -27.18 43.10 8.44
C LEU A 2892 -28.33 43.80 7.74
N LEU A 2893 -29.21 43.03 7.10
CA LEU A 2893 -30.34 43.64 6.41
C LEU A 2893 -31.34 44.25 7.39
N GLU A 2894 -31.54 43.65 8.56
CA GLU A 2894 -32.46 44.27 9.52
C GLU A 2894 -31.87 45.55 10.10
N GLU A 2895 -30.56 45.57 10.33
CA GLU A 2895 -29.93 46.80 10.79
C GLU A 2895 -29.92 47.87 9.71
N ALA A 2896 -29.99 47.48 8.44
CA ALA A 2896 -30.14 48.50 7.41
C ALA A 2896 -31.58 48.97 7.28
N LEU A 2897 -32.56 48.12 7.58
CA LEU A 2897 -33.96 48.53 7.56
C LEU A 2897 -34.33 49.41 8.74
N LEU A 2898 -33.54 49.40 9.80
CA LEU A 2898 -33.70 50.42 10.84
C LEU A 2898 -33.02 51.72 10.42
N ARG A 2899 -32.79 52.61 11.38
CA ARG A 2899 -32.41 54.03 11.21
C ARG A 2899 -33.13 54.76 10.07
N PRO A 2917 -37.90 51.07 -5.51
CA PRO A 2917 -37.31 51.68 -4.32
C PRO A 2917 -36.32 50.72 -3.67
N PRO A 2918 -35.31 51.25 -2.98
CA PRO A 2918 -34.36 50.35 -2.31
C PRO A 2918 -34.95 49.70 -1.06
N ASP A 2919 -35.94 50.32 -0.44
CA ASP A 2919 -36.52 49.85 0.80
C ASP A 2919 -37.68 48.89 0.59
N VAL A 2920 -37.77 48.26 -0.58
CA VAL A 2920 -38.74 47.21 -0.82
C VAL A 2920 -38.02 45.96 -1.27
N LEU A 2921 -37.03 46.12 -2.16
CA LEU A 2921 -36.19 44.99 -2.56
C LEU A 2921 -35.40 44.43 -1.37
N ARG A 2922 -35.08 45.27 -0.39
CA ARG A 2922 -34.50 44.78 0.85
C ARG A 2922 -35.44 43.83 1.57
N TRP A 2923 -36.73 44.14 1.61
CA TRP A 2923 -37.69 43.22 2.19
C TRP A 2923 -37.81 41.95 1.36
N VAL A 2924 -37.66 42.06 0.04
CA VAL A 2924 -37.69 40.86 -0.79
C VAL A 2924 -36.50 39.95 -0.48
N GLU A 2925 -35.34 40.54 -0.24
CA GLU A 2925 -34.20 39.68 0.05
C GLU A 2925 -34.19 39.17 1.49
N LEU A 2926 -34.80 39.91 2.42
CA LEU A 2926 -34.99 39.37 3.77
C LEU A 2926 -35.97 38.21 3.75
N ALA A 2927 -37.00 38.27 2.90
CA ALA A 2927 -37.88 37.13 2.72
C ALA A 2927 -37.15 35.97 2.08
N LYS A 2928 -36.25 36.25 1.15
CA LYS A 2928 -35.48 35.17 0.53
C LYS A 2928 -34.53 34.52 1.52
N LEU A 2929 -34.01 35.27 2.48
CA LEU A 2929 -33.16 34.66 3.50
C LEU A 2929 -33.98 33.82 4.47
N TYR A 2930 -35.01 34.40 5.10
CA TYR A 2930 -35.87 33.67 6.02
C TYR A 2930 -36.64 32.52 5.38
N ARG A 2931 -36.74 32.45 4.06
CA ARG A 2931 -37.42 31.32 3.46
C ARG A 2931 -36.60 30.05 3.48
N SER A 2932 -35.29 30.15 3.71
CA SER A 2932 -34.42 28.98 3.60
C SER A 2932 -34.20 28.26 4.92
N ILE A 2933 -34.41 28.92 6.06
CA ILE A 2933 -34.16 28.30 7.36
C ILE A 2933 -35.48 28.01 8.06
N GLY A 2934 -36.50 27.64 7.31
CA GLY A 2934 -37.80 27.40 7.91
C GLY A 2934 -38.43 28.74 8.21
N GLU A 2935 -38.79 28.96 9.47
CA GLU A 2935 -39.16 30.28 10.01
C GLU A 2935 -40.29 30.95 9.24
N TYR A 2936 -41.26 30.17 8.79
CA TYR A 2936 -42.27 30.68 7.88
C TYR A 2936 -43.21 31.67 8.52
N ASP A 2937 -43.30 31.70 9.85
CA ASP A 2937 -44.14 32.68 10.50
C ASP A 2937 -43.59 34.08 10.34
N VAL A 2938 -42.28 34.25 10.51
CA VAL A 2938 -41.70 35.56 10.30
C VAL A 2938 -41.60 35.86 8.81
N LEU A 2939 -41.67 34.84 7.95
CA LEU A 2939 -41.76 35.06 6.52
C LEU A 2939 -43.10 35.70 6.15
N ARG A 2940 -44.21 35.11 6.61
CA ARG A 2940 -45.51 35.70 6.34
C ARG A 2940 -45.81 36.91 7.20
N GLY A 2941 -44.96 37.23 8.16
CA GLY A 2941 -45.12 38.47 8.89
C GLY A 2941 -44.66 39.72 8.17
N ILE A 2942 -44.00 39.58 7.03
CA ILE A 2942 -43.65 40.73 6.21
C ILE A 2942 -44.43 40.76 4.90
N PHE A 2943 -45.04 39.67 4.49
CA PHE A 2943 -45.85 39.67 3.29
C PHE A 2943 -47.26 40.19 3.51
N THR A 2944 -47.62 40.58 4.74
CA THR A 2944 -48.91 41.21 5.00
C THR A 2944 -48.76 42.58 5.62
N SER A 2945 -47.55 43.11 5.70
CA SER A 2945 -47.38 44.40 6.36
C SER A 2945 -46.50 45.34 5.54
N GLU A 2946 -45.61 44.79 4.71
CA GLU A 2946 -44.71 45.60 3.90
C GLU A 2946 -44.97 45.47 2.42
N ILE A 2947 -44.95 44.26 1.88
CA ILE A 2947 -45.34 44.03 0.48
C ILE A 2947 -46.83 43.76 0.51
N GLY A 2948 -47.62 44.83 0.58
CA GLY A 2948 -49.03 44.67 0.85
C GLY A 2948 -49.93 45.69 0.19
N THR A 2949 -50.78 46.31 1.02
CA THR A 2949 -51.74 47.37 0.70
C THR A 2949 -52.81 46.95 -0.31
N LYS A 2950 -53.00 45.64 -0.50
CA LYS A 2950 -54.08 45.11 -1.33
C LYS A 2950 -54.98 44.22 -0.47
N GLN A 2951 -55.99 43.60 -1.09
CA GLN A 2951 -56.98 42.85 -0.32
C GLN A 2951 -57.26 41.47 -0.88
N ILE A 2952 -56.32 40.90 -1.64
CA ILE A 2952 -56.34 39.48 -1.92
C ILE A 2952 -55.18 38.75 -1.22
N THR A 2953 -54.05 39.44 -1.00
CA THR A 2953 -52.94 38.83 -0.29
C THR A 2953 -53.30 38.53 1.16
N GLN A 2954 -54.11 39.36 1.80
CA GLN A 2954 -54.48 39.11 3.19
C GLN A 2954 -55.40 37.91 3.31
N SER A 2955 -56.44 37.86 2.49
CA SER A 2955 -57.35 36.73 2.51
C SER A 2955 -56.79 35.48 1.85
N ALA A 2956 -55.61 35.55 1.24
CA ALA A 2956 -54.94 34.34 0.80
C ALA A 2956 -53.91 33.83 1.81
N LEU A 2957 -53.14 34.72 2.43
CA LEU A 2957 -52.18 34.28 3.42
C LEU A 2957 -52.87 33.87 4.71
N LEU A 2958 -54.03 34.44 5.00
CA LEU A 2958 -54.80 33.99 6.15
C LEU A 2958 -55.38 32.59 5.93
N ALA A 2959 -55.63 32.21 4.69
CA ALA A 2959 -56.16 30.89 4.38
C ALA A 2959 -55.10 29.95 3.85
N GLU A 2960 -53.85 30.37 3.85
CA GLU A 2960 -52.73 29.45 3.75
C GLU A 2960 -51.91 29.39 5.03
N ALA A 2961 -52.26 30.19 6.04
CA ALA A 2961 -51.68 30.02 7.37
C ALA A 2961 -52.09 28.68 7.97
N ARG A 2962 -53.39 28.45 8.09
CA ARG A 2962 -53.86 27.09 8.31
C ARG A 2962 -53.62 26.27 7.06
N SER A 2963 -53.45 24.97 7.24
CA SER A 2963 -53.13 24.13 6.10
C SER A 2963 -54.42 23.92 5.32
N ASP A 2964 -54.69 24.87 4.44
CA ASP A 2964 -55.89 24.99 3.61
C ASP A 2964 -55.48 25.31 2.19
N TYR A 2965 -54.60 24.49 1.62
CA TYR A 2965 -53.91 24.84 0.38
C TYR A 2965 -54.75 24.63 -0.87
N SER A 2966 -55.96 25.11 -0.88
CA SER A 2966 -56.77 25.07 -2.07
C SER A 2966 -57.45 26.41 -2.32
N GLU A 2967 -57.92 27.07 -1.27
CA GLU A 2967 -58.51 28.39 -1.41
C GLU A 2967 -57.42 29.42 -1.71
N ALA A 2968 -56.26 29.27 -1.09
CA ALA A 2968 -55.17 30.21 -1.35
C ALA A 2968 -54.40 29.91 -2.63
N ALA A 2969 -54.63 28.75 -3.24
CA ALA A 2969 -54.12 28.50 -4.58
C ALA A 2969 -55.21 28.59 -5.63
N LYS A 2970 -56.43 28.89 -5.21
CA LYS A 2970 -57.50 29.22 -6.13
C LYS A 2970 -57.76 30.72 -6.21
N GLN A 2971 -57.34 31.49 -5.19
CA GLN A 2971 -57.45 32.94 -5.28
C GLN A 2971 -56.12 33.62 -5.55
N TYR A 2972 -55.14 32.89 -6.06
CA TYR A 2972 -53.99 33.51 -6.69
C TYR A 2972 -54.10 33.57 -8.21
N ASP A 2973 -54.80 32.62 -8.84
CA ASP A 2973 -55.10 32.76 -10.25
C ASP A 2973 -56.08 33.90 -10.48
N GLU A 2974 -57.00 34.09 -9.53
CA GLU A 2974 -57.97 35.18 -9.64
C GLU A 2974 -57.31 36.54 -9.44
N ALA A 2975 -56.19 36.59 -8.73
CA ALA A 2975 -55.45 37.83 -8.57
C ALA A 2975 -54.40 38.02 -9.65
N LEU A 2976 -54.00 36.95 -10.33
CA LEU A 2976 -52.98 37.06 -11.36
C LEU A 2976 -53.58 37.23 -12.75
N ASN A 2977 -54.86 36.92 -12.91
CA ASN A 2977 -55.60 37.19 -14.14
C ASN A 2977 -56.54 38.37 -13.96
N LYS A 2978 -56.09 39.39 -13.23
CA LYS A 2978 -56.89 40.58 -12.99
C LYS A 2978 -56.91 41.48 -14.23
N GLN A 2979 -57.96 42.29 -14.34
CA GLN A 2979 -58.08 43.19 -15.48
C GLN A 2979 -58.11 44.65 -15.08
N ASP A 2980 -59.07 45.09 -14.27
CA ASP A 2980 -59.29 46.53 -14.13
C ASP A 2980 -58.36 47.18 -13.12
N TRP A 2981 -58.59 46.91 -11.83
CA TRP A 2981 -57.71 47.24 -10.69
C TRP A 2981 -57.27 48.71 -10.64
N VAL A 2982 -58.10 49.63 -11.14
CA VAL A 2982 -57.78 51.06 -11.04
C VAL A 2982 -58.34 51.54 -9.71
N ASP A 2983 -57.60 51.19 -8.65
CA ASP A 2983 -57.79 51.72 -7.31
C ASP A 2983 -56.43 51.93 -6.68
N GLY A 2984 -55.39 51.99 -7.51
CA GLY A 2984 -54.02 51.83 -7.10
C GLY A 2984 -53.45 50.56 -7.69
N GLU A 2985 -52.66 50.68 -8.76
CA GLU A 2985 -52.14 49.49 -9.44
C GLU A 2985 -51.01 48.89 -8.62
N PRO A 2986 -51.00 47.57 -8.40
CA PRO A 2986 -49.98 46.98 -7.54
C PRO A 2986 -48.61 47.00 -8.18
N THR A 2987 -47.59 47.24 -7.37
CA THR A 2987 -46.24 47.34 -7.86
C THR A 2987 -45.70 45.98 -8.27
N GLU A 2988 -44.56 46.00 -8.96
CA GLU A 2988 -43.92 44.78 -9.43
C GLU A 2988 -43.15 44.03 -8.35
N ALA A 2989 -43.32 44.42 -7.07
CA ALA A 2989 -42.74 43.67 -5.98
C ALA A 2989 -43.60 42.49 -5.57
N GLU A 2990 -44.92 42.64 -5.65
CA GLU A 2990 -45.82 41.53 -5.37
C GLU A 2990 -46.34 40.85 -6.62
N LYS A 2991 -46.13 41.45 -7.78
CA LYS A 2991 -46.62 40.88 -9.04
C LYS A 2991 -45.88 39.61 -9.41
N ASP A 2992 -44.70 39.38 -8.85
CA ASP A 2992 -44.00 38.11 -9.00
C ASP A 2992 -44.10 37.24 -7.75
N PHE A 2993 -44.26 37.88 -6.59
CA PHE A 2993 -44.49 37.16 -5.34
C PHE A 2993 -45.77 36.34 -5.40
N TRP A 2994 -46.80 36.84 -6.09
CA TRP A 2994 -48.01 36.05 -6.27
C TRP A 2994 -47.72 34.81 -7.10
N GLU A 2995 -46.82 34.94 -8.08
CA GLU A 2995 -46.45 33.79 -8.90
C GLU A 2995 -45.65 32.77 -8.11
N LEU A 2996 -44.71 33.25 -7.28
CA LEU A 2996 -43.89 32.37 -6.47
C LEU A 2996 -44.72 31.63 -5.42
N ALA A 2997 -45.63 32.35 -4.76
CA ALA A 2997 -46.46 31.73 -3.74
C ALA A 2997 -47.49 30.79 -4.36
N SER A 2998 -47.99 31.08 -5.56
CA SER A 2998 -48.88 30.13 -6.22
C SER A 2998 -48.14 28.89 -6.65
N LEU A 2999 -46.86 29.03 -7.03
CA LEU A 2999 -46.04 27.85 -7.30
C LEU A 2999 -45.88 27.00 -6.05
N ASP A 3000 -45.63 27.65 -4.90
CA ASP A 3000 -45.44 26.90 -3.66
C ASP A 3000 -46.73 26.21 -3.20
N CYS A 3001 -47.85 26.93 -3.25
CA CYS A 3001 -49.13 26.36 -2.86
C CYS A 3001 -49.71 25.44 -3.92
N TYR A 3002 -49.10 25.36 -5.10
CA TYR A 3002 -49.37 24.23 -5.98
C TYR A 3002 -48.46 23.07 -5.69
N ASN A 3003 -47.28 23.32 -5.12
CA ASN A 3003 -46.33 22.24 -4.88
C ASN A 3003 -46.70 21.43 -3.64
N HIS A 3004 -47.22 22.08 -2.60
CA HIS A 3004 -47.46 21.41 -1.31
C HIS A 3004 -48.43 20.26 -1.45
N LEU A 3005 -49.64 20.54 -1.88
CA LEU A 3005 -50.47 19.41 -2.25
C LEU A 3005 -50.02 18.87 -3.59
N ALA A 3006 -50.42 17.63 -3.87
CA ALA A 3006 -49.99 16.93 -5.08
C ALA A 3006 -50.74 17.52 -6.27
N GLU A 3007 -50.15 18.57 -6.84
CA GLU A 3007 -50.64 19.19 -8.07
C GLU A 3007 -49.44 19.26 -9.01
N TRP A 3008 -49.27 18.25 -9.86
CA TRP A 3008 -48.08 18.22 -10.69
C TRP A 3008 -48.26 18.96 -12.00
N LYS A 3009 -49.35 18.69 -12.71
CA LYS A 3009 -49.51 19.20 -14.07
C LYS A 3009 -49.70 20.71 -14.08
N SER A 3010 -50.31 21.26 -13.04
CA SER A 3010 -50.49 22.69 -12.93
C SER A 3010 -49.36 23.37 -12.17
N LEU A 3011 -48.18 22.77 -12.16
CA LEU A 3011 -46.98 23.35 -11.58
C LEU A 3011 -45.90 23.63 -12.62
N GLU A 3012 -45.67 22.67 -13.51
CA GLU A 3012 -44.77 22.88 -14.65
C GLU A 3012 -45.23 24.04 -15.52
N TYR A 3013 -46.55 24.17 -15.69
CA TYR A 3013 -47.09 25.21 -16.55
C TYR A 3013 -46.90 26.58 -15.93
N CYS A 3014 -47.19 26.71 -14.64
CA CYS A 3014 -47.01 27.98 -13.96
C CYS A 3014 -45.54 28.30 -13.70
N SER A 3015 -44.65 27.30 -13.82
CA SER A 3015 -43.23 27.59 -13.69
C SER A 3015 -42.58 27.98 -15.02
N THR A 3016 -42.96 27.35 -16.12
CA THR A 3016 -42.33 27.62 -17.41
C THR A 3016 -43.09 28.62 -18.27
N ALA A 3017 -44.33 28.98 -17.92
CA ALA A 3017 -45.16 29.81 -18.78
C ALA A 3017 -45.15 31.26 -18.36
N SER A 3018 -44.02 31.76 -17.85
CA SER A 3018 -43.89 33.17 -17.58
C SER A 3018 -42.53 33.71 -18.03
N ILE A 3019 -41.77 32.94 -18.79
CA ILE A 3019 -40.46 33.36 -19.27
C ILE A 3019 -40.40 33.44 -20.79
N ASP A 3020 -41.07 32.52 -21.49
CA ASP A 3020 -40.88 32.35 -22.93
C ASP A 3020 -42.23 32.10 -23.59
N SER A 3021 -42.19 31.57 -24.81
CA SER A 3021 -43.39 31.28 -25.60
C SER A 3021 -44.09 30.02 -25.07
N GLU A 3022 -45.16 29.60 -25.76
CA GLU A 3022 -46.09 28.63 -25.17
C GLU A 3022 -45.57 27.19 -25.28
N ASN A 3023 -45.25 26.72 -26.48
CA ASN A 3023 -44.71 25.38 -26.60
C ASN A 3023 -43.22 25.42 -26.24
N PRO A 3024 -42.76 24.45 -25.44
CA PRO A 3024 -41.59 24.68 -24.55
C PRO A 3024 -40.29 24.88 -25.31
N PRO A 3025 -39.75 26.10 -25.29
CA PRO A 3025 -38.43 26.36 -25.84
C PRO A 3025 -37.33 26.21 -24.80
N ASP A 3026 -37.61 25.51 -23.70
CA ASP A 3026 -36.82 25.57 -22.48
C ASP A 3026 -35.39 25.10 -22.68
N LEU A 3027 -34.50 26.09 -22.73
CA LEU A 3027 -33.08 25.92 -22.96
C LEU A 3027 -32.43 27.11 -22.30
N ASN A 3028 -31.30 27.59 -22.82
CA ASN A 3028 -30.49 28.69 -22.30
C ASN A 3028 -31.25 29.99 -21.93
N LYS A 3029 -32.51 30.10 -22.35
CA LYS A 3029 -33.49 30.99 -21.72
C LYS A 3029 -33.40 30.96 -20.19
N ILE A 3030 -33.48 29.76 -19.60
CA ILE A 3030 -33.38 29.71 -18.14
C ILE A 3030 -31.93 29.76 -17.69
N TRP A 3031 -30.98 29.35 -18.55
CA TRP A 3031 -29.58 29.44 -18.14
C TRP A 3031 -29.06 30.86 -18.20
N SER A 3032 -29.66 31.72 -18.99
CA SER A 3032 -29.35 33.14 -18.97
C SER A 3032 -30.30 33.84 -17.99
N GLU A 3033 -29.90 35.07 -17.60
CA GLU A 3033 -30.56 35.89 -16.59
C GLU A 3033 -30.70 35.10 -15.29
N PRO A 3034 -29.63 34.99 -14.50
CA PRO A 3034 -29.56 33.94 -13.45
C PRO A 3034 -30.62 34.02 -12.35
N PHE A 3035 -31.40 35.10 -12.29
CA PHE A 3035 -32.61 35.09 -11.48
C PHE A 3035 -33.63 34.09 -12.03
N TYR A 3036 -33.67 33.89 -13.35
CA TYR A 3036 -34.52 32.85 -13.94
C TYR A 3036 -33.99 31.45 -13.64
N GLN A 3037 -32.72 31.32 -13.31
CA GLN A 3037 -32.16 30.00 -13.03
C GLN A 3037 -32.48 29.55 -11.61
N GLU A 3038 -32.60 30.49 -10.67
CA GLU A 3038 -32.77 30.14 -9.27
C GLU A 3038 -34.17 29.65 -8.96
N THR A 3039 -35.18 30.49 -9.18
CA THR A 3039 -36.52 30.25 -8.66
C THR A 3039 -37.50 29.80 -9.75
N TYR A 3040 -37.01 29.17 -10.80
CA TYR A 3040 -37.90 28.54 -11.77
C TYR A 3040 -37.45 27.15 -12.20
N LEU A 3041 -36.17 26.81 -12.04
CA LEU A 3041 -35.69 25.48 -12.39
C LEU A 3041 -36.18 24.35 -11.48
N PRO A 3042 -36.05 24.41 -10.13
CA PRO A 3042 -36.19 23.18 -9.35
C PRO A 3042 -37.60 22.63 -9.33
N TYR A 3043 -38.61 23.50 -9.31
CA TYR A 3043 -39.98 23.04 -9.43
C TYR A 3043 -40.23 22.38 -10.78
N MET A 3044 -39.57 22.87 -11.83
CA MET A 3044 -39.76 22.30 -13.15
C MET A 3044 -39.18 20.88 -13.24
N ILE A 3045 -37.92 20.71 -12.83
CA ILE A 3045 -37.32 19.38 -12.94
C ILE A 3045 -37.95 18.42 -11.94
N ARG A 3046 -38.39 18.94 -10.78
CA ARG A 3046 -39.09 18.12 -9.81
C ARG A 3046 -40.41 17.62 -10.35
N SER A 3047 -41.19 18.50 -10.99
CA SER A 3047 -42.50 18.12 -11.49
C SER A 3047 -42.39 17.19 -12.69
N LYS A 3048 -41.40 17.43 -13.56
CA LYS A 3048 -41.22 16.56 -14.71
C LYS A 3048 -40.78 15.16 -14.28
N LEU A 3049 -39.87 15.08 -13.30
CA LEU A 3049 -39.45 13.78 -12.79
C LEU A 3049 -40.60 13.06 -12.09
N LYS A 3050 -41.39 13.79 -11.30
CA LYS A 3050 -42.53 13.19 -10.60
C LYS A 3050 -43.56 12.67 -11.59
N LEU A 3051 -43.80 13.42 -12.67
CA LEU A 3051 -44.79 12.97 -13.65
C LEU A 3051 -44.26 11.81 -14.48
N LEU A 3052 -42.94 11.74 -14.68
CA LEU A 3052 -42.38 10.59 -15.36
C LEU A 3052 -42.41 9.35 -14.47
N LEU A 3053 -42.42 9.54 -13.14
CA LEU A 3053 -42.35 8.43 -12.22
C LEU A 3053 -43.64 7.62 -12.12
N GLN A 3054 -44.75 8.08 -12.73
CA GLN A 3054 -46.00 7.34 -12.66
C GLN A 3054 -46.31 6.53 -13.91
N GLY A 3055 -45.63 6.81 -15.02
CA GLY A 3055 -45.86 6.10 -16.26
C GLY A 3055 -46.45 6.95 -17.34
N GLU A 3056 -45.59 7.47 -18.20
CA GLU A 3056 -45.89 8.29 -19.37
C GLU A 3056 -44.78 8.05 -20.38
N ALA A 3057 -44.63 8.96 -21.34
CA ALA A 3057 -43.40 9.02 -22.10
C ALA A 3057 -42.61 10.29 -21.82
N ASP A 3058 -43.40 11.37 -21.79
CA ASP A 3058 -42.92 12.74 -21.49
C ASP A 3058 -41.81 13.08 -22.47
N GLN A 3059 -40.61 12.61 -22.19
CA GLN A 3059 -39.51 12.87 -23.14
C GLN A 3059 -39.05 14.31 -23.34
N SER A 3060 -39.01 15.12 -22.28
CA SER A 3060 -38.72 16.54 -22.50
C SER A 3060 -37.63 17.06 -21.58
N LEU A 3061 -37.53 16.52 -20.36
CA LEU A 3061 -36.43 16.92 -19.51
C LEU A 3061 -35.17 16.12 -19.82
N LEU A 3062 -35.30 14.93 -20.42
CA LEU A 3062 -34.14 14.14 -20.79
C LEU A 3062 -33.31 14.85 -21.83
N THR A 3063 -33.98 15.39 -22.86
CA THR A 3063 -33.27 16.09 -23.92
C THR A 3063 -32.67 17.39 -23.41
N PHE A 3064 -33.34 18.06 -22.48
CA PHE A 3064 -32.80 19.29 -21.90
C PHE A 3064 -31.59 19.00 -21.03
N ILE A 3065 -31.62 17.89 -20.28
CA ILE A 3065 -30.48 17.48 -19.48
C ILE A 3065 -29.31 17.11 -20.37
N ASP A 3066 -29.57 16.40 -21.45
CA ASP A 3066 -28.50 15.99 -22.35
C ASP A 3066 -27.94 17.15 -23.15
N LYS A 3067 -28.74 18.19 -23.40
CA LYS A 3067 -28.23 19.38 -24.06
C LYS A 3067 -27.57 20.34 -23.08
N ALA A 3068 -27.89 20.25 -21.80
CA ALA A 3068 -27.18 21.01 -20.78
C ALA A 3068 -25.99 20.25 -20.21
N MET A 3069 -25.78 19.01 -20.65
CA MET A 3069 -24.64 18.22 -20.20
C MET A 3069 -23.36 18.58 -20.96
N HIS A 3070 -23.04 19.87 -20.99
CA HIS A 3070 -21.80 20.39 -21.54
C HIS A 3070 -21.43 21.63 -20.75
N GLY A 3071 -20.32 22.25 -21.14
CA GLY A 3071 -19.92 23.52 -20.57
C GLY A 3071 -19.46 23.41 -19.13
N GLU A 3072 -19.09 24.56 -18.58
CA GLU A 3072 -18.77 24.66 -17.16
C GLU A 3072 -19.89 25.28 -16.36
N LEU A 3073 -20.49 26.36 -16.87
CA LEU A 3073 -21.55 27.04 -16.12
C LEU A 3073 -22.82 26.20 -16.09
N GLN A 3074 -23.22 25.65 -17.22
CA GLN A 3074 -24.45 24.87 -17.31
C GLN A 3074 -24.25 23.42 -16.88
N LYS A 3075 -23.15 23.09 -16.26
CA LYS A 3075 -22.93 21.76 -15.73
C LYS A 3075 -22.52 21.77 -14.28
N ALA A 3076 -21.68 22.73 -13.86
CA ALA A 3076 -21.18 22.77 -12.49
C ALA A 3076 -22.12 23.45 -11.52
N ILE A 3077 -23.36 23.69 -11.92
CA ILE A 3077 -24.44 24.00 -11.00
C ILE A 3077 -25.43 22.86 -10.91
N LEU A 3078 -25.76 22.25 -12.05
CA LEU A 3078 -26.67 21.13 -12.09
C LEU A 3078 -26.03 19.86 -11.52
N GLU A 3079 -24.71 19.78 -11.47
CA GLU A 3079 -24.09 18.67 -10.74
C GLU A 3079 -23.87 19.01 -9.28
N LEU A 3080 -23.70 20.29 -8.97
CA LEU A 3080 -23.39 20.69 -7.60
C LEU A 3080 -24.62 20.62 -6.72
N HIS A 3081 -25.76 21.05 -7.23
CA HIS A 3081 -26.93 21.15 -6.36
C HIS A 3081 -27.71 19.84 -6.25
N TYR A 3082 -28.21 19.32 -7.35
CA TYR A 3082 -29.34 18.37 -7.24
C TYR A 3082 -28.92 16.91 -7.14
N SER A 3083 -28.40 16.34 -8.23
CA SER A 3083 -27.72 15.05 -8.30
C SER A 3083 -28.54 13.81 -7.91
N GLN A 3084 -29.63 13.97 -7.18
CA GLN A 3084 -30.43 12.83 -6.78
C GLN A 3084 -31.51 12.56 -7.80
N GLU A 3085 -32.08 13.64 -8.34
CA GLU A 3085 -32.91 13.56 -9.53
C GLU A 3085 -32.11 13.03 -10.71
N LEU A 3086 -30.82 13.36 -10.79
CA LEU A 3086 -29.96 12.80 -11.83
C LEU A 3086 -29.77 11.31 -11.64
N SER A 3087 -29.60 10.86 -10.40
CA SER A 3087 -29.49 9.42 -10.14
C SER A 3087 -30.77 8.69 -10.51
N LEU A 3088 -31.93 9.27 -10.17
CA LEU A 3088 -33.21 8.68 -10.57
C LEU A 3088 -33.37 8.68 -12.09
N LEU A 3089 -32.90 9.74 -12.76
CA LEU A 3089 -33.08 9.84 -14.20
C LEU A 3089 -32.21 8.83 -14.94
N TYR A 3090 -30.98 8.62 -14.47
CA TYR A 3090 -30.15 7.61 -15.11
C TYR A 3090 -30.53 6.20 -14.71
N LEU A 3091 -31.22 6.03 -13.58
CA LEU A 3091 -31.82 4.73 -13.33
C LEU A 3091 -33.02 4.51 -14.24
N LEU A 3092 -33.71 5.59 -14.62
CA LEU A 3092 -34.79 5.47 -15.59
C LEU A 3092 -34.27 5.19 -17.00
N GLN A 3093 -33.11 5.72 -17.35
CA GLN A 3093 -32.46 5.38 -18.61
C GLN A 3093 -31.67 4.08 -18.53
N ASP A 3094 -31.48 3.55 -17.32
CA ASP A 3094 -30.85 2.26 -17.03
C ASP A 3094 -29.39 2.19 -17.49
N ASP A 3095 -28.57 3.06 -16.90
CA ASP A 3095 -27.13 2.83 -16.82
C ASP A 3095 -26.73 2.99 -15.35
N VAL A 3096 -26.46 1.87 -14.68
CA VAL A 3096 -26.51 1.82 -13.23
C VAL A 3096 -25.29 2.48 -12.59
N ASP A 3097 -24.08 2.25 -13.13
CA ASP A 3097 -22.90 2.79 -12.48
C ASP A 3097 -22.78 4.29 -12.66
N ARG A 3098 -23.41 4.86 -13.70
CA ARG A 3098 -23.58 6.30 -13.78
C ARG A 3098 -24.39 6.81 -12.59
N ALA A 3099 -25.51 6.13 -12.30
CA ALA A 3099 -26.31 6.46 -11.14
C ALA A 3099 -25.57 6.18 -9.84
N LYS A 3100 -24.71 5.17 -9.82
CA LYS A 3100 -23.93 4.87 -8.62
C LYS A 3100 -22.92 5.97 -8.35
N TYR A 3101 -22.27 6.49 -9.40
CA TYR A 3101 -21.35 7.61 -9.21
C TYR A 3101 -22.10 8.85 -8.74
N TYR A 3102 -23.30 9.08 -9.29
CA TYR A 3102 -24.03 10.27 -8.89
C TYR A 3102 -24.59 10.17 -7.47
N ILE A 3103 -25.00 8.97 -7.03
CA ILE A 3103 -25.51 8.87 -5.66
C ILE A 3103 -24.37 8.90 -4.65
N GLN A 3104 -23.16 8.42 -5.02
CA GLN A 3104 -22.04 8.57 -4.10
C GLN A 3104 -21.63 10.03 -3.98
N ASN A 3105 -21.70 10.77 -5.09
CA ASN A 3105 -21.53 12.21 -4.99
C ASN A 3105 -22.64 12.86 -4.18
N GLY A 3106 -23.85 12.29 -4.20
CA GLY A 3106 -24.94 12.85 -3.43
C GLY A 3106 -24.75 12.71 -1.94
N ILE A 3107 -24.26 11.55 -1.50
CA ILE A 3107 -24.00 11.33 -0.07
C ILE A 3107 -22.84 12.21 0.39
N GLN A 3108 -21.80 12.35 -0.44
CA GLN A 3108 -20.72 13.27 -0.12
C GLN A 3108 -21.21 14.73 -0.05
N SER A 3109 -22.16 15.08 -0.92
CA SER A 3109 -22.73 16.42 -0.90
C SER A 3109 -23.57 16.66 0.35
N PHE A 3110 -24.31 15.65 0.80
CA PHE A 3110 -25.11 15.79 2.01
C PHE A 3110 -24.22 16.01 3.23
N MET A 3111 -23.14 15.25 3.34
CA MET A 3111 -22.23 15.44 4.47
C MET A 3111 -21.59 16.81 4.43
N GLN A 3112 -21.23 17.28 3.23
CA GLN A 3112 -20.67 18.62 3.09
C GLN A 3112 -21.68 19.71 3.43
N ASN A 3113 -22.96 19.48 3.16
CA ASN A 3113 -23.97 20.47 3.53
C ASN A 3113 -24.18 20.50 5.04
N TYR A 3114 -24.33 19.32 5.66
CA TYR A 3114 -24.64 19.26 7.08
C TYR A 3114 -23.49 19.76 7.94
N SER A 3115 -22.25 19.62 7.48
CA SER A 3115 -21.16 19.97 8.38
C SER A 3115 -20.95 21.48 8.56
N SER A 3116 -21.70 22.34 7.86
CA SER A 3116 -21.45 23.77 7.87
C SER A 3116 -22.56 24.59 8.53
N ILE A 3117 -23.71 23.99 8.83
CA ILE A 3117 -24.77 24.69 9.54
C ILE A 3117 -24.36 24.86 10.99
N ASP A 3118 -24.53 26.07 11.52
CA ASP A 3118 -24.16 26.32 12.92
C ASP A 3118 -25.08 25.55 13.84
N VAL A 3119 -24.53 25.06 14.94
CA VAL A 3119 -25.06 23.87 15.60
C VAL A 3119 -26.38 24.13 16.32
N LEU A 3120 -26.70 25.36 16.63
CA LEU A 3120 -27.97 25.64 17.28
C LEU A 3120 -29.04 26.08 16.31
N LEU A 3121 -28.74 26.12 15.02
CA LEU A 3121 -29.73 26.51 14.00
C LEU A 3121 -30.61 25.30 13.72
N HIS A 3122 -31.53 25.03 14.64
CA HIS A 3122 -32.47 23.94 14.49
C HIS A 3122 -33.48 24.27 13.39
N GLN A 3123 -34.20 23.22 12.98
CA GLN A 3123 -35.24 23.12 11.95
C GLN A 3123 -34.68 23.22 10.53
N SER A 3124 -33.51 23.83 10.39
CA SER A 3124 -32.75 23.71 9.15
C SER A 3124 -32.07 22.36 9.11
N ARG A 3125 -31.50 21.94 10.24
CA ARG A 3125 -30.89 20.63 10.34
C ARG A 3125 -31.93 19.53 10.27
N LEU A 3126 -33.14 19.78 10.77
CA LEU A 3126 -34.21 18.80 10.60
C LEU A 3126 -34.64 18.69 9.15
N THR A 3127 -34.77 19.82 8.45
CA THR A 3127 -35.13 19.74 7.03
C THR A 3127 -34.00 19.18 6.17
N LYS A 3128 -32.77 19.20 6.67
CA LYS A 3128 -31.70 18.49 5.98
C LYS A 3128 -31.70 17.01 6.33
N LEU A 3129 -32.01 16.68 7.59
CA LEU A 3129 -31.96 15.31 8.06
C LEU A 3129 -33.13 14.49 7.58
N GLN A 3130 -34.17 15.12 7.09
CA GLN A 3130 -35.34 14.35 6.68
C GLN A 3130 -35.23 13.77 5.26
N SER A 3131 -34.04 13.62 4.67
CA SER A 3131 -33.91 13.04 3.32
C SER A 3131 -32.96 11.87 3.23
N VAL A 3132 -32.25 11.55 4.32
CA VAL A 3132 -31.29 10.46 4.27
C VAL A 3132 -31.98 9.12 4.14
N GLN A 3133 -33.26 9.04 4.55
CA GLN A 3133 -34.01 7.81 4.32
C GLN A 3133 -34.22 7.56 2.85
N ALA A 3134 -34.53 8.60 2.07
CA ALA A 3134 -34.73 8.43 0.63
C ALA A 3134 -33.42 8.09 -0.07
N LEU A 3135 -32.32 8.76 0.35
CA LEU A 3135 -31.02 8.48 -0.24
C LEU A 3135 -30.59 7.04 0.00
N THR A 3136 -30.77 6.56 1.23
CA THR A 3136 -30.41 5.18 1.51
C THR A 3136 -31.42 4.21 0.93
N GLU A 3137 -32.65 4.63 0.63
CA GLU A 3137 -33.56 3.74 -0.08
C GLU A 3137 -33.12 3.51 -1.52
N ILE A 3138 -32.65 4.55 -2.20
CA ILE A 3138 -32.10 4.39 -3.55
C ILE A 3138 -30.84 3.52 -3.51
N GLN A 3139 -29.98 3.75 -2.53
CA GLN A 3139 -28.77 2.94 -2.38
C GLN A 3139 -29.10 1.48 -2.10
N GLU A 3140 -30.14 1.24 -1.29
CA GLU A 3140 -30.57 -0.11 -1.00
C GLU A 3140 -31.14 -0.78 -2.23
N PHE A 3141 -31.85 -0.02 -3.07
CA PHE A 3141 -32.43 -0.61 -4.28
C PHE A 3141 -31.35 -1.00 -5.29
N ILE A 3142 -30.35 -0.13 -5.48
CA ILE A 3142 -29.25 -0.46 -6.39
C ILE A 3142 -28.45 -1.64 -5.87
N SER A 3143 -28.12 -1.63 -4.58
CA SER A 3143 -27.35 -2.73 -4.02
C SER A 3143 -28.16 -4.00 -3.86
N PHE A 3144 -29.49 -3.95 -3.98
CA PHE A 3144 -30.26 -5.17 -4.06
C PHE A 3144 -30.30 -5.69 -5.49
N ILE A 3145 -30.41 -4.80 -6.47
CA ILE A 3145 -30.56 -5.25 -7.85
C ILE A 3145 -29.24 -5.66 -8.48
N SER A 3146 -28.11 -5.36 -7.85
CA SER A 3146 -26.80 -5.58 -8.42
C SER A 3146 -26.24 -6.97 -8.13
N LYS A 3147 -27.09 -7.93 -7.81
CA LYS A 3147 -26.69 -9.34 -7.71
C LYS A 3147 -27.59 -10.18 -8.61
N GLN A 3148 -26.96 -10.99 -9.47
CA GLN A 3148 -27.72 -11.82 -10.40
C GLN A 3148 -28.43 -12.96 -9.69
N GLY A 3149 -27.76 -13.60 -8.74
CA GLY A 3149 -28.38 -14.66 -7.98
C GLY A 3149 -29.31 -14.20 -6.88
N ASN A 3150 -29.45 -12.88 -6.69
CA ASN A 3150 -30.40 -12.36 -5.71
C ASN A 3150 -31.83 -12.66 -6.12
N LEU A 3151 -32.09 -12.69 -7.41
CA LEU A 3151 -33.42 -12.95 -7.96
C LEU A 3151 -33.64 -14.42 -8.26
N SER A 3152 -32.79 -15.31 -7.75
CA SER A 3152 -32.94 -16.74 -7.94
C SER A 3152 -33.99 -17.36 -7.03
N SER A 3153 -34.63 -16.57 -6.18
CA SER A 3153 -35.74 -17.01 -5.36
C SER A 3153 -36.57 -15.79 -4.99
N GLN A 3154 -37.50 -15.97 -4.04
CA GLN A 3154 -38.40 -14.90 -3.63
C GLN A 3154 -38.23 -14.47 -2.18
N VAL A 3155 -37.59 -15.28 -1.34
CA VAL A 3155 -37.39 -14.91 0.06
C VAL A 3155 -36.47 -13.70 0.29
N PRO A 3156 -35.50 -13.31 -0.57
CA PRO A 3156 -34.90 -11.99 -0.35
C PRO A 3156 -35.88 -10.86 -0.60
N LEU A 3157 -36.76 -11.03 -1.58
CA LEU A 3157 -37.82 -10.06 -1.82
C LEU A 3157 -38.81 -10.03 -0.65
N LYS A 3158 -39.04 -11.19 -0.02
CA LYS A 3158 -39.97 -11.28 1.10
C LYS A 3158 -39.44 -10.56 2.34
N ARG A 3159 -38.17 -10.81 2.68
CA ARG A 3159 -37.58 -10.07 3.80
C ARG A 3159 -37.40 -8.60 3.45
N LEU A 3160 -37.22 -8.28 2.17
CA LEU A 3160 -37.13 -6.89 1.73
C LEU A 3160 -38.45 -6.16 1.97
N LEU A 3161 -39.56 -6.80 1.62
CA LEU A 3161 -40.87 -6.21 1.84
C LEU A 3161 -41.18 -6.09 3.33
N ASN A 3162 -40.70 -7.04 4.14
CA ASN A 3162 -40.90 -6.94 5.59
C ASN A 3162 -40.15 -5.75 6.18
N THR A 3163 -38.87 -5.59 5.84
CA THR A 3163 -38.13 -4.47 6.40
C THR A 3163 -38.54 -3.14 5.78
N TRP A 3164 -39.15 -3.15 4.59
CA TRP A 3164 -39.72 -1.92 4.05
C TRP A 3164 -40.97 -1.52 4.81
N THR A 3165 -41.84 -2.50 5.10
CA THR A 3165 -43.10 -2.19 5.79
C THR A 3165 -42.85 -1.79 7.23
N ASN A 3166 -41.80 -2.33 7.86
CA ASN A 3166 -41.54 -1.98 9.26
C ASN A 3166 -40.96 -0.58 9.43
N ARG A 3167 -40.43 0.02 8.38
CA ARG A 3167 -39.67 1.26 8.50
C ARG A 3167 -40.40 2.39 7.79
N TYR A 3168 -41.13 3.18 8.56
CA TYR A 3168 -41.88 4.33 8.07
C TYR A 3168 -41.23 5.63 8.54
N PRO A 3169 -41.44 6.72 7.82
CA PRO A 3169 -41.35 8.03 8.46
C PRO A 3169 -42.56 8.18 9.35
N ASP A 3170 -42.41 8.96 10.40
CA ASP A 3170 -43.47 8.95 11.38
C ASP A 3170 -44.64 9.82 10.94
N ALA A 3171 -45.81 9.53 11.47
CA ALA A 3171 -46.92 10.44 11.33
C ALA A 3171 -46.69 11.66 12.20
N LYS A 3172 -47.47 12.71 11.93
CA LYS A 3172 -47.67 13.84 12.83
C LYS A 3172 -46.44 14.73 13.01
N MET A 3173 -45.30 14.37 12.43
CA MET A 3173 -44.10 15.21 12.56
C MET A 3173 -43.29 15.33 11.28
N ASP A 3174 -43.73 14.76 10.17
CA ASP A 3174 -43.03 14.88 8.90
C ASP A 3174 -43.97 15.49 7.88
N PRO A 3175 -43.62 16.60 7.24
CA PRO A 3175 -44.50 17.19 6.24
C PRO A 3175 -44.64 16.30 5.02
N MET A 3176 -45.72 16.51 4.29
CA MET A 3176 -46.24 15.47 3.41
C MET A 3176 -45.44 15.29 2.12
N ASN A 3177 -44.58 16.24 1.75
CA ASN A 3177 -43.73 16.03 0.59
C ASN A 3177 -42.69 14.95 0.87
N ILE A 3178 -42.24 14.82 2.11
CA ILE A 3178 -41.30 13.77 2.47
C ILE A 3178 -41.98 12.42 2.43
N TRP A 3179 -43.24 12.36 2.88
CA TRP A 3179 -44.05 11.17 2.75
C TRP A 3179 -44.21 10.77 1.29
N ASP A 3180 -44.47 11.75 0.42
CA ASP A 3180 -44.65 11.43 -0.99
C ASP A 3180 -43.33 11.03 -1.65
N ASP A 3181 -42.21 11.58 -1.17
CA ASP A 3181 -40.90 11.16 -1.67
C ASP A 3181 -40.65 9.69 -1.40
N ILE A 3182 -40.88 9.27 -0.15
CA ILE A 3182 -40.63 7.87 0.21
C ILE A 3182 -41.60 6.95 -0.51
N ILE A 3183 -42.87 7.35 -0.61
CA ILE A 3183 -43.86 6.49 -1.23
C ILE A 3183 -43.64 6.38 -2.75
N THR A 3184 -43.29 7.49 -3.40
CA THR A 3184 -43.06 7.47 -4.84
C THR A 3184 -41.83 6.65 -5.20
N ASN A 3185 -40.75 6.82 -4.44
CA ASN A 3185 -39.56 6.02 -4.69
C ASN A 3185 -39.81 4.54 -4.42
N ARG A 3186 -40.59 4.22 -3.39
CA ARG A 3186 -40.83 2.81 -3.07
C ARG A 3186 -41.70 2.15 -4.13
N CYS A 3187 -42.72 2.83 -4.63
CA CYS A 3187 -43.54 2.23 -5.68
C CYS A 3187 -42.80 2.16 -7.01
N PHE A 3188 -41.89 3.09 -7.30
CA PHE A 3188 -41.09 2.96 -8.50
C PHE A 3188 -40.12 1.78 -8.42
N PHE A 3189 -39.50 1.60 -7.26
CA PHE A 3189 -38.61 0.45 -7.05
C PHE A 3189 -39.39 -0.86 -7.15
N LEU A 3190 -40.63 -0.86 -6.64
CA LEU A 3190 -41.46 -2.06 -6.72
C LEU A 3190 -41.86 -2.37 -8.15
N SER A 3191 -42.11 -1.34 -8.98
CA SER A 3191 -42.47 -1.61 -10.37
C SER A 3191 -41.28 -2.11 -11.17
N LYS A 3192 -40.09 -1.55 -10.92
CA LYS A 3192 -38.88 -2.02 -11.61
C LYS A 3192 -38.53 -3.44 -11.22
N ILE A 3193 -38.66 -3.78 -9.94
CA ILE A 3193 -38.44 -5.15 -9.50
C ILE A 3193 -39.52 -6.08 -10.04
N GLU A 3194 -40.75 -5.58 -10.15
CA GLU A 3194 -41.84 -6.35 -10.71
C GLU A 3194 -41.60 -6.67 -12.18
N GLU A 3195 -40.87 -5.81 -12.89
CA GLU A 3195 -40.43 -6.17 -14.23
C GLU A 3195 -39.29 -7.18 -14.19
N LYS A 3196 -38.23 -6.88 -13.43
CA LYS A 3196 -37.00 -7.68 -13.46
C LYS A 3196 -37.16 -9.06 -12.83
N LEU A 3197 -38.24 -9.31 -12.12
CA LEU A 3197 -38.56 -10.65 -11.62
C LEU A 3197 -40.00 -10.95 -11.99
N THR A 3198 -40.24 -12.09 -12.61
CA THR A 3198 -41.59 -12.46 -13.01
C THR A 3198 -42.02 -13.79 -12.39
N ASP A 3226 -48.29 -16.55 -3.73
CA ASP A 3226 -48.05 -15.96 -5.04
C ASP A 3226 -46.99 -14.88 -4.95
N ILE A 3227 -46.68 -14.25 -6.08
CA ILE A 3227 -45.70 -13.18 -6.13
C ILE A 3227 -46.34 -11.86 -6.57
N SER A 3228 -47.21 -11.88 -7.58
CA SER A 3228 -47.82 -10.67 -8.10
C SER A 3228 -49.08 -10.28 -7.34
N SER A 3229 -49.27 -10.79 -6.13
CA SER A 3229 -50.29 -10.31 -5.22
C SER A 3229 -49.72 -9.64 -3.97
N LEU A 3230 -48.59 -10.13 -3.47
CA LEU A 3230 -47.98 -9.50 -2.31
C LEU A 3230 -47.43 -8.12 -2.65
N ILE A 3231 -46.99 -7.93 -3.89
CA ILE A 3231 -46.53 -6.62 -4.33
C ILE A 3231 -47.68 -5.61 -4.34
N ARG A 3232 -48.83 -6.02 -4.87
CA ARG A 3232 -50.00 -5.16 -4.90
C ARG A 3232 -50.53 -4.89 -3.49
N SER A 3233 -50.48 -5.90 -2.61
CA SER A 3233 -50.93 -5.72 -1.24
C SER A 3233 -50.04 -4.76 -0.47
N CYS A 3234 -48.71 -4.87 -0.66
CA CYS A 3234 -47.76 -3.95 -0.04
C CYS A 3234 -47.98 -2.53 -0.53
N LYS A 3235 -48.20 -2.38 -1.84
CA LYS A 3235 -48.49 -1.07 -2.44
C LYS A 3235 -49.73 -0.45 -1.80
N PHE A 3236 -50.81 -1.22 -1.72
CA PHE A 3236 -52.08 -0.70 -1.22
C PHE A 3236 -51.99 -0.35 0.27
N SER A 3237 -51.30 -1.18 1.05
CA SER A 3237 -51.17 -0.91 2.49
C SER A 3237 -50.33 0.33 2.75
N MET A 3238 -49.26 0.51 1.99
CA MET A 3238 -48.44 1.71 2.18
C MET A 3238 -49.18 2.97 1.74
N LYS A 3239 -49.98 2.87 0.69
CA LYS A 3239 -50.78 4.02 0.30
C LYS A 3239 -51.86 4.33 1.32
N MET A 3240 -52.43 3.32 1.97
CA MET A 3240 -53.41 3.59 3.01
C MET A 3240 -52.78 4.20 4.24
N LYS A 3241 -51.55 3.80 4.58
CA LYS A 3241 -50.82 4.49 5.63
C LYS A 3241 -50.53 5.93 5.26
N MET A 3242 -50.28 6.20 3.97
CA MET A 3242 -50.07 7.57 3.52
C MET A 3242 -51.33 8.41 3.69
N ILE A 3243 -52.49 7.84 3.38
CA ILE A 3243 -53.75 8.58 3.53
C ILE A 3243 -54.07 8.81 5.00
N ASP A 3244 -53.83 7.79 5.84
CA ASP A 3244 -54.11 7.92 7.27
C ASP A 3244 -53.17 8.89 7.95
N SER A 3245 -51.96 9.06 7.42
CA SER A 3245 -51.10 10.11 7.95
C SER A 3245 -51.54 11.48 7.46
N ALA A 3246 -51.96 11.56 6.20
CA ALA A 3246 -52.33 12.86 5.62
C ALA A 3246 -53.63 13.40 6.16
N ARG A 3247 -54.48 12.54 6.72
CA ARG A 3247 -55.70 13.03 7.35
C ARG A 3247 -55.40 13.74 8.67
N LYS A 3248 -54.34 13.34 9.36
CA LYS A 3248 -54.13 13.80 10.72
C LYS A 3248 -53.67 15.23 10.80
N GLN A 3249 -52.71 15.61 9.95
CA GLN A 3249 -52.11 16.93 10.03
C GLN A 3249 -52.78 17.96 9.13
N ASN A 3250 -54.09 17.81 8.91
CA ASN A 3250 -54.96 18.78 8.26
C ASN A 3250 -54.54 19.05 6.81
N ASN A 3251 -54.31 17.99 6.06
CA ASN A 3251 -54.15 18.08 4.62
C ASN A 3251 -55.31 17.31 3.98
N PHE A 3252 -56.45 17.97 3.82
CA PHE A 3252 -57.65 17.29 3.34
C PHE A 3252 -57.76 17.29 1.82
N SER A 3253 -57.33 18.38 1.18
CA SER A 3253 -57.27 18.40 -0.28
C SER A 3253 -56.27 17.40 -0.82
N LEU A 3254 -55.19 17.18 -0.07
CA LEU A 3254 -54.26 16.10 -0.39
C LEU A 3254 -54.83 14.73 -0.01
N ALA A 3255 -55.84 14.69 0.85
CA ALA A 3255 -56.43 13.41 1.19
C ALA A 3255 -57.39 12.94 0.11
N MET A 3256 -58.23 13.85 -0.39
CA MET A 3256 -59.37 13.49 -1.23
C MET A 3256 -58.91 12.90 -2.57
N LYS A 3257 -57.84 13.46 -3.14
CA LYS A 3257 -57.34 12.94 -4.40
C LYS A 3257 -56.74 11.55 -4.25
N LEU A 3258 -56.16 11.25 -3.09
CA LEU A 3258 -55.64 9.90 -2.88
C LEU A 3258 -56.77 8.91 -2.67
N LEU A 3259 -57.83 9.36 -1.99
CA LEU A 3259 -59.07 8.58 -1.88
C LEU A 3259 -59.59 8.19 -3.26
N LYS A 3260 -59.75 9.18 -4.14
CA LYS A 3260 -60.30 8.90 -5.46
C LYS A 3260 -59.30 8.20 -6.38
N GLU A 3261 -58.00 8.31 -6.12
CA GLU A 3261 -57.04 7.61 -6.95
C GLU A 3261 -57.03 6.12 -6.62
N LEU A 3262 -57.14 5.77 -5.35
CA LEU A 3262 -57.11 4.35 -5.01
C LEU A 3262 -58.46 3.66 -5.23
N HIS A 3263 -59.53 4.43 -5.48
CA HIS A 3263 -60.88 3.91 -5.36
C HIS A 3263 -61.23 2.86 -6.41
N LYS A 3264 -60.67 2.99 -7.63
CA LYS A 3264 -60.98 2.01 -8.67
C LYS A 3264 -60.31 0.67 -8.41
N GLU A 3265 -59.20 0.66 -7.66
CA GLU A 3265 -58.55 -0.59 -7.30
C GLU A 3265 -59.31 -1.33 -6.22
N SER A 3266 -59.94 -0.61 -5.30
CA SER A 3266 -60.58 -1.22 -4.14
C SER A 3266 -61.94 -1.80 -4.45
N LYS A 3267 -62.01 -2.69 -5.45
CA LYS A 3267 -63.22 -3.44 -5.75
C LYS A 3267 -62.97 -4.93 -5.83
N THR A 3268 -61.72 -5.39 -5.85
CA THR A 3268 -61.42 -6.79 -6.09
C THR A 3268 -61.72 -7.68 -4.89
N ARG A 3269 -61.90 -7.11 -3.70
CA ARG A 3269 -62.16 -7.89 -2.50
C ARG A 3269 -63.27 -7.21 -1.72
N ASP A 3270 -63.48 -7.67 -0.49
CA ASP A 3270 -64.44 -7.09 0.44
C ASP A 3270 -63.78 -6.30 1.56
N ASP A 3271 -62.69 -6.83 2.13
CA ASP A 3271 -62.01 -6.17 3.23
C ASP A 3271 -61.41 -4.85 2.79
N TRP A 3272 -60.93 -4.79 1.54
CA TRP A 3272 -60.33 -3.56 1.04
C TRP A 3272 -61.38 -2.48 0.87
N LEU A 3273 -62.57 -2.87 0.42
CA LEU A 3273 -63.65 -1.91 0.21
C LEU A 3273 -64.21 -1.42 1.54
N VAL A 3274 -64.33 -2.31 2.54
CA VAL A 3274 -64.86 -1.84 3.81
C VAL A 3274 -63.81 -0.98 4.53
N SER A 3275 -62.52 -1.30 4.37
CA SER A 3275 -61.50 -0.43 4.94
C SER A 3275 -61.44 0.92 4.23
N TRP A 3276 -61.71 0.93 2.92
CA TRP A 3276 -61.73 2.18 2.17
C TRP A 3276 -62.89 3.06 2.60
N VAL A 3277 -64.09 2.49 2.73
CA VAL A 3277 -65.24 3.31 3.09
C VAL A 3277 -65.16 3.70 4.56
N GLN A 3278 -64.49 2.91 5.39
CA GLN A 3278 -64.24 3.33 6.76
C GLN A 3278 -63.27 4.50 6.81
N SER A 3279 -62.25 4.49 5.95
CA SER A 3279 -61.32 5.62 5.92
C SER A 3279 -62.00 6.88 5.37
N TYR A 3280 -62.91 6.70 4.40
CA TYR A 3280 -63.68 7.84 3.91
C TYR A 3280 -64.58 8.41 4.99
N CYS A 3281 -65.20 7.53 5.79
CA CYS A 3281 -66.08 8.00 6.85
C CYS A 3281 -65.29 8.69 7.95
N ARG A 3282 -64.09 8.21 8.25
CA ARG A 3282 -63.23 8.89 9.20
C ARG A 3282 -62.81 10.26 8.68
N LEU A 3283 -62.52 10.35 7.38
CA LEU A 3283 -62.11 11.62 6.79
C LEU A 3283 -63.24 12.63 6.82
N SER A 3284 -64.45 12.23 6.42
CA SER A 3284 -65.57 13.15 6.44
C SER A 3284 -66.05 13.42 7.85
N HIS A 3285 -65.73 12.55 8.81
CA HIS A 3285 -65.97 12.89 10.20
C HIS A 3285 -65.02 13.98 10.66
N CYS A 3286 -63.74 13.87 10.32
CA CYS A 3286 -62.76 14.81 10.85
C CYS A 3286 -62.84 16.16 10.15
N ARG A 3287 -63.08 16.18 8.85
CA ARG A 3287 -63.03 17.44 8.12
C ARG A 3287 -64.27 18.29 8.28
N SER A 3288 -65.25 17.85 9.06
CA SER A 3288 -66.45 18.62 9.32
C SER A 3288 -66.40 19.37 10.64
N ARG A 3289 -65.29 19.30 11.36
CA ARG A 3289 -65.20 19.97 12.64
C ARG A 3289 -64.93 21.45 12.50
N SER A 3290 -64.46 21.90 11.34
CA SER A 3290 -64.13 23.31 11.17
C SER A 3290 -65.25 24.11 10.52
N GLN A 3291 -66.05 23.46 9.68
CA GLN A 3291 -67.10 24.15 8.97
C GLN A 3291 -68.22 24.58 9.91
N GLY A 3292 -68.90 25.65 9.52
CA GLY A 3292 -69.90 26.28 10.36
C GLY A 3292 -71.13 25.42 10.54
N CYS A 3293 -72.09 25.99 11.28
CA CYS A 3293 -73.27 25.22 11.68
C CYS A 3293 -74.19 24.93 10.49
N SER A 3294 -74.12 25.75 9.44
CA SER A 3294 -74.94 25.51 8.25
C SER A 3294 -74.43 24.30 7.49
N GLU A 3295 -73.20 24.37 6.98
CA GLU A 3295 -72.67 23.35 6.09
C GLU A 3295 -72.31 22.05 6.81
N GLN A 3296 -72.39 22.01 8.15
CA GLN A 3296 -72.01 20.82 8.90
C GLN A 3296 -72.94 19.66 8.59
N VAL A 3297 -74.25 19.88 8.74
CA VAL A 3297 -75.23 18.84 8.45
C VAL A 3297 -75.24 18.50 6.96
N LEU A 3298 -74.97 19.48 6.10
CA LEU A 3298 -74.96 19.26 4.67
C LEU A 3298 -73.77 18.40 4.24
N THR A 3299 -72.63 18.53 4.91
CA THR A 3299 -71.49 17.72 4.55
C THR A 3299 -71.44 16.39 5.28
N VAL A 3300 -72.14 16.24 6.40
CA VAL A 3300 -72.15 14.92 7.06
C VAL A 3300 -73.35 14.08 6.66
N LEU A 3301 -74.32 14.66 5.96
CA LEU A 3301 -75.38 13.81 5.42
C LEU A 3301 -74.89 12.97 4.26
N LYS A 3302 -73.94 13.48 3.48
CA LYS A 3302 -73.51 12.75 2.29
C LYS A 3302 -72.64 11.54 2.62
N THR A 3303 -72.06 11.49 3.82
CA THR A 3303 -71.37 10.28 4.25
C THR A 3303 -72.28 9.36 5.06
N VAL A 3304 -73.48 9.15 4.55
CA VAL A 3304 -74.42 8.19 5.14
C VAL A 3304 -74.91 7.26 4.04
N SER A 3305 -75.42 7.86 2.95
CA SER A 3305 -76.04 7.10 1.88
C SER A 3305 -75.02 6.31 1.06
N LEU A 3306 -73.75 6.72 1.08
CA LEU A 3306 -72.72 5.96 0.37
C LEU A 3306 -72.50 4.60 1.01
N LEU A 3307 -72.77 4.48 2.29
CA LEU A 3307 -72.53 3.24 3.03
C LEU A 3307 -73.67 2.24 2.87
N ASP A 3308 -74.72 2.59 2.13
CA ASP A 3308 -75.84 1.69 1.89
C ASP A 3308 -75.53 0.65 0.82
N GLU A 3309 -74.43 0.81 0.09
CA GLU A 3309 -73.91 -0.16 -0.86
C GLU A 3309 -73.14 -1.25 -0.12
N ASN A 3310 -72.15 -1.83 -0.78
CA ASN A 3310 -71.49 -3.05 -0.25
C ASN A 3310 -70.31 -2.88 0.72
N ASN A 3311 -70.55 -3.32 1.96
CA ASN A 3311 -69.54 -3.61 3.01
C ASN A 3311 -70.66 -4.20 3.86
N VAL A 3312 -71.83 -4.48 3.30
CA VAL A 3312 -72.85 -5.23 4.00
C VAL A 3312 -73.26 -6.49 3.26
N SER A 3313 -72.89 -6.63 1.98
CA SER A 3313 -73.29 -7.77 1.16
C SER A 3313 -72.47 -8.98 1.58
N SER A 3314 -72.98 -9.65 2.62
CA SER A 3314 -72.44 -10.91 3.16
C SER A 3314 -71.00 -10.76 3.63
N TYR A 3315 -70.69 -9.62 4.24
CA TYR A 3315 -69.43 -9.48 4.96
C TYR A 3315 -69.60 -9.22 6.44
N LEU A 3316 -70.68 -8.56 6.85
CA LEU A 3316 -70.93 -8.33 8.27
C LEU A 3316 -71.69 -9.49 8.90
N SER A 3317 -71.26 -10.70 8.62
CA SER A 3317 -71.73 -11.86 9.35
C SER A 3317 -70.62 -12.84 9.72
N LYS A 3318 -69.51 -12.85 9.00
CA LYS A 3318 -68.40 -13.76 9.28
C LYS A 3318 -67.36 -13.07 10.15
N ASN A 3319 -66.77 -11.99 9.66
CA ASN A 3319 -65.79 -11.24 10.43
C ASN A 3319 -66.51 -10.40 11.47
N ILE A 3320 -65.88 -10.25 12.63
CA ILE A 3320 -66.47 -9.53 13.75
C ILE A 3320 -65.62 -8.34 14.18
N LEU A 3321 -64.38 -8.22 13.71
CA LEU A 3321 -63.52 -7.13 14.16
C LEU A 3321 -63.97 -5.79 13.59
N ALA A 3322 -64.11 -5.70 12.26
CA ALA A 3322 -64.59 -4.47 11.65
C ALA A 3322 -66.10 -4.27 11.83
N PHE A 3323 -66.79 -5.32 12.26
CA PHE A 3323 -68.21 -5.24 12.59
C PHE A 3323 -68.45 -4.21 13.69
N ARG A 3324 -67.54 -4.11 14.66
CA ARG A 3324 -67.67 -3.11 15.71
C ARG A 3324 -67.38 -1.71 15.17
N ASP A 3325 -66.37 -1.59 14.31
CA ASP A 3325 -65.92 -0.27 13.86
C ASP A 3325 -66.95 0.38 12.94
N GLN A 3326 -67.67 -0.45 12.17
CA GLN A 3326 -68.76 0.07 11.35
C GLN A 3326 -69.86 0.71 12.21
N ASN A 3327 -70.27 0.00 13.27
CA ASN A 3327 -71.32 0.50 14.15
C ASN A 3327 -70.87 1.74 14.90
N ILE A 3328 -69.58 1.78 15.26
CA ILE A 3328 -69.00 2.97 15.88
C ILE A 3328 -69.10 4.18 14.96
N LEU A 3329 -68.78 3.96 13.67
CA LEU A 3329 -68.78 5.06 12.71
C LEU A 3329 -70.19 5.59 12.45
N LEU A 3330 -71.16 4.68 12.29
CA LEU A 3330 -72.54 5.14 12.06
C LEU A 3330 -73.13 5.82 13.30
N GLY A 3331 -72.80 5.32 14.50
CA GLY A 3331 -73.27 5.98 15.70
C GLY A 3331 -72.72 7.36 15.87
N THR A 3332 -71.43 7.54 15.55
CA THR A 3332 -70.85 8.88 15.61
C THR A 3332 -71.41 9.79 14.52
N THR A 3333 -71.79 9.23 13.36
CA THR A 3333 -72.38 10.06 12.31
C THR A 3333 -73.76 10.57 12.72
N TYR A 3334 -74.59 9.69 13.29
CA TYR A 3334 -75.88 10.14 13.79
C TYR A 3334 -75.72 11.09 14.97
N ARG A 3335 -74.65 10.91 15.74
CA ARG A 3335 -74.33 11.84 16.82
C ARG A 3335 -74.03 13.24 16.28
N ILE A 3336 -73.27 13.31 15.18
CA ILE A 3336 -72.93 14.59 14.58
C ILE A 3336 -74.16 15.26 14.01
N ILE A 3337 -75.02 14.50 13.33
CA ILE A 3337 -76.24 15.08 12.75
C ILE A 3337 -77.18 15.58 13.84
N ALA A 3338 -77.37 14.77 14.90
CA ALA A 3338 -78.26 15.18 15.99
C ALA A 3338 -77.68 16.35 16.77
N ASN A 3339 -76.36 16.47 16.83
CA ASN A 3339 -75.73 17.59 17.52
C ASN A 3339 -75.76 18.86 16.68
N ALA A 3340 -75.82 18.72 15.36
CA ALA A 3340 -75.72 19.86 14.47
C ALA A 3340 -76.92 20.78 14.59
N LEU A 3341 -78.12 20.29 14.28
CA LEU A 3341 -79.29 21.15 14.25
C LEU A 3341 -79.92 21.33 15.62
N SER A 3342 -79.38 20.71 16.67
CA SER A 3342 -79.85 20.97 18.02
C SER A 3342 -79.27 22.23 18.62
N SER A 3343 -78.19 22.76 18.02
CA SER A 3343 -77.66 24.04 18.47
C SER A 3343 -78.54 25.19 18.02
N GLU A 3344 -78.81 25.26 16.72
CA GLU A 3344 -79.75 26.23 16.16
C GLU A 3344 -80.96 25.46 15.63
N PRO A 3345 -82.13 25.58 16.27
CA PRO A 3345 -83.15 24.52 16.19
C PRO A 3345 -83.88 24.35 14.87
N ALA A 3346 -84.44 25.43 14.30
CA ALA A 3346 -85.39 25.31 13.20
C ALA A 3346 -85.02 26.08 11.95
N CYS A 3347 -84.19 27.11 12.06
CA CYS A 3347 -83.69 27.79 10.86
C CYS A 3347 -82.74 26.92 10.07
N LEU A 3348 -82.12 25.92 10.71
CA LEU A 3348 -81.14 25.07 10.04
C LEU A 3348 -81.79 24.00 9.18
N ALA A 3349 -82.93 23.47 9.59
CA ALA A 3349 -83.64 22.49 8.75
C ALA A 3349 -84.65 23.18 7.85
N GLU A 3350 -84.22 24.23 7.16
CA GLU A 3350 -85.08 24.98 6.27
C GLU A 3350 -84.56 25.00 4.84
N ILE A 3351 -83.32 25.41 4.63
CA ILE A 3351 -82.81 25.66 3.27
C ILE A 3351 -82.16 24.37 2.79
N GLU A 3352 -83.03 23.55 2.16
CA GLU A 3352 -82.74 22.23 1.51
C GLU A 3352 -84.01 21.36 1.44
N GLU A 3353 -84.35 20.72 0.30
CA GLU A 3353 -85.54 19.88 0.23
C GLU A 3353 -85.23 18.43 0.53
N ASP A 3354 -84.33 17.82 -0.24
CA ASP A 3354 -84.04 16.41 -0.06
C ASP A 3354 -83.28 16.16 1.23
N LYS A 3355 -82.49 17.13 1.67
CA LYS A 3355 -81.80 17.02 2.95
C LYS A 3355 -82.80 16.98 4.10
N ALA A 3356 -83.80 17.88 4.07
CA ALA A 3356 -84.82 17.88 5.12
C ALA A 3356 -85.67 16.63 5.08
N ARG A 3357 -85.93 16.10 3.88
CA ARG A 3357 -86.70 14.86 3.79
C ARG A 3357 -85.89 13.67 4.33
N ARG A 3358 -84.57 13.65 4.09
CA ARG A 3358 -83.76 12.56 4.63
C ARG A 3358 -83.56 12.70 6.13
N ILE A 3359 -83.58 13.93 6.65
CA ILE A 3359 -83.45 14.12 8.09
C ILE A 3359 -84.73 13.67 8.80
N LEU A 3360 -85.89 14.14 8.33
CA LEU A 3360 -87.16 13.70 8.90
C LEU A 3360 -87.48 12.24 8.57
N GLU A 3361 -86.77 11.63 7.62
CA GLU A 3361 -86.88 10.19 7.44
C GLU A 3361 -86.29 9.44 8.64
N LEU A 3362 -85.29 10.02 9.28
CA LEU A 3362 -84.65 9.38 10.43
C LEU A 3362 -84.84 10.22 11.69
N ASP A 3369 -93.98 17.31 14.74
CA ASP A 3369 -92.58 17.13 14.39
C ASP A 3369 -91.72 18.21 15.04
N SER A 3370 -90.50 18.38 14.48
CA SER A 3370 -89.43 19.29 14.86
C SER A 3370 -88.78 18.96 16.20
N GLU A 3371 -89.30 17.99 16.95
CA GLU A 3371 -88.63 17.50 18.16
C GLU A 3371 -88.61 15.98 18.14
N LYS A 3372 -89.61 15.40 17.47
CA LYS A 3372 -89.71 13.96 17.33
C LYS A 3372 -88.82 13.41 16.22
N VAL A 3373 -88.04 14.27 15.58
CA VAL A 3373 -86.98 13.82 14.69
C VAL A 3373 -85.64 13.93 15.43
N ILE A 3374 -85.52 14.92 16.32
CA ILE A 3374 -84.30 15.07 17.10
C ILE A 3374 -84.18 13.96 18.14
N ALA A 3375 -85.29 13.68 18.83
CA ALA A 3375 -85.31 12.59 19.80
C ALA A 3375 -85.12 11.24 19.11
N GLY A 3376 -85.68 11.09 17.91
CA GLY A 3376 -85.46 9.88 17.15
C GLY A 3376 -84.03 9.72 16.68
N LEU A 3377 -83.37 10.83 16.34
CA LEU A 3377 -81.98 10.76 15.91
C LEU A 3377 -81.06 10.43 17.09
N TYR A 3378 -81.36 10.97 18.28
CA TYR A 3378 -80.63 10.58 19.48
C TYR A 3378 -80.85 9.11 19.79
N GLN A 3379 -82.06 8.61 19.56
CA GLN A 3379 -82.36 7.19 19.70
C GLN A 3379 -81.55 6.35 18.72
N ARG A 3380 -81.42 6.83 17.47
CA ARG A 3380 -80.61 6.15 16.46
C ARG A 3380 -79.15 6.09 16.87
N ALA A 3381 -78.65 7.19 17.42
CA ALA A 3381 -77.26 7.25 17.87
C ALA A 3381 -77.01 6.29 19.04
N PHE A 3382 -77.93 6.26 20.01
CA PHE A 3382 -77.76 5.38 21.16
C PHE A 3382 -77.89 3.91 20.76
N GLN A 3383 -78.76 3.60 19.80
CA GLN A 3383 -78.90 2.23 19.35
C GLN A 3383 -77.67 1.77 18.57
N HIS A 3384 -77.17 2.62 17.66
CA HIS A 3384 -75.97 2.25 16.93
C HIS A 3384 -74.72 2.22 17.80
N LEU A 3385 -74.73 2.91 18.93
CA LEU A 3385 -73.60 2.79 19.85
C LEU A 3385 -73.73 1.58 20.76
N SER A 3386 -74.96 1.14 21.05
CA SER A 3386 -75.13 -0.06 21.83
C SER A 3386 -75.05 -1.33 21.00
N GLU A 3387 -75.03 -1.20 19.67
CA GLU A 3387 -74.81 -2.37 18.83
C GLU A 3387 -73.39 -2.91 19.00
N ALA A 3388 -72.39 -2.02 18.97
CA ALA A 3388 -71.00 -2.45 18.88
C ALA A 3388 -70.47 -2.96 20.21
N VAL A 3389 -70.92 -2.40 21.33
CA VAL A 3389 -70.46 -2.84 22.64
C VAL A 3389 -70.95 -4.25 22.91
N GLN A 3390 -72.19 -4.55 22.52
CA GLN A 3390 -72.69 -5.90 22.61
C GLN A 3390 -72.08 -6.82 21.57
N ALA A 3391 -71.62 -6.28 20.44
CA ALA A 3391 -70.92 -7.09 19.45
C ALA A 3391 -69.43 -7.20 19.80
N ALA A 3406 -55.50 -5.91 19.31
CA ALA A 3406 -56.05 -5.52 20.60
C ALA A 3406 -56.31 -4.01 20.63
N ALA A 3407 -56.64 -3.51 21.84
CA ALA A 3407 -56.89 -2.11 22.14
C ALA A 3407 -58.03 -1.49 21.33
N GLY A 3408 -58.91 -2.32 20.77
CA GLY A 3408 -60.08 -1.84 20.07
C GLY A 3408 -61.32 -1.75 20.92
N VAL A 3409 -61.30 -2.36 22.10
CA VAL A 3409 -62.44 -2.29 23.00
C VAL A 3409 -62.45 -0.98 23.77
N ILE A 3410 -61.31 -0.28 23.86
CA ILE A 3410 -61.26 0.98 24.58
C ILE A 3410 -62.05 2.05 23.84
N ASP A 3411 -61.98 2.03 22.51
CA ASP A 3411 -62.76 2.96 21.69
C ASP A 3411 -64.26 2.69 21.84
N ALA A 3412 -64.64 1.41 21.74
CA ALA A 3412 -66.04 1.02 21.80
C ALA A 3412 -66.65 1.29 23.16
N TYR A 3413 -65.85 1.21 24.23
CA TYR A 3413 -66.33 1.61 25.54
C TYR A 3413 -66.46 3.13 25.63
N MET A 3414 -65.41 3.85 25.23
CA MET A 3414 -65.31 5.26 25.59
C MET A 3414 -66.24 6.14 24.76
N THR A 3415 -66.61 5.71 23.55
CA THR A 3415 -67.61 6.47 22.79
C THR A 3415 -68.96 6.49 23.49
N LEU A 3416 -69.41 5.31 23.94
CA LEU A 3416 -70.67 5.24 24.66
C LEU A 3416 -70.58 5.99 25.99
N ALA A 3417 -69.40 5.93 26.62
CA ALA A 3417 -69.16 6.66 27.86
C ALA A 3417 -69.34 8.16 27.69
N ASP A 3418 -68.66 8.74 26.69
CA ASP A 3418 -68.72 10.19 26.57
C ASP A 3418 -70.07 10.67 26.04
N PHE A 3419 -70.72 9.86 25.17
CA PHE A 3419 -72.04 10.25 24.68
C PHE A 3419 -73.07 10.27 25.81
N CYS A 3420 -73.06 9.25 26.68
CA CYS A 3420 -74.00 9.29 27.79
C CYS A 3420 -73.65 10.35 28.83
N ASP A 3421 -72.36 10.68 28.98
CA ASP A 3421 -72.01 11.74 29.93
C ASP A 3421 -72.47 13.11 29.44
N GLN A 3422 -72.28 13.40 28.16
CA GLN A 3422 -72.72 14.69 27.66
C GLN A 3422 -74.24 14.77 27.57
N GLN A 3423 -74.90 13.63 27.35
CA GLN A 3423 -76.36 13.65 27.39
C GLN A 3423 -76.89 13.87 28.80
N LEU A 3424 -76.19 13.37 29.82
CA LEU A 3424 -76.60 13.66 31.19
C LEU A 3424 -76.38 15.12 31.56
N ARG A 3425 -75.26 15.71 31.10
CA ARG A 3425 -75.05 17.12 31.36
C ARG A 3425 -76.02 18.00 30.59
N LYS A 3426 -76.53 17.51 29.46
CA LYS A 3426 -77.63 18.22 28.81
C LYS A 3426 -78.93 18.04 29.57
N GLU A 3427 -79.16 16.83 30.11
CA GLU A 3427 -80.44 16.49 30.72
C GLU A 3427 -80.62 17.13 32.09
N GLU A 3428 -79.53 17.48 32.79
CA GLU A 3428 -79.65 18.02 34.13
C GLU A 3428 -80.29 19.40 34.18
N GLU A 3429 -80.27 20.14 33.09
CA GLU A 3429 -80.86 21.47 33.04
C GLU A 3429 -82.38 21.41 33.09
N GLN A 3440 -83.48 7.85 32.77
CA GLN A 3440 -83.34 6.60 32.04
C GLN A 3440 -82.26 5.74 32.69
N ALA A 3441 -81.90 4.63 32.06
CA ALA A 3441 -80.84 3.77 32.58
C ALA A 3441 -79.48 4.15 31.98
N TYR A 3442 -79.15 5.44 32.03
CA TYR A 3442 -77.83 5.93 31.64
C TYR A 3442 -76.77 5.81 32.75
N PRO A 3443 -77.04 6.09 34.04
CA PRO A 3443 -76.02 5.79 35.05
C PRO A 3443 -75.67 4.32 35.18
N ALA A 3444 -76.56 3.42 34.79
CA ALA A 3444 -76.21 2.00 34.78
C ALA A 3444 -75.31 1.64 33.60
N LEU A 3445 -75.30 2.46 32.55
CA LEU A 3445 -74.45 2.22 31.41
C LEU A 3445 -73.15 3.00 31.45
N VAL A 3446 -73.07 4.07 32.24
CA VAL A 3446 -71.85 4.85 32.31
C VAL A 3446 -70.77 4.09 33.07
N VAL A 3447 -71.10 3.61 34.27
CA VAL A 3447 -70.08 3.19 35.23
C VAL A 3447 -69.45 1.87 34.83
N GLU A 3448 -70.27 0.91 34.40
CA GLU A 3448 -69.75 -0.40 33.99
C GLU A 3448 -68.87 -0.29 32.76
N LYS A 3449 -69.37 0.39 31.73
CA LYS A 3449 -68.64 0.53 30.47
C LYS A 3449 -67.43 1.44 30.59
N MET A 3450 -67.38 2.30 31.61
CA MET A 3450 -66.17 3.07 31.82
C MET A 3450 -65.13 2.26 32.61
N LEU A 3451 -65.55 1.62 33.70
CA LEU A 3451 -64.59 0.95 34.56
C LEU A 3451 -64.07 -0.33 33.94
N LYS A 3452 -64.80 -0.94 33.01
CA LYS A 3452 -64.25 -2.10 32.33
C LYS A 3452 -63.21 -1.73 31.28
N ALA A 3453 -63.03 -0.44 31.00
CA ALA A 3453 -61.90 0.06 30.21
C ALA A 3453 -60.80 0.65 31.09
N LEU A 3454 -61.18 1.27 32.21
CA LEU A 3454 -60.21 1.72 33.20
C LEU A 3454 -59.47 0.56 33.85
N LYS A 3455 -60.07 -0.64 33.86
CA LYS A 3455 -59.35 -1.85 34.23
C LYS A 3455 -58.16 -2.09 33.31
N LEU A 3456 -58.32 -1.78 32.03
CA LEU A 3456 -57.19 -1.73 31.12
C LEU A 3456 -56.48 -0.38 31.25
N ASN A 3457 -55.31 -0.27 30.63
CA ASN A 3457 -54.59 1.00 30.63
C ASN A 3457 -55.20 1.92 29.60
N SER A 3458 -55.87 2.98 30.05
CA SER A 3458 -56.52 3.92 29.15
C SER A 3458 -56.36 5.33 29.72
N ASN A 3459 -55.51 6.12 29.08
CA ASN A 3459 -55.17 7.43 29.62
C ASN A 3459 -56.31 8.43 29.46
N GLU A 3460 -57.13 8.26 28.41
CA GLU A 3460 -58.27 9.17 28.25
C GLU A 3460 -59.35 8.87 29.27
N ALA A 3461 -59.51 7.61 29.66
CA ALA A 3461 -60.46 7.28 30.70
C ALA A 3461 -59.89 7.48 32.09
N ARG A 3462 -58.58 7.68 32.19
CA ARG A 3462 -57.95 7.86 33.49
C ARG A 3462 -58.22 9.24 34.08
N LEU A 3463 -58.54 10.22 33.24
CA LEU A 3463 -58.75 11.59 33.69
C LEU A 3463 -60.19 11.91 34.00
N LYS A 3464 -61.11 10.94 33.87
CA LYS A 3464 -62.54 11.18 33.99
C LYS A 3464 -63.12 10.58 35.26
N PHE A 3465 -62.28 10.28 36.24
CA PHE A 3465 -62.75 9.70 37.50
C PHE A 3465 -63.68 10.58 38.35
N PRO A 3466 -63.48 11.90 38.50
CA PRO A 3466 -64.44 12.65 39.30
C PRO A 3466 -65.81 12.83 38.65
N ARG A 3467 -65.94 12.54 37.34
CA ARG A 3467 -67.27 12.43 36.77
C ARG A 3467 -68.03 11.26 37.37
N LEU A 3468 -67.34 10.14 37.62
CA LEU A 3468 -67.94 9.07 38.39
C LEU A 3468 -68.21 9.50 39.82
N LEU A 3469 -67.26 10.19 40.44
CA LEU A 3469 -67.50 10.57 41.83
C LEU A 3469 -68.52 11.69 41.99
N GLN A 3470 -69.02 12.27 40.90
CA GLN A 3470 -70.18 13.14 40.94
C GLN A 3470 -71.49 12.44 40.55
N ILE A 3471 -71.44 11.52 39.58
CA ILE A 3471 -72.65 10.83 39.17
C ILE A 3471 -73.13 9.88 40.27
N ILE A 3472 -72.21 9.36 41.08
CA ILE A 3472 -72.62 8.46 42.14
C ILE A 3472 -73.21 9.24 43.31
N GLU A 3473 -72.67 10.42 43.59
CA GLU A 3473 -73.23 11.26 44.65
C GLU A 3473 -74.63 11.74 44.27
N ARG A 3474 -74.78 12.32 43.08
CA ARG A 3474 -76.09 12.86 42.73
C ARG A 3474 -77.08 11.77 42.30
N TYR A 3475 -76.62 10.55 42.03
CA TYR A 3475 -77.50 9.44 41.66
C TYR A 3475 -77.28 8.27 42.63
N PRO A 3476 -77.71 8.42 43.88
CA PRO A 3476 -77.34 7.42 44.88
C PRO A 3476 -78.24 6.20 44.95
N GLU A 3477 -79.35 6.19 44.20
CA GLU A 3477 -80.34 5.14 44.39
C GLU A 3477 -79.85 3.81 43.82
N GLU A 3478 -79.60 3.77 42.51
CA GLU A 3478 -79.04 2.58 41.90
C GLU A 3478 -77.55 2.76 41.68
N THR A 3479 -76.89 1.67 41.28
CA THR A 3479 -75.49 1.60 40.84
C THR A 3479 -74.53 2.08 41.93
N LEU A 3480 -74.64 1.46 43.10
CA LEU A 3480 -73.71 1.72 44.20
C LEU A 3480 -73.00 0.46 44.64
N SER A 3481 -73.73 -0.62 44.88
CA SER A 3481 -73.10 -1.92 45.09
C SER A 3481 -72.40 -2.38 43.83
N LEU A 3482 -72.96 -2.02 42.68
CA LEU A 3482 -72.26 -2.15 41.40
C LEU A 3482 -70.93 -1.41 41.41
N MET A 3483 -70.92 -0.18 41.92
CA MET A 3483 -69.69 0.61 41.99
C MET A 3483 -68.67 -0.06 42.90
N THR A 3484 -69.12 -0.61 44.03
CA THR A 3484 -68.19 -1.27 44.94
C THR A 3484 -67.62 -2.54 44.31
N LYS A 3485 -68.47 -3.32 43.64
CA LYS A 3485 -68.03 -4.57 43.04
C LYS A 3485 -67.11 -4.33 41.86
N GLU A 3486 -67.25 -3.19 41.17
CA GLU A 3486 -66.32 -2.89 40.09
C GLU A 3486 -65.03 -2.26 40.60
N ILE A 3487 -65.11 -1.40 41.61
CA ILE A 3487 -63.93 -0.68 42.07
C ILE A 3487 -63.05 -1.54 42.96
N SER A 3488 -63.57 -2.65 43.51
CA SER A 3488 -62.72 -3.51 44.31
C SER A 3488 -61.94 -4.51 43.46
N SER A 3489 -62.27 -4.66 42.18
CA SER A 3489 -61.57 -5.54 41.26
C SER A 3489 -60.94 -4.67 40.17
N VAL A 3490 -59.75 -4.15 40.45
CA VAL A 3490 -59.10 -3.17 39.60
C VAL A 3490 -57.62 -3.20 39.94
N PRO A 3491 -56.72 -2.81 39.03
CA PRO A 3491 -55.36 -2.49 39.45
C PRO A 3491 -55.38 -1.32 40.41
N CYS A 3492 -54.77 -1.51 41.57
CA CYS A 3492 -54.81 -0.49 42.62
C CYS A 3492 -53.64 0.47 42.54
N TRP A 3493 -53.36 1.01 41.37
CA TRP A 3493 -52.36 2.05 41.25
C TRP A 3493 -52.76 3.12 40.26
N GLN A 3494 -53.97 3.07 39.71
CA GLN A 3494 -54.46 4.08 38.79
C GLN A 3494 -55.35 5.10 39.47
N PHE A 3495 -55.10 5.37 40.75
CA PHE A 3495 -55.85 6.36 41.49
C PHE A 3495 -54.95 7.34 42.21
N ILE A 3496 -53.63 7.23 42.04
CA ILE A 3496 -52.71 7.98 42.88
C ILE A 3496 -52.70 9.45 42.52
N SER A 3497 -53.09 9.79 41.30
CA SER A 3497 -53.29 11.20 40.97
C SER A 3497 -54.59 11.74 41.58
N TRP A 3498 -55.62 10.92 41.65
CA TRP A 3498 -56.91 11.33 42.19
C TRP A 3498 -57.05 11.03 43.67
N ILE A 3499 -55.93 10.88 44.40
CA ILE A 3499 -56.02 10.39 45.76
C ILE A 3499 -56.55 11.46 46.72
N SER A 3500 -56.40 12.74 46.39
CA SER A 3500 -56.91 13.78 47.27
C SER A 3500 -58.38 14.08 47.05
N HIS A 3501 -59.03 13.33 46.18
CA HIS A 3501 -60.49 13.27 46.12
C HIS A 3501 -61.01 12.11 46.95
N MET A 3502 -60.39 10.93 46.80
CA MET A 3502 -60.87 9.75 47.49
C MET A 3502 -60.61 9.82 48.98
N VAL A 3503 -59.50 10.44 49.41
CA VAL A 3503 -59.32 10.59 50.85
C VAL A 3503 -60.14 11.73 51.42
N ALA A 3504 -60.70 12.60 50.60
CA ALA A 3504 -61.62 13.62 51.09
C ALA A 3504 -63.06 13.15 51.09
N LEU A 3505 -63.37 12.11 50.31
CA LEU A 3505 -64.70 11.52 50.32
C LEU A 3505 -65.00 10.67 51.55
N LEU A 3506 -64.04 10.50 52.46
CA LEU A 3506 -64.28 9.68 53.65
C LEU A 3506 -65.27 10.35 54.59
N ASP A 3507 -65.03 11.62 54.93
CA ASP A 3507 -65.93 12.38 55.79
C ASP A 3507 -67.30 12.58 55.14
N LYS A 3508 -67.33 12.61 53.80
CA LYS A 3508 -68.59 12.61 53.08
C LYS A 3508 -69.26 11.25 53.20
N ASP A 3509 -70.59 11.27 53.35
CA ASP A 3509 -71.38 10.06 53.42
C ASP A 3509 -71.34 9.32 52.09
N GLN A 3510 -71.79 8.05 52.12
CA GLN A 3510 -71.60 7.08 51.06
C GLN A 3510 -70.12 6.96 50.69
N ALA A 3511 -69.32 6.67 51.70
CA ALA A 3511 -67.89 6.47 51.54
C ALA A 3511 -67.54 5.00 51.49
N VAL A 3512 -68.54 4.12 51.56
CA VAL A 3512 -68.26 2.68 51.53
C VAL A 3512 -67.87 2.23 50.12
N ALA A 3513 -68.15 3.05 49.11
CA ALA A 3513 -67.65 2.76 47.78
C ALA A 3513 -66.15 2.97 47.70
N VAL A 3514 -65.61 3.92 48.46
CA VAL A 3514 -64.16 4.06 48.52
C VAL A 3514 -63.66 3.79 49.94
N GLN A 3515 -63.51 2.52 50.26
CA GLN A 3515 -62.77 2.06 51.43
C GLN A 3515 -61.83 0.91 51.08
N HIS A 3516 -62.26 0.00 50.21
CA HIS A 3516 -61.47 -1.17 49.91
C HIS A 3516 -60.25 -0.82 49.07
N SER A 3517 -60.41 0.07 48.10
CA SER A 3517 -59.27 0.49 47.27
C SER A 3517 -58.28 1.31 48.07
N VAL A 3518 -58.78 2.16 48.99
CA VAL A 3518 -57.90 2.95 49.84
C VAL A 3518 -57.11 2.05 50.78
N GLU A 3519 -57.77 1.03 51.34
CA GLU A 3519 -57.06 0.08 52.20
C GLU A 3519 -56.07 -0.76 51.40
N GLU A 3520 -56.41 -1.08 50.16
CA GLU A 3520 -55.50 -1.82 49.28
C GLU A 3520 -54.24 -1.01 48.98
N ILE A 3521 -54.41 0.28 48.67
CA ILE A 3521 -53.25 1.08 48.31
C ILE A 3521 -52.41 1.41 49.55
N THR A 3522 -53.07 1.60 50.71
CA THR A 3522 -52.27 1.80 51.92
C THR A 3522 -51.62 0.52 52.41
N ASP A 3523 -52.07 -0.65 51.93
CA ASP A 3523 -51.32 -1.87 52.17
C ASP A 3523 -50.12 -2.00 51.23
N ASN A 3524 -50.29 -1.66 49.95
CA ASN A 3524 -49.20 -1.91 49.00
C ASN A 3524 -48.19 -0.76 48.95
N TYR A 3525 -48.66 0.45 48.61
CA TYR A 3525 -47.82 1.64 48.47
C TYR A 3525 -48.11 2.60 49.60
N PRO A 3526 -47.51 2.41 50.78
CA PRO A 3526 -47.93 3.16 51.96
C PRO A 3526 -47.39 4.58 52.00
N GLN A 3527 -46.55 4.97 51.07
CA GLN A 3527 -45.92 6.29 51.09
C GLN A 3527 -46.68 7.32 50.28
N ALA A 3528 -47.42 6.90 49.27
CA ALA A 3528 -48.10 7.81 48.36
C ALA A 3528 -49.44 8.28 48.88
N ILE A 3529 -49.81 7.91 50.11
CA ILE A 3529 -51.07 8.34 50.70
C ILE A 3529 -50.84 9.20 51.94
N VAL A 3530 -49.60 9.37 52.38
CA VAL A 3530 -49.32 10.00 53.67
C VAL A 3530 -49.72 11.46 53.68
N TYR A 3531 -49.08 12.26 52.81
CA TYR A 3531 -49.38 13.70 52.77
C TYR A 3531 -50.79 14.06 52.28
N PRO A 3532 -51.46 13.33 51.39
CA PRO A 3532 -52.89 13.59 51.21
C PRO A 3532 -53.75 13.18 52.40
N PHE A 3533 -53.28 12.33 53.30
CA PHE A 3533 -54.15 11.93 54.40
C PHE A 3533 -54.11 12.91 55.56
N ILE A 3534 -53.02 13.66 55.73
CA ILE A 3534 -52.88 14.51 56.92
C ILE A 3534 -53.89 15.64 56.90
N ILE A 3535 -54.17 16.19 55.72
CA ILE A 3535 -55.09 17.30 55.65
C ILE A 3535 -56.54 16.82 55.68
N SER A 3536 -56.82 15.66 55.09
CA SER A 3536 -58.18 15.10 55.15
C SER A 3536 -58.51 14.53 56.51
N SER A 3537 -57.51 14.22 57.33
CA SER A 3537 -57.72 13.90 58.74
C SER A 3537 -57.60 15.12 59.63
N GLU A 3538 -57.14 16.26 59.09
CA GLU A 3538 -57.07 17.48 59.87
C GLU A 3538 -58.44 18.10 60.09
N SER A 3539 -59.44 17.72 59.30
CA SER A 3539 -60.81 18.18 59.52
C SER A 3539 -61.75 17.13 58.93
N TYR A 3540 -62.27 16.25 59.79
CA TYR A 3540 -63.23 15.24 59.36
C TYR A 3540 -64.18 14.96 60.53
N SER A 3541 -65.31 15.66 60.54
CA SER A 3541 -66.30 15.54 61.61
C SER A 3541 -67.46 14.69 61.12
N PHE A 3542 -67.68 13.54 61.76
CA PHE A 3542 -68.53 12.49 61.24
C PHE A 3542 -69.99 12.71 61.60
N LYS A 3543 -70.80 11.68 61.31
CA LYS A 3543 -72.22 11.64 61.64
C LYS A 3543 -72.48 10.49 62.60
N ASP A 3544 -73.70 10.44 63.13
CA ASP A 3544 -74.07 9.44 64.12
C ASP A 3544 -75.12 8.46 63.62
N THR A 3545 -75.45 8.49 62.34
CA THR A 3545 -76.41 7.54 61.78
C THR A 3545 -75.77 6.14 61.69
N SER A 3546 -76.62 5.14 61.47
CA SER A 3546 -76.20 3.75 61.55
C SER A 3546 -75.27 3.35 60.41
N THR A 3547 -75.38 3.99 59.24
CA THR A 3547 -74.44 3.72 58.16
C THR A 3547 -73.15 4.52 58.30
N GLY A 3548 -73.07 5.43 59.27
CA GLY A 3548 -71.90 6.28 59.44
C GLY A 3548 -71.28 6.19 60.82
N HIS A 3549 -71.23 4.99 61.38
CA HIS A 3549 -70.54 4.74 62.65
C HIS A 3549 -69.24 3.99 62.44
N LYS A 3550 -69.23 2.99 61.56
CA LYS A 3550 -68.03 2.23 61.26
C LYS A 3550 -67.00 3.03 60.46
N ASN A 3551 -67.41 4.17 59.89
CA ASN A 3551 -66.50 4.94 59.05
C ASN A 3551 -65.43 5.64 59.88
N LYS A 3552 -65.76 6.15 61.06
CA LYS A 3552 -64.73 6.73 61.90
C LYS A 3552 -63.80 5.66 62.47
N GLU A 3553 -64.30 4.44 62.64
CA GLU A 3553 -63.41 3.34 63.02
C GLU A 3553 -62.50 2.95 61.88
N PHE A 3554 -62.99 3.03 60.63
CA PHE A 3554 -62.14 2.74 59.49
C PHE A 3554 -61.07 3.81 59.30
N VAL A 3555 -61.44 5.07 59.54
CA VAL A 3555 -60.47 6.16 59.55
C VAL A 3555 -59.42 5.94 60.64
N ALA A 3556 -59.86 5.47 61.81
CA ALA A 3556 -58.92 5.13 62.87
C ALA A 3556 -58.04 3.94 62.51
N ARG A 3557 -58.59 2.99 61.73
CA ARG A 3557 -57.80 1.84 61.29
C ARG A 3557 -56.69 2.26 60.33
N ILE A 3558 -57.02 3.10 59.36
CA ILE A 3558 -56.00 3.54 58.40
C ILE A 3558 -54.99 4.46 59.06
N LYS A 3559 -55.45 5.36 59.94
CA LYS A 3559 -54.54 6.23 60.67
C LYS A 3559 -53.62 5.43 61.58
N SER A 3560 -54.13 4.37 62.19
CA SER A 3560 -53.31 3.56 63.08
C SER A 3560 -52.35 2.65 62.32
N LYS A 3561 -52.74 2.19 61.14
CA LYS A 3561 -51.84 1.35 60.36
C LYS A 3561 -50.86 2.16 59.52
N LEU A 3562 -51.05 3.47 59.44
CA LEU A 3562 -50.11 4.34 58.74
C LEU A 3562 -49.25 5.06 59.75
N ASP A 3563 -48.04 5.43 59.31
CA ASP A 3563 -47.03 6.14 60.10
C ASP A 3563 -46.69 5.37 61.39
N GLN A 3564 -46.13 4.18 61.20
CA GLN A 3564 -45.75 3.37 62.35
C GLN A 3564 -44.44 3.84 62.97
N GLY A 3565 -43.57 4.46 62.19
CA GLY A 3565 -42.27 4.86 62.71
C GLY A 3565 -42.28 6.14 63.50
N GLY A 3566 -43.31 6.96 63.36
CA GLY A 3566 -43.33 8.25 64.02
C GLY A 3566 -42.34 9.23 63.45
N VAL A 3567 -41.95 9.07 62.20
CA VAL A 3567 -40.88 9.84 61.60
C VAL A 3567 -41.37 10.87 60.59
N ILE A 3568 -42.47 10.59 59.87
CA ILE A 3568 -43.04 11.56 58.93
C ILE A 3568 -43.55 12.76 59.69
N GLN A 3569 -44.13 12.53 60.87
CA GLN A 3569 -44.56 13.63 61.73
C GLN A 3569 -43.37 14.44 62.21
N ASP A 3570 -42.23 13.81 62.46
CA ASP A 3570 -41.03 14.56 62.84
C ASP A 3570 -40.47 15.36 61.68
N PHE A 3571 -40.56 14.81 60.46
CA PHE A 3571 -40.16 15.53 59.25
C PHE A 3571 -40.96 16.81 59.09
N ILE A 3572 -42.28 16.69 59.19
CA ILE A 3572 -43.16 17.84 59.06
C ILE A 3572 -42.95 18.83 60.23
N ASN A 3573 -42.65 18.32 61.42
CA ASN A 3573 -42.40 19.20 62.55
C ASN A 3573 -41.09 19.98 62.39
N ALA A 3574 -40.07 19.35 61.80
CA ALA A 3574 -38.82 20.03 61.55
C ALA A 3574 -39.00 21.11 60.49
N LEU A 3575 -39.78 20.80 59.45
CA LEU A 3575 -40.06 21.81 58.44
C LEU A 3575 -40.89 22.95 58.99
N ASP A 3576 -41.73 22.68 59.99
CA ASP A 3576 -42.45 23.75 60.66
C ASP A 3576 -41.49 24.60 61.49
N GLN A 3577 -40.52 23.97 62.14
CA GLN A 3577 -39.55 24.72 62.92
C GLN A 3577 -38.58 25.51 62.04
N LEU A 3578 -38.48 25.18 60.76
CA LEU A 3578 -37.54 25.88 59.89
C LEU A 3578 -37.98 27.30 59.59
N SER A 3579 -39.28 27.56 59.53
CA SER A 3579 -39.80 28.79 58.97
C SER A 3579 -39.68 29.95 59.96
N ASN A 3580 -40.35 31.06 59.65
CA ASN A 3580 -40.24 32.28 60.44
C ASN A 3580 -41.51 32.49 61.24
N PRO A 3581 -41.43 32.62 62.56
CA PRO A 3581 -42.65 32.81 63.37
C PRO A 3581 -43.12 34.24 63.47
N GLU A 3582 -42.28 35.21 63.08
CA GLU A 3582 -42.63 36.62 63.25
C GLU A 3582 -43.77 37.03 62.35
N LEU A 3583 -43.88 36.41 61.17
CA LEU A 3583 -45.08 36.61 60.34
C LEU A 3583 -46.19 35.65 60.70
N LEU A 3584 -45.88 34.54 61.36
CA LEU A 3584 -46.93 33.65 61.83
C LEU A 3584 -47.76 34.32 62.93
N PHE A 3585 -47.11 35.10 63.79
CA PHE A 3585 -47.84 35.88 64.78
C PHE A 3585 -48.69 36.96 64.14
N LYS A 3586 -48.21 37.54 63.04
CA LYS A 3586 -49.00 38.51 62.30
C LYS A 3586 -50.22 37.87 61.65
N ASP A 3587 -50.04 36.66 61.12
CA ASP A 3587 -51.15 35.92 60.53
C ASP A 3587 -52.20 35.56 61.57
N TRP A 3588 -51.75 35.15 62.76
CA TRP A 3588 -52.69 34.88 63.84
C TRP A 3588 -53.37 36.15 64.33
N SER A 3589 -52.66 37.27 64.31
CA SER A 3589 -53.23 38.55 64.72
C SER A 3589 -54.35 38.99 63.78
N ASN A 3590 -54.11 38.90 62.47
CA ASN A 3590 -55.18 39.20 61.51
C ASN A 3590 -56.30 38.18 61.58
N ASP A 3591 -55.99 36.93 61.91
CA ASP A 3591 -57.04 35.91 62.06
C ASP A 3591 -57.96 36.23 63.22
N VAL A 3592 -57.41 36.62 64.36
CA VAL A 3592 -58.26 36.88 65.52
C VAL A 3592 -58.97 38.22 65.39
N ARG A 3593 -58.32 39.24 64.81
CA ARG A 3593 -58.96 40.52 64.61
C ARG A 3593 -59.96 40.50 63.46
N ALA A 3594 -59.96 39.47 62.62
CA ALA A 3594 -61.04 39.27 61.68
C ALA A 3594 -62.09 38.29 62.16
N GLU A 3595 -61.75 37.44 63.13
CA GLU A 3595 -62.71 36.48 63.66
C GLU A 3595 -63.64 37.14 64.67
N LEU A 3596 -63.07 37.74 65.71
CA LEU A 3596 -63.89 38.19 66.82
C LEU A 3596 -64.52 39.57 66.61
N ALA A 3597 -64.26 40.23 65.49
CA ALA A 3597 -64.70 41.60 65.29
C ALA A 3597 -66.06 41.71 64.60
N LYS A 3598 -66.79 40.61 64.46
CA LYS A 3598 -68.14 40.68 63.91
C LYS A 3598 -69.18 40.78 65.02
N THR A 3599 -69.25 39.78 65.89
CA THR A 3599 -70.09 39.75 67.09
C THR A 3599 -69.52 38.67 68.00
N PRO A 3600 -69.21 38.98 69.28
CA PRO A 3600 -68.56 38.01 70.17
C PRO A 3600 -69.49 36.95 70.77
N VAL A 3601 -70.32 36.34 69.93
CA VAL A 3601 -71.17 35.23 70.35
C VAL A 3601 -70.71 33.91 69.77
N ASN A 3602 -69.68 33.90 68.94
CA ASN A 3602 -69.12 32.66 68.40
C ASN A 3602 -68.49 31.85 69.52
N LYS A 3603 -68.92 30.60 69.67
CA LYS A 3603 -68.66 29.84 70.88
C LYS A 3603 -67.30 29.14 70.82
N LYS A 3604 -66.43 29.51 71.76
CA LYS A 3604 -65.23 28.78 72.17
C LYS A 3604 -64.18 28.64 71.07
N ASN A 3605 -64.30 29.40 69.98
CA ASN A 3605 -63.35 29.22 68.88
C ASN A 3605 -61.99 29.81 69.18
N ILE A 3606 -61.93 30.93 69.89
CA ILE A 3606 -60.64 31.50 70.30
C ILE A 3606 -59.96 30.56 71.30
N GLU A 3607 -60.73 29.94 72.18
CA GLU A 3607 -60.17 28.96 73.10
C GLU A 3607 -59.84 27.63 72.44
N LYS A 3608 -60.38 27.37 71.25
CA LYS A 3608 -60.04 26.20 70.47
C LYS A 3608 -58.91 26.45 69.48
N MET A 3609 -58.55 27.71 69.23
CA MET A 3609 -57.45 28.03 68.34
C MET A 3609 -56.24 28.62 69.05
N TYR A 3610 -56.34 28.95 70.34
CA TYR A 3610 -55.18 29.51 71.03
C TYR A 3610 -54.11 28.45 71.32
N GLU A 3611 -54.48 27.17 71.36
CA GLU A 3611 -53.48 26.14 71.63
C GLU A 3611 -52.55 25.94 70.43
N ARG A 3612 -53.04 26.21 69.21
CA ARG A 3612 -52.16 26.16 68.05
C ARG A 3612 -51.15 27.28 68.06
N MET A 3613 -51.47 28.40 68.70
CA MET A 3613 -50.48 29.44 68.92
C MET A 3613 -49.53 29.08 70.05
N TYR A 3614 -50.09 28.53 71.14
CA TYR A 3614 -49.32 28.29 72.35
C TYR A 3614 -48.38 27.09 72.23
N ALA A 3615 -48.67 26.15 71.34
CA ALA A 3615 -47.76 25.03 71.14
C ALA A 3615 -46.51 25.47 70.39
N ALA A 3616 -46.68 26.27 69.34
CA ALA A 3616 -45.54 26.69 68.55
C ALA A 3616 -44.76 27.79 69.26
N LEU A 3617 -45.44 28.75 69.87
CA LEU A 3617 -44.79 29.86 70.53
C LEU A 3617 -45.18 29.91 72.00
N GLY A 3618 -44.21 30.24 72.85
CA GLY A 3618 -44.45 30.31 74.27
C GLY A 3618 -43.20 30.02 75.07
N ASP A 3619 -43.27 29.06 75.97
CA ASP A 3619 -42.11 28.68 76.76
C ASP A 3619 -41.12 27.92 75.88
N PRO A 3620 -39.83 27.84 76.29
CA PRO A 3620 -38.87 27.03 75.51
C PRO A 3620 -38.98 25.53 75.76
N LYS A 3621 -40.04 25.08 76.43
CA LYS A 3621 -40.30 23.66 76.62
C LYS A 3621 -41.36 23.12 75.66
N ALA A 3622 -42.28 23.95 75.18
CA ALA A 3622 -43.26 23.53 74.19
C ALA A 3622 -42.65 23.13 72.84
N PRO A 3623 -41.64 23.82 72.27
CA PRO A 3623 -41.01 23.24 71.07
C PRO A 3623 -40.21 21.99 71.36
N GLY A 3624 -39.69 21.84 72.58
CA GLY A 3624 -39.04 20.59 72.94
C GLY A 3624 -40.01 19.44 72.99
N LEU A 3625 -41.21 19.68 73.50
CA LEU A 3625 -42.22 18.63 73.53
C LEU A 3625 -42.86 18.40 72.16
N GLY A 3626 -42.92 19.44 71.33
CA GLY A 3626 -43.40 19.26 69.97
C GLY A 3626 -42.40 18.57 69.08
N ALA A 3627 -41.32 19.27 68.72
CA ALA A 3627 -40.22 18.66 67.97
C ALA A 3627 -38.90 18.71 68.72
N PHE A 3628 -38.38 19.91 69.01
CA PHE A 3628 -37.05 20.09 69.56
C PHE A 3628 -36.81 21.54 69.95
N ARG A 3629 -35.67 21.77 70.58
CA ARG A 3629 -35.18 23.11 70.84
C ARG A 3629 -34.84 23.82 69.53
N ARG A 3630 -34.99 25.13 69.53
CA ARG A 3630 -34.69 25.95 68.36
C ARG A 3630 -33.68 27.02 68.73
N LYS A 3631 -32.80 27.35 67.79
CA LYS A 3631 -31.96 28.53 67.95
C LYS A 3631 -32.77 29.81 67.85
N PHE A 3632 -33.93 29.77 67.20
CA PHE A 3632 -34.81 30.92 67.14
C PHE A 3632 -35.68 31.04 68.39
N ILE A 3633 -36.07 29.91 68.98
CA ILE A 3633 -36.84 29.98 70.21
C ILE A 3633 -35.99 30.44 71.38
N GLN A 3634 -34.66 30.27 71.30
CA GLN A 3634 -33.75 30.76 72.32
C GLN A 3634 -33.72 32.28 72.39
N THR A 3635 -34.14 32.97 71.33
CA THR A 3635 -34.20 34.42 71.35
C THR A 3635 -35.64 34.92 71.22
N PHE A 3636 -36.62 34.06 70.96
CA PHE A 3636 -38.00 34.52 70.93
C PHE A 3636 -38.86 33.97 72.04
N GLY A 3637 -38.84 32.66 72.30
CA GLY A 3637 -39.64 32.13 73.40
C GLY A 3637 -39.05 32.46 74.75
N LYS A 3638 -37.72 32.60 74.83
CA LYS A 3638 -37.10 33.14 76.03
C LYS A 3638 -37.42 34.61 76.21
N GLU A 3639 -37.60 35.34 75.10
CA GLU A 3639 -37.91 36.75 75.19
C GLU A 3639 -39.36 36.98 75.61
N PHE A 3640 -40.29 36.28 74.97
CA PHE A 3640 -41.70 36.50 75.27
C PHE A 3640 -42.16 35.58 76.41
N ASP A 3641 -41.88 36.15 77.59
CA ASP A 3641 -42.20 35.66 78.95
C ASP A 3641 -42.58 36.90 79.78
N LYS A 3642 -42.02 38.05 79.41
CA LYS A 3642 -42.28 39.35 80.01
C LYS A 3642 -43.39 40.11 79.30
N HIS A 3643 -43.76 39.72 78.08
CA HIS A 3643 -44.99 40.20 77.48
C HIS A 3643 -46.04 39.12 77.26
N PHE A 3644 -45.71 37.84 77.43
CA PHE A 3644 -46.73 36.81 77.44
C PHE A 3644 -47.34 36.63 78.82
N GLY A 3645 -46.84 37.34 79.83
CA GLY A 3645 -47.57 37.46 81.08
C GLY A 3645 -48.90 38.16 80.90
N LYS A 3646 -48.92 39.24 80.11
CA LYS A 3646 -50.16 39.88 79.69
C LYS A 3646 -51.02 38.91 78.87
N GLY A 3647 -50.38 38.03 78.09
CA GLY A 3647 -51.12 37.04 77.35
C GLY A 3647 -51.83 36.03 78.24
N GLY A 3648 -51.08 35.43 79.18
CA GLY A 3648 -51.65 34.52 80.14
C GLY A 3648 -52.65 35.17 81.07
N SER A 3649 -52.55 36.48 81.26
CA SER A 3649 -53.54 37.21 82.06
C SER A 3649 -54.84 37.42 81.28
N LYS A 3650 -54.76 37.99 80.08
CA LYS A 3650 -55.98 38.43 79.44
C LYS A 3650 -56.18 37.86 78.04
N LEU A 3651 -55.10 37.64 77.27
CA LEU A 3651 -55.26 37.24 75.87
C LEU A 3651 -55.75 35.81 75.72
N LEU A 3652 -55.53 34.96 76.73
CA LEU A 3652 -56.07 33.62 76.66
C LEU A 3652 -57.57 33.60 76.95
N ARG A 3653 -58.11 34.66 77.56
CA ARG A 3653 -59.53 34.78 77.88
C ARG A 3653 -60.06 36.14 77.45
N MET A 3654 -59.81 36.53 76.20
CA MET A 3654 -60.01 37.92 75.80
C MET A 3654 -61.47 38.30 75.61
N LYS A 3655 -62.13 37.72 74.59
CA LYS A 3655 -63.57 37.85 74.32
C LYS A 3655 -64.03 39.30 74.14
N LEU A 3656 -63.17 40.19 73.64
CA LEU A 3656 -63.58 41.58 73.46
C LEU A 3656 -63.52 42.05 72.01
N SER A 3657 -62.36 41.90 71.36
CA SER A 3657 -62.05 42.44 70.02
C SER A 3657 -62.27 43.95 69.96
N ASP A 3658 -61.48 44.66 70.75
CA ASP A 3658 -61.56 46.11 70.82
C ASP A 3658 -60.24 46.82 70.66
N PHE A 3659 -59.11 46.15 70.89
CA PHE A 3659 -57.82 46.82 70.84
C PHE A 3659 -56.76 45.76 70.49
N ASN A 3660 -56.33 45.74 69.24
CA ASN A 3660 -55.16 44.98 68.83
C ASN A 3660 -53.99 45.89 68.49
N ASP A 3661 -54.15 47.19 68.77
CA ASP A 3661 -53.01 48.10 68.69
C ASP A 3661 -51.98 47.76 69.76
N ILE A 3662 -52.39 47.15 70.87
CA ILE A 3662 -51.43 46.66 71.86
C ILE A 3662 -50.59 45.54 71.28
N THR A 3663 -51.18 44.72 70.40
CA THR A 3663 -50.39 43.73 69.69
C THR A 3663 -49.48 44.41 68.67
N ASN A 3664 -49.96 45.49 68.06
CA ASN A 3664 -49.18 46.12 67.00
C ASN A 3664 -47.99 46.93 67.54
N MET A 3665 -48.09 47.53 68.73
CA MET A 3665 -46.93 48.24 69.28
C MET A 3665 -45.84 47.27 69.74
N LEU A 3666 -46.23 46.06 70.14
CA LEU A 3666 -45.23 45.03 70.37
C LEU A 3666 -44.72 44.45 69.06
N LEU A 3667 -45.56 44.44 68.04
CA LEU A 3667 -45.20 43.88 66.75
C LEU A 3667 -44.21 44.77 66.01
N LEU A 3668 -44.26 46.08 66.24
CA LEU A 3668 -43.21 46.94 65.69
C LEU A 3668 -41.91 46.80 66.48
N LYS A 3669 -41.97 46.28 67.71
CA LYS A 3669 -40.75 45.96 68.44
C LYS A 3669 -40.16 44.64 67.97
N MET A 3670 -41.01 43.68 67.63
CA MET A 3670 -40.60 42.35 67.19
C MET A 3670 -39.88 42.35 65.81
N ASN A 3671 -39.63 43.48 65.14
CA ASN A 3671 -38.92 43.50 63.88
C ASN A 3671 -37.64 44.31 63.90
N LYS A 3672 -37.47 45.23 64.86
CA LYS A 3672 -36.29 46.09 64.89
C LYS A 3672 -35.15 45.50 65.71
N ASP A 3673 -35.43 44.57 66.62
CA ASP A 3673 -34.40 43.93 67.42
C ASP A 3673 -34.31 42.42 67.17
N SER A 3674 -35.02 41.91 66.17
CA SER A 3674 -35.03 40.49 65.89
C SER A 3674 -33.93 40.11 64.90
N LYS A 3675 -33.63 38.82 64.84
CA LYS A 3675 -32.64 38.25 63.92
C LYS A 3675 -33.30 37.19 63.06
N PRO A 3676 -33.87 37.55 61.91
CA PRO A 3676 -34.24 36.56 60.90
C PRO A 3676 -33.08 35.74 60.35
N PRO A 3677 -31.84 36.32 60.06
CA PRO A 3677 -30.83 35.47 59.41
C PRO A 3677 -30.23 34.39 60.30
N GLY A 3678 -30.89 33.23 60.35
CA GLY A 3678 -30.45 32.11 61.18
C GLY A 3678 -29.13 31.50 60.77
N ASN A 3679 -28.70 31.72 59.52
CA ASN A 3679 -27.32 31.57 59.02
C ASN A 3679 -26.84 30.13 58.89
N LEU A 3680 -27.64 29.15 59.33
CA LEU A 3680 -27.21 27.76 59.25
C LEU A 3680 -28.43 26.86 59.18
N LYS A 3681 -28.16 25.56 58.97
CA LYS A 3681 -29.20 24.54 59.00
C LYS A 3681 -29.67 24.26 60.43
N GLU A 3682 -28.90 24.68 61.43
CA GLU A 3682 -29.12 24.36 62.84
C GLU A 3682 -30.39 24.92 63.47
N CYS A 3683 -31.21 25.64 62.69
CA CYS A 3683 -32.52 26.07 63.17
C CYS A 3683 -33.45 24.89 63.40
N SER A 3684 -33.30 23.80 62.63
CA SER A 3684 -34.05 22.58 62.85
C SER A 3684 -33.07 21.41 62.84
N PRO A 3685 -32.52 21.05 63.99
CA PRO A 3685 -31.41 20.09 64.03
C PRO A 3685 -31.80 18.62 63.87
N TRP A 3686 -33.05 18.30 63.56
CA TRP A 3686 -33.37 16.91 63.26
C TRP A 3686 -32.82 16.50 61.90
N MET A 3687 -32.85 17.40 60.94
CA MET A 3687 -32.37 17.09 59.61
C MET A 3687 -30.87 17.32 59.45
N SER A 3688 -30.28 18.18 60.29
CA SER A 3688 -28.86 18.50 60.18
C SER A 3688 -27.95 17.36 60.59
N ASP A 3689 -28.46 16.34 61.26
CA ASP A 3689 -27.68 15.21 61.77
C ASP A 3689 -28.41 13.90 61.47
N PHE A 3690 -28.79 13.72 60.21
CA PHE A 3690 -29.75 12.70 59.79
C PHE A 3690 -29.33 11.26 60.08
N LYS A 3691 -28.31 10.76 59.37
CA LYS A 3691 -27.65 9.46 59.60
C LYS A 3691 -28.64 8.29 59.55
N VAL A 3692 -29.12 8.02 58.33
CA VAL A 3692 -30.01 6.88 58.08
C VAL A 3692 -29.31 5.58 58.45
N GLU A 3693 -30.02 4.71 59.20
CA GLU A 3693 -29.34 3.51 59.70
C GLU A 3693 -30.08 2.20 59.44
N PHE A 3694 -31.41 2.17 59.53
CA PHE A 3694 -32.15 0.93 59.35
C PHE A 3694 -33.58 1.26 58.90
N LEU A 3695 -34.42 0.24 58.77
CA LEU A 3695 -35.80 0.40 58.31
C LEU A 3695 -36.65 0.95 59.45
N ARG A 3696 -36.78 2.28 59.50
CA ARG A 3696 -37.72 2.94 60.40
C ARG A 3696 -38.58 3.95 59.61
N ASN A 3697 -39.16 3.44 58.51
CA ASN A 3697 -39.96 4.19 57.55
C ASN A 3697 -39.15 5.34 56.94
N GLU A 3698 -38.17 4.94 56.12
CA GLU A 3698 -37.32 5.87 55.40
C GLU A 3698 -38.15 6.79 54.52
N LEU A 3699 -37.64 8.00 54.31
CA LEU A 3699 -38.52 9.13 54.01
C LEU A 3699 -39.05 9.13 52.59
N GLU A 3700 -38.19 8.81 51.60
CA GLU A 3700 -38.55 8.76 50.18
C GLU A 3700 -39.09 10.10 49.67
N ILE A 3701 -38.18 11.01 49.34
CA ILE A 3701 -38.27 12.45 49.09
C ILE A 3701 -39.61 12.90 48.48
N PRO A 3702 -40.23 13.97 48.99
CA PRO A 3702 -41.65 14.21 48.68
C PRO A 3702 -41.84 14.75 47.27
N GLY A 3703 -42.55 14.00 46.44
CA GLY A 3703 -42.85 14.50 45.11
C GLY A 3703 -42.89 13.52 43.96
N GLN A 3704 -42.62 12.26 44.21
CA GLN A 3704 -42.77 11.27 43.15
C GLN A 3704 -44.20 10.73 43.17
N TYR A 3705 -44.42 9.59 42.51
CA TYR A 3705 -45.73 9.00 42.22
C TYR A 3705 -46.59 9.95 41.39
N ASP A 3706 -46.12 10.17 40.16
CA ASP A 3706 -46.86 10.95 39.20
C ASP A 3706 -48.10 10.24 38.68
N GLY A 3707 -48.13 8.91 38.79
CA GLY A 3707 -49.18 8.14 38.15
C GLY A 3707 -48.73 7.66 36.79
N ARG A 3708 -49.68 7.57 35.85
CA ARG A 3708 -49.44 7.17 34.45
C ARG A 3708 -48.82 5.78 34.35
N GLY A 3709 -49.17 4.89 35.27
CA GLY A 3709 -48.63 3.54 35.20
C GLY A 3709 -48.24 2.98 36.54
N LYS A 3710 -47.69 1.77 36.53
CA LYS A 3710 -47.33 1.09 37.76
C LYS A 3710 -46.06 1.70 38.35
N PRO A 3711 -46.08 2.14 39.60
CA PRO A 3711 -44.87 2.65 40.22
C PRO A 3711 -43.90 1.53 40.57
N LEU A 3712 -42.67 1.93 40.86
CA LEU A 3712 -41.63 1.05 41.40
C LEU A 3712 -41.15 1.71 42.68
N PRO A 3713 -41.60 1.25 43.83
CA PRO A 3713 -41.37 2.00 45.08
C PRO A 3713 -39.99 1.78 45.69
N GLU A 3714 -39.06 1.21 44.93
CA GLU A 3714 -37.70 0.99 45.41
C GLU A 3714 -36.70 1.98 44.85
N TYR A 3715 -36.98 2.55 43.69
CA TYR A 3715 -36.00 3.34 42.96
C TYR A 3715 -36.31 4.83 42.96
N HIS A 3716 -37.28 5.25 43.75
CA HIS A 3716 -37.38 6.67 44.07
C HIS A 3716 -36.23 7.02 44.99
N VAL A 3717 -35.70 8.22 44.82
CA VAL A 3717 -34.45 8.57 45.51
C VAL A 3717 -34.75 8.80 46.99
N ARG A 3718 -34.25 7.90 47.83
CA ARG A 3718 -34.40 8.06 49.27
C ARG A 3718 -33.53 9.19 49.75
N ILE A 3719 -34.02 9.89 50.75
CA ILE A 3719 -33.30 11.03 51.29
C ILE A 3719 -32.08 10.52 52.05
N ALA A 3720 -31.00 11.27 51.98
CA ALA A 3720 -29.77 10.80 52.60
C ALA A 3720 -28.95 11.88 53.26
N GLY A 3721 -29.40 13.11 53.31
CA GLY A 3721 -28.60 14.13 53.94
C GLY A 3721 -29.12 15.53 53.68
N PHE A 3722 -28.85 16.43 54.61
CA PHE A 3722 -29.29 17.82 54.51
C PHE A 3722 -28.08 18.72 54.56
N ASP A 3723 -28.02 19.69 53.67
CA ASP A 3723 -26.83 20.49 53.51
C ASP A 3723 -26.81 21.64 54.48
N GLU A 3724 -25.62 22.05 54.88
CA GLU A 3724 -25.44 22.99 55.99
C GLU A 3724 -25.35 24.44 55.50
N ARG A 3725 -26.37 24.88 54.76
CA ARG A 3725 -26.48 26.27 54.33
C ARG A 3725 -27.91 26.55 53.91
N VAL A 3726 -28.52 27.57 54.49
CA VAL A 3726 -29.84 28.03 54.08
C VAL A 3726 -29.71 29.42 53.48
N THR A 3727 -30.59 29.72 52.53
CA THR A 3727 -30.66 31.04 51.93
C THR A 3727 -32.10 31.52 51.97
N VAL A 3728 -32.29 32.73 52.49
CA VAL A 3728 -33.59 33.38 52.48
C VAL A 3728 -33.82 33.92 51.09
N MET A 3729 -35.06 34.27 50.76
CA MET A 3729 -35.34 34.83 49.44
C MET A 3729 -35.96 36.22 49.58
N ALA A 3730 -36.09 36.90 48.45
CA ALA A 3730 -36.57 38.28 48.41
C ALA A 3730 -38.03 38.28 48.01
N SER A 3731 -38.90 38.39 49.00
CA SER A 3731 -40.34 38.51 48.81
C SER A 3731 -40.87 39.34 49.97
N LEU A 3732 -42.18 39.27 50.21
CA LEU A 3732 -42.69 39.83 51.46
C LEU A 3732 -42.31 38.94 52.62
N ARG A 3733 -42.61 37.65 52.52
CA ARG A 3733 -42.46 36.71 53.62
C ARG A 3733 -41.03 36.28 53.86
N ARG A 3734 -40.16 36.42 52.85
CA ARG A 3734 -38.81 35.87 52.75
C ARG A 3734 -38.79 34.36 53.02
N PRO A 3735 -39.23 33.51 52.09
CA PRO A 3735 -39.12 32.07 52.30
C PRO A 3735 -37.68 31.58 52.23
N LYS A 3736 -37.49 30.31 52.54
CA LYS A 3736 -36.16 29.74 52.72
C LYS A 3736 -35.90 28.60 51.74
N ARG A 3737 -34.61 28.34 51.50
CA ARG A 3737 -34.15 27.38 50.50
C ARG A 3737 -33.24 26.34 51.12
N ILE A 3738 -33.49 25.06 50.81
CA ILE A 3738 -32.70 23.95 51.35
C ILE A 3738 -32.13 23.14 50.19
N ILE A 3739 -30.97 22.52 50.45
CA ILE A 3739 -30.09 22.05 49.38
C ILE A 3739 -29.86 20.55 49.50
N ILE A 3740 -30.94 19.79 49.75
CA ILE A 3740 -30.79 18.43 50.30
C ILE A 3740 -30.16 17.48 49.30
N ARG A 3741 -29.64 16.36 49.79
CA ARG A 3741 -28.92 15.42 48.96
C ARG A 3741 -29.75 14.17 48.74
N GLY A 3742 -29.46 13.46 47.66
CA GLY A 3742 -30.16 12.23 47.42
C GLY A 3742 -29.23 11.06 47.61
N HIS A 3743 -29.78 9.86 47.79
CA HIS A 3743 -28.92 8.68 47.89
C HIS A 3743 -28.30 8.32 46.55
N ASP A 3744 -28.82 8.87 45.45
CA ASP A 3744 -28.25 8.76 44.12
C ASP A 3744 -27.14 9.78 43.86
N GLU A 3745 -26.56 10.34 44.93
CA GLU A 3745 -25.37 11.19 44.99
C GLU A 3745 -25.58 12.60 44.44
N ARG A 3746 -26.72 12.87 43.82
CA ARG A 3746 -27.00 14.21 43.32
C ARG A 3746 -27.46 15.10 44.47
N GLU A 3747 -27.52 16.40 44.19
CA GLU A 3747 -28.12 17.33 45.14
C GLU A 3747 -29.37 17.93 44.51
N HIS A 3748 -30.47 17.87 45.25
CA HIS A 3748 -31.72 18.46 44.85
C HIS A 3748 -31.97 19.68 45.71
N PRO A 3749 -32.11 20.87 45.12
CA PRO A 3749 -32.53 22.03 45.89
C PRO A 3749 -34.05 22.07 45.97
N PHE A 3750 -34.54 22.82 46.94
CA PHE A 3750 -35.97 22.98 47.14
C PHE A 3750 -36.19 24.27 47.88
N LEU A 3751 -37.46 24.70 47.92
CA LEU A 3751 -37.85 25.91 48.61
C LEU A 3751 -39.03 25.59 49.50
N VAL A 3752 -39.02 26.11 50.72
CA VAL A 3752 -40.07 25.82 51.70
C VAL A 3752 -40.90 27.06 51.93
N LYS A 3753 -42.19 26.87 52.13
CA LYS A 3753 -43.15 27.96 52.26
C LYS A 3753 -43.89 27.80 53.57
N GLY A 3754 -43.68 28.74 54.48
CA GLY A 3754 -44.30 28.63 55.79
C GLY A 3754 -45.61 29.37 55.92
N GLY A 3755 -46.72 28.66 55.87
CA GLY A 3755 -48.02 29.27 56.03
C GLY A 3755 -48.66 29.69 54.72
N GLU A 3756 -48.79 28.76 53.79
CA GLU A 3756 -49.50 29.01 52.54
C GLU A 3756 -50.21 27.74 52.11
N ASP A 3757 -51.49 27.84 51.80
CA ASP A 3757 -52.21 26.69 51.27
C ASP A 3757 -51.78 26.46 49.83
N LEU A 3758 -51.59 25.20 49.46
CA LEU A 3758 -51.03 24.90 48.16
C LEU A 3758 -51.78 23.79 47.43
N ARG A 3759 -53.07 23.64 47.70
CA ARG A 3759 -53.91 22.81 46.83
C ARG A 3759 -54.48 23.61 45.67
N GLN A 3760 -54.05 24.84 45.49
CA GLN A 3760 -54.41 25.65 44.34
C GLN A 3760 -53.36 25.52 43.25
N ASP A 3761 -52.09 25.72 43.62
CA ASP A 3761 -51.02 25.60 42.64
C ASP A 3761 -50.82 24.17 42.19
N GLN A 3762 -51.08 23.20 43.07
CA GLN A 3762 -51.01 21.80 42.65
C GLN A 3762 -52.08 21.49 41.61
N ARG A 3763 -53.26 22.09 41.78
CA ARG A 3763 -54.33 21.86 40.84
C ARG A 3763 -54.06 22.55 39.51
N VAL A 3764 -53.51 23.76 39.54
CA VAL A 3764 -53.22 24.40 38.25
C VAL A 3764 -52.02 23.79 37.56
N GLU A 3765 -51.08 23.15 38.28
CA GLU A 3765 -50.07 22.36 37.58
C GLU A 3765 -50.66 21.11 36.97
N GLN A 3766 -51.67 20.52 37.62
CA GLN A 3766 -52.36 19.40 36.98
C GLN A 3766 -53.08 19.86 35.71
N LEU A 3767 -53.60 21.08 35.73
CA LEU A 3767 -54.17 21.66 34.51
C LEU A 3767 -53.12 21.89 33.45
N PHE A 3768 -51.92 22.33 33.83
CA PHE A 3768 -50.89 22.54 32.81
C PHE A 3768 -50.43 21.21 32.22
N GLN A 3769 -50.46 20.15 33.03
CA GLN A 3769 -50.11 18.83 32.51
C GLN A 3769 -51.16 18.33 31.54
N VAL A 3770 -52.45 18.56 31.81
CA VAL A 3770 -53.43 18.12 30.83
C VAL A 3770 -53.44 19.03 29.61
N MET A 3771 -53.06 20.30 29.77
CA MET A 3771 -53.03 21.22 28.63
C MET A 3771 -51.90 20.87 27.67
N ASN A 3772 -50.69 20.67 28.18
CA ASN A 3772 -49.64 20.29 27.25
C ASN A 3772 -49.55 18.78 27.08
N GLY A 3773 -50.55 18.04 27.54
CA GLY A 3773 -50.80 16.73 26.99
C GLY A 3773 -51.70 16.82 25.78
N ILE A 3774 -52.60 17.81 25.78
CA ILE A 3774 -53.35 18.11 24.56
C ILE A 3774 -52.40 18.62 23.47
N LEU A 3775 -51.54 19.57 23.83
CA LEU A 3775 -50.68 20.27 22.87
C LEU A 3775 -49.68 19.36 22.15
N ALA A 3776 -49.35 18.21 22.70
CA ALA A 3776 -48.37 17.34 22.07
C ALA A 3776 -49.01 16.30 21.16
N GLN A 3777 -50.27 16.50 20.79
CA GLN A 3777 -50.92 15.64 19.81
C GLN A 3777 -51.43 16.38 18.59
N ASP A 3778 -51.57 17.70 18.65
CA ASP A 3778 -51.82 18.47 17.46
C ASP A 3778 -50.53 18.60 16.66
N SER A 3779 -50.60 18.33 15.36
CA SER A 3779 -49.40 18.27 14.53
C SER A 3779 -48.78 19.65 14.34
N ALA A 3780 -49.61 20.67 14.19
CA ALA A 3780 -49.10 22.00 13.89
C ALA A 3780 -48.42 22.65 15.08
N CYS A 3781 -48.67 22.17 16.30
CA CYS A 3781 -47.88 22.60 17.44
C CYS A 3781 -46.77 21.61 17.78
N SER A 3782 -46.89 20.36 17.34
CA SER A 3782 -45.82 19.40 17.56
C SER A 3782 -44.62 19.71 16.70
N GLN A 3783 -44.84 20.20 15.48
CA GLN A 3783 -43.71 20.55 14.63
C GLN A 3783 -42.98 21.78 15.13
N ARG A 3784 -43.70 22.72 15.74
CA ARG A 3784 -43.04 23.84 16.38
C ARG A 3784 -42.45 23.45 17.73
N ALA A 3785 -42.86 22.31 18.28
CA ALA A 3785 -42.45 21.81 19.60
C ALA A 3785 -42.80 22.83 20.69
N LEU A 3786 -44.10 23.00 20.88
CA LEU A 3786 -44.65 23.89 21.90
C LEU A 3786 -45.02 23.06 23.13
N GLN A 3787 -44.41 23.39 24.27
CA GLN A 3787 -44.77 22.75 25.53
C GLN A 3787 -44.73 23.78 26.63
N LEU A 3788 -45.70 23.70 27.54
CA LEU A 3788 -45.71 24.52 28.75
C LEU A 3788 -44.76 23.90 29.75
N ARG A 3789 -43.74 24.65 30.16
CA ARG A 3789 -42.71 24.11 31.03
C ARG A 3789 -43.17 24.21 32.48
N THR A 3790 -43.50 23.07 33.07
CA THR A 3790 -44.10 22.98 34.39
C THR A 3790 -43.02 22.89 35.47
N TYR A 3791 -43.45 22.56 36.69
CA TYR A 3791 -42.58 22.42 37.86
C TYR A 3791 -43.37 21.59 38.88
N SER A 3792 -42.89 21.53 40.13
CA SER A 3792 -43.48 20.62 41.09
C SER A 3792 -43.77 21.30 42.41
N VAL A 3793 -44.95 21.02 42.96
CA VAL A 3793 -45.34 21.45 44.29
C VAL A 3793 -45.88 20.24 45.06
N VAL A 3794 -45.54 20.17 46.34
CA VAL A 3794 -46.05 19.13 47.23
C VAL A 3794 -46.70 19.81 48.43
N PRO A 3795 -47.99 19.66 48.63
CA PRO A 3795 -48.64 20.13 49.85
C PRO A 3795 -48.61 19.10 50.97
N MET A 3796 -47.56 19.06 51.80
CA MET A 3796 -47.41 17.94 52.74
C MET A 3796 -48.54 17.92 53.77
N THR A 3797 -48.67 18.97 54.54
CA THR A 3797 -49.85 19.22 55.35
C THR A 3797 -50.43 20.56 54.93
N SER A 3798 -51.47 21.02 55.62
CA SER A 3798 -51.90 22.39 55.43
C SER A 3798 -50.84 23.34 55.95
N ARG A 3799 -50.71 24.47 55.27
CA ARG A 3799 -49.74 25.54 55.51
C ARG A 3799 -48.26 25.10 55.44
N LEU A 3800 -47.98 23.91 54.89
CA LEU A 3800 -46.58 23.52 54.69
C LEU A 3800 -46.45 22.68 53.43
N GLY A 3801 -45.73 23.21 52.46
CA GLY A 3801 -45.51 22.53 51.21
C GLY A 3801 -44.14 22.85 50.66
N LEU A 3802 -43.59 21.90 49.92
CA LEU A 3802 -42.33 22.06 49.24
C LEU A 3802 -42.60 22.51 47.81
N ILE A 3803 -41.72 23.35 47.28
CA ILE A 3803 -41.83 23.79 45.90
C ILE A 3803 -40.46 23.69 45.25
N GLU A 3804 -40.43 23.15 44.03
CA GLU A 3804 -39.18 22.87 43.35
C GLU A 3804 -38.54 24.16 42.88
N TRP A 3805 -37.28 24.34 43.22
CA TRP A 3805 -36.50 25.47 42.74
C TRP A 3805 -35.73 25.05 41.51
N LEU A 3806 -35.54 25.99 40.59
CA LEU A 3806 -34.79 25.74 39.38
C LEU A 3806 -33.47 26.48 39.44
N GLU A 3807 -32.50 26.00 38.67
CA GLU A 3807 -31.16 26.56 38.69
C GLU A 3807 -30.99 27.56 37.57
N ASN A 3808 -30.36 28.69 37.90
CA ASN A 3808 -29.94 29.74 36.97
C ASN A 3808 -31.12 30.32 36.19
N THR A 3809 -32.02 30.95 36.93
CA THR A 3809 -33.11 31.72 36.37
C THR A 3809 -33.19 33.07 37.04
N VAL A 3810 -33.70 34.05 36.30
CA VAL A 3810 -33.74 35.44 36.74
C VAL A 3810 -35.14 35.98 36.45
N THR A 3811 -35.71 36.70 37.42
CA THR A 3811 -37.01 37.34 37.23
C THR A 3811 -36.93 38.42 36.14
N LEU A 3812 -38.07 38.63 35.47
CA LEU A 3812 -38.14 39.54 34.34
C LEU A 3812 -37.80 40.96 34.73
N LYS A 3813 -38.27 41.39 35.90
CA LYS A 3813 -37.95 42.72 36.40
C LYS A 3813 -36.47 42.85 36.70
N ASP A 3814 -35.83 41.78 37.15
CA ASP A 3814 -34.40 41.86 37.41
C ASP A 3814 -33.59 41.91 36.13
N LEU A 3815 -34.07 41.24 35.07
CA LEU A 3815 -33.43 41.39 33.76
C LEU A 3815 -33.53 42.82 33.25
N LEU A 3816 -34.76 43.35 33.20
CA LEU A 3816 -34.97 44.70 32.68
C LEU A 3816 -34.44 45.79 33.59
N LEU A 3817 -34.11 45.49 34.85
CA LEU A 3817 -33.55 46.48 35.74
C LEU A 3817 -32.04 46.38 35.88
N ASN A 3818 -31.44 45.24 35.57
CA ASN A 3818 -30.00 45.19 35.50
C ASN A 3818 -29.48 45.70 34.17
N THR A 3819 -30.26 45.53 33.10
CA THR A 3819 -29.79 45.89 31.77
C THR A 3819 -29.67 47.40 31.57
N MET A 3820 -30.36 48.20 32.37
CA MET A 3820 -30.25 49.65 32.26
C MET A 3820 -28.87 50.12 32.69
N SER A 3821 -28.39 51.16 32.01
CA SER A 3821 -27.12 51.76 32.39
C SER A 3821 -27.28 52.54 33.68
N GLN A 3822 -26.15 53.06 34.17
CA GLN A 3822 -26.08 53.54 35.54
C GLN A 3822 -26.90 54.80 35.77
N GLU A 3823 -27.09 55.62 34.74
CA GLU A 3823 -27.94 56.80 34.87
C GLU A 3823 -29.34 56.59 34.37
N GLU A 3824 -29.56 55.64 33.46
CA GLU A 3824 -30.91 55.32 33.01
C GLU A 3824 -31.73 54.76 34.15
N LYS A 3825 -31.18 53.78 34.87
CA LYS A 3825 -31.91 53.17 35.98
C LYS A 3825 -32.07 54.13 37.15
N ALA A 3826 -31.03 54.89 37.47
CA ALA A 3826 -31.08 55.78 38.63
C ALA A 3826 -32.01 56.96 38.39
N ALA A 3827 -31.97 57.54 37.19
CA ALA A 3827 -32.90 58.58 36.82
C ALA A 3827 -34.25 58.03 36.39
N TYR A 3828 -34.42 56.71 36.33
CA TYR A 3828 -35.75 56.14 36.24
C TYR A 3828 -36.38 55.98 37.61
N LEU A 3829 -35.60 55.55 38.60
CA LEU A 3829 -36.15 55.36 39.94
C LEU A 3829 -36.35 56.69 40.65
N SER A 3830 -35.28 57.45 40.84
CA SER A 3830 -35.32 58.67 41.64
C SER A 3830 -35.38 59.87 40.70
N ASP A 3831 -36.62 60.33 40.41
CA ASP A 3831 -36.84 61.40 39.46
C ASP A 3831 -38.24 62.00 39.62
N PRO A 3832 -38.37 63.33 39.64
CA PRO A 3832 -39.71 63.94 39.59
C PRO A 3832 -40.43 63.75 38.27
N ARG A 3833 -39.71 63.53 37.16
CA ARG A 3833 -40.34 63.26 35.88
C ARG A 3833 -40.51 61.78 35.61
N ALA A 3834 -40.23 60.93 36.60
CA ALA A 3834 -40.26 59.49 36.41
C ALA A 3834 -41.69 59.02 36.15
N PRO A 3835 -41.87 57.97 35.34
CA PRO A 3835 -43.20 57.43 35.08
C PRO A 3835 -43.93 56.91 36.31
N PRO A 3836 -43.25 56.54 37.45
CA PRO A 3836 -44.02 56.46 38.70
C PRO A 3836 -44.65 57.76 39.13
N CYS A 3837 -43.80 58.76 39.37
CA CYS A 3837 -44.26 60.00 40.01
C CYS A 3837 -45.12 60.83 39.07
N GLU A 3838 -44.87 60.75 37.76
CA GLU A 3838 -45.73 61.43 36.80
C GLU A 3838 -47.11 60.80 36.78
N TYR A 3839 -47.20 59.48 36.88
CA TYR A 3839 -48.49 58.80 36.95
C TYR A 3839 -49.22 59.14 38.23
N LYS A 3840 -48.50 59.26 39.34
CA LYS A 3840 -49.16 59.61 40.60
C LYS A 3840 -49.66 61.05 40.59
N ASP A 3841 -48.86 61.98 40.05
CA ASP A 3841 -49.31 63.36 39.92
C ASP A 3841 -50.48 63.48 38.95
N TRP A 3842 -50.51 62.64 37.94
CA TRP A 3842 -51.66 62.59 37.04
C TRP A 3842 -52.90 62.09 37.76
N LEU A 3843 -52.72 61.12 38.66
CA LEU A 3843 -53.83 60.62 39.46
C LEU A 3843 -54.38 61.70 40.38
N THR A 3844 -53.50 62.52 40.97
CA THR A 3844 -53.96 63.62 41.81
C THR A 3844 -54.68 64.68 40.98
N LYS A 3845 -54.08 65.07 39.86
CA LYS A 3845 -54.66 66.16 39.07
C LYS A 3845 -55.93 65.76 38.35
N MET A 3846 -56.23 64.48 38.23
CA MET A 3846 -57.54 64.11 37.70
C MET A 3846 -58.59 63.94 38.79
N SER A 3847 -58.20 63.56 40.01
CA SER A 3847 -59.18 63.23 41.04
C SER A 3847 -59.12 64.14 42.25
N GLY A 3848 -57.95 64.28 42.88
CA GLY A 3848 -57.79 65.26 43.95
C GLY A 3848 -57.20 64.77 45.25
N LYS A 3849 -57.57 63.57 45.69
CA LYS A 3849 -56.99 62.98 46.88
C LYS A 3849 -55.69 62.27 46.52
N HIS A 3850 -55.14 61.50 47.46
CA HIS A 3850 -53.91 60.76 47.19
C HIS A 3850 -54.02 59.32 47.69
N ASP A 3851 -55.12 58.66 47.36
CA ASP A 3851 -55.30 57.25 47.72
C ASP A 3851 -56.15 56.57 46.67
N VAL A 3852 -56.51 55.31 46.93
CA VAL A 3852 -57.46 54.62 46.05
C VAL A 3852 -58.84 55.24 46.24
N GLY A 3853 -59.68 55.09 45.22
CA GLY A 3853 -60.87 55.89 45.07
C GLY A 3853 -60.64 57.05 44.13
N ALA A 3854 -59.39 57.49 44.00
CA ALA A 3854 -59.01 58.32 42.88
C ALA A 3854 -59.20 57.57 41.57
N TYR A 3855 -59.02 56.25 41.57
CA TYR A 3855 -59.40 55.44 40.42
C TYR A 3855 -60.92 55.42 40.24
N MET A 3856 -61.69 55.53 41.32
CA MET A 3856 -63.14 55.59 41.19
C MET A 3856 -63.61 56.94 40.68
N LEU A 3857 -62.81 58.00 40.85
CA LEU A 3857 -63.17 59.29 40.31
C LEU A 3857 -62.55 59.55 38.94
N MET A 3858 -61.48 58.83 38.58
CA MET A 3858 -60.74 59.10 37.36
C MET A 3858 -61.53 58.69 36.12
N TYR A 3859 -62.25 57.58 36.22
CA TYR A 3859 -63.05 57.09 35.10
C TYR A 3859 -64.19 58.03 34.73
N LYS A 3860 -64.66 58.85 35.68
CA LYS A 3860 -65.51 59.99 35.38
C LYS A 3860 -64.80 61.30 35.73
N GLY A 3861 -63.52 61.39 35.39
CA GLY A 3861 -62.77 62.60 35.61
C GLY A 3861 -61.84 62.92 34.46
N ALA A 3862 -61.89 62.10 33.41
CA ALA A 3862 -61.05 62.31 32.24
C ALA A 3862 -61.74 61.72 31.02
N ASN A 3863 -61.59 62.38 29.89
CA ASN A 3863 -62.16 61.93 28.63
C ASN A 3863 -61.18 60.99 27.93
N ARG A 3864 -61.44 60.68 26.67
CA ARG A 3864 -60.60 59.70 25.97
C ARG A 3864 -59.27 60.29 25.54
N THR A 3865 -59.30 61.40 24.81
CA THR A 3865 -58.13 61.90 24.10
C THR A 3865 -57.18 62.72 24.96
N GLU A 3866 -57.37 62.75 26.27
CA GLU A 3866 -56.41 63.35 27.18
C GLU A 3866 -55.48 62.32 27.81
N THR A 3867 -56.07 61.20 28.26
CA THR A 3867 -55.30 60.13 28.88
C THR A 3867 -54.36 59.47 27.89
N VAL A 3868 -54.75 59.38 26.62
CA VAL A 3868 -53.91 58.74 25.61
C VAL A 3868 -52.61 59.51 25.42
N THR A 3869 -52.71 60.82 25.26
CA THR A 3869 -51.52 61.65 25.07
C THR A 3869 -50.71 61.74 26.36
N SER A 3870 -51.39 61.81 27.51
CA SER A 3870 -50.66 61.82 28.77
C SER A 3870 -50.00 60.48 29.06
N PHE A 3871 -50.48 59.40 28.45
CA PHE A 3871 -49.85 58.10 28.61
C PHE A 3871 -48.66 57.93 27.67
N ARG A 3872 -48.75 58.44 26.44
CA ARG A 3872 -47.59 58.42 25.56
C ARG A 3872 -46.46 59.29 26.09
N LYS A 3873 -46.79 60.42 26.74
CA LYS A 3873 -45.78 61.35 27.20
C LYS A 3873 -44.93 60.77 28.32
N ARG A 3874 -45.50 59.91 29.16
CA ARG A 3874 -44.72 59.24 30.19
C ARG A 3874 -44.27 57.84 29.78
N GLU A 3875 -44.84 57.29 28.72
CA GLU A 3875 -44.28 56.06 28.16
C GLU A 3875 -42.96 56.35 27.45
N SER A 3876 -42.86 57.50 26.80
CA SER A 3876 -41.69 57.81 25.99
C SER A 3876 -40.46 58.20 26.81
N LYS A 3877 -40.49 58.05 28.13
CA LYS A 3877 -39.34 58.34 28.97
C LYS A 3877 -38.56 57.09 29.36
N VAL A 3878 -39.02 55.91 28.97
CA VAL A 3878 -38.23 54.69 29.19
C VAL A 3878 -37.44 54.42 27.92
N PRO A 3879 -36.26 53.83 28.01
CA PRO A 3879 -35.48 53.54 26.80
C PRO A 3879 -36.15 52.46 25.97
N ALA A 3880 -35.92 52.52 24.66
CA ALA A 3880 -36.62 51.62 23.76
C ALA A 3880 -35.95 50.25 23.72
N ASP A 3881 -34.71 50.19 23.28
CA ASP A 3881 -34.03 48.91 23.10
C ASP A 3881 -33.46 48.47 24.44
N LEU A 3882 -34.30 47.79 25.22
CA LEU A 3882 -33.89 47.30 26.53
C LEU A 3882 -33.85 45.78 26.56
N LEU A 3883 -34.87 45.12 26.02
CA LEU A 3883 -34.77 43.68 25.86
C LEU A 3883 -33.82 43.31 24.71
N LYS A 3884 -33.73 44.14 23.68
CA LYS A 3884 -32.77 43.90 22.61
C LYS A 3884 -31.34 44.07 23.12
N ARG A 3885 -31.12 45.06 23.98
CA ARG A 3885 -29.81 45.20 24.62
C ARG A 3885 -29.54 44.08 25.60
N ALA A 3886 -30.59 43.55 26.23
CA ALA A 3886 -30.39 42.43 27.15
C ALA A 3886 -30.02 41.16 26.41
N PHE A 3887 -30.57 40.95 25.23
CA PHE A 3887 -30.18 39.76 24.48
C PHE A 3887 -28.93 39.96 23.64
N VAL A 3888 -28.45 41.19 23.47
CA VAL A 3888 -27.15 41.34 22.81
C VAL A 3888 -26.01 41.40 23.82
N ARG A 3889 -26.30 41.71 25.09
CA ARG A 3889 -25.23 41.79 26.08
C ARG A 3889 -24.68 40.41 26.42
N MET A 3890 -25.51 39.38 26.36
CA MET A 3890 -25.10 38.05 26.78
C MET A 3890 -24.95 37.05 25.66
N SER A 3891 -25.37 37.38 24.44
CA SER A 3891 -25.29 36.38 23.38
C SER A 3891 -23.90 36.36 22.74
N THR A 3892 -23.37 37.53 22.38
CA THR A 3892 -22.10 37.81 21.70
C THR A 3892 -21.73 36.86 20.56
N SER A 3893 -22.73 36.37 19.83
CA SER A 3893 -22.53 35.62 18.60
C SER A 3893 -23.78 35.81 17.75
N PRO A 3894 -23.64 36.39 16.55
CA PRO A 3894 -24.83 36.75 15.74
C PRO A 3894 -25.68 35.54 15.45
N GLU A 3895 -25.11 34.35 15.41
CA GLU A 3895 -25.96 33.18 15.28
C GLU A 3895 -26.82 32.98 16.53
N ALA A 3896 -26.21 33.13 17.71
CA ALA A 3896 -26.90 32.82 18.95
C ALA A 3896 -27.96 33.86 19.29
N PHE A 3897 -27.79 35.09 18.81
CA PHE A 3897 -28.80 36.12 19.07
C PHE A 3897 -30.14 35.79 18.43
N LEU A 3898 -30.12 35.13 17.27
CA LEU A 3898 -31.35 34.82 16.57
C LEU A 3898 -32.16 33.76 17.33
N ALA A 3899 -31.53 32.66 17.70
CA ALA A 3899 -32.23 31.62 18.43
C ALA A 3899 -32.23 31.85 19.93
N LEU A 3900 -31.85 33.04 20.39
CA LEU A 3900 -32.27 33.48 21.71
C LEU A 3900 -33.46 34.41 21.66
N ARG A 3901 -33.59 35.24 20.63
CA ARG A 3901 -34.77 36.09 20.54
C ARG A 3901 -36.00 35.27 20.15
N SER A 3902 -35.85 34.32 19.22
CA SER A 3902 -37.01 33.59 18.71
C SER A 3902 -37.63 32.68 19.74
N HIS A 3903 -36.82 32.10 20.63
CA HIS A 3903 -37.38 31.21 21.64
C HIS A 3903 -38.13 31.98 22.72
N PHE A 3904 -37.64 33.16 23.09
CA PHE A 3904 -38.35 34.05 24.00
C PHE A 3904 -39.71 34.43 23.43
N ALA A 3905 -39.75 34.79 22.15
CA ALA A 3905 -41.00 35.21 21.54
C ALA A 3905 -42.00 34.05 21.46
N SER A 3906 -41.52 32.85 21.11
CA SER A 3906 -42.43 31.71 20.99
C SER A 3906 -43.01 31.31 22.35
N SER A 3907 -42.15 31.22 23.38
CA SER A 3907 -42.64 30.79 24.69
C SER A 3907 -43.57 31.84 25.30
N HIS A 3908 -43.27 33.12 25.10
CA HIS A 3908 -44.17 34.14 25.66
C HIS A 3908 -45.51 34.16 24.94
N ALA A 3909 -45.54 33.84 23.63
CA ALA A 3909 -46.83 33.73 22.95
C ALA A 3909 -47.66 32.59 23.51
N LEU A 3910 -47.01 31.45 23.79
CA LEU A 3910 -47.76 30.30 24.27
C LEU A 3910 -48.31 30.52 25.67
N ILE A 3911 -47.52 31.10 26.57
CA ILE A 3911 -48.11 31.31 27.89
C ILE A 3911 -49.10 32.47 27.90
N CYS A 3912 -49.03 33.42 26.97
CA CYS A 3912 -50.08 34.44 26.95
C CYS A 3912 -51.39 33.89 26.42
N ILE A 3913 -51.39 32.86 25.56
CA ILE A 3913 -52.70 32.30 25.20
C ILE A 3913 -53.15 31.23 26.19
N SER A 3914 -52.24 30.63 26.96
CA SER A 3914 -52.69 29.65 27.94
C SER A 3914 -53.07 30.25 29.27
N HIS A 3915 -52.72 31.50 29.53
CA HIS A 3915 -53.22 32.15 30.73
C HIS A 3915 -54.58 32.79 30.52
N TRP A 3916 -55.14 32.75 29.32
CA TRP A 3916 -56.41 33.41 29.08
C TRP A 3916 -57.59 32.44 29.08
N ILE A 3917 -57.38 31.19 28.67
CA ILE A 3917 -58.46 30.21 28.63
C ILE A 3917 -59.00 29.96 30.02
N LEU A 3918 -58.12 29.73 30.98
CA LEU A 3918 -58.44 29.82 32.39
C LEU A 3918 -57.90 31.16 32.87
N GLY A 3919 -58.80 32.12 33.05
CA GLY A 3919 -58.38 33.50 33.13
C GLY A 3919 -57.60 33.87 34.37
N ILE A 3920 -56.30 34.07 34.21
CA ILE A 3920 -55.42 34.41 35.31
C ILE A 3920 -55.08 35.89 35.22
N GLY A 3921 -55.22 36.60 36.33
CA GLY A 3921 -54.86 37.99 36.39
C GLY A 3921 -53.54 38.21 37.11
N ASP A 3922 -53.33 39.46 37.51
CA ASP A 3922 -52.22 39.90 38.38
C ASP A 3922 -50.86 39.62 37.75
N ARG A 3923 -50.77 39.71 36.43
CA ARG A 3923 -49.56 39.34 35.70
C ARG A 3923 -48.53 40.46 35.72
N HIS A 3924 -48.06 40.80 36.91
CA HIS A 3924 -47.11 41.90 37.02
C HIS A 3924 -45.71 41.44 36.73
N LEU A 3925 -44.70 42.24 37.09
CA LEU A 3925 -43.35 42.01 36.62
C LEU A 3925 -42.73 40.76 37.25
N ASN A 3926 -42.77 40.65 38.57
CA ASN A 3926 -42.03 39.59 39.24
C ASN A 3926 -42.68 38.23 39.16
N ASN A 3927 -43.82 38.08 38.48
CA ASN A 3927 -44.40 36.77 38.23
C ASN A 3927 -44.05 36.24 36.86
N PHE A 3928 -42.88 36.61 36.36
CA PHE A 3928 -42.33 36.05 35.14
C PHE A 3928 -40.86 35.75 35.40
N MET A 3929 -40.45 34.52 35.16
CA MET A 3929 -39.05 34.15 35.39
C MET A 3929 -38.50 33.54 34.11
N VAL A 3930 -37.32 34.02 33.69
CA VAL A 3930 -36.71 33.63 32.45
C VAL A 3930 -35.42 32.88 32.76
N ALA A 3931 -35.00 32.03 31.83
CA ALA A 3931 -33.86 31.15 32.02
C ALA A 3931 -32.72 31.62 31.12
N MET A 3932 -31.64 32.07 31.73
CA MET A 3932 -30.53 32.75 31.05
C MET A 3932 -29.60 31.81 30.32
N GLU A 3933 -30.02 30.58 30.05
CA GLU A 3933 -29.26 29.67 29.22
C GLU A 3933 -29.92 29.39 27.88
N THR A 3934 -31.23 29.59 27.78
CA THR A 3934 -31.87 29.50 26.48
C THR A 3934 -32.97 30.53 26.27
N GLY A 3935 -33.18 31.45 27.21
CA GLY A 3935 -34.12 32.55 27.04
C GLY A 3935 -35.56 32.15 26.89
N GLY A 3936 -36.18 31.61 27.94
CA GLY A 3936 -37.57 31.21 27.87
C GLY A 3936 -38.28 31.51 29.17
N VAL A 3937 -39.49 32.01 29.12
CA VAL A 3937 -40.12 32.50 30.34
C VAL A 3937 -40.88 31.38 31.03
N ILE A 3938 -40.94 31.48 32.36
CA ILE A 3938 -41.68 30.57 33.22
C ILE A 3938 -42.68 31.40 34.01
N GLY A 3939 -43.91 30.92 34.15
CA GLY A 3939 -44.91 31.65 34.89
C GLY A 3939 -45.21 31.07 36.26
N ILE A 3940 -45.08 31.88 37.31
CA ILE A 3940 -45.25 31.44 38.69
C ILE A 3940 -46.33 32.27 39.37
N ASP A 3941 -46.55 32.02 40.67
CA ASP A 3941 -47.34 32.85 41.58
C ASP A 3941 -48.80 32.99 41.14
N PHE A 3942 -49.50 31.86 41.19
CA PHE A 3942 -50.84 31.73 40.62
C PHE A 3942 -51.88 32.21 41.63
N GLY A 3943 -52.07 33.52 41.66
CA GLY A 3943 -53.01 34.13 42.60
C GLY A 3943 -54.47 33.90 42.29
N HIS A 3944 -54.94 34.44 41.16
CA HIS A 3944 -56.36 34.43 40.79
C HIS A 3944 -56.58 33.42 39.69
N ALA A 3945 -57.23 32.32 40.02
CA ALA A 3945 -57.21 31.17 39.12
C ALA A 3945 -58.19 31.32 37.97
N PHE A 3946 -59.47 31.36 38.28
CA PHE A 3946 -60.44 31.65 37.23
C PHE A 3946 -60.69 33.14 37.23
N GLY A 3947 -61.73 33.61 36.53
CA GLY A 3947 -61.91 35.03 36.37
C GLY A 3947 -62.22 35.68 37.69
N SER A 3948 -61.19 36.21 38.28
CA SER A 3948 -61.28 36.76 39.62
C SER A 3948 -60.38 37.96 39.85
N ALA A 3949 -59.67 38.44 38.85
CA ALA A 3949 -58.93 39.68 39.01
C ALA A 3949 -59.78 40.90 38.68
N THR A 3950 -60.78 40.73 37.83
CA THR A 3950 -61.68 41.80 37.50
C THR A 3950 -63.02 41.69 38.22
N GLN A 3951 -63.28 40.59 38.92
CA GLN A 3951 -64.47 40.50 39.75
C GLN A 3951 -64.26 41.18 41.09
N PHE A 3952 -63.16 40.86 41.77
CA PHE A 3952 -63.05 41.14 43.19
C PHE A 3952 -61.93 42.10 43.57
N LEU A 3953 -61.16 42.59 42.63
CA LEU A 3953 -60.30 43.67 43.06
C LEU A 3953 -61.11 44.97 43.13
N PRO A 3954 -60.68 45.94 43.97
CA PRO A 3954 -61.36 47.23 43.99
C PRO A 3954 -61.24 47.98 42.67
N VAL A 3955 -60.01 48.21 42.24
CA VAL A 3955 -59.73 48.71 40.90
C VAL A 3955 -59.52 47.50 39.98
N PRO A 3956 -60.39 47.28 39.01
CA PRO A 3956 -60.25 46.10 38.16
C PRO A 3956 -59.15 46.27 37.13
N GLU A 3957 -58.74 45.16 36.57
CA GLU A 3957 -57.86 45.13 35.42
C GLU A 3957 -58.63 44.48 34.27
N LEU A 3958 -58.36 44.95 33.06
CA LEU A 3958 -59.22 44.63 31.93
C LEU A 3958 -58.49 43.97 30.79
N MET A 3959 -57.17 43.93 30.81
CA MET A 3959 -56.40 43.30 29.77
C MET A 3959 -56.40 41.79 29.91
N PRO A 3960 -56.36 41.07 28.83
CA PRO A 3960 -56.32 39.60 28.92
C PRO A 3960 -54.94 39.06 29.28
N PHE A 3961 -53.88 39.71 28.83
CA PHE A 3961 -52.53 39.34 29.22
C PHE A 3961 -51.64 40.57 29.15
N ARG A 3962 -50.33 40.36 29.22
CA ARG A 3962 -49.37 41.46 29.25
C ARG A 3962 -48.59 41.47 27.95
N LEU A 3963 -48.90 42.42 27.07
CA LEU A 3963 -48.15 42.66 25.84
C LEU A 3963 -47.84 44.15 25.82
N THR A 3964 -46.80 44.54 26.53
CA THR A 3964 -46.51 45.94 26.76
C THR A 3964 -45.56 46.47 25.70
N ARG A 3965 -44.93 47.63 25.96
CA ARG A 3965 -44.08 48.29 24.98
C ARG A 3965 -42.83 47.48 24.65
N GLN A 3966 -42.15 46.93 25.66
CA GLN A 3966 -40.87 46.26 25.43
C GLN A 3966 -41.03 44.97 24.66
N PHE A 3967 -42.12 44.25 24.88
CA PHE A 3967 -42.44 43.06 24.10
C PHE A 3967 -42.80 43.39 22.66
N ILE A 3968 -43.02 44.66 22.32
CA ILE A 3968 -43.20 45.10 20.95
C ILE A 3968 -41.90 45.58 20.35
N ASN A 3969 -41.13 46.38 21.10
CA ASN A 3969 -39.85 46.88 20.61
C ASN A 3969 -38.75 45.83 20.57
N LEU A 3970 -38.99 44.63 21.08
CA LEU A 3970 -38.06 43.55 20.77
C LEU A 3970 -38.17 43.07 19.34
N MET A 3971 -39.31 43.30 18.69
CA MET A 3971 -39.58 42.69 17.39
C MET A 3971 -39.40 43.63 16.21
N LEU A 3972 -38.77 44.78 16.40
CA LEU A 3972 -38.64 45.72 15.30
C LEU A 3972 -37.53 45.27 14.36
N PRO A 3973 -37.68 45.49 13.04
CA PRO A 3973 -38.71 46.22 12.29
C PRO A 3973 -39.98 45.46 11.97
N MET A 3974 -40.09 44.19 12.33
CA MET A 3974 -41.31 43.44 12.04
C MET A 3974 -42.47 43.93 12.90
N LYS A 3975 -43.65 43.88 12.33
CA LYS A 3975 -44.85 44.20 13.09
C LYS A 3975 -45.26 43.00 13.93
N GLU A 3976 -46.33 43.15 14.69
CA GLU A 3976 -46.70 42.14 15.67
C GLU A 3976 -47.38 40.93 15.05
N THR A 3977 -47.65 40.92 13.75
CA THR A 3977 -48.32 39.78 13.15
C THR A 3977 -47.36 38.71 12.67
N GLY A 3978 -46.10 38.75 13.10
CA GLY A 3978 -45.15 37.80 12.58
C GLY A 3978 -44.95 36.54 13.40
N LEU A 3979 -44.57 36.68 14.66
CA LEU A 3979 -44.20 35.51 15.45
C LEU A 3979 -45.08 35.33 16.68
N MET A 3980 -45.46 36.42 17.34
CA MET A 3980 -46.39 36.31 18.45
C MET A 3980 -47.83 36.20 17.99
N TYR A 3981 -48.09 35.81 16.78
CA TYR A 3981 -49.46 35.68 16.29
C TYR A 3981 -49.76 34.31 15.73
N SER A 3982 -48.86 33.71 14.97
CA SER A 3982 -49.16 32.41 14.41
C SER A 3982 -49.06 31.31 15.45
N ILE A 3983 -48.18 31.51 16.44
CA ILE A 3983 -48.14 30.63 17.61
C ILE A 3983 -49.48 30.65 18.34
N MET A 3984 -50.01 31.85 18.58
CA MET A 3984 -51.28 32.01 19.30
C MET A 3984 -52.43 31.39 18.53
N VAL A 3985 -52.45 31.58 17.21
CA VAL A 3985 -53.51 31.01 16.39
C VAL A 3985 -53.46 29.49 16.43
N HIS A 3986 -52.26 28.91 16.28
CA HIS A 3986 -52.17 27.46 16.25
C HIS A 3986 -52.43 26.85 17.62
N ALA A 3987 -52.07 27.55 18.69
CA ALA A 3987 -52.35 27.05 20.02
C ALA A 3987 -53.83 27.11 20.34
N LEU A 3988 -54.51 28.19 19.98
CA LEU A 3988 -55.94 28.26 20.27
C LEU A 3988 -56.73 27.30 19.40
N ARG A 3989 -56.30 27.06 18.16
CA ARG A 3989 -56.92 26.02 17.36
C ARG A 3989 -56.65 24.63 17.93
N ALA A 3990 -55.51 24.44 18.59
CA ALA A 3990 -55.26 23.17 19.26
C ALA A 3990 -56.16 23.01 20.48
N PHE A 3991 -56.44 24.10 21.19
CA PHE A 3991 -57.25 24.01 22.40
C PHE A 3991 -58.72 23.76 22.08
N ARG A 3992 -59.36 24.67 21.36
CA ARG A 3992 -60.81 24.52 21.16
C ARG A 3992 -61.12 23.68 19.93
N SER A 3993 -60.54 22.48 19.91
CA SER A 3993 -60.95 21.42 18.99
C SER A 3993 -60.94 20.08 19.69
N ASP A 3994 -61.23 20.06 20.98
CA ASP A 3994 -61.12 18.93 21.89
C ASP A 3994 -62.47 18.29 22.14
N PRO A 3995 -62.50 17.04 22.62
CA PRO A 3995 -63.77 16.47 23.08
C PRO A 3995 -64.31 17.11 24.36
N GLY A 3996 -63.46 17.76 25.15
CA GLY A 3996 -63.96 18.42 26.35
C GLY A 3996 -63.24 18.04 27.61
N LEU A 3997 -62.02 17.48 27.47
CA LEU A 3997 -61.25 17.06 28.64
C LEU A 3997 -60.83 18.24 29.48
N LEU A 3998 -60.51 19.36 28.84
CA LEU A 3998 -60.17 20.57 29.58
C LEU A 3998 -61.38 21.14 30.31
N THR A 3999 -62.57 21.05 29.70
CA THR A 3999 -63.78 21.52 30.37
C THR A 3999 -64.14 20.62 31.56
N ASN A 4000 -64.01 19.30 31.39
CA ASN A 4000 -64.25 18.37 32.48
C ASN A 4000 -63.30 18.60 33.64
N THR A 4001 -62.03 18.81 33.34
CA THR A 4001 -61.05 18.98 34.41
C THR A 4001 -61.18 20.34 35.08
N MET A 4002 -61.56 21.38 34.33
CA MET A 4002 -61.86 22.66 34.99
C MET A 4002 -63.10 22.55 35.86
N ASP A 4003 -64.09 21.77 35.41
CA ASP A 4003 -65.31 21.56 36.18
C ASP A 4003 -65.02 20.86 37.50
N VAL A 4004 -64.32 19.73 37.44
CA VAL A 4004 -64.04 18.97 38.65
C VAL A 4004 -62.89 19.57 39.45
N PHE A 4005 -62.20 20.58 38.93
CA PHE A 4005 -61.40 21.43 39.80
C PHE A 4005 -62.26 22.42 40.55
N VAL A 4006 -63.17 23.11 39.87
CA VAL A 4006 -63.88 24.18 40.55
C VAL A 4006 -64.97 23.64 41.48
N LYS A 4007 -65.34 22.37 41.34
CA LYS A 4007 -66.35 21.76 42.20
C LYS A 4007 -65.74 21.06 43.40
N GLU A 4008 -64.62 21.54 43.91
CA GLU A 4008 -63.99 21.04 45.12
C GLU A 4008 -64.28 21.97 46.29
N PRO A 4009 -64.77 21.46 47.42
CA PRO A 4009 -65.17 22.32 48.53
C PRO A 4009 -64.03 22.67 49.49
N SER A 4010 -62.90 23.10 48.94
CA SER A 4010 -61.77 23.51 49.75
C SER A 4010 -61.37 24.96 49.54
N PHE A 4011 -61.96 25.64 48.56
CA PHE A 4011 -61.64 27.03 48.23
C PHE A 4011 -62.93 27.84 48.14
N ASP A 4012 -63.71 27.81 49.20
CA ASP A 4012 -64.93 28.60 49.30
C ASP A 4012 -64.58 30.07 49.49
N TRP A 4013 -65.59 30.89 49.79
CA TRP A 4013 -65.34 32.31 49.96
C TRP A 4013 -64.45 32.58 51.17
N LYS A 4014 -64.58 31.76 52.22
CA LYS A 4014 -63.72 31.89 53.41
C LYS A 4014 -62.26 31.60 53.07
N ASN A 4015 -62.02 30.52 52.32
CA ASN A 4015 -60.65 30.18 51.95
C ASN A 4015 -60.08 31.18 50.95
N PHE A 4016 -60.92 31.74 50.08
CA PHE A 4016 -60.44 32.73 49.13
C PHE A 4016 -60.06 34.02 49.82
N GLU A 4017 -60.87 34.48 50.78
CA GLU A 4017 -60.50 35.72 51.46
C GLU A 4017 -59.32 35.50 52.40
N GLN A 4018 -59.19 34.28 52.96
CA GLN A 4018 -58.00 33.97 53.73
C GLN A 4018 -56.77 33.92 52.84
N LYS A 4019 -56.93 33.55 51.58
CA LYS A 4019 -55.81 33.56 50.65
C LYS A 4019 -55.45 34.98 50.25
N MET A 4020 -56.45 35.84 50.04
CA MET A 4020 -56.17 37.21 49.64
C MET A 4020 -55.62 38.03 50.79
N LEU A 4021 -55.93 37.66 52.04
CA LEU A 4021 -55.37 38.35 53.19
C LEU A 4021 -53.95 37.95 53.52
N LYS A 4022 -53.33 37.06 52.75
CA LYS A 4022 -51.97 36.61 53.08
C LYS A 4022 -50.96 37.73 52.87
N LYS A 4023 -51.03 38.40 51.74
CA LYS A 4023 -50.33 39.66 51.57
C LYS A 4023 -51.17 40.79 52.14
N GLY A 4024 -50.52 41.94 52.36
CA GLY A 4024 -51.21 43.14 52.77
C GLY A 4024 -51.28 44.10 51.61
N GLY A 4025 -52.49 44.53 51.27
CA GLY A 4025 -52.65 45.39 50.11
C GLY A 4025 -54.02 45.97 49.88
N SER A 4026 -54.46 45.93 48.62
CA SER A 4026 -55.64 46.67 48.19
C SER A 4026 -56.94 46.03 48.60
N TRP A 4027 -56.96 44.73 48.88
CA TRP A 4027 -58.17 44.06 49.31
C TRP A 4027 -58.17 43.98 50.84
N ILE A 4028 -59.20 44.57 51.45
CA ILE A 4028 -59.30 44.64 52.91
C ILE A 4028 -60.61 44.01 53.36
N GLN A 4029 -61.74 44.55 52.89
CA GLN A 4029 -63.07 44.27 53.41
C GLN A 4029 -64.14 44.42 52.32
N GLU A 4030 -65.20 45.10 52.73
CA GLU A 4030 -66.37 45.62 51.94
C GLU A 4030 -66.95 44.77 50.82
N ILE A 4031 -67.24 43.48 50.98
CA ILE A 4031 -68.01 42.78 49.95
C ILE A 4031 -69.53 42.94 50.10
N ASN A 4032 -70.12 42.40 51.18
CA ASN A 4032 -71.53 42.45 51.58
C ASN A 4032 -72.50 41.73 50.63
N VAL A 4033 -72.03 41.28 49.48
CA VAL A 4033 -72.86 40.59 48.49
C VAL A 4033 -72.26 39.23 48.13
N ALA A 4034 -70.93 39.16 48.02
CA ALA A 4034 -70.25 38.04 47.40
C ALA A 4034 -70.23 36.77 48.24
N GLU A 4035 -70.88 36.75 49.41
CA GLU A 4035 -71.02 35.49 50.15
C GLU A 4035 -71.90 34.50 49.40
N LYS A 4036 -72.89 35.00 48.66
CA LYS A 4036 -73.71 34.16 47.80
C LYS A 4036 -73.29 34.24 46.34
N ASN A 4037 -72.56 35.28 45.95
CA ASN A 4037 -72.23 35.53 44.55
C ASN A 4037 -70.94 34.83 44.11
N TRP A 4038 -70.51 33.79 44.85
CA TRP A 4038 -69.33 33.06 44.44
C TRP A 4038 -69.59 32.25 43.18
N TYR A 4039 -70.68 31.48 43.18
CA TYR A 4039 -71.30 30.84 42.01
C TYR A 4039 -70.36 29.96 41.18
N PRO A 4040 -70.05 28.76 41.64
CA PRO A 4040 -69.12 27.89 40.90
C PRO A 4040 -69.71 27.19 39.68
N ARG A 4041 -70.87 27.62 39.20
CA ARG A 4041 -71.37 27.18 37.91
C ARG A 4041 -71.17 28.23 36.83
N GLN A 4042 -71.26 29.50 37.19
CA GLN A 4042 -71.09 30.56 36.21
C GLN A 4042 -69.65 30.69 35.72
N LYS A 4043 -68.67 30.25 36.50
CA LYS A 4043 -67.28 30.30 36.05
C LYS A 4043 -67.02 29.27 34.96
N ILE A 4044 -67.56 28.06 35.09
CA ILE A 4044 -67.49 27.09 33.99
C ILE A 4044 -68.34 27.55 32.82
N CYS A 4045 -69.46 28.25 33.08
CA CYS A 4045 -70.26 28.79 32.00
C CYS A 4045 -69.48 29.80 31.17
N TYR A 4046 -68.74 30.69 31.83
CA TYR A 4046 -67.99 31.71 31.10
C TYR A 4046 -66.73 31.16 30.45
N ALA A 4047 -66.03 30.24 31.12
CA ALA A 4047 -64.86 29.62 30.48
C ALA A 4047 -65.27 28.74 29.30
N LYS A 4048 -66.41 28.06 29.39
CA LYS A 4048 -66.92 27.30 28.26
C LYS A 4048 -67.36 28.21 27.13
N ARG A 4049 -67.85 29.41 27.47
CA ARG A 4049 -68.23 30.35 26.42
C ARG A 4049 -67.00 30.88 25.69
N LYS A 4050 -66.00 31.39 26.43
CA LYS A 4050 -64.81 31.93 25.76
C LYS A 4050 -63.84 30.86 25.32
N LEU A 4051 -64.16 29.59 25.53
CA LEU A 4051 -63.54 28.51 24.79
C LEU A 4051 -64.33 28.17 23.53
N ALA A 4052 -65.66 28.33 23.54
CA ALA A 4052 -66.48 28.01 22.38
C ALA A 4052 -66.84 29.23 21.56
N GLY A 4053 -66.00 30.27 21.60
CA GLY A 4053 -66.18 31.40 20.70
C GLY A 4053 -66.96 32.51 21.35
N ALA A 4054 -66.27 33.58 21.74
CA ALA A 4054 -66.91 34.70 22.41
C ALA A 4054 -66.02 35.90 22.26
N ASN A 4055 -66.62 37.05 22.11
CA ASN A 4055 -65.85 38.28 21.93
C ASN A 4055 -65.22 38.68 23.25
N PRO A 4056 -63.91 38.81 23.32
CA PRO A 4056 -63.26 39.06 24.61
C PRO A 4056 -63.41 40.47 25.17
N ALA A 4057 -64.29 41.27 24.59
CA ALA A 4057 -64.78 42.46 25.26
C ALA A 4057 -66.11 42.23 25.96
N VAL A 4058 -66.81 41.15 25.61
CA VAL A 4058 -68.09 40.84 26.24
C VAL A 4058 -67.90 40.00 27.49
N ILE A 4059 -66.85 39.17 27.55
CA ILE A 4059 -66.60 38.37 28.73
C ILE A 4059 -66.13 39.26 29.87
N THR A 4060 -65.26 40.24 29.59
CA THR A 4060 -64.85 41.21 30.60
C THR A 4060 -66.01 42.11 31.00
N CYS A 4061 -66.92 42.40 30.06
CA CYS A 4061 -68.15 43.11 30.35
C CYS A 4061 -69.00 42.36 31.39
N ASP A 4062 -69.26 41.08 31.14
CA ASP A 4062 -70.13 40.31 32.03
C ASP A 4062 -69.46 40.07 33.39
N GLU A 4063 -68.18 39.77 33.38
CA GLU A 4063 -67.51 39.50 34.65
C GLU A 4063 -67.11 40.77 35.38
N LEU A 4064 -67.31 41.94 34.78
CA LEU A 4064 -67.25 43.16 35.55
C LEU A 4064 -68.63 43.56 36.05
N LEU A 4065 -69.69 43.14 35.34
CA LEU A 4065 -71.04 43.33 35.84
C LEU A 4065 -71.28 42.50 37.10
N LEU A 4066 -70.93 41.21 37.05
CA LEU A 4066 -71.30 40.27 38.11
C LEU A 4066 -70.55 40.49 39.42
N GLY A 4067 -69.55 41.36 39.44
CA GLY A 4067 -68.88 41.64 40.68
C GLY A 4067 -69.01 43.09 41.07
N HIS A 4068 -69.17 43.96 40.07
CA HIS A 4068 -69.32 45.39 40.29
C HIS A 4068 -70.66 45.87 39.76
N GLU A 4069 -71.70 45.07 39.95
CA GLU A 4069 -73.05 45.60 39.75
C GLU A 4069 -73.33 46.66 40.80
N LYS A 4070 -74.19 47.62 40.43
CA LYS A 4070 -74.53 48.85 41.15
C LYS A 4070 -73.33 49.56 41.77
N ALA A 4071 -72.21 49.55 41.04
CA ALA A 4071 -71.05 50.33 41.40
C ALA A 4071 -71.24 51.77 40.94
N PRO A 4072 -70.54 52.75 41.56
CA PRO A 4072 -70.70 54.14 41.12
C PRO A 4072 -70.26 54.41 39.69
N ALA A 4073 -68.99 54.12 39.39
CA ALA A 4073 -68.48 54.35 38.04
C ALA A 4073 -68.55 53.09 37.17
N PHE A 4074 -69.72 52.45 37.14
CA PHE A 4074 -69.87 51.23 36.36
C PHE A 4074 -69.98 51.53 34.88
N ARG A 4075 -70.55 52.69 34.54
CA ARG A 4075 -70.78 53.03 33.15
C ARG A 4075 -69.48 53.29 32.42
N ASP A 4076 -68.51 53.89 33.11
CA ASP A 4076 -67.23 54.16 32.49
C ASP A 4076 -66.41 52.89 32.32
N TYR A 4077 -66.52 51.96 33.27
CA TYR A 4077 -65.88 50.65 33.14
C TYR A 4077 -66.42 49.90 31.94
N VAL A 4078 -67.75 49.82 31.82
CA VAL A 4078 -68.33 49.10 30.71
C VAL A 4078 -68.15 49.84 29.39
N ALA A 4079 -67.90 51.15 29.42
CA ALA A 4079 -67.57 51.87 28.20
C ALA A 4079 -66.15 51.58 27.73
N VAL A 4080 -65.18 51.66 28.65
CA VAL A 4080 -63.78 51.43 28.29
C VAL A 4080 -63.56 49.99 27.88
N ALA A 4081 -64.28 49.05 28.48
CA ALA A 4081 -64.15 47.66 28.04
C ALA A 4081 -64.87 47.37 26.74
N ARG A 4082 -65.59 48.33 26.16
CA ARG A 4082 -66.43 48.07 25.00
C ARG A 4082 -65.75 48.44 23.69
N GLY A 4083 -65.06 49.56 23.64
CA GLY A 4083 -64.39 50.02 22.45
C GLY A 4083 -64.82 51.43 22.11
N SER A 4084 -64.65 51.80 20.84
CA SER A 4084 -65.17 53.08 20.38
C SER A 4084 -65.86 53.04 19.04
N LYS A 4085 -65.69 51.97 18.24
CA LYS A 4085 -66.13 51.81 16.84
C LYS A 4085 -65.52 52.85 15.91
N ASP A 4086 -64.44 53.52 16.34
CA ASP A 4086 -63.64 54.39 15.49
C ASP A 4086 -62.26 53.84 15.24
N HIS A 4087 -61.62 53.30 16.27
CA HIS A 4087 -60.22 52.91 16.23
C HIS A 4087 -60.02 51.41 16.33
N ASN A 4088 -60.81 50.72 17.15
CA ASN A 4088 -60.52 49.38 17.59
C ASN A 4088 -61.42 48.36 16.90
N ILE A 4089 -60.83 47.22 16.53
CA ILE A 4089 -61.57 46.15 15.88
C ILE A 4089 -62.42 45.38 16.89
N ARG A 4090 -62.12 45.51 18.18
CA ARG A 4090 -62.89 44.79 19.18
C ARG A 4090 -64.26 45.38 19.42
N ALA A 4091 -64.57 46.56 18.86
CA ALA A 4091 -65.88 47.16 18.95
C ALA A 4091 -66.71 46.96 17.68
N GLN A 4092 -66.13 46.39 16.64
CA GLN A 4092 -66.77 46.27 15.34
C GLN A 4092 -66.95 44.81 14.94
N GLU A 4093 -67.30 43.96 15.90
CA GLU A 4093 -67.43 42.54 15.67
C GLU A 4093 -68.67 42.03 16.39
N PRO A 4094 -69.26 40.93 15.92
CA PRO A 4094 -70.36 40.31 16.67
C PRO A 4094 -69.88 39.73 17.98
N GLU A 4095 -70.75 39.77 18.99
CA GLU A 4095 -70.36 39.36 20.32
C GLU A 4095 -70.25 37.86 20.48
N SER A 4096 -70.72 37.07 19.51
CA SER A 4096 -70.62 35.63 19.61
C SER A 4096 -70.52 35.04 18.21
N GLY A 4097 -69.93 33.86 18.13
CA GLY A 4097 -69.75 33.20 16.84
C GLY A 4097 -68.61 33.72 16.01
N LEU A 4098 -67.46 33.95 16.63
CA LEU A 4098 -66.29 34.45 15.91
C LEU A 4098 -65.46 33.28 15.42
N SER A 4099 -64.23 33.56 14.97
CA SER A 4099 -63.27 32.54 14.60
C SER A 4099 -61.95 32.82 15.29
N GLU A 4100 -60.97 31.95 15.07
CA GLU A 4100 -59.73 31.99 15.85
C GLU A 4100 -58.90 33.23 15.52
N GLU A 4101 -58.76 33.54 14.24
CA GLU A 4101 -57.88 34.63 13.84
C GLU A 4101 -58.47 35.98 14.22
N THR A 4102 -59.78 36.16 14.03
CA THR A 4102 -60.38 37.41 14.46
C THR A 4102 -60.48 37.50 15.97
N GLN A 4103 -60.59 36.36 16.64
CA GLN A 4103 -60.64 36.33 18.10
C GLN A 4103 -59.31 36.75 18.70
N VAL A 4104 -58.22 36.21 18.18
CA VAL A 4104 -56.91 36.63 18.64
C VAL A 4104 -56.57 38.02 18.11
N LYS A 4105 -57.24 38.49 17.05
CA LYS A 4105 -57.02 39.85 16.59
C LYS A 4105 -57.61 40.87 17.56
N CYS A 4106 -58.87 40.68 17.95
CA CYS A 4106 -59.43 41.59 18.95
C CYS A 4106 -58.81 41.38 20.32
N LEU A 4107 -58.28 40.18 20.58
CA LEU A 4107 -57.52 39.94 21.80
C LEU A 4107 -56.24 40.76 21.83
N MET A 4108 -55.48 40.74 20.74
CA MET A 4108 -54.25 41.53 20.68
C MET A 4108 -54.55 43.01 20.64
N ASP A 4109 -55.74 43.38 20.15
CA ASP A 4109 -56.14 44.79 20.19
C ASP A 4109 -56.41 45.22 21.63
N GLN A 4110 -57.11 44.37 22.40
CA GLN A 4110 -57.43 44.76 23.77
C GLN A 4110 -56.20 44.72 24.67
N ALA A 4111 -55.20 43.92 24.31
CA ALA A 4111 -54.00 43.87 25.12
C ALA A 4111 -53.21 45.16 25.06
N THR A 4112 -53.26 45.87 23.93
CA THR A 4112 -52.65 47.19 23.80
C THR A 4112 -53.69 48.16 23.24
N ASP A 4113 -54.50 48.69 24.14
CA ASP A 4113 -55.42 49.79 23.86
C ASP A 4113 -55.02 50.84 24.85
N PRO A 4114 -54.42 51.96 24.43
CA PRO A 4114 -53.79 52.88 25.38
C PRO A 4114 -54.76 53.62 26.28
N ASN A 4115 -56.07 53.54 26.01
CA ASN A 4115 -57.05 54.01 26.98
C ASN A 4115 -57.11 53.09 28.19
N ILE A 4116 -56.94 51.78 27.96
CA ILE A 4116 -57.01 50.81 29.05
C ILE A 4116 -55.78 50.93 29.94
N LEU A 4117 -54.59 50.91 29.34
CA LEU A 4117 -53.35 50.91 30.10
C LEU A 4117 -53.09 52.24 30.79
N GLY A 4118 -53.74 53.32 30.35
CA GLY A 4118 -53.61 54.57 31.08
C GLY A 4118 -54.27 54.54 32.43
N ARG A 4119 -55.30 53.70 32.59
CA ARG A 4119 -56.04 53.57 33.85
C ARG A 4119 -55.92 52.14 34.32
N THR A 4120 -54.83 51.83 35.04
CA THR A 4120 -54.65 50.55 35.69
C THR A 4120 -53.74 50.74 36.88
N TRP A 4121 -53.49 49.65 37.61
CA TRP A 4121 -52.86 49.75 38.92
C TRP A 4121 -51.40 50.13 38.79
N GLU A 4122 -50.93 50.98 39.72
CA GLU A 4122 -49.62 51.59 39.62
C GLU A 4122 -48.46 50.63 39.89
N GLY A 4123 -48.74 49.43 40.37
CA GLY A 4123 -47.70 48.44 40.60
C GLY A 4123 -47.72 47.34 39.55
N TRP A 4124 -48.77 47.31 38.74
CA TRP A 4124 -48.85 46.40 37.60
C TRP A 4124 -47.88 46.76 36.49
N GLU A 4125 -47.29 47.97 36.53
CA GLU A 4125 -46.32 48.51 35.61
C GLU A 4125 -46.78 48.47 34.16
N PRO A 4126 -47.72 49.33 33.75
CA PRO A 4126 -48.15 49.31 32.35
C PRO A 4126 -47.20 50.03 31.41
N TRP A 4127 -46.32 50.90 31.91
CA TRP A 4127 -45.48 51.72 31.07
C TRP A 4127 -44.14 51.07 30.74
N MET A 4128 -44.00 49.77 30.98
CA MET A 4128 -42.73 49.11 30.75
C MET A 4128 -42.92 47.65 30.37
N LYS B 31 25.43 10.16 -49.05
CA LYS B 31 24.58 9.22 -48.35
C LYS B 31 23.68 8.43 -49.28
N TYR B 32 22.91 7.52 -48.71
CA TYR B 32 21.99 6.68 -49.47
C TYR B 32 20.55 7.09 -49.28
N SER B 33 20.10 7.31 -48.05
CA SER B 33 18.79 7.89 -47.80
C SER B 33 18.95 9.38 -47.51
N GLY B 34 19.41 10.10 -48.52
CA GLY B 34 19.50 11.54 -48.43
C GLY B 34 18.79 12.22 -49.58
N ARG B 35 17.71 12.94 -49.29
CA ARG B 35 16.91 13.56 -50.33
C ARG B 35 17.33 15.00 -50.53
N ASP B 36 16.87 15.58 -51.63
CA ASP B 36 17.30 16.89 -52.08
C ASP B 36 16.11 17.76 -52.42
N SER B 37 16.29 19.07 -52.26
CA SER B 37 15.16 19.99 -52.20
C SER B 37 15.34 21.11 -53.21
N LEU B 38 14.23 21.79 -53.49
CA LEU B 38 14.22 22.91 -54.44
C LEU B 38 13.07 23.85 -54.13
N ILE B 39 13.39 25.12 -53.93
CA ILE B 39 12.41 26.18 -53.73
C ILE B 39 12.40 27.04 -55.00
N PHE B 40 11.23 27.21 -55.60
CA PHE B 40 11.07 28.04 -56.78
C PHE B 40 10.61 29.44 -56.37
N LEU B 41 11.49 30.42 -56.52
CA LEU B 41 11.23 31.80 -56.12
C LEU B 41 10.82 32.60 -57.35
N VAL B 42 9.62 33.17 -57.32
CA VAL B 42 9.02 33.83 -58.47
C VAL B 42 8.88 35.32 -58.18
N ASP B 43 9.37 36.15 -59.10
CA ASP B 43 9.28 37.61 -59.02
C ASP B 43 8.05 38.08 -59.79
N ALA B 44 7.12 38.71 -59.07
CA ALA B 44 6.02 39.44 -59.69
C ALA B 44 5.93 40.81 -59.03
N SER B 45 6.75 41.75 -59.49
CA SER B 45 6.72 43.06 -58.86
C SER B 45 5.88 44.07 -59.62
N LYS B 46 6.33 44.47 -60.80
CA LYS B 46 5.61 45.51 -61.54
C LYS B 46 5.37 45.18 -63.01
N ALA B 47 6.35 44.58 -63.68
CA ALA B 47 6.35 44.52 -65.13
C ALA B 47 6.28 43.12 -65.71
N MET B 48 6.75 42.10 -64.98
CA MET B 48 6.65 40.74 -65.47
C MET B 48 5.21 40.26 -65.45
N PHE B 49 4.41 40.79 -64.53
CA PHE B 49 2.97 40.61 -64.60
C PHE B 49 2.39 41.31 -65.82
N GLU B 50 3.04 42.39 -66.26
CA GLU B 50 2.71 43.05 -67.52
C GLU B 50 3.26 42.21 -68.68
N SER B 51 2.84 42.52 -69.90
CA SER B 51 3.38 41.83 -71.06
C SER B 51 4.71 42.40 -71.54
N GLN B 52 5.27 43.37 -70.80
CA GLN B 52 6.52 44.07 -71.12
C GLN B 52 6.48 44.69 -72.51
N SER B 53 5.32 45.25 -72.86
CA SER B 53 5.05 45.90 -74.16
C SER B 53 5.31 44.96 -75.33
N GLU B 54 4.97 43.69 -75.16
CA GLU B 54 5.18 42.68 -76.18
C GLU B 54 3.85 42.05 -76.56
N ASP B 55 3.90 41.29 -77.66
CA ASP B 55 2.76 40.51 -78.14
C ASP B 55 3.17 39.07 -78.44
N GLU B 56 4.26 38.60 -77.83
CA GLU B 56 4.84 37.31 -78.14
C GLU B 56 4.75 36.33 -76.97
N LEU B 57 5.28 36.70 -75.80
CA LEU B 57 5.40 35.75 -74.70
C LEU B 57 5.53 36.50 -73.38
N THR B 58 4.69 36.16 -72.41
CA THR B 58 4.77 36.84 -71.13
C THR B 58 5.59 36.03 -70.13
N PRO B 59 6.45 36.72 -69.37
CA PRO B 59 7.41 36.00 -68.52
C PRO B 59 6.77 35.28 -67.35
N PHE B 60 5.65 35.79 -66.84
CA PHE B 60 4.97 35.15 -65.72
C PHE B 60 4.42 33.77 -66.10
N ASP B 61 3.69 33.71 -67.22
CA ASP B 61 3.18 32.44 -67.70
C ASP B 61 4.29 31.55 -68.22
N MET B 62 5.39 32.15 -68.68
CA MET B 62 6.58 31.38 -69.04
C MET B 62 7.16 30.66 -67.82
N SER B 63 7.28 31.38 -66.71
CA SER B 63 7.84 30.80 -65.49
C SER B 63 6.91 29.75 -64.89
N ILE B 64 5.60 29.97 -64.96
CA ILE B 64 4.65 28.98 -64.46
C ILE B 64 4.68 27.73 -65.33
N GLN B 65 4.87 27.91 -66.64
CA GLN B 65 5.07 26.77 -67.54
C GLN B 65 6.32 25.99 -67.16
N CYS B 66 7.39 26.68 -66.81
CA CYS B 66 8.63 25.98 -66.48
C CYS B 66 8.54 25.24 -65.14
N ILE B 67 7.90 25.84 -64.15
CA ILE B 67 7.70 25.17 -62.86
C ILE B 67 6.82 23.94 -62.99
N GLN B 68 5.74 24.05 -63.77
CA GLN B 68 4.86 22.91 -64.01
C GLN B 68 5.58 21.81 -64.78
N SER B 69 6.47 22.19 -65.71
CA SER B 69 7.24 21.20 -66.45
C SER B 69 8.22 20.47 -65.54
N VAL B 70 8.84 21.19 -64.60
CA VAL B 70 9.78 20.55 -63.68
C VAL B 70 9.07 19.57 -62.76
N TYR B 71 7.88 19.94 -62.26
CA TYR B 71 7.11 19.02 -61.44
C TYR B 71 6.65 17.78 -62.21
N ILE B 72 6.25 17.98 -63.47
CA ILE B 72 5.81 16.86 -64.31
C ILE B 72 6.95 15.89 -64.59
N SER B 73 8.16 16.43 -64.81
CA SER B 73 9.31 15.56 -65.04
C SER B 73 9.70 14.82 -63.77
N LYS B 74 9.72 15.50 -62.63
CA LYS B 74 10.23 14.86 -61.42
C LYS B 74 9.21 14.00 -60.71
N ILE B 75 7.92 14.07 -61.06
CA ILE B 75 6.97 13.20 -60.38
C ILE B 75 7.02 11.78 -60.92
N ILE B 76 7.61 11.59 -62.10
CA ILE B 76 7.83 10.25 -62.61
C ILE B 76 9.30 9.91 -62.69
N SER B 77 10.19 10.90 -62.59
CA SER B 77 11.61 10.59 -62.64
C SER B 77 12.18 10.25 -61.26
N SER B 78 11.96 11.11 -60.28
CA SER B 78 12.70 11.04 -59.02
C SER B 78 11.78 11.25 -57.82
N ASP B 79 10.69 10.48 -57.75
CA ASP B 79 9.54 10.84 -56.93
C ASP B 79 9.71 10.65 -55.42
N ARG B 80 10.76 11.21 -54.86
CA ARG B 80 10.85 11.31 -53.42
C ARG B 80 11.48 12.61 -52.97
N ASP B 81 11.79 13.51 -53.88
CA ASP B 81 12.54 14.70 -53.53
C ASP B 81 11.59 15.76 -52.96
N LEU B 82 12.13 16.94 -52.66
CA LEU B 82 11.35 17.97 -51.99
C LEU B 82 11.23 19.19 -52.88
N LEU B 83 10.00 19.66 -53.07
CA LEU B 83 9.75 20.75 -54.01
C LEU B 83 8.76 21.75 -53.44
N ALA B 84 9.02 23.04 -53.66
CA ALA B 84 8.11 24.06 -53.16
C ALA B 84 8.10 25.28 -54.08
N VAL B 85 7.05 26.10 -53.94
CA VAL B 85 6.90 27.33 -54.72
C VAL B 85 6.63 28.51 -53.78
N VAL B 86 7.33 29.62 -54.02
CA VAL B 86 7.17 30.86 -53.28
C VAL B 86 7.15 32.02 -54.28
N PHE B 87 6.21 32.95 -54.10
CA PHE B 87 6.19 34.21 -54.83
C PHE B 87 6.61 35.35 -53.90
N TYR B 88 7.33 36.33 -54.43
CA TYR B 88 7.65 37.49 -53.62
C TYR B 88 7.34 38.77 -54.39
N GLY B 89 6.97 39.80 -53.65
CA GLY B 89 6.58 41.07 -54.22
C GLY B 89 5.09 41.26 -54.40
N THR B 90 4.27 40.28 -54.01
CA THR B 90 2.84 40.38 -54.20
C THR B 90 2.22 41.32 -53.18
N GLU B 91 0.93 41.62 -53.38
CA GLU B 91 0.24 42.57 -52.51
C GLU B 91 -0.02 41.96 -51.14
N LYS B 92 -0.46 40.71 -51.09
CA LYS B 92 -0.74 40.03 -49.84
C LYS B 92 0.55 39.60 -49.15
N ASP B 93 0.41 38.94 -48.00
CA ASP B 93 1.55 38.39 -47.26
C ASP B 93 1.10 37.28 -46.33
N LYS B 94 1.75 36.13 -46.44
CA LYS B 94 1.49 35.02 -45.53
C LYS B 94 2.72 34.12 -45.49
N ASN B 95 3.26 33.93 -44.29
CA ASN B 95 4.35 33.01 -44.04
C ASN B 95 4.31 32.65 -42.57
N SER B 96 5.38 32.02 -42.08
CA SER B 96 5.39 31.55 -40.70
C SER B 96 5.68 32.67 -39.70
N VAL B 97 6.30 33.76 -40.12
CA VAL B 97 6.66 34.85 -39.22
C VAL B 97 6.05 36.19 -39.61
N ASN B 98 5.18 36.22 -40.63
CA ASN B 98 4.38 37.38 -41.03
C ASN B 98 5.26 38.58 -41.40
N PHE B 99 6.01 38.38 -42.49
CA PHE B 99 6.65 39.49 -43.19
C PHE B 99 5.65 40.23 -44.08
N LYS B 100 6.17 41.20 -44.83
CA LYS B 100 5.37 41.99 -45.76
C LYS B 100 5.70 41.61 -47.19
N ASN B 101 4.65 41.39 -47.99
CA ASN B 101 4.75 41.14 -49.43
C ASN B 101 5.53 39.86 -49.76
N ILE B 102 5.43 38.85 -48.91
CA ILE B 102 5.98 37.52 -49.17
C ILE B 102 4.84 36.50 -49.00
N TYR B 103 4.61 35.67 -50.01
CA TYR B 103 3.48 34.75 -49.97
C TYR B 103 3.89 33.42 -50.58
N VAL B 104 3.60 32.33 -49.88
CA VAL B 104 3.89 30.99 -50.34
C VAL B 104 2.61 30.33 -50.80
N LEU B 105 2.75 29.28 -51.58
CA LEU B 105 1.61 28.56 -52.11
C LEU B 105 1.59 27.09 -51.74
N GLN B 106 2.74 26.43 -51.76
CA GLN B 106 2.87 25.05 -51.35
C GLN B 106 4.01 24.93 -50.34
N GLU B 107 4.19 23.73 -49.80
CA GLU B 107 5.27 23.49 -48.84
C GLU B 107 6.03 22.22 -49.17
N LEU B 108 7.22 22.12 -48.56
CA LEU B 108 8.24 21.13 -48.90
C LEU B 108 7.76 19.70 -48.69
N ASP B 109 7.55 19.01 -49.80
CA ASP B 109 7.03 17.65 -49.80
C ASP B 109 7.37 17.01 -51.14
N ASN B 110 6.81 15.83 -51.36
CA ASN B 110 6.88 15.16 -52.64
C ASN B 110 6.03 15.88 -53.66
N PRO B 111 6.31 15.70 -54.94
CA PRO B 111 5.41 16.22 -55.98
C PRO B 111 4.07 15.51 -55.97
N GLY B 112 3.00 16.29 -56.10
CA GLY B 112 1.65 15.76 -55.98
C GLY B 112 0.74 16.26 -57.08
N ALA B 113 -0.18 15.38 -57.49
CA ALA B 113 -1.14 15.71 -58.55
C ALA B 113 -2.07 16.82 -58.11
N LYS B 114 -2.47 16.83 -56.83
CA LYS B 114 -3.29 17.91 -56.30
C LYS B 114 -2.53 19.22 -56.35
N ARG B 115 -1.22 19.19 -56.12
CA ARG B 115 -0.47 20.43 -56.09
C ARG B 115 -0.22 20.97 -57.49
N ILE B 116 -0.05 20.11 -58.51
CA ILE B 116 0.06 20.68 -59.84
C ILE B 116 -1.30 21.13 -60.37
N LEU B 117 -2.39 20.47 -59.95
CA LEU B 117 -3.71 20.96 -60.35
C LEU B 117 -4.12 22.20 -59.59
N GLU B 118 -3.44 22.51 -58.47
CA GLU B 118 -3.60 23.83 -57.89
C GLU B 118 -2.72 24.85 -58.60
N LEU B 119 -1.52 24.43 -59.02
CA LEU B 119 -0.57 25.37 -59.62
C LEU B 119 -1.01 25.85 -61.00
N ASP B 120 -1.63 24.99 -61.80
CA ASP B 120 -1.86 25.33 -63.20
C ASP B 120 -3.00 26.33 -63.43
N GLN B 121 -3.53 26.98 -62.39
CA GLN B 121 -4.60 27.94 -62.58
C GLN B 121 -4.12 29.30 -63.06
N PHE B 122 -2.81 29.53 -63.14
CA PHE B 122 -2.26 30.86 -63.43
C PHE B 122 -1.78 30.98 -64.86
N LYS B 123 -2.52 30.41 -65.82
CA LYS B 123 -2.13 30.45 -67.22
C LYS B 123 -2.92 31.51 -67.97
N GLY B 124 -2.25 32.20 -68.88
CA GLY B 124 -2.88 33.23 -69.69
C GLY B 124 -3.20 34.49 -68.92
N GLN B 125 -3.80 35.44 -69.63
CA GLN B 125 -4.26 36.68 -69.01
C GLN B 125 -5.41 36.42 -68.04
N GLN B 126 -6.22 35.40 -68.30
CA GLN B 126 -7.29 35.04 -67.37
C GLN B 126 -6.71 34.49 -66.07
N GLY B 127 -5.65 33.69 -66.15
CA GLY B 127 -4.96 33.28 -64.95
C GLY B 127 -4.24 34.42 -64.27
N GLN B 128 -3.78 35.40 -65.04
CA GLN B 128 -3.17 36.59 -64.46
C GLN B 128 -4.17 37.39 -63.64
N LYS B 129 -5.38 37.57 -64.16
CA LYS B 129 -6.40 38.29 -63.41
C LYS B 129 -6.90 37.47 -62.23
N ARG B 130 -6.91 36.13 -62.36
CA ARG B 130 -7.24 35.28 -61.22
C ARG B 130 -6.18 35.39 -60.14
N PHE B 131 -4.91 35.53 -60.54
CA PHE B 131 -3.83 35.80 -59.60
C PHE B 131 -4.00 37.15 -58.95
N GLN B 132 -4.48 38.13 -59.71
CA GLN B 132 -4.70 39.48 -59.17
C GLN B 132 -5.82 39.47 -58.11
N ASP B 133 -6.91 38.75 -58.36
CA ASP B 133 -7.93 38.70 -57.33
C ASP B 133 -7.60 37.72 -56.21
N MET B 134 -6.68 36.78 -56.44
CA MET B 134 -6.30 35.87 -55.36
C MET B 134 -5.36 36.55 -54.38
N MET B 135 -4.31 37.20 -54.87
CA MET B 135 -3.44 37.95 -53.98
C MET B 135 -3.04 39.32 -54.48
N GLY B 136 -3.18 39.63 -55.77
CA GLY B 136 -2.89 40.96 -56.26
C GLY B 136 -1.42 41.18 -56.53
N HIS B 137 -1.10 41.68 -57.71
CA HIS B 137 0.29 41.99 -58.02
C HIS B 137 0.57 43.44 -57.67
N GLY B 138 1.85 43.72 -57.44
CA GLY B 138 2.26 45.09 -57.26
C GLY B 138 2.24 45.49 -55.81
N SER B 139 3.42 45.64 -55.23
CA SER B 139 3.61 46.18 -53.89
C SER B 139 5.07 46.61 -53.76
N ASP B 140 5.43 47.10 -52.59
CA ASP B 140 6.82 47.41 -52.29
C ASP B 140 7.51 46.10 -51.99
N TYR B 141 8.20 45.54 -52.97
CA TYR B 141 8.94 44.30 -52.73
C TYR B 141 10.16 44.61 -51.88
N SER B 142 10.35 43.80 -50.84
CA SER B 142 11.52 43.92 -49.99
C SER B 142 12.68 43.17 -50.61
N LEU B 143 13.67 42.84 -49.80
CA LEU B 143 14.89 42.18 -50.21
C LEU B 143 15.11 40.99 -49.28
N SER B 144 16.36 40.65 -49.02
CA SER B 144 16.88 39.38 -48.48
C SER B 144 16.06 38.63 -47.43
N GLU B 145 15.09 39.29 -46.79
CA GLU B 145 14.19 38.57 -45.88
C GLU B 145 13.32 37.55 -46.62
N VAL B 146 13.15 37.69 -47.93
CA VAL B 146 12.62 36.59 -48.73
C VAL B 146 13.56 35.37 -48.67
N LEU B 147 14.88 35.59 -48.74
CA LEU B 147 15.82 34.49 -48.62
C LEU B 147 15.82 33.92 -47.20
N TRP B 148 15.56 34.78 -46.22
CA TRP B 148 15.33 34.34 -44.84
C TRP B 148 14.14 33.39 -44.77
N VAL B 149 13.06 33.68 -45.50
CA VAL B 149 11.91 32.78 -45.50
C VAL B 149 12.25 31.47 -46.21
N CYS B 150 13.06 31.51 -47.26
CA CYS B 150 13.53 30.27 -47.87
C CYS B 150 14.41 29.47 -46.91
N ALA B 151 15.19 30.16 -46.08
CA ALA B 151 16.00 29.48 -45.08
C ALA B 151 15.14 28.82 -44.01
N ASN B 152 14.06 29.50 -43.60
CA ASN B 152 13.16 28.90 -42.63
C ASN B 152 12.35 27.76 -43.22
N LEU B 153 12.18 27.71 -44.54
CA LEU B 153 11.61 26.53 -45.15
C LEU B 153 12.61 25.37 -45.21
N PHE B 154 13.88 25.68 -45.47
CA PHE B 154 14.90 24.64 -45.49
C PHE B 154 15.18 24.07 -44.12
N SER B 155 15.03 24.87 -43.06
CA SER B 155 15.45 24.42 -41.74
C SER B 155 14.49 23.37 -41.18
N ASP B 156 13.24 23.75 -40.99
CA ASP B 156 12.28 22.90 -40.28
C ASP B 156 11.78 21.79 -41.19
N VAL B 157 12.63 20.78 -41.37
CA VAL B 157 12.21 19.51 -41.95
C VAL B 157 12.99 18.40 -41.25
N GLN B 158 12.28 17.36 -40.82
CA GLN B 158 12.89 16.26 -40.08
C GLN B 158 13.20 15.13 -41.05
N PHE B 159 14.26 15.34 -41.81
CA PHE B 159 14.75 14.39 -42.80
C PHE B 159 16.25 14.59 -42.94
N LYS B 160 16.81 14.07 -44.02
CA LYS B 160 18.21 14.27 -44.37
C LYS B 160 18.30 14.95 -45.72
N MET B 161 19.19 15.93 -45.83
CA MET B 161 19.24 16.77 -47.03
C MET B 161 20.64 16.75 -47.63
N SER B 162 20.71 16.46 -48.93
CA SER B 162 21.95 16.34 -49.67
C SER B 162 22.28 17.58 -50.49
N HIS B 163 21.32 18.11 -51.23
CA HIS B 163 21.55 19.28 -52.07
C HIS B 163 20.49 20.35 -51.79
N LYS B 164 20.96 21.58 -51.57
CA LYS B 164 20.11 22.71 -51.21
C LYS B 164 20.34 23.84 -52.22
N ARG B 165 19.44 23.97 -53.20
CA ARG B 165 19.53 24.99 -54.24
C ARG B 165 18.23 25.79 -54.33
N ILE B 166 18.36 27.05 -54.73
CA ILE B 166 17.25 27.99 -54.82
C ILE B 166 17.19 28.54 -56.23
N MET B 167 16.11 28.24 -56.95
CA MET B 167 15.91 28.73 -58.32
C MET B 167 15.15 30.04 -58.27
N LEU B 168 15.75 31.10 -58.80
CA LEU B 168 15.19 32.44 -58.76
C LEU B 168 14.75 32.84 -60.16
N PHE B 169 13.46 33.05 -60.33
CA PHE B 169 12.87 33.48 -61.60
C PHE B 169 12.66 34.98 -61.56
N THR B 170 13.58 35.74 -62.15
CA THR B 170 13.47 37.19 -62.11
C THR B 170 14.16 37.79 -63.34
N ASN B 171 13.87 39.07 -63.57
CA ASN B 171 14.43 39.82 -64.69
C ASN B 171 15.26 41.01 -64.26
N GLU B 172 14.92 41.64 -63.13
CA GLU B 172 15.61 42.83 -62.67
C GLU B 172 17.00 42.47 -62.20
N ASP B 173 18.01 43.12 -62.77
CA ASP B 173 19.40 42.83 -62.42
C ASP B 173 20.03 43.94 -61.60
N ASN B 174 19.21 44.82 -61.00
CA ASN B 174 19.67 45.85 -60.08
C ASN B 174 18.52 46.24 -59.16
N PRO B 175 18.27 45.51 -58.07
CA PRO B 175 17.07 45.79 -57.28
C PRO B 175 17.27 46.87 -56.22
N HIS B 176 18.38 47.62 -56.32
CA HIS B 176 18.72 48.59 -55.29
C HIS B 176 18.79 50.00 -55.86
N GLY B 177 17.80 50.36 -56.67
CA GLY B 177 17.79 51.66 -57.33
C GLY B 177 17.66 52.86 -56.41
N ASN B 178 17.31 52.65 -55.14
CA ASN B 178 17.07 53.77 -54.23
C ASN B 178 17.72 53.65 -52.86
N ASP B 179 18.17 52.46 -52.44
CA ASP B 179 18.72 52.29 -51.11
C ASP B 179 19.97 51.44 -51.13
N SER B 180 20.94 51.81 -50.31
CA SER B 180 22.14 51.01 -50.12
C SER B 180 22.03 50.05 -48.96
N ALA B 181 21.14 50.33 -48.00
CA ALA B 181 21.00 49.47 -46.82
C ALA B 181 20.45 48.10 -47.19
N LYS B 182 19.41 48.07 -48.04
CA LYS B 182 18.87 46.80 -48.49
C LYS B 182 19.84 46.07 -49.41
N ALA B 183 20.66 46.82 -50.16
CA ALA B 183 21.71 46.20 -50.96
C ALA B 183 22.75 45.52 -50.08
N SER B 184 23.18 46.20 -49.01
CA SER B 184 24.16 45.62 -48.10
C SER B 184 23.59 44.43 -47.34
N ARG B 185 22.32 44.52 -46.92
CA ARG B 185 21.71 43.40 -46.23
C ARG B 185 21.48 42.22 -47.17
N ALA B 186 21.23 42.48 -48.45
CA ALA B 186 21.13 41.39 -49.41
C ALA B 186 22.47 40.70 -49.61
N ARG B 187 23.53 41.49 -49.82
CA ARG B 187 24.83 40.88 -50.08
C ARG B 187 25.45 40.27 -48.82
N THR B 188 24.95 40.63 -47.63
CA THR B 188 25.40 39.99 -46.40
C THR B 188 24.60 38.72 -46.09
N LYS B 189 23.27 38.77 -46.22
CA LYS B 189 22.45 37.60 -45.94
C LYS B 189 22.66 36.50 -46.97
N ALA B 190 23.01 36.85 -48.20
CA ALA B 190 23.32 35.81 -49.18
C ALA B 190 24.60 35.08 -48.84
N GLY B 191 25.63 35.80 -48.39
CA GLY B 191 26.83 35.15 -47.90
C GLY B 191 26.60 34.36 -46.64
N ASP B 192 25.66 34.81 -45.80
CA ASP B 192 25.31 34.05 -44.60
C ASP B 192 24.62 32.74 -44.95
N LEU B 193 23.75 32.75 -45.94
CA LEU B 193 23.18 31.49 -46.43
C LEU B 193 24.23 30.65 -47.14
N ARG B 194 25.25 31.28 -47.71
CA ARG B 194 26.34 30.52 -48.31
C ARG B 194 27.24 29.90 -47.25
N ASP B 195 27.24 30.46 -46.05
CA ASP B 195 28.13 29.95 -45.01
C ASP B 195 27.72 28.57 -44.54
N THR B 196 26.42 28.31 -44.40
CA THR B 196 25.94 26.98 -44.02
C THR B 196 25.59 26.11 -45.23
N GLY B 197 26.15 26.43 -46.40
CA GLY B 197 25.95 25.63 -47.58
C GLY B 197 24.56 25.67 -48.16
N ILE B 198 24.14 26.82 -48.71
CA ILE B 198 22.95 26.92 -49.55
C ILE B 198 23.36 27.59 -50.85
N PHE B 199 22.88 27.08 -51.97
CA PHE B 199 23.31 27.52 -53.29
C PHE B 199 22.11 27.99 -54.11
N LEU B 200 22.06 29.28 -54.42
CA LEU B 200 21.02 29.82 -55.30
C LEU B 200 21.60 30.05 -56.69
N ASP B 201 20.73 29.98 -57.67
CA ASP B 201 21.15 30.13 -59.07
C ASP B 201 19.95 30.68 -59.84
N LEU B 202 19.97 31.97 -60.15
CA LEU B 202 18.84 32.59 -60.82
C LEU B 202 18.81 32.18 -62.29
N MET B 203 17.64 31.72 -62.73
CA MET B 203 17.42 31.45 -64.15
C MET B 203 17.00 32.77 -64.79
N HIS B 204 17.90 33.37 -65.55
CA HIS B 204 17.76 34.76 -65.95
C HIS B 204 16.68 34.94 -67.03
N LEU B 205 15.91 36.01 -66.90
CA LEU B 205 14.90 36.35 -67.88
C LEU B 205 15.51 37.25 -68.95
N LYS B 206 14.67 37.83 -69.80
CA LYS B 206 15.14 38.62 -70.93
C LYS B 206 14.31 39.90 -71.07
N LYS B 207 15.01 41.04 -71.21
CA LYS B 207 14.33 42.30 -71.45
C LYS B 207 13.96 42.49 -72.93
N PRO B 208 14.85 42.25 -73.94
CA PRO B 208 14.36 42.29 -75.32
C PRO B 208 14.04 40.92 -75.93
N GLY B 209 14.40 39.83 -75.25
CA GLY B 209 14.24 38.50 -75.81
C GLY B 209 15.52 37.69 -75.75
N GLY B 210 16.66 38.37 -75.67
CA GLY B 210 17.93 37.73 -75.50
C GLY B 210 18.68 38.32 -74.32
N PHE B 211 19.87 37.76 -74.07
CA PHE B 211 20.75 38.25 -73.02
C PHE B 211 21.28 39.62 -73.42
N ASP B 212 20.84 40.66 -72.72
CA ASP B 212 21.38 42.00 -72.92
C ASP B 212 21.61 42.79 -71.63
N ILE B 213 21.06 42.36 -70.50
CA ILE B 213 21.29 43.04 -69.25
C ILE B 213 22.58 42.49 -68.64
N SER B 214 23.71 43.03 -69.08
CA SER B 214 25.03 42.57 -68.65
C SER B 214 25.39 43.26 -67.34
N LEU B 215 24.84 42.75 -66.25
CA LEU B 215 25.04 43.35 -64.95
C LEU B 215 25.82 42.43 -64.03
N PHE B 216 26.24 43.07 -62.93
CA PHE B 216 27.29 42.61 -61.98
C PHE B 216 26.87 41.79 -60.75
N TYR B 217 26.06 40.77 -60.87
CA TYR B 217 25.86 39.84 -59.75
C TYR B 217 27.05 38.92 -59.58
N ARG B 218 28.17 39.46 -59.12
CA ARG B 218 29.38 38.70 -58.84
C ARG B 218 29.54 38.45 -57.35
N ASP B 219 28.48 38.66 -56.58
CA ASP B 219 28.47 38.41 -55.15
C ASP B 219 27.44 37.38 -54.72
N ILE B 220 26.20 37.51 -55.20
CA ILE B 220 25.11 36.69 -54.70
C ILE B 220 25.20 35.29 -55.28
N ILE B 221 25.15 35.19 -56.61
CA ILE B 221 25.11 33.90 -57.27
C ILE B 221 26.48 33.22 -57.15
N SER B 222 26.49 31.90 -57.34
CA SER B 222 27.66 31.07 -57.17
C SER B 222 28.80 31.42 -58.11
N SER B 237 17.71 32.88 -69.58
CA SER B 237 18.95 32.37 -70.15
C SER B 237 18.68 31.08 -70.92
N LYS B 238 18.96 29.95 -70.28
CA LYS B 238 18.74 28.63 -70.89
C LYS B 238 17.73 27.88 -70.05
N LEU B 239 16.52 27.71 -70.59
CA LEU B 239 15.43 27.08 -69.86
C LEU B 239 14.88 25.86 -70.57
N GLU B 240 15.45 25.48 -71.72
CA GLU B 240 15.02 24.26 -72.39
C GLU B 240 15.38 23.00 -71.60
N ASP B 241 16.40 23.09 -70.74
CA ASP B 241 16.71 21.98 -69.86
C ASP B 241 15.68 21.83 -68.75
N LEU B 242 15.16 22.96 -68.26
CA LEU B 242 14.03 22.90 -67.35
C LEU B 242 12.74 22.52 -68.07
N LEU B 243 12.71 22.65 -69.39
CA LEU B 243 11.53 22.29 -70.16
C LEU B 243 11.44 20.79 -70.45
N ARG B 244 12.47 20.23 -71.09
CA ARG B 244 12.28 19.07 -71.96
C ARG B 244 12.68 17.72 -71.36
N LYS B 245 14.02 17.63 -71.33
CA LYS B 245 14.96 16.48 -71.12
C LYS B 245 15.00 15.72 -69.78
N VAL B 246 13.92 15.46 -69.06
CA VAL B 246 14.09 14.54 -67.94
C VAL B 246 12.76 13.80 -67.79
N ARG B 247 12.14 13.51 -68.92
CA ARG B 247 10.85 12.81 -68.90
C ARG B 247 10.95 11.37 -68.40
N ALA B 248 12.11 10.73 -68.53
CA ALA B 248 12.25 9.36 -68.06
C ALA B 248 13.67 9.12 -67.58
N LYS B 249 13.81 8.78 -66.31
CA LYS B 249 15.05 8.51 -65.57
C LYS B 249 14.63 8.06 -64.19
N GLU B 250 15.56 7.44 -63.46
CA GLU B 250 15.37 7.15 -62.04
C GLU B 250 16.69 7.43 -61.32
N THR B 251 16.65 7.41 -59.99
CA THR B 251 17.79 7.81 -59.16
C THR B 251 18.07 6.75 -58.11
N ARG B 252 19.34 6.32 -57.99
CA ARG B 252 19.78 5.32 -57.02
C ARG B 252 21.30 5.28 -57.02
N LYS B 253 21.87 4.58 -56.02
CA LYS B 253 23.21 3.96 -56.12
C LYS B 253 23.32 2.87 -55.06
N ARG B 254 23.37 1.60 -55.49
CA ARG B 254 23.48 0.47 -54.56
C ARG B 254 24.51 -0.52 -55.09
N ALA B 255 24.67 -1.64 -54.39
CA ALA B 255 25.84 -2.50 -54.54
C ALA B 255 25.56 -3.93 -54.98
N LEU B 256 24.38 -4.47 -54.69
CA LEU B 256 23.83 -5.73 -55.19
C LEU B 256 24.48 -7.01 -54.69
N SER B 257 25.71 -6.95 -54.18
CA SER B 257 26.42 -8.10 -53.61
C SER B 257 27.75 -7.64 -53.04
N ARG B 258 28.13 -8.24 -51.92
CA ARG B 258 29.44 -8.01 -51.32
C ARG B 258 30.08 -9.37 -51.09
N LEU B 259 31.13 -9.69 -51.85
CA LEU B 259 31.65 -11.04 -51.92
C LEU B 259 33.14 -11.02 -51.62
N LYS B 260 33.73 -12.21 -51.60
CA LYS B 260 35.16 -12.39 -51.38
C LYS B 260 35.76 -13.19 -52.51
N LEU B 261 36.98 -12.81 -52.88
CA LEU B 261 37.76 -13.44 -53.93
C LEU B 261 38.90 -14.20 -53.28
N LYS B 262 39.00 -15.49 -53.61
CA LYS B 262 39.98 -16.39 -53.01
C LYS B 262 41.02 -16.72 -54.05
N LEU B 263 42.25 -16.29 -53.80
CA LEU B 263 43.35 -16.53 -54.75
C LEU B 263 43.80 -17.98 -54.70
N ASN B 264 44.39 -18.41 -53.58
CA ASN B 264 44.76 -19.82 -53.51
C ASN B 264 43.69 -20.61 -52.76
N LYS B 265 43.73 -20.53 -51.43
CA LYS B 265 42.73 -21.09 -50.54
C LYS B 265 42.59 -20.20 -49.32
N ASP B 266 43.60 -19.35 -49.13
CA ASP B 266 43.85 -18.76 -47.83
C ASP B 266 44.22 -17.28 -47.92
N ILE B 267 44.29 -16.73 -49.12
CA ILE B 267 44.62 -15.33 -49.35
C ILE B 267 43.44 -14.70 -50.09
N VAL B 268 42.53 -14.10 -49.33
CA VAL B 268 41.26 -13.64 -49.86
C VAL B 268 41.17 -12.12 -49.74
N ILE B 269 40.29 -11.55 -50.56
CA ILE B 269 40.20 -10.11 -50.76
C ILE B 269 38.74 -9.75 -50.99
N SER B 270 38.26 -8.70 -50.34
CA SER B 270 36.85 -8.33 -50.41
C SER B 270 36.56 -7.44 -51.59
N VAL B 271 35.49 -7.75 -52.31
CA VAL B 271 35.04 -6.94 -53.44
C VAL B 271 33.54 -6.72 -53.33
N GLY B 272 33.07 -5.66 -53.97
CA GLY B 272 31.65 -5.39 -54.12
C GLY B 272 31.29 -5.45 -55.60
N ILE B 273 30.18 -6.13 -55.91
CA ILE B 273 29.86 -6.41 -57.30
C ILE B 273 28.72 -5.54 -57.79
N TYR B 274 29.04 -4.36 -58.34
CA TYR B 274 28.01 -3.41 -58.71
C TYR B 274 27.42 -3.74 -60.08
N ASN B 275 26.27 -3.13 -60.35
CA ASN B 275 25.55 -3.25 -61.59
C ASN B 275 25.66 -1.95 -62.39
N LEU B 276 25.54 -2.05 -63.69
CA LEU B 276 25.60 -0.84 -64.50
C LEU B 276 24.41 -0.65 -65.42
N VAL B 277 23.89 -1.72 -66.01
CA VAL B 277 22.67 -1.68 -66.80
C VAL B 277 21.68 -2.69 -66.20
N GLN B 278 20.41 -2.30 -66.08
CA GLN B 278 19.49 -3.16 -65.35
C GLN B 278 18.09 -3.29 -65.95
N LYS B 279 17.83 -2.76 -67.15
CA LYS B 279 16.61 -3.01 -67.94
C LYS B 279 15.34 -2.57 -67.20
N ALA B 280 15.22 -1.27 -67.03
CA ALA B 280 14.12 -0.72 -66.25
C ALA B 280 12.78 -0.90 -66.95
N LEU B 281 11.76 -1.20 -66.14
CA LEU B 281 10.44 -1.54 -66.64
C LEU B 281 9.38 -0.88 -65.77
N LYS B 282 8.11 -1.02 -66.17
CA LYS B 282 7.05 -0.20 -65.59
C LYS B 282 6.65 -0.69 -64.20
N PRO B 283 6.24 0.22 -63.31
CA PRO B 283 5.90 -0.14 -61.93
C PRO B 283 4.66 -1.04 -61.86
N PRO B 284 4.51 -1.80 -60.77
CA PRO B 284 3.55 -2.92 -60.77
C PRO B 284 2.10 -2.45 -60.63
N PRO B 285 1.14 -3.30 -61.02
CA PRO B 285 -0.29 -2.95 -60.95
C PRO B 285 -0.94 -3.11 -59.58
N ILE B 286 -0.96 -2.05 -58.75
CA ILE B 286 -1.51 -2.15 -57.40
C ILE B 286 -3.01 -2.43 -57.45
N LYS B 287 -3.45 -3.43 -56.72
CA LYS B 287 -4.85 -3.85 -56.75
C LYS B 287 -5.71 -2.88 -55.95
N LEU B 288 -6.96 -2.71 -56.39
CA LEU B 288 -7.83 -1.67 -55.85
C LEU B 288 -9.28 -2.13 -55.89
N TYR B 289 -10.08 -1.59 -54.96
CA TYR B 289 -11.51 -1.87 -54.93
C TYR B 289 -12.25 -0.94 -55.86
N ARG B 290 -13.32 -1.46 -56.48
CA ARG B 290 -14.03 -0.73 -57.53
C ARG B 290 -14.76 0.48 -56.97
N GLU B 291 -15.50 0.30 -55.87
CA GLU B 291 -16.34 1.38 -55.38
C GLU B 291 -15.53 2.44 -54.65
N THR B 292 -14.90 2.06 -53.55
CA THR B 292 -14.35 3.03 -52.61
C THR B 292 -12.90 3.38 -52.91
N ASN B 293 -12.24 2.61 -53.77
CA ASN B 293 -10.87 2.87 -54.27
C ASN B 293 -9.86 2.91 -53.12
N GLU B 294 -9.73 1.79 -52.44
CA GLU B 294 -8.73 1.56 -51.41
C GLU B 294 -8.00 0.26 -51.70
N PRO B 295 -6.84 0.04 -51.09
CA PRO B 295 -6.15 -1.24 -51.29
C PRO B 295 -6.91 -2.43 -50.72
N VAL B 296 -6.74 -3.58 -51.38
CA VAL B 296 -7.59 -4.73 -51.15
C VAL B 296 -7.07 -5.64 -50.06
N LYS B 297 -5.76 -5.94 -50.08
CA LYS B 297 -5.10 -6.91 -49.20
C LYS B 297 -5.72 -8.31 -49.35
N THR B 298 -5.46 -8.91 -50.51
CA THR B 298 -5.83 -10.30 -50.73
C THR B 298 -5.02 -11.24 -49.84
N LYS B 299 -5.56 -12.44 -49.63
CA LYS B 299 -4.87 -13.47 -48.87
C LYS B 299 -5.09 -14.83 -49.52
N THR B 300 -4.08 -15.69 -49.39
CA THR B 300 -4.04 -16.96 -50.08
C THR B 300 -4.15 -18.11 -49.09
N ARG B 301 -4.73 -19.22 -49.53
CA ARG B 301 -4.86 -20.40 -48.69
C ARG B 301 -4.75 -21.64 -49.55
N THR B 302 -4.54 -22.78 -48.89
CA THR B 302 -4.56 -24.08 -49.55
C THR B 302 -5.25 -25.09 -48.65
N PHE B 303 -6.18 -25.85 -49.22
CA PHE B 303 -7.12 -26.61 -48.40
C PHE B 303 -7.74 -27.72 -49.27
N ASN B 304 -8.86 -28.28 -48.79
CA ASN B 304 -9.80 -29.08 -49.58
C ASN B 304 -9.15 -30.39 -50.07
N THR B 305 -8.90 -31.26 -49.09
CA THR B 305 -8.46 -32.63 -49.34
C THR B 305 -9.62 -33.61 -49.34
N SER B 306 -10.77 -33.16 -49.89
CA SER B 306 -12.09 -33.81 -49.85
C SER B 306 -12.61 -33.99 -48.42
N THR B 307 -12.06 -33.21 -47.48
CA THR B 307 -12.54 -33.17 -46.10
C THR B 307 -12.96 -31.77 -45.68
N GLY B 308 -12.75 -30.76 -46.52
CA GLY B 308 -12.86 -29.39 -46.05
C GLY B 308 -11.74 -29.11 -45.07
N GLY B 309 -12.04 -28.29 -44.07
CA GLY B 309 -11.09 -28.01 -43.01
C GLY B 309 -9.97 -27.11 -43.45
N LEU B 310 -8.73 -27.61 -43.39
CA LEU B 310 -7.56 -26.80 -43.72
C LEU B 310 -6.42 -27.76 -44.02
N LEU B 311 -5.30 -27.20 -44.50
CA LEU B 311 -4.08 -27.95 -44.73
C LEU B 311 -2.90 -27.11 -44.28
N LEU B 312 -1.70 -27.70 -44.34
CA LEU B 312 -0.49 -27.09 -43.85
C LEU B 312 0.69 -27.62 -44.67
N PRO B 313 1.79 -26.87 -44.75
CA PRO B 313 2.94 -27.34 -45.54
C PRO B 313 3.61 -28.58 -44.99
N SER B 314 3.43 -28.89 -43.70
CA SER B 314 3.98 -30.12 -43.17
C SER B 314 3.22 -31.35 -43.62
N ASP B 315 2.03 -31.18 -44.20
CA ASP B 315 1.19 -32.28 -44.64
C ASP B 315 1.29 -32.52 -46.14
N THR B 316 2.38 -32.08 -46.77
CA THR B 316 2.46 -32.17 -48.21
C THR B 316 3.92 -32.32 -48.66
N LYS B 317 4.10 -32.90 -49.84
CA LYS B 317 5.40 -33.19 -50.40
C LYS B 317 5.45 -32.71 -51.85
N ARG B 318 6.64 -32.78 -52.44
CA ARG B 318 6.87 -32.46 -53.83
C ARG B 318 7.03 -33.76 -54.62
N SER B 319 6.70 -33.73 -55.90
CA SER B 319 6.70 -34.96 -56.68
C SER B 319 6.92 -34.66 -58.15
N GLN B 320 7.37 -35.70 -58.86
CA GLN B 320 7.52 -35.67 -60.31
C GLN B 320 7.08 -37.01 -60.88
N ILE B 321 6.72 -37.02 -62.16
CA ILE B 321 6.10 -38.19 -62.79
C ILE B 321 6.83 -38.48 -64.10
N TYR B 322 7.32 -39.71 -64.26
CA TYR B 322 8.11 -40.09 -65.43
C TYR B 322 7.55 -41.36 -66.06
N GLY B 323 6.58 -41.18 -66.97
CA GLY B 323 5.97 -42.29 -67.65
C GLY B 323 4.93 -42.97 -66.78
N SER B 324 5.38 -43.78 -65.83
CA SER B 324 4.51 -44.38 -64.83
C SER B 324 4.88 -43.98 -63.41
N ARG B 325 6.14 -44.15 -63.04
CA ARG B 325 6.56 -43.96 -61.66
C ARG B 325 6.57 -42.49 -61.28
N GLN B 326 6.17 -42.19 -60.05
CA GLN B 326 6.34 -40.86 -59.50
C GLN B 326 7.34 -40.92 -58.36
N ILE B 327 8.15 -39.88 -58.27
CA ILE B 327 9.19 -39.74 -57.25
C ILE B 327 8.74 -38.65 -56.29
N ILE B 328 8.85 -38.93 -55.00
CA ILE B 328 8.33 -38.05 -53.96
C ILE B 328 9.48 -37.60 -53.09
N LEU B 329 9.67 -36.30 -53.01
CA LEU B 329 10.71 -35.68 -52.21
C LEU B 329 10.05 -34.61 -51.33
N GLU B 330 10.86 -33.91 -50.56
CA GLU B 330 10.38 -32.85 -49.70
C GLU B 330 10.87 -31.50 -50.21
N LYS B 331 10.35 -30.43 -49.58
CA LYS B 331 10.77 -29.08 -49.94
C LYS B 331 12.22 -28.85 -49.58
N GLU B 332 12.66 -29.37 -48.42
CA GLU B 332 14.07 -29.26 -48.07
C GLU B 332 14.94 -30.11 -48.98
N GLU B 333 14.42 -31.22 -49.49
CA GLU B 333 15.22 -32.03 -50.41
C GLU B 333 15.39 -31.35 -51.75
N THR B 334 14.32 -30.74 -52.26
CA THR B 334 14.41 -29.91 -53.46
C THR B 334 15.38 -28.76 -53.27
N GLU B 335 15.38 -28.17 -52.08
CA GLU B 335 16.31 -27.07 -51.79
C GLU B 335 17.74 -27.56 -51.69
N GLU B 336 17.96 -28.75 -51.17
CA GLU B 336 19.32 -29.21 -50.93
C GLU B 336 19.97 -29.77 -52.17
N LEU B 337 19.19 -30.35 -53.10
CA LEU B 337 19.85 -31.04 -54.21
C LEU B 337 20.49 -30.10 -55.24
N LYS B 338 20.39 -28.79 -55.08
CA LYS B 338 21.16 -27.84 -55.86
C LYS B 338 22.18 -27.17 -54.94
N ARG B 339 23.31 -27.83 -54.74
CA ARG B 339 24.36 -27.24 -53.91
C ARG B 339 25.72 -27.67 -54.44
N PHE B 340 26.63 -26.71 -54.55
CA PHE B 340 28.00 -27.04 -54.95
C PHE B 340 29.08 -26.34 -54.18
N ASP B 341 28.79 -25.24 -53.49
CA ASP B 341 29.85 -24.40 -52.95
C ASP B 341 29.27 -23.50 -51.88
N ASP B 342 30.06 -22.55 -51.43
CA ASP B 342 29.65 -21.37 -50.70
C ASP B 342 29.89 -20.14 -51.59
N PRO B 343 29.11 -19.07 -51.41
CA PRO B 343 29.18 -17.92 -52.35
C PRO B 343 30.51 -17.20 -52.34
N GLY B 344 31.11 -17.06 -53.52
CA GLY B 344 32.36 -16.34 -53.63
C GLY B 344 32.94 -16.46 -55.02
N LEU B 345 34.18 -15.97 -55.15
CA LEU B 345 34.94 -15.97 -56.40
C LEU B 345 36.22 -16.76 -56.22
N MET B 346 36.24 -17.99 -56.72
CA MET B 346 37.44 -18.83 -56.67
C MET B 346 38.32 -18.52 -57.88
N LEU B 347 39.61 -18.28 -57.64
CA LEU B 347 40.53 -18.03 -58.74
C LEU B 347 40.83 -19.32 -59.48
N MET B 348 41.07 -19.21 -60.80
CA MET B 348 41.44 -20.40 -61.57
C MET B 348 42.51 -20.14 -62.61
N GLY B 349 43.33 -19.12 -62.45
CA GLY B 349 44.41 -18.86 -63.39
C GLY B 349 44.06 -17.77 -64.39
N PHE B 350 45.09 -17.30 -65.07
CA PHE B 350 45.02 -16.08 -65.86
C PHE B 350 44.99 -16.46 -67.33
N LYS B 351 44.43 -15.56 -68.16
CA LYS B 351 44.28 -15.90 -69.57
C LYS B 351 44.49 -14.69 -70.47
N PRO B 352 45.11 -14.86 -71.64
CA PRO B 352 45.29 -13.73 -72.54
C PRO B 352 44.01 -13.34 -73.24
N LEU B 353 43.89 -12.04 -73.52
CA LEU B 353 42.65 -11.46 -74.00
C LEU B 353 42.44 -11.62 -75.49
N VAL B 354 42.59 -12.84 -76.00
CA VAL B 354 42.36 -13.13 -77.41
C VAL B 354 41.29 -14.18 -77.62
N LEU B 355 41.32 -15.25 -76.81
CA LEU B 355 40.47 -16.41 -77.07
C LEU B 355 39.00 -16.11 -76.77
N LEU B 356 38.74 -15.37 -75.70
CA LEU B 356 37.35 -15.00 -75.39
C LEU B 356 36.89 -13.98 -76.42
N LYS B 357 36.01 -14.39 -77.30
CA LYS B 357 35.43 -13.44 -78.23
C LYS B 357 34.41 -12.59 -77.50
N LYS B 358 34.12 -11.42 -78.06
CA LYS B 358 33.01 -10.65 -77.51
C LYS B 358 31.68 -11.11 -78.05
N HIS B 359 31.69 -12.07 -78.98
CA HIS B 359 30.47 -12.74 -79.40
C HIS B 359 29.88 -13.60 -78.27
N HIS B 360 30.69 -14.04 -77.32
CA HIS B 360 30.22 -14.89 -76.23
C HIS B 360 29.83 -14.04 -75.02
N TYR B 361 28.55 -14.06 -74.68
CA TYR B 361 28.06 -13.41 -73.46
C TYR B 361 26.72 -14.05 -73.11
N LEU B 362 26.30 -13.89 -71.84
CA LEU B 362 24.97 -14.35 -71.44
C LEU B 362 24.18 -13.42 -70.54
N ARG B 363 24.77 -12.36 -69.99
CA ARG B 363 24.06 -11.55 -69.04
C ARG B 363 24.64 -10.16 -69.10
N PRO B 364 23.89 -9.14 -68.67
CA PRO B 364 24.48 -7.84 -68.41
C PRO B 364 25.68 -7.90 -67.47
N SER B 365 26.83 -7.49 -67.98
CA SER B 365 28.08 -7.60 -67.24
C SER B 365 28.11 -6.64 -66.06
N LEU B 366 28.57 -7.14 -64.93
CA LEU B 366 28.64 -6.38 -63.69
C LEU B 366 30.00 -5.68 -63.62
N PHE B 367 30.36 -5.17 -62.45
CA PHE B 367 31.58 -4.39 -62.31
C PHE B 367 32.07 -4.51 -60.88
N VAL B 368 33.25 -5.10 -60.64
CA VAL B 368 33.71 -5.33 -59.27
C VAL B 368 34.63 -4.21 -58.84
N TYR B 369 34.57 -3.90 -57.56
CA TYR B 369 35.39 -2.83 -56.99
C TYR B 369 35.97 -3.29 -55.66
N PRO B 370 37.19 -2.88 -55.32
CA PRO B 370 37.74 -3.19 -54.01
C PRO B 370 37.34 -2.16 -52.97
N GLU B 371 37.32 -2.60 -51.72
CA GLU B 371 36.94 -1.73 -50.62
C GLU B 371 37.68 -2.16 -49.36
N GLU B 372 38.07 -1.19 -48.55
CA GLU B 372 38.77 -1.42 -47.30
C GLU B 372 37.82 -1.43 -46.10
N SER B 373 36.77 -2.25 -46.20
CA SER B 373 35.82 -2.38 -45.11
C SER B 373 35.90 -3.74 -44.44
N LEU B 374 35.89 -4.82 -45.22
CA LEU B 374 36.03 -6.14 -44.62
C LEU B 374 37.50 -6.42 -44.27
N VAL B 375 38.37 -6.41 -45.28
CA VAL B 375 39.79 -6.69 -45.07
C VAL B 375 40.59 -5.44 -45.41
N ILE B 376 41.47 -5.06 -44.51
CA ILE B 376 42.21 -3.81 -44.62
C ILE B 376 43.44 -4.04 -45.49
N GLY B 377 43.54 -3.31 -46.59
CA GLY B 377 44.67 -3.39 -47.47
C GLY B 377 44.44 -4.06 -48.80
N SER B 378 43.18 -4.21 -49.23
CA SER B 378 42.89 -4.87 -50.49
C SER B 378 43.03 -3.93 -51.68
N SER B 379 43.01 -2.62 -51.44
CA SER B 379 43.25 -1.65 -52.50
C SER B 379 44.66 -1.77 -53.06
N THR B 380 45.63 -2.15 -52.22
CA THR B 380 46.99 -2.34 -52.69
C THR B 380 47.09 -3.49 -53.67
N LEU B 381 46.55 -4.65 -53.29
CA LEU B 381 46.60 -5.82 -54.15
C LEU B 381 45.77 -5.62 -55.41
N PHE B 382 44.64 -4.91 -55.30
CA PHE B 382 43.83 -4.69 -56.50
C PHE B 382 44.49 -3.71 -57.45
N SER B 383 45.14 -2.66 -56.91
CA SER B 383 45.83 -1.72 -57.78
C SER B 383 47.05 -2.36 -58.44
N ALA B 384 47.77 -3.21 -57.70
CA ALA B 384 48.93 -3.87 -58.27
C ALA B 384 48.53 -4.88 -59.35
N LEU B 385 47.51 -5.69 -59.06
CA LEU B 385 47.01 -6.65 -60.02
C LEU B 385 46.41 -5.96 -61.24
N LEU B 386 45.76 -4.81 -61.03
CA LEU B 386 45.20 -4.04 -62.13
C LEU B 386 46.30 -3.48 -63.02
N ILE B 387 47.38 -2.97 -62.42
CA ILE B 387 48.47 -2.41 -63.21
C ILE B 387 49.16 -3.49 -64.01
N LYS B 388 49.40 -4.65 -63.41
CA LYS B 388 50.09 -5.74 -64.11
C LYS B 388 49.24 -6.32 -65.24
N CYS B 389 47.94 -6.55 -64.98
CA CYS B 389 47.05 -7.06 -66.02
C CYS B 389 46.81 -6.01 -67.10
N LEU B 390 46.88 -4.73 -66.74
CA LEU B 390 46.68 -3.66 -67.70
C LEU B 390 47.87 -3.52 -68.64
N GLU B 391 49.09 -3.69 -68.12
CA GLU B 391 50.24 -3.59 -69.02
C GLU B 391 50.45 -4.87 -69.83
N LYS B 392 50.10 -6.04 -69.31
CA LYS B 392 50.40 -7.27 -70.03
C LYS B 392 49.17 -7.86 -70.74
N GLU B 393 48.04 -7.13 -70.73
CA GLU B 393 46.76 -7.48 -71.37
C GLU B 393 46.34 -8.94 -71.15
N VAL B 394 46.17 -9.29 -69.88
CA VAL B 394 45.80 -10.63 -69.46
C VAL B 394 44.54 -10.54 -68.61
N ALA B 395 43.61 -11.46 -68.84
CA ALA B 395 42.33 -11.50 -68.14
C ALA B 395 42.33 -12.67 -67.16
N ALA B 396 41.61 -12.50 -66.05
CA ALA B 396 41.55 -13.53 -65.04
C ALA B 396 40.34 -14.42 -65.25
N LEU B 397 40.40 -15.62 -64.71
CA LEU B 397 39.30 -16.57 -64.81
C LEU B 397 38.88 -16.97 -63.41
N CYS B 398 37.56 -17.03 -63.17
CA CYS B 398 37.10 -17.34 -61.84
C CYS B 398 35.84 -18.19 -61.90
N ARG B 399 35.60 -18.91 -60.81
CA ARG B 399 34.35 -19.59 -60.56
C ARG B 399 33.55 -18.74 -59.58
N TYR B 400 32.27 -18.54 -59.89
CA TYR B 400 31.47 -17.49 -59.26
C TYR B 400 30.19 -18.12 -58.73
N THR B 401 29.92 -17.92 -57.45
CA THR B 401 28.68 -18.34 -56.81
C THR B 401 28.08 -17.15 -56.08
N PRO B 402 26.92 -16.65 -56.51
CA PRO B 402 26.42 -15.36 -56.00
C PRO B 402 25.96 -15.36 -54.56
N ARG B 403 25.05 -16.26 -54.18
CA ARG B 403 24.49 -16.25 -52.84
C ARG B 403 24.59 -17.63 -52.19
N ARG B 404 23.92 -17.82 -51.06
CA ARG B 404 24.21 -18.92 -50.15
C ARG B 404 23.93 -20.30 -50.73
N ASN B 405 23.11 -20.40 -51.79
CA ASN B 405 22.92 -21.68 -52.45
C ASN B 405 22.54 -21.44 -53.92
N ILE B 406 23.54 -21.42 -54.79
CA ILE B 406 23.36 -21.34 -56.24
C ILE B 406 24.44 -22.18 -56.91
N PRO B 407 24.10 -23.01 -57.90
CA PRO B 407 25.13 -23.79 -58.61
C PRO B 407 26.07 -22.89 -59.36
N PRO B 408 27.32 -23.30 -59.56
CA PRO B 408 28.38 -22.33 -59.88
C PRO B 408 28.39 -21.92 -61.35
N TYR B 409 29.09 -20.81 -61.62
CA TYR B 409 29.08 -20.26 -62.96
C TYR B 409 30.42 -19.62 -63.25
N PHE B 410 30.97 -19.88 -64.45
CA PHE B 410 32.33 -19.48 -64.79
C PHE B 410 32.33 -18.08 -65.37
N VAL B 411 33.11 -17.19 -64.76
CA VAL B 411 33.12 -15.79 -65.13
C VAL B 411 34.56 -15.40 -65.48
N ALA B 412 34.70 -14.37 -66.30
CA ALA B 412 36.03 -13.92 -66.71
C ALA B 412 36.17 -12.43 -66.41
N LEU B 413 37.26 -12.06 -65.74
CA LEU B 413 37.49 -10.69 -65.30
C LEU B 413 38.43 -9.98 -66.27
N VAL B 414 37.98 -8.84 -66.80
CA VAL B 414 38.71 -8.08 -67.80
C VAL B 414 38.89 -6.66 -67.27
N PRO B 415 40.11 -6.13 -67.19
CA PRO B 415 40.30 -4.82 -66.56
C PRO B 415 40.00 -3.67 -67.51
N GLN B 416 39.72 -2.51 -66.91
CA GLN B 416 39.43 -1.28 -67.65
C GLN B 416 39.92 -0.08 -66.87
N GLU B 417 40.44 0.91 -67.59
CA GLU B 417 41.15 2.06 -67.03
C GLU B 417 40.33 3.33 -67.21
N GLU B 418 40.56 4.31 -66.34
CA GLU B 418 39.72 5.49 -66.21
C GLU B 418 40.09 6.57 -67.23
N GLU B 419 39.13 7.47 -67.46
CA GLU B 419 39.28 8.62 -68.34
C GLU B 419 38.56 9.81 -67.70
N LEU B 420 39.10 11.00 -67.95
CA LEU B 420 38.50 12.28 -67.54
C LEU B 420 39.20 13.40 -68.29
N ASP B 421 38.63 14.60 -68.19
CA ASP B 421 39.21 15.81 -68.80
C ASP B 421 38.80 17.01 -67.97
N ASP B 422 38.95 18.21 -68.56
CA ASP B 422 38.56 19.46 -67.91
C ASP B 422 37.05 19.55 -67.71
N GLN B 423 36.29 18.96 -68.63
CA GLN B 423 34.85 18.83 -68.48
C GLN B 423 34.47 17.64 -67.61
N LYS B 424 35.45 16.91 -67.06
CA LYS B 424 35.28 15.77 -66.16
C LYS B 424 34.44 14.67 -66.81
N ILE B 425 35.00 14.10 -67.87
CA ILE B 425 34.29 13.06 -68.64
C ILE B 425 34.63 11.73 -67.97
N GLN B 426 33.92 11.44 -66.88
CA GLN B 426 34.09 10.18 -66.16
C GLN B 426 33.10 9.18 -66.76
N VAL B 427 33.46 8.68 -67.95
CA VAL B 427 32.62 7.73 -68.66
C VAL B 427 33.14 6.33 -68.35
N THR B 428 34.43 6.24 -68.06
CA THR B 428 35.05 4.99 -67.63
C THR B 428 35.60 5.17 -66.22
N PRO B 429 35.07 4.46 -65.23
CA PRO B 429 35.77 4.33 -63.95
C PRO B 429 36.63 3.07 -63.94
N PRO B 430 37.73 3.06 -63.19
CA PRO B 430 38.66 1.92 -63.28
C PRO B 430 38.14 0.72 -62.51
N GLY B 431 38.40 -0.46 -63.03
CA GLY B 431 37.97 -1.67 -62.34
C GLY B 431 37.80 -2.80 -63.33
N PHE B 432 37.27 -3.91 -62.82
CA PHE B 432 37.20 -5.15 -63.59
C PHE B 432 35.77 -5.45 -63.99
N GLN B 433 35.60 -5.91 -65.23
CA GLN B 433 34.32 -6.28 -65.81
C GLN B 433 34.19 -7.79 -65.82
N LEU B 434 33.00 -8.30 -65.51
CA LEU B 434 32.78 -9.73 -65.29
C LEU B 434 31.99 -10.28 -66.47
N VAL B 435 32.70 -10.68 -67.52
CA VAL B 435 32.04 -11.27 -68.67
C VAL B 435 31.57 -12.68 -68.32
N PHE B 436 30.29 -12.94 -68.54
CA PHE B 436 29.78 -14.28 -68.29
C PHE B 436 30.16 -15.19 -69.44
N LEU B 437 29.97 -16.49 -69.26
CA LEU B 437 30.35 -17.45 -70.28
C LEU B 437 29.30 -18.55 -70.37
N PRO B 438 29.09 -19.12 -71.55
CA PRO B 438 28.21 -20.29 -71.64
C PRO B 438 28.96 -21.55 -71.23
N PHE B 439 28.23 -22.65 -71.09
CA PHE B 439 28.88 -23.90 -70.73
C PHE B 439 28.85 -24.93 -71.86
N ALA B 440 27.71 -25.56 -72.14
CA ALA B 440 27.69 -26.46 -73.28
C ALA B 440 26.34 -26.50 -73.97
N ASP B 441 25.29 -26.24 -73.19
CA ASP B 441 23.92 -26.31 -73.69
C ASP B 441 23.31 -24.92 -73.74
N ASP B 442 24.15 -23.95 -74.09
CA ASP B 442 23.73 -22.62 -74.49
C ASP B 442 24.07 -22.33 -75.93
N LYS B 443 25.25 -22.74 -76.38
CA LYS B 443 25.60 -22.66 -77.79
C LYS B 443 24.80 -23.68 -78.57
N ARG B 444 23.80 -23.22 -79.32
CA ARG B 444 22.96 -24.13 -80.08
C ARG B 444 23.66 -24.52 -81.38
N LYS B 445 22.92 -25.17 -82.27
CA LYS B 445 23.48 -25.70 -83.51
C LYS B 445 22.62 -25.24 -84.68
N MET B 446 23.26 -24.61 -85.68
CA MET B 446 22.60 -24.12 -86.88
C MET B 446 22.73 -25.14 -88.00
N PRO B 447 21.90 -25.03 -89.05
CA PRO B 447 22.10 -25.91 -90.22
C PRO B 447 23.45 -25.75 -90.91
N PHE B 448 24.03 -24.54 -90.91
CA PHE B 448 25.46 -24.31 -91.15
C PHE B 448 25.99 -24.63 -92.55
N THR B 449 25.19 -25.19 -93.44
CA THR B 449 25.71 -25.71 -94.71
C THR B 449 25.07 -24.98 -95.88
N GLU B 450 25.62 -23.80 -96.19
CA GLU B 450 25.30 -23.00 -97.37
C GLU B 450 26.51 -22.14 -97.67
N LYS B 451 27.00 -22.15 -98.90
CA LYS B 451 28.20 -21.37 -99.23
C LYS B 451 28.23 -21.04 -100.71
N ILE B 452 28.02 -19.75 -101.02
CA ILE B 452 28.19 -19.20 -102.35
C ILE B 452 28.81 -17.81 -102.20
N MET B 453 29.93 -17.57 -102.89
CA MET B 453 30.67 -16.32 -102.73
C MET B 453 30.05 -15.22 -103.59
N ALA B 454 30.75 -14.09 -103.72
CA ALA B 454 30.24 -12.94 -104.43
C ALA B 454 31.32 -12.35 -105.32
N THR B 455 30.87 -11.63 -106.35
CA THR B 455 31.71 -11.03 -107.39
C THR B 455 32.24 -9.68 -106.94
N PRO B 456 33.51 -9.37 -107.18
CA PRO B 456 34.07 -8.12 -106.67
C PRO B 456 33.65 -6.87 -107.44
N GLU B 457 32.35 -6.54 -107.44
CA GLU B 457 31.93 -5.23 -107.94
C GLU B 457 31.02 -4.55 -106.92
N GLN B 458 30.20 -5.34 -106.23
CA GLN B 458 29.15 -4.80 -105.38
C GLN B 458 29.71 -4.23 -104.09
N VAL B 459 30.92 -4.63 -103.72
CA VAL B 459 31.50 -4.23 -102.44
C VAL B 459 31.82 -2.74 -102.43
N GLY B 460 32.30 -2.20 -103.56
CA GLY B 460 32.58 -0.78 -103.63
C GLY B 460 31.32 0.07 -103.65
N LYS B 461 30.28 -0.40 -104.34
CA LYS B 461 29.01 0.32 -104.37
C LYS B 461 28.35 0.32 -103.00
N MET B 462 28.42 -0.81 -102.29
CA MET B 462 27.91 -0.83 -100.92
C MET B 462 28.78 0.00 -99.98
N LYS B 463 30.09 0.08 -100.25
CA LYS B 463 30.96 0.97 -99.50
C LYS B 463 30.54 2.42 -99.68
N ALA B 464 30.17 2.79 -100.91
CA ALA B 464 29.66 4.13 -101.18
C ALA B 464 28.34 4.37 -100.46
N ILE B 465 27.48 3.34 -100.40
CA ILE B 465 26.20 3.45 -99.72
C ILE B 465 26.39 3.70 -98.23
N VAL B 466 27.23 2.89 -97.59
CA VAL B 466 27.44 3.05 -96.15
C VAL B 466 28.25 4.28 -95.84
N GLU B 467 29.06 4.78 -96.77
CA GLU B 467 29.77 6.03 -96.52
C GLU B 467 28.87 7.23 -96.70
N LYS B 468 27.85 7.13 -97.56
CA LYS B 468 26.85 8.18 -97.60
C LYS B 468 25.95 8.13 -96.38
N LEU B 469 25.78 6.95 -95.77
CA LEU B 469 25.00 6.81 -94.55
C LEU B 469 25.87 6.76 -93.30
N ARG B 470 26.98 7.49 -93.29
CA ARG B 470 27.97 7.40 -92.22
C ARG B 470 27.90 8.64 -91.33
N PHE B 471 27.73 8.41 -90.03
CA PHE B 471 27.63 9.46 -89.03
C PHE B 471 27.96 8.84 -87.68
N THR B 472 28.03 9.68 -86.65
CA THR B 472 28.27 9.18 -85.31
C THR B 472 27.03 8.44 -84.82
N TYR B 473 27.24 7.39 -84.02
CA TYR B 473 26.12 6.63 -83.51
C TYR B 473 25.30 7.47 -82.52
N ARG B 474 25.85 7.71 -81.32
CA ARG B 474 25.20 8.44 -80.24
C ARG B 474 26.08 8.57 -79.01
N SER B 475 25.57 9.31 -78.03
CA SER B 475 25.94 9.13 -76.63
C SER B 475 24.75 8.71 -75.78
N ASP B 476 23.52 9.00 -76.21
CA ASP B 476 22.31 8.80 -75.44
C ASP B 476 21.12 8.79 -76.40
N SER B 477 19.91 8.98 -75.86
CA SER B 477 18.72 9.41 -76.59
C SER B 477 18.27 8.40 -77.65
N PHE B 478 17.82 7.24 -77.17
CA PHE B 478 17.14 6.27 -78.02
C PHE B 478 15.95 5.67 -77.26
N GLU B 479 15.13 6.54 -76.68
CA GLU B 479 14.25 6.22 -75.55
C GLU B 479 13.19 5.18 -75.90
N ASN B 480 12.66 4.54 -74.85
CA ASN B 480 11.77 3.40 -75.00
C ASN B 480 10.38 3.87 -75.39
N PRO B 481 9.84 3.42 -76.53
CA PRO B 481 8.55 3.95 -76.98
C PRO B 481 7.36 3.46 -76.18
N VAL B 482 7.28 2.17 -75.84
CA VAL B 482 6.12 1.66 -75.12
C VAL B 482 6.10 2.17 -73.68
N LEU B 483 7.26 2.21 -73.03
CA LEU B 483 7.37 2.81 -71.70
C LEU B 483 7.10 4.31 -71.75
N GLN B 484 7.52 4.98 -72.83
CA GLN B 484 7.31 6.42 -72.90
C GLN B 484 5.84 6.75 -73.13
N GLN B 485 5.15 5.94 -73.94
CA GLN B 485 3.72 6.11 -74.15
C GLN B 485 2.95 5.83 -72.87
N HIS B 486 3.38 4.83 -72.10
CA HIS B 486 2.74 4.58 -70.81
C HIS B 486 2.99 5.73 -69.84
N PHE B 487 4.18 6.33 -69.90
CA PHE B 487 4.49 7.47 -69.04
C PHE B 487 3.59 8.66 -69.35
N ARG B 488 3.39 8.95 -70.64
CA ARG B 488 2.53 10.08 -71.00
C ARG B 488 1.05 9.76 -70.77
N ASN B 489 0.68 8.49 -70.91
CA ASN B 489 -0.68 8.08 -70.58
C ASN B 489 -0.98 8.27 -69.11
N LEU B 490 -0.04 7.90 -68.24
CA LEU B 490 -0.21 8.12 -66.81
C LEU B 490 -0.10 9.59 -66.46
N GLU B 491 0.59 10.36 -67.30
CA GLU B 491 0.64 11.81 -67.09
C GLU B 491 -0.72 12.44 -67.33
N ALA B 492 -1.35 12.13 -68.46
CA ALA B 492 -2.62 12.77 -68.79
C ALA B 492 -3.83 11.97 -68.32
N LEU B 493 -3.82 11.57 -67.05
CA LEU B 493 -4.97 10.91 -66.43
C LEU B 493 -5.29 11.46 -65.05
N ALA B 494 -4.29 11.95 -64.34
CA ALA B 494 -4.51 12.56 -63.03
C ALA B 494 -4.53 14.06 -63.12
N LEU B 495 -4.72 14.61 -64.31
CA LEU B 495 -4.83 16.04 -64.51
C LEU B 495 -6.01 16.44 -65.37
N ASP B 496 -6.60 15.51 -66.14
CA ASP B 496 -7.79 15.70 -66.97
C ASP B 496 -7.60 16.81 -68.01
N LEU B 497 -6.36 16.93 -68.46
CA LEU B 497 -6.00 17.64 -69.71
C LEU B 497 -6.12 16.42 -70.61
N MET B 498 -7.29 16.18 -71.16
CA MET B 498 -7.58 14.80 -71.59
C MET B 498 -6.63 14.23 -72.62
N GLU B 499 -6.65 14.93 -73.75
CA GLU B 499 -5.87 14.73 -75.00
C GLU B 499 -4.57 13.99 -74.69
N PRO B 500 -4.56 12.70 -74.94
CA PRO B 500 -3.41 11.78 -74.76
C PRO B 500 -2.36 11.96 -75.84
N GLU B 501 -1.21 12.51 -75.46
CA GLU B 501 -0.16 12.85 -76.42
C GLU B 501 0.44 11.58 -77.02
N GLN B 502 0.43 11.50 -78.34
CA GLN B 502 1.01 10.36 -79.02
C GLN B 502 2.52 10.36 -78.86
N ALA B 503 3.07 9.22 -78.47
CA ALA B 503 4.48 9.15 -78.13
C ALA B 503 5.33 9.21 -79.40
N VAL B 504 6.39 10.01 -79.34
CA VAL B 504 7.26 10.22 -80.49
C VAL B 504 8.16 8.99 -80.63
N ASP B 505 7.91 8.19 -81.67
CA ASP B 505 8.74 7.02 -81.93
C ASP B 505 10.09 7.48 -82.46
N LEU B 506 11.04 7.66 -81.55
CA LEU B 506 12.36 8.13 -81.94
C LEU B 506 13.18 7.04 -82.62
N THR B 507 12.86 5.77 -82.38
CA THR B 507 13.62 4.69 -82.97
C THR B 507 13.32 4.50 -84.44
N LEU B 508 12.21 5.05 -84.93
CA LEU B 508 11.82 4.83 -86.32
C LEU B 508 12.77 5.53 -87.28
N PRO B 509 13.00 4.95 -88.45
CA PRO B 509 13.79 5.63 -89.47
C PRO B 509 12.92 6.64 -90.23
N LYS B 510 13.55 7.33 -91.17
CA LYS B 510 12.91 8.34 -92.00
C LYS B 510 13.29 8.01 -93.45
N VAL B 511 12.51 7.13 -94.08
CA VAL B 511 12.89 6.63 -95.40
C VAL B 511 12.72 7.70 -96.47
N GLU B 512 11.80 8.66 -96.26
CA GLU B 512 11.60 9.72 -97.22
C GLU B 512 12.78 10.70 -97.24
N ALA B 513 13.57 10.75 -96.16
CA ALA B 513 14.81 11.50 -96.19
C ALA B 513 15.98 10.63 -96.60
N MET B 514 15.96 9.35 -96.22
CA MET B 514 17.09 8.48 -96.52
C MET B 514 17.15 8.08 -97.99
N ASN B 515 16.02 8.07 -98.72
CA ASN B 515 16.06 7.82 -100.16
C ASN B 515 16.84 8.90 -100.88
N LYS B 516 16.55 10.16 -100.55
CA LYS B 516 17.23 11.29 -101.19
C LYS B 516 18.65 11.46 -100.67
N ARG B 517 18.91 11.10 -99.42
CA ARG B 517 20.28 11.13 -98.92
C ARG B 517 21.12 10.05 -99.58
N LEU B 518 20.52 8.90 -99.88
CA LEU B 518 21.23 7.80 -100.52
C LEU B 518 21.51 8.13 -101.98
N GLY B 519 20.49 8.53 -102.72
CA GLY B 519 20.64 8.76 -104.14
C GLY B 519 20.01 7.65 -104.96
N SER B 520 19.84 7.93 -106.25
CA SER B 520 19.12 7.02 -107.16
C SER B 520 20.07 5.94 -107.68
N LEU B 521 20.40 5.01 -106.77
CA LEU B 521 21.20 3.85 -107.12
C LEU B 521 20.58 2.56 -106.57
N VAL B 522 19.36 2.65 -106.04
CA VAL B 522 18.63 1.48 -105.55
C VAL B 522 18.38 0.49 -106.67
N ASP B 523 17.81 0.95 -107.78
CA ASP B 523 17.49 0.07 -108.89
C ASP B 523 18.75 -0.38 -109.63
N GLU B 524 19.79 0.45 -109.61
CA GLU B 524 21.08 0.06 -110.16
C GLU B 524 21.66 -1.12 -109.39
N PHE B 525 21.66 -1.03 -108.06
CA PHE B 525 22.18 -2.14 -107.26
C PHE B 525 21.25 -3.35 -107.31
N LYS B 526 19.96 -3.13 -107.57
CA LYS B 526 19.03 -4.24 -107.76
C LYS B 526 19.37 -5.01 -109.04
N GLU B 527 19.30 -4.34 -110.18
CA GLU B 527 19.51 -4.98 -111.47
C GLU B 527 20.97 -5.24 -111.79
N LEU B 528 21.89 -4.90 -110.88
CA LEU B 528 23.28 -5.29 -111.03
C LEU B 528 23.40 -6.81 -111.01
N VAL B 529 23.04 -7.45 -109.90
CA VAL B 529 23.12 -8.90 -109.81
C VAL B 529 21.82 -9.56 -109.38
N TYR B 530 20.89 -8.87 -108.71
CA TYR B 530 19.67 -9.53 -108.22
C TYR B 530 18.42 -8.85 -108.76
N PRO B 531 18.04 -9.15 -110.00
CA PRO B 531 16.77 -8.66 -110.50
C PRO B 531 15.63 -9.49 -109.93
N PRO B 532 14.42 -8.92 -109.86
CA PRO B 532 13.26 -9.78 -109.54
C PRO B 532 12.93 -10.74 -110.67
N ASP B 533 12.94 -10.25 -111.92
CA ASP B 533 12.75 -10.94 -113.20
C ASP B 533 11.67 -12.02 -113.21
N TYR B 534 10.57 -11.76 -112.51
CA TYR B 534 9.41 -12.66 -112.36
C TYR B 534 9.78 -14.08 -111.90
N ASN C 6 15.22 -36.30 -84.99
CA ASN C 6 13.87 -36.85 -85.06
C ASN C 6 13.76 -38.12 -84.21
N LYS C 7 12.96 -39.06 -84.70
CA LYS C 7 12.77 -40.33 -84.04
C LYS C 7 14.03 -41.17 -84.22
N ALA C 8 14.91 -41.14 -83.22
CA ALA C 8 16.17 -41.83 -83.32
C ALA C 8 16.03 -43.31 -82.98
N ALA C 9 16.94 -44.11 -83.54
CA ALA C 9 17.08 -45.52 -83.19
C ALA C 9 18.59 -45.78 -83.10
N VAL C 10 19.14 -45.61 -81.91
CA VAL C 10 20.59 -45.71 -81.71
C VAL C 10 20.92 -47.09 -81.17
N VAL C 11 22.06 -47.62 -81.59
CA VAL C 11 22.54 -48.92 -81.16
C VAL C 11 23.91 -48.76 -80.53
N LEU C 12 24.05 -49.29 -79.32
CA LEU C 12 25.30 -49.31 -78.60
C LEU C 12 25.88 -50.71 -78.66
N CYS C 13 27.21 -50.80 -78.72
CA CYS C 13 27.91 -52.08 -78.63
C CYS C 13 28.93 -52.00 -77.50
N MET C 14 28.96 -53.02 -76.66
CA MET C 14 29.80 -53.00 -75.47
C MET C 14 30.63 -54.28 -75.36
N ASP C 15 31.92 -54.09 -75.08
CA ASP C 15 32.87 -55.18 -74.87
C ASP C 15 32.89 -55.58 -73.41
N VAL C 16 32.83 -56.89 -73.15
CA VAL C 16 33.06 -57.42 -71.82
C VAL C 16 34.20 -58.42 -71.83
N GLY C 17 35.22 -58.18 -72.66
CA GLY C 17 36.35 -59.06 -72.79
C GLY C 17 37.20 -59.14 -71.54
N PHE C 18 38.20 -60.02 -71.61
CA PHE C 18 39.00 -60.38 -70.44
C PHE C 18 39.83 -59.20 -69.95
N THR C 19 40.38 -58.43 -70.88
CA THR C 19 41.10 -57.21 -70.53
C THR C 19 40.16 -56.12 -70.03
N MET C 20 38.86 -56.18 -70.37
CA MET C 20 37.88 -55.34 -69.70
C MET C 20 37.84 -55.65 -68.21
N SER C 21 38.04 -56.92 -67.86
CA SER C 21 38.33 -57.30 -66.49
C SER C 21 39.84 -57.31 -66.22
N ASN C 22 40.52 -56.22 -66.55
CA ASN C 22 41.86 -56.04 -66.02
C ASN C 22 41.80 -55.47 -64.60
N SER C 23 42.86 -55.72 -63.85
CA SER C 23 42.98 -55.14 -62.52
C SER C 23 43.43 -53.69 -62.63
N ILE C 24 43.60 -53.05 -61.48
CA ILE C 24 44.07 -51.67 -61.46
C ILE C 24 45.56 -51.65 -61.81
N PRO C 25 46.02 -50.69 -62.60
CA PRO C 25 47.45 -50.37 -62.64
C PRO C 25 47.87 -49.39 -61.55
N GLY C 26 46.96 -49.03 -60.66
CA GLY C 26 47.25 -48.07 -59.61
C GLY C 26 46.18 -47.00 -59.49
N ILE C 27 45.21 -46.98 -60.40
CA ILE C 27 44.21 -45.93 -60.36
C ILE C 27 42.78 -46.45 -60.20
N GLU C 28 42.23 -47.11 -61.22
CA GLU C 28 40.83 -47.51 -61.29
C GLU C 28 40.63 -48.29 -62.59
N SER C 29 39.54 -49.06 -62.64
CA SER C 29 39.20 -49.96 -63.72
C SER C 29 38.62 -49.20 -64.92
N PRO C 30 38.79 -49.74 -66.13
CA PRO C 30 38.08 -49.18 -67.29
C PRO C 30 36.61 -49.54 -67.34
N PHE C 31 36.20 -50.65 -66.70
CA PHE C 31 34.80 -51.06 -66.71
C PHE C 31 33.93 -50.05 -65.98
N GLU C 32 34.42 -49.50 -64.87
CA GLU C 32 33.68 -48.50 -64.12
C GLU C 32 33.50 -47.23 -64.95
N GLN C 33 34.53 -46.83 -65.69
CA GLN C 33 34.44 -45.66 -66.55
C GLN C 33 33.46 -45.86 -67.68
N ALA C 34 33.49 -47.04 -68.31
CA ALA C 34 32.58 -47.32 -69.42
C ALA C 34 31.13 -47.40 -68.96
N LYS C 35 30.88 -48.08 -67.85
CA LYS C 35 29.53 -48.18 -67.33
C LYS C 35 29.02 -46.83 -66.85
N LYS C 36 29.88 -46.01 -66.24
CA LYS C 36 29.45 -44.69 -65.75
C LYS C 36 29.13 -43.74 -66.89
N VAL C 37 29.90 -43.80 -67.99
CA VAL C 37 29.66 -42.93 -69.12
C VAL C 37 28.40 -43.34 -69.88
N ILE C 38 28.20 -44.66 -70.08
CA ILE C 38 26.97 -45.07 -70.75
C ILE C 38 25.76 -44.87 -69.83
N THR C 39 25.99 -44.87 -68.52
CA THR C 39 24.96 -44.53 -67.55
C THR C 39 24.54 -43.08 -67.68
N MET C 40 25.52 -42.16 -67.80
CA MET C 40 25.21 -40.74 -67.96
C MET C 40 24.45 -40.46 -69.24
N PHE C 41 24.82 -41.14 -70.33
CA PHE C 41 24.12 -40.92 -71.60
C PHE C 41 22.67 -41.42 -71.55
N VAL C 42 22.47 -42.67 -71.10
CA VAL C 42 21.10 -43.20 -71.08
C VAL C 42 20.28 -42.50 -70.00
N GLN C 43 20.94 -41.98 -68.98
CA GLN C 43 20.30 -41.20 -67.92
C GLN C 43 19.70 -39.93 -68.47
N ARG C 44 20.50 -39.16 -69.22
CA ARG C 44 20.00 -37.92 -69.82
C ARG C 44 18.94 -38.20 -70.88
N GLN C 45 19.08 -39.29 -71.63
CA GLN C 45 18.08 -39.57 -72.65
C GLN C 45 16.75 -40.07 -72.08
N VAL C 46 16.74 -40.68 -70.89
CA VAL C 46 15.45 -40.91 -70.23
C VAL C 46 14.88 -39.59 -69.71
N PHE C 47 15.71 -38.79 -69.03
CA PHE C 47 15.19 -37.64 -68.31
C PHE C 47 14.78 -36.49 -69.22
N ALA C 48 15.25 -36.45 -70.47
CA ALA C 48 14.80 -35.42 -71.40
C ALA C 48 13.45 -35.73 -72.04
N GLU C 49 12.95 -36.96 -71.88
CA GLU C 49 11.63 -37.41 -72.32
C GLU C 49 11.44 -37.31 -73.83
N ASN C 50 12.51 -37.34 -74.62
CA ASN C 50 12.39 -37.25 -76.05
C ASN C 50 12.12 -38.62 -76.66
N LYS C 51 11.28 -38.65 -77.70
CA LYS C 51 10.87 -39.90 -78.33
C LYS C 51 12.03 -40.48 -79.15
N ASP C 52 12.73 -41.46 -78.56
CA ASP C 52 13.84 -42.11 -79.22
C ASP C 52 13.72 -43.62 -78.99
N GLU C 53 14.72 -44.35 -79.45
CA GLU C 53 14.79 -45.80 -79.22
C GLU C 53 16.25 -46.20 -79.06
N ILE C 54 16.52 -47.01 -78.05
CA ILE C 54 17.87 -47.46 -77.74
C ILE C 54 17.90 -48.98 -77.85
N ALA C 55 18.98 -49.53 -78.41
CA ALA C 55 19.21 -50.97 -78.44
C ALA C 55 20.67 -51.26 -78.11
N LEU C 56 20.90 -52.19 -77.19
CA LEU C 56 22.24 -52.49 -76.69
C LEU C 56 22.65 -53.91 -77.09
N VAL C 57 23.88 -54.03 -77.58
CA VAL C 57 24.51 -55.31 -77.89
C VAL C 57 25.69 -55.49 -76.94
N LEU C 58 25.79 -56.67 -76.33
CA LEU C 58 26.89 -57.00 -75.43
C LEU C 58 27.63 -58.19 -76.02
N PHE C 59 28.85 -57.97 -76.49
CA PHE C 59 29.60 -59.07 -77.12
C PHE C 59 30.69 -59.55 -76.19
N GLY C 60 30.81 -60.87 -76.06
CA GLY C 60 31.80 -61.48 -75.20
C GLY C 60 31.31 -61.96 -73.86
N THR C 61 30.01 -62.21 -73.71
CA THR C 61 29.43 -62.70 -72.46
C THR C 61 29.56 -64.22 -72.41
N ASP C 62 28.87 -64.84 -71.45
CA ASP C 62 28.93 -66.29 -71.26
C ASP C 62 27.71 -67.00 -71.83
N GLY C 63 27.20 -66.54 -72.96
CA GLY C 63 26.06 -67.18 -73.58
C GLY C 63 25.79 -66.58 -74.95
N THR C 64 25.49 -67.41 -75.94
CA THR C 64 25.31 -66.96 -77.32
C THR C 64 23.84 -67.13 -77.71
N ASP C 65 23.04 -66.11 -77.40
CA ASP C 65 21.67 -66.01 -77.88
C ASP C 65 21.56 -64.73 -78.70
N ASN C 66 21.22 -64.88 -79.98
CA ASN C 66 21.35 -63.82 -80.96
C ASN C 66 20.44 -64.13 -82.13
N PRO C 67 19.90 -63.12 -82.83
CA PRO C 67 19.07 -63.39 -84.01
C PRO C 67 19.77 -64.12 -85.15
N LEU C 68 21.10 -64.05 -85.24
CA LEU C 68 21.82 -64.87 -86.21
C LEU C 68 23.19 -65.23 -85.63
N SER C 69 23.48 -66.53 -85.60
CA SER C 69 24.76 -67.02 -85.08
C SER C 69 25.02 -68.39 -85.72
N GLY C 70 25.90 -68.41 -86.71
CA GLY C 70 26.26 -69.66 -87.37
C GLY C 70 27.62 -70.19 -86.96
N GLY C 71 27.62 -71.20 -86.08
CA GLY C 71 28.87 -71.81 -85.66
C GLY C 71 29.68 -70.89 -84.78
N ASP C 72 31.01 -70.94 -84.96
CA ASP C 72 31.90 -70.06 -84.21
C ASP C 72 31.81 -68.61 -84.68
N GLN C 73 31.29 -68.38 -85.88
CA GLN C 73 30.92 -67.03 -86.28
C GLN C 73 29.74 -66.56 -85.44
N TYR C 74 29.82 -65.30 -85.00
CA TYR C 74 28.86 -64.66 -84.09
C TYR C 74 28.70 -65.47 -82.80
N GLN C 75 29.82 -65.69 -82.13
CA GLN C 75 29.84 -66.44 -80.89
C GLN C 75 29.99 -65.48 -79.72
N ASN C 76 29.25 -65.76 -78.64
CA ASN C 76 29.16 -64.94 -77.43
C ASN C 76 28.73 -63.51 -77.76
N ILE C 77 27.69 -63.40 -78.58
CA ILE C 77 27.00 -62.15 -78.82
C ILE C 77 25.58 -62.29 -78.30
N THR C 78 25.23 -61.47 -77.31
CA THR C 78 23.90 -61.50 -76.72
C THR C 78 23.45 -60.06 -76.49
N VAL C 79 22.38 -59.66 -77.16
CA VAL C 79 21.82 -58.34 -76.95
C VAL C 79 21.15 -58.29 -75.59
N HIS C 80 21.35 -57.18 -74.88
CA HIS C 80 20.71 -57.04 -73.58
C HIS C 80 19.25 -56.65 -73.71
N ARG C 81 18.99 -55.45 -74.23
CA ARG C 81 17.64 -54.93 -74.40
C ARG C 81 17.51 -54.43 -75.83
N HIS C 82 16.40 -54.77 -76.47
CA HIS C 82 16.22 -54.50 -77.89
C HIS C 82 15.75 -53.06 -78.09
N LEU C 83 15.33 -52.74 -79.32
CA LEU C 83 15.05 -51.36 -79.72
C LEU C 83 13.81 -50.86 -78.99
N MET C 84 14.04 -50.10 -77.92
CA MET C 84 12.99 -49.79 -76.95
C MET C 84 13.13 -48.34 -76.48
N LEU C 85 12.00 -47.75 -76.14
CA LEU C 85 12.02 -46.45 -75.46
C LEU C 85 12.54 -46.66 -74.04
N PRO C 86 13.59 -45.95 -73.62
CA PRO C 86 14.29 -46.30 -72.38
C PRO C 86 13.49 -45.91 -71.15
N ASP C 87 12.94 -46.92 -70.48
CA ASP C 87 12.28 -46.75 -69.19
C ASP C 87 13.30 -47.04 -68.09
N PHE C 88 12.85 -47.23 -66.86
CA PHE C 88 13.76 -47.58 -65.78
C PHE C 88 14.23 -49.04 -65.81
N ASP C 89 13.58 -49.88 -66.62
CA ASP C 89 14.03 -51.27 -66.75
C ASP C 89 15.37 -51.35 -67.47
N LEU C 90 15.64 -50.42 -68.37
CA LEU C 90 16.96 -50.32 -69.00
C LEU C 90 18.03 -50.02 -67.98
N LEU C 91 17.73 -49.15 -67.02
CA LEU C 91 18.68 -48.83 -65.97
C LEU C 91 18.82 -50.00 -65.00
N GLU C 92 17.74 -50.75 -64.79
CA GLU C 92 17.82 -51.98 -64.01
C GLU C 92 18.71 -53.00 -64.67
N ASP C 93 18.65 -53.11 -65.99
CA ASP C 93 19.52 -54.04 -66.71
C ASP C 93 20.96 -53.56 -66.74
N ILE C 94 21.17 -52.24 -66.73
CA ILE C 94 22.52 -51.71 -66.59
C ILE C 94 23.06 -52.03 -65.20
N GLU C 95 22.20 -51.99 -64.18
CA GLU C 95 22.61 -52.38 -62.84
C GLU C 95 22.63 -53.89 -62.62
N SER C 96 22.21 -54.68 -63.61
CA SER C 96 22.34 -56.13 -63.57
C SER C 96 23.51 -56.61 -64.43
N LYS C 97 24.62 -55.88 -64.39
CA LYS C 97 25.75 -56.13 -65.27
C LYS C 97 26.98 -56.51 -64.46
N ILE C 98 26.79 -57.46 -63.54
CA ILE C 98 27.85 -57.82 -62.60
C ILE C 98 29.02 -58.52 -63.32
N GLN C 99 28.72 -59.31 -64.32
CA GLN C 99 29.80 -60.14 -64.84
C GLN C 99 30.42 -59.54 -66.08
N PRO C 100 31.74 -59.47 -66.16
CA PRO C 100 32.38 -59.42 -67.47
C PRO C 100 32.10 -60.72 -68.22
N GLY C 101 32.49 -61.85 -67.62
CA GLY C 101 32.24 -63.19 -68.14
C GLY C 101 32.73 -63.44 -69.55
N SER C 102 34.05 -63.46 -69.73
CA SER C 102 34.65 -63.21 -71.03
C SER C 102 35.07 -64.51 -71.71
N GLN C 103 34.38 -64.87 -72.78
CA GLN C 103 34.87 -65.81 -73.78
C GLN C 103 34.67 -65.11 -75.12
N GLN C 104 35.62 -64.25 -75.47
CA GLN C 104 35.47 -63.34 -76.59
C GLN C 104 35.79 -64.04 -77.90
N ALA C 105 34.94 -63.84 -78.90
CA ALA C 105 35.16 -64.45 -80.21
C ALA C 105 35.39 -63.40 -81.30
N ASP C 106 34.46 -62.49 -81.52
CA ASP C 106 34.58 -61.52 -82.61
C ASP C 106 33.74 -60.30 -82.27
N PHE C 107 34.10 -59.16 -82.86
CA PHE C 107 33.45 -57.89 -82.55
C PHE C 107 33.08 -57.07 -83.78
N LEU C 108 33.72 -57.26 -84.92
CA LEU C 108 33.38 -56.58 -86.16
C LEU C 108 32.22 -57.23 -86.91
N ASP C 109 31.48 -58.11 -86.24
CA ASP C 109 30.29 -58.75 -86.78
C ASP C 109 29.02 -58.37 -86.02
N ALA C 110 29.15 -57.88 -84.78
CA ALA C 110 28.00 -57.39 -84.04
C ALA C 110 27.40 -56.15 -84.70
N LEU C 111 28.22 -55.39 -85.44
CA LEU C 111 27.70 -54.28 -86.22
C LEU C 111 26.80 -54.77 -87.36
N ILE C 112 27.16 -55.89 -87.98
CA ILE C 112 26.34 -56.50 -89.02
C ILE C 112 25.04 -57.01 -88.42
N VAL C 113 25.12 -57.63 -87.24
CA VAL C 113 23.92 -58.08 -86.53
C VAL C 113 23.02 -56.91 -86.15
N SER C 114 23.62 -55.80 -85.70
CA SER C 114 22.85 -54.64 -85.28
C SER C 114 22.15 -53.99 -86.47
N MET C 115 22.85 -53.85 -87.60
CA MET C 115 22.22 -53.31 -88.79
C MET C 115 21.14 -54.22 -89.33
N ASP C 116 21.32 -55.54 -89.19
CA ASP C 116 20.30 -56.46 -89.70
C ASP C 116 19.06 -56.48 -88.81
N VAL C 117 19.21 -56.32 -87.49
CA VAL C 117 18.03 -56.18 -86.65
C VAL C 117 17.38 -54.81 -86.85
N ILE C 118 18.16 -53.79 -87.21
CA ILE C 118 17.59 -52.50 -87.60
C ILE C 118 16.73 -52.66 -88.86
N GLN C 119 17.24 -53.39 -89.86
CA GLN C 119 16.49 -53.65 -91.09
C GLN C 119 15.26 -54.50 -90.82
N HIS C 120 15.36 -55.45 -89.89
CA HIS C 120 14.23 -56.33 -89.60
C HIS C 120 13.13 -55.60 -88.85
N GLU C 121 13.50 -54.75 -87.89
CA GLU C 121 12.49 -54.05 -87.10
C GLU C 121 11.95 -52.82 -87.81
N THR C 122 12.72 -52.21 -88.70
CA THR C 122 12.32 -50.97 -89.35
C THR C 122 11.29 -51.30 -90.42
N ILE C 123 10.01 -51.21 -90.04
CA ILE C 123 8.89 -51.36 -90.96
C ILE C 123 7.90 -50.24 -90.63
N GLY C 124 8.00 -49.13 -91.34
CA GLY C 124 7.18 -47.96 -91.06
C GLY C 124 7.74 -47.02 -90.02
N LYS C 125 8.57 -47.52 -89.11
CA LYS C 125 9.20 -46.70 -88.09
C LYS C 125 10.41 -45.99 -88.71
N LYS C 126 10.14 -44.83 -89.32
CA LYS C 126 11.15 -44.07 -90.06
C LYS C 126 12.08 -43.37 -89.09
N PHE C 127 13.38 -43.70 -89.17
CA PHE C 127 14.41 -43.02 -88.41
C PHE C 127 15.24 -42.17 -89.38
N GLU C 128 15.48 -40.92 -89.01
CA GLU C 128 16.25 -40.01 -89.85
C GLU C 128 17.74 -40.29 -89.83
N LYS C 129 18.21 -41.17 -88.95
CA LYS C 129 19.63 -41.39 -88.75
C LYS C 129 19.80 -42.76 -88.11
N ARG C 130 21.02 -43.27 -88.18
CA ARG C 130 21.35 -44.57 -87.59
C ARG C 130 22.72 -44.42 -86.91
N HIS C 131 22.70 -44.15 -85.61
CA HIS C 131 23.92 -43.92 -84.84
C HIS C 131 24.28 -45.18 -84.07
N ILE C 132 25.52 -45.63 -84.24
CA ILE C 132 26.02 -46.84 -83.57
C ILE C 132 27.33 -46.49 -82.87
N GLU C 133 27.37 -46.76 -81.58
CA GLU C 133 28.57 -46.56 -80.77
C GLU C 133 29.25 -47.89 -80.54
N ILE C 134 30.58 -47.85 -80.43
CA ILE C 134 31.36 -49.02 -80.00
C ILE C 134 32.17 -48.64 -78.77
N PHE C 135 32.08 -49.49 -77.74
CA PHE C 135 32.80 -49.35 -76.49
C PHE C 135 33.70 -50.56 -76.35
N THR C 136 35.02 -50.34 -76.43
CA THR C 136 35.99 -51.41 -76.22
C THR C 136 37.29 -50.80 -75.73
N ASP C 137 38.23 -51.68 -75.39
CA ASP C 137 39.58 -51.26 -75.04
C ASP C 137 40.61 -51.68 -76.07
N LEU C 138 40.20 -52.44 -77.09
CA LEU C 138 41.02 -52.88 -78.22
C LEU C 138 42.25 -53.66 -77.76
N SER C 139 42.00 -54.79 -77.11
CA SER C 139 43.07 -55.65 -76.62
C SER C 139 42.91 -57.11 -76.99
N SER C 140 41.80 -57.52 -77.60
CA SER C 140 41.66 -58.86 -78.12
C SER C 140 41.94 -58.85 -79.62
N ARG C 141 41.94 -60.03 -80.23
CA ARG C 141 42.33 -60.16 -81.62
C ARG C 141 41.12 -60.00 -82.54
N PHE C 142 41.40 -59.84 -83.82
CA PHE C 142 40.38 -59.42 -84.79
C PHE C 142 40.29 -60.37 -85.97
N SER C 143 39.53 -59.96 -86.99
CA SER C 143 39.32 -60.76 -88.20
C SER C 143 39.21 -59.80 -89.38
N LYS C 144 40.28 -59.71 -90.18
CA LYS C 144 40.40 -58.71 -91.23
C LYS C 144 39.85 -59.19 -92.58
N SER C 145 38.92 -60.14 -92.58
CA SER C 145 38.36 -60.65 -93.83
C SER C 145 37.17 -59.80 -94.29
N GLN C 146 36.18 -59.64 -93.43
CA GLN C 146 34.99 -58.85 -93.75
C GLN C 146 35.16 -57.44 -93.19
N LEU C 147 35.98 -56.66 -93.90
CA LEU C 147 36.15 -55.25 -93.59
C LEU C 147 35.77 -54.36 -94.75
N ASP C 148 36.25 -54.66 -95.96
CA ASP C 148 35.98 -53.81 -97.11
C ASP C 148 34.51 -53.87 -97.53
N ILE C 149 33.94 -55.07 -97.58
CA ILE C 149 32.54 -55.23 -97.96
C ILE C 149 31.64 -54.66 -96.87
N ILE C 150 32.02 -54.78 -95.60
CA ILE C 150 31.15 -54.24 -94.56
C ILE C 150 31.24 -52.71 -94.52
N ILE C 151 32.39 -52.14 -94.88
CA ILE C 151 32.49 -50.69 -94.97
C ILE C 151 31.69 -50.18 -96.17
N HIS C 152 31.66 -50.94 -97.27
CA HIS C 152 30.82 -50.59 -98.40
C HIS C 152 29.34 -50.68 -98.05
N SER C 153 28.95 -51.65 -97.21
CA SER C 153 27.53 -51.74 -96.84
C SER C 153 27.13 -50.64 -95.86
N LEU C 154 28.03 -50.23 -94.96
CA LEU C 154 27.73 -49.04 -94.15
C LEU C 154 27.73 -47.77 -94.98
N LYS C 155 28.50 -47.72 -96.06
CA LYS C 155 28.44 -46.57 -96.95
C LYS C 155 27.14 -46.54 -97.74
N LYS C 156 26.57 -47.71 -98.04
CA LYS C 156 25.32 -47.76 -98.77
C LYS C 156 24.09 -47.79 -97.86
N CYS C 157 24.26 -47.91 -96.55
CA CYS C 157 23.13 -47.87 -95.63
C CYS C 157 23.17 -46.71 -94.63
N ASP C 158 24.15 -45.81 -94.73
CA ASP C 158 24.20 -44.51 -94.05
C ASP C 158 24.17 -44.65 -92.53
N ILE C 159 25.25 -45.21 -92.00
CA ILE C 159 25.42 -45.42 -90.57
C ILE C 159 26.49 -44.47 -90.05
N SER C 160 26.19 -43.81 -88.94
CA SER C 160 27.15 -42.94 -88.26
C SER C 160 27.69 -43.68 -87.05
N LEU C 161 28.96 -44.05 -87.10
CA LEU C 161 29.59 -44.86 -86.07
C LEU C 161 30.56 -44.00 -85.28
N GLN C 162 30.67 -44.28 -83.98
CA GLN C 162 31.65 -43.58 -83.15
C GLN C 162 32.31 -44.58 -82.21
N PHE C 163 33.54 -44.26 -81.80
CA PHE C 163 34.40 -45.18 -81.06
C PHE C 163 34.87 -44.56 -79.75
N PHE C 164 34.81 -45.36 -78.68
CA PHE C 164 35.30 -44.94 -77.37
C PHE C 164 36.49 -45.78 -76.94
N LEU C 165 37.50 -45.12 -76.41
CA LEU C 165 38.85 -45.63 -76.24
C LEU C 165 39.20 -45.73 -74.76
N PRO C 166 40.17 -46.58 -74.39
CA PRO C 166 40.61 -46.64 -72.98
C PRO C 166 41.45 -45.46 -72.53
N PHE C 167 42.06 -45.61 -71.36
CA PHE C 167 42.83 -44.54 -70.73
C PHE C 167 44.01 -44.07 -71.58
N SER C 168 44.64 -44.98 -72.32
CA SER C 168 45.90 -44.70 -73.01
C SER C 168 45.61 -44.32 -74.45
N LEU C 169 45.59 -43.01 -74.74
CA LEU C 169 45.53 -42.55 -76.12
C LEU C 169 46.86 -42.80 -76.82
N GLY C 170 47.95 -42.27 -76.26
CA GLY C 170 49.27 -42.46 -76.82
C GLY C 170 50.33 -42.72 -75.78
N GLY C 181 50.50 -36.40 -62.19
CA GLY C 181 50.71 -37.66 -61.49
C GLY C 181 49.45 -38.50 -61.35
N PRO C 182 48.56 -38.10 -60.45
CA PRO C 182 47.34 -38.88 -60.22
C PRO C 182 46.32 -38.73 -61.34
N PHE C 183 46.46 -39.55 -62.38
CA PHE C 183 45.51 -39.58 -63.49
C PHE C 183 44.20 -40.22 -63.05
N ARG C 184 43.30 -39.44 -62.44
CA ARG C 184 42.16 -40.06 -61.77
C ARG C 184 40.99 -40.39 -62.69
N LEU C 185 40.22 -39.38 -63.10
CA LEU C 185 39.10 -39.60 -64.01
C LEU C 185 39.21 -38.75 -65.26
N GLY C 186 39.28 -37.44 -65.06
CA GLY C 186 39.52 -36.48 -66.12
C GLY C 186 39.76 -35.12 -65.52
N GLY C 187 40.86 -34.47 -65.89
CA GLY C 187 41.25 -33.23 -65.27
C GLY C 187 41.90 -32.28 -66.27
N HIS C 188 41.50 -32.43 -67.54
CA HIS C 188 42.10 -31.76 -68.69
C HIS C 188 43.59 -32.08 -68.80
N GLY C 189 43.94 -33.34 -68.55
CA GLY C 189 45.33 -33.70 -68.38
C GLY C 189 45.88 -34.63 -69.44
N PRO C 190 46.90 -35.42 -69.07
CA PRO C 190 47.54 -36.31 -70.05
C PRO C 190 46.71 -37.56 -70.34
N SER C 191 47.28 -38.49 -71.09
CA SER C 191 46.56 -39.75 -71.28
C SER C 191 47.41 -40.98 -70.94
N PHE C 192 48.69 -40.97 -71.27
CA PHE C 192 49.48 -42.19 -71.06
C PHE C 192 49.94 -42.25 -69.61
N PRO C 193 49.75 -43.38 -68.92
CA PRO C 193 50.25 -43.50 -67.54
C PRO C 193 51.76 -43.45 -67.45
N LEU C 194 52.45 -44.41 -68.08
CA LEU C 194 53.83 -44.23 -68.52
C LEU C 194 53.96 -44.48 -70.01
N LYS C 195 53.60 -45.67 -70.48
CA LYS C 195 53.44 -46.08 -71.87
C LYS C 195 52.53 -47.30 -71.84
N GLY C 196 51.40 -47.23 -72.54
CA GLY C 196 50.42 -48.29 -72.35
C GLY C 196 50.10 -49.16 -73.56
N ILE C 197 50.78 -48.92 -74.67
CA ILE C 197 50.40 -49.50 -75.95
C ILE C 197 51.27 -50.74 -76.22
N THR C 198 50.61 -51.84 -76.58
CA THR C 198 51.26 -53.03 -77.11
C THR C 198 50.82 -53.20 -78.57
N GLU C 199 51.17 -54.35 -79.15
CA GLU C 199 50.90 -54.59 -80.56
C GLU C 199 49.41 -54.72 -80.85
N GLN C 200 48.63 -55.23 -79.90
CA GLN C 200 47.20 -55.34 -80.11
C GLN C 200 46.55 -53.97 -80.16
N GLN C 201 46.94 -53.07 -79.25
CA GLN C 201 46.49 -51.69 -79.31
C GLN C 201 47.00 -50.98 -80.56
N LYS C 202 48.21 -51.32 -81.01
CA LYS C 202 48.77 -50.74 -82.23
C LYS C 202 47.91 -51.07 -83.44
N GLU C 203 47.64 -52.36 -83.62
CA GLU C 203 46.86 -52.82 -84.77
C GLU C 203 45.41 -52.34 -84.69
N GLY C 204 44.81 -52.38 -83.49
CA GLY C 204 43.44 -51.90 -83.35
C GLY C 204 43.30 -50.41 -83.57
N LEU C 205 44.25 -49.63 -83.05
CA LEU C 205 44.22 -48.18 -83.23
C LEU C 205 44.44 -47.80 -84.68
N GLU C 206 45.33 -48.50 -85.39
CA GLU C 206 45.54 -48.14 -86.78
C GLU C 206 44.38 -48.61 -87.67
N ILE C 207 43.74 -49.74 -87.36
CA ILE C 207 42.61 -50.13 -88.21
C ILE C 207 41.40 -49.25 -87.92
N VAL C 208 41.21 -48.77 -86.68
CA VAL C 208 40.06 -47.90 -86.45
C VAL C 208 40.34 -46.52 -87.03
N LYS C 209 41.61 -46.08 -87.05
CA LYS C 209 41.93 -44.81 -87.68
C LYS C 209 41.72 -44.87 -89.19
N MET C 210 42.12 -45.97 -89.84
CA MET C 210 41.94 -46.06 -91.28
C MET C 210 40.48 -46.26 -91.67
N VAL C 211 39.73 -47.04 -90.88
CA VAL C 211 38.30 -47.21 -91.13
C VAL C 211 37.56 -45.87 -90.97
N MET C 212 37.93 -45.10 -89.95
CA MET C 212 37.22 -43.83 -89.73
C MET C 212 37.61 -42.76 -90.74
N ILE C 213 38.88 -42.74 -91.21
CA ILE C 213 39.21 -41.73 -92.21
C ILE C 213 38.62 -42.12 -93.57
N SER C 214 38.48 -43.42 -93.84
CA SER C 214 37.78 -43.82 -95.06
C SER C 214 36.28 -43.63 -94.93
N LEU C 215 35.75 -43.57 -93.71
CA LEU C 215 34.33 -43.33 -93.53
C LEU C 215 34.00 -41.85 -93.67
N GLU C 216 34.80 -40.96 -93.09
CA GLU C 216 34.53 -39.53 -93.18
C GLU C 216 35.62 -38.74 -93.90
N GLY C 217 36.87 -38.84 -93.47
CA GLY C 217 37.90 -37.94 -93.92
C GLY C 217 38.83 -37.52 -92.79
N GLU C 218 38.97 -36.21 -92.55
CA GLU C 218 39.77 -35.78 -91.42
C GLU C 218 39.03 -35.98 -90.10
N ASP C 219 37.72 -35.74 -90.10
CA ASP C 219 36.92 -35.85 -88.88
C ASP C 219 36.78 -37.29 -88.39
N GLY C 220 37.08 -38.28 -89.24
CA GLY C 220 37.20 -39.64 -88.76
C GLY C 220 38.32 -39.80 -87.75
N LEU C 221 39.41 -39.06 -87.93
CA LEU C 221 40.42 -38.99 -86.88
C LEU C 221 39.90 -38.29 -85.64
N ASP C 222 38.95 -37.38 -85.83
CA ASP C 222 38.27 -36.75 -84.70
C ASP C 222 37.07 -37.55 -84.20
N GLU C 223 36.64 -38.58 -84.93
CA GLU C 223 35.55 -39.43 -84.47
C GLU C 223 36.07 -40.65 -83.72
N ILE C 224 37.00 -40.41 -82.80
CA ILE C 224 37.41 -41.34 -81.76
C ILE C 224 37.52 -40.53 -80.47
N TYR C 225 37.16 -41.14 -79.34
CA TYR C 225 37.15 -40.35 -78.12
C TYR C 225 37.52 -41.21 -76.93
N SER C 226 38.31 -40.63 -76.02
CA SER C 226 38.78 -41.32 -74.83
C SER C 226 37.77 -41.25 -73.71
N PHE C 227 37.85 -42.23 -72.80
CA PHE C 227 36.96 -42.28 -71.65
C PHE C 227 37.23 -41.15 -70.67
N SER C 228 38.47 -40.65 -70.62
CA SER C 228 38.86 -39.72 -69.57
C SER C 228 38.32 -38.32 -69.82
N GLU C 229 38.27 -37.89 -71.07
CA GLU C 229 37.81 -36.55 -71.40
C GLU C 229 36.38 -36.51 -71.92
N SER C 230 35.77 -37.66 -72.19
CA SER C 230 34.38 -37.65 -72.60
C SER C 230 33.42 -37.44 -71.45
N LEU C 231 33.92 -37.45 -70.21
CA LEU C 231 33.08 -37.15 -69.07
C LEU C 231 32.87 -35.65 -68.90
N ARG C 232 33.86 -34.84 -69.27
CA ARG C 232 33.75 -33.39 -69.20
C ARG C 232 33.43 -32.77 -70.55
N LYS C 233 32.90 -33.56 -71.48
CA LYS C 233 32.38 -33.06 -72.74
C LYS C 233 31.13 -33.85 -73.08
N LEU C 234 30.44 -33.41 -74.12
CA LEU C 234 29.27 -34.16 -74.56
C LEU C 234 29.47 -34.64 -75.99
N CYS C 235 30.65 -35.21 -76.24
CA CYS C 235 30.99 -35.72 -77.56
C CYS C 235 30.13 -36.91 -77.99
N VAL C 236 29.45 -37.57 -77.05
CA VAL C 236 28.45 -38.56 -77.41
C VAL C 236 27.20 -37.87 -77.95
N PHE C 237 26.93 -36.64 -77.53
CA PHE C 237 25.76 -35.89 -77.97
C PHE C 237 26.07 -35.09 -79.23
N LYS C 238 26.43 -35.83 -80.28
CA LYS C 238 26.66 -35.24 -81.59
C LYS C 238 25.84 -36.02 -82.61
N LYS C 239 25.38 -35.30 -83.63
CA LYS C 239 24.62 -35.84 -84.77
C LYS C 239 23.33 -36.54 -84.32
N ILE C 240 22.65 -35.95 -83.32
CA ILE C 240 21.38 -36.49 -82.86
C ILE C 240 20.26 -35.49 -83.07
N GLU C 241 20.38 -34.32 -82.43
CA GLU C 241 19.24 -33.42 -82.27
C GLU C 241 18.90 -32.71 -83.56
N ARG C 242 17.60 -32.69 -83.88
CA ARG C 242 17.11 -31.80 -84.92
C ARG C 242 17.29 -30.36 -84.47
N HIS C 243 17.80 -29.53 -85.39
CA HIS C 243 18.53 -28.30 -85.04
C HIS C 243 17.71 -27.24 -84.34
N SER C 244 16.77 -26.63 -85.05
CA SER C 244 16.05 -25.45 -84.56
C SER C 244 14.87 -25.21 -85.49
N ILE C 245 14.23 -24.05 -85.33
CA ILE C 245 13.14 -23.64 -86.20
C ILE C 245 13.55 -22.36 -86.92
N HIS C 246 12.94 -22.13 -88.06
CA HIS C 246 13.31 -21.06 -88.97
C HIS C 246 12.85 -19.71 -88.41
N TRP C 247 13.39 -18.62 -88.97
CA TRP C 247 12.71 -17.34 -88.88
C TRP C 247 12.85 -16.55 -90.19
N PRO C 248 11.85 -16.64 -91.09
CA PRO C 248 11.90 -15.86 -92.34
C PRO C 248 11.22 -14.49 -92.27
N CYS C 249 11.94 -13.44 -92.63
CA CYS C 249 11.42 -12.06 -92.71
C CYS C 249 12.14 -11.31 -93.81
N ARG C 250 12.07 -9.98 -93.79
CA ARG C 250 12.59 -9.14 -94.85
C ARG C 250 13.53 -8.09 -94.29
N LEU C 251 14.70 -7.97 -94.92
CA LEU C 251 15.66 -6.90 -94.61
C LEU C 251 15.57 -5.84 -95.69
N THR C 252 15.11 -4.66 -95.34
CA THR C 252 14.79 -3.62 -96.32
C THR C 252 15.59 -2.36 -96.04
N ILE C 253 16.65 -2.14 -96.81
CA ILE C 253 17.35 -0.87 -96.81
C ILE C 253 16.43 0.18 -97.41
N GLY C 254 16.11 1.20 -96.62
CA GLY C 254 15.36 2.32 -97.16
C GLY C 254 13.90 1.95 -97.41
N SER C 255 13.47 2.15 -98.64
CA SER C 255 12.07 1.96 -99.03
C SER C 255 11.83 0.71 -99.87
N ASN C 256 12.69 0.41 -100.86
CA ASN C 256 12.50 -0.77 -101.72
C ASN C 256 13.80 -1.57 -101.80
N LEU C 257 14.00 -2.45 -100.83
CA LEU C 257 15.02 -3.49 -100.87
C LEU C 257 14.45 -4.81 -100.33
N SER C 258 13.31 -5.25 -100.86
CA SER C 258 12.63 -6.44 -100.34
C SER C 258 13.48 -7.69 -100.52
N ILE C 259 14.09 -8.13 -99.42
CA ILE C 259 15.08 -9.21 -99.40
C ILE C 259 14.68 -10.20 -98.33
N ARG C 260 14.41 -11.44 -98.73
CA ARG C 260 14.11 -12.50 -97.78
C ARG C 260 15.35 -12.83 -96.97
N ILE C 261 15.16 -13.07 -95.68
CA ILE C 261 16.28 -13.25 -94.77
C ILE C 261 15.85 -14.16 -93.62
N ALA C 262 16.69 -15.14 -93.31
CA ALA C 262 16.38 -16.12 -92.29
C ALA C 262 17.23 -15.89 -91.05
N ALA C 263 16.66 -16.23 -89.91
CA ALA C 263 17.29 -16.00 -88.63
C ALA C 263 17.16 -17.24 -87.75
N TYR C 264 18.21 -17.45 -86.95
CA TYR C 264 18.32 -18.50 -85.95
C TYR C 264 18.91 -17.91 -84.68
N LYS C 265 18.65 -18.60 -83.57
CA LYS C 265 19.07 -18.15 -82.25
C LYS C 265 20.43 -18.72 -81.88
N SER C 266 20.99 -18.19 -80.80
CA SER C 266 22.25 -18.65 -80.25
C SER C 266 22.20 -18.44 -78.74
N ILE C 267 23.37 -18.33 -78.12
CA ILE C 267 23.62 -18.46 -76.68
C ILE C 267 22.64 -17.74 -75.76
N LEU C 268 22.05 -18.51 -74.84
CA LEU C 268 20.95 -18.09 -74.00
C LEU C 268 21.07 -18.79 -72.66
N GLN C 269 20.23 -18.41 -71.71
CA GLN C 269 20.22 -19.13 -70.45
C GLN C 269 19.51 -20.46 -70.64
N GLU C 270 19.68 -21.36 -69.67
CA GLU C 270 19.14 -22.70 -69.82
C GLU C 270 18.50 -23.17 -68.52
N ARG C 271 17.31 -23.76 -68.64
CA ARG C 271 16.60 -24.36 -67.52
C ARG C 271 15.96 -25.67 -67.99
N VAL C 272 15.46 -26.44 -67.02
CA VAL C 272 14.82 -27.71 -67.27
C VAL C 272 13.32 -27.53 -67.11
N LYS C 273 12.56 -28.04 -68.08
CA LYS C 273 11.14 -27.72 -68.18
C LYS C 273 10.31 -28.35 -67.08
N LYS C 274 10.76 -29.46 -66.51
CA LYS C 274 9.95 -30.22 -65.56
C LYS C 274 9.92 -29.51 -64.21
N THR C 275 8.73 -29.18 -63.74
CA THR C 275 8.57 -28.51 -62.47
C THR C 275 8.07 -29.49 -61.42
N TRP C 276 8.15 -29.06 -60.16
CA TRP C 276 7.84 -29.92 -59.02
C TRP C 276 6.38 -29.75 -58.64
N THR C 277 5.59 -30.80 -58.84
CA THR C 277 4.19 -30.70 -58.48
C THR C 277 4.04 -30.91 -56.98
N VAL C 278 2.96 -30.38 -56.42
CA VAL C 278 2.67 -30.53 -55.00
C VAL C 278 1.62 -31.60 -54.81
N VAL C 279 1.82 -32.48 -53.82
CA VAL C 279 0.89 -33.55 -53.50
C VAL C 279 0.75 -33.63 -52.00
N ASP C 280 -0.36 -34.20 -51.53
CA ASP C 280 -0.56 -34.28 -50.09
C ASP C 280 0.17 -35.49 -49.53
N ALA C 281 0.53 -35.39 -48.25
CA ALA C 281 1.20 -36.50 -47.58
C ALA C 281 0.22 -37.64 -47.35
N LYS C 282 0.79 -38.83 -47.17
CA LYS C 282 0.12 -40.11 -46.82
C LYS C 282 -1.03 -40.49 -47.77
N THR C 283 -1.12 -39.86 -48.94
CA THR C 283 -2.01 -40.28 -50.01
C THR C 283 -1.29 -40.39 -51.34
N LEU C 284 -0.33 -39.49 -51.60
CA LEU C 284 0.48 -39.44 -52.82
C LEU C 284 -0.38 -39.26 -54.06
N LYS C 285 -1.29 -38.30 -54.00
CA LYS C 285 -2.18 -37.98 -55.12
C LYS C 285 -2.25 -36.48 -55.28
N LYS C 286 -2.73 -36.06 -56.45
CA LYS C 286 -2.66 -34.65 -56.84
C LYS C 286 -3.93 -33.88 -56.52
N GLU C 287 -5.11 -34.47 -56.75
CA GLU C 287 -6.37 -33.75 -56.69
C GLU C 287 -6.82 -33.42 -55.27
N ASP C 288 -6.09 -33.84 -54.25
CA ASP C 288 -6.45 -33.56 -52.87
C ASP C 288 -5.89 -32.23 -52.38
N ILE C 289 -5.44 -31.37 -53.29
CA ILE C 289 -5.04 -30.01 -52.95
C ILE C 289 -5.90 -29.06 -53.77
N GLN C 290 -6.38 -28.00 -53.13
CA GLN C 290 -7.03 -26.91 -53.84
C GLN C 290 -6.51 -25.61 -53.27
N LYS C 291 -5.89 -24.80 -54.11
CA LYS C 291 -5.40 -23.50 -53.70
C LYS C 291 -6.44 -22.44 -54.03
N GLU C 292 -6.54 -21.43 -53.18
CA GLU C 292 -7.55 -20.40 -53.39
C GLU C 292 -6.99 -19.06 -52.94
N THR C 293 -7.50 -18.00 -53.57
CA THR C 293 -7.19 -16.63 -53.20
C THR C 293 -8.51 -15.94 -52.87
N VAL C 294 -8.53 -15.20 -51.76
CA VAL C 294 -9.70 -14.41 -51.39
C VAL C 294 -9.25 -12.96 -51.24
N TYR C 295 -9.90 -12.07 -51.98
CA TYR C 295 -9.53 -10.66 -52.01
C TYR C 295 -10.28 -9.87 -50.94
N CYS C 296 -10.15 -10.31 -49.70
CA CYS C 296 -10.98 -9.74 -48.63
C CYS C 296 -10.46 -8.37 -48.23
N LEU C 297 -11.35 -7.37 -48.27
CA LEU C 297 -10.98 -6.03 -47.84
C LEU C 297 -10.95 -6.01 -46.32
N ASN C 298 -9.75 -5.97 -45.73
CA ASN C 298 -9.78 -6.04 -44.28
C ASN C 298 -10.04 -4.68 -43.64
N ASP C 299 -9.06 -3.78 -43.55
CA ASP C 299 -9.20 -2.35 -43.23
C ASP C 299 -9.89 -1.99 -41.91
N ASP C 300 -10.43 -3.01 -41.23
CA ASP C 300 -11.35 -3.01 -40.11
C ASP C 300 -11.53 -4.49 -39.83
N ASP C 301 -12.59 -4.88 -39.14
CA ASP C 301 -13.12 -6.22 -39.38
C ASP C 301 -13.48 -6.34 -40.85
N GLU C 302 -13.12 -7.46 -41.45
CA GLU C 302 -13.10 -7.58 -42.90
C GLU C 302 -14.49 -7.79 -43.48
N THR C 303 -14.62 -7.46 -44.76
CA THR C 303 -15.76 -7.85 -45.57
C THR C 303 -15.24 -8.38 -46.90
N GLU C 304 -15.64 -9.59 -47.25
CA GLU C 304 -15.10 -10.24 -48.43
C GLU C 304 -15.87 -9.80 -49.67
N VAL C 305 -15.15 -9.71 -50.78
CA VAL C 305 -15.75 -9.30 -52.05
C VAL C 305 -15.64 -10.44 -53.05
N LEU C 306 -16.32 -10.25 -54.18
CA LEU C 306 -16.23 -11.15 -55.30
C LEU C 306 -15.18 -10.64 -56.27
N LYS C 307 -14.85 -11.48 -57.25
CA LYS C 307 -13.87 -11.12 -58.27
C LYS C 307 -14.54 -10.44 -59.46
N GLU C 308 -15.38 -9.44 -59.18
CA GLU C 308 -16.06 -8.72 -60.25
C GLU C 308 -15.96 -7.22 -60.01
N ASP C 309 -15.91 -6.80 -58.75
CA ASP C 309 -15.68 -5.41 -58.39
C ASP C 309 -14.25 -5.28 -57.90
N ILE C 310 -13.31 -5.30 -58.85
CA ILE C 310 -11.87 -5.28 -58.59
C ILE C 310 -11.20 -4.57 -59.76
N ILE C 311 -10.37 -3.57 -59.47
CA ILE C 311 -9.74 -2.79 -60.51
C ILE C 311 -8.23 -2.74 -60.25
N GLN C 312 -7.51 -2.28 -61.28
CA GLN C 312 -6.08 -2.18 -61.29
C GLN C 312 -5.69 -0.70 -61.30
N GLY C 313 -4.98 -0.27 -60.27
CA GLY C 313 -4.60 1.13 -60.17
C GLY C 313 -3.10 1.26 -60.04
N PHE C 314 -2.60 2.38 -60.55
CA PHE C 314 -1.17 2.67 -60.49
C PHE C 314 -0.92 3.77 -59.48
N ARG C 315 0.35 3.96 -59.14
CA ARG C 315 0.72 4.97 -58.16
C ARG C 315 1.27 6.21 -58.84
N TYR C 316 1.04 7.36 -58.21
CA TYR C 316 1.43 8.65 -58.77
C TYR C 316 1.71 9.60 -57.61
N GLY C 317 2.98 9.76 -57.27
CA GLY C 317 3.39 10.79 -56.33
C GLY C 317 2.97 10.52 -54.90
N SER C 318 1.67 10.64 -54.63
CA SER C 318 1.13 10.19 -53.36
C SER C 318 -0.26 9.59 -53.47
N ASP C 319 -0.76 9.33 -54.67
CA ASP C 319 -2.14 8.87 -54.84
C ASP C 319 -2.18 7.65 -55.74
N ILE C 320 -3.38 7.10 -55.90
CA ILE C 320 -3.63 5.92 -56.71
C ILE C 320 -4.64 6.29 -57.77
N VAL C 321 -4.36 5.87 -59.01
CA VAL C 321 -5.23 6.21 -60.13
C VAL C 321 -5.81 4.95 -60.79
N PRO C 322 -7.05 5.02 -61.26
CA PRO C 322 -7.69 3.92 -62.01
C PRO C 322 -7.16 3.75 -63.43
N PHE C 323 -8.05 3.30 -64.32
CA PHE C 323 -7.85 2.80 -65.69
C PHE C 323 -7.21 1.41 -65.69
N SER C 324 -7.99 0.44 -65.25
CA SER C 324 -7.52 -0.93 -65.03
C SER C 324 -7.08 -1.70 -66.26
N LYS C 325 -8.02 -2.15 -67.09
CA LYS C 325 -7.66 -3.12 -68.11
C LYS C 325 -8.11 -2.72 -69.51
N VAL C 326 -9.36 -2.29 -69.64
CA VAL C 326 -9.93 -2.09 -70.97
C VAL C 326 -9.47 -0.77 -71.55
N ASP C 327 -9.24 0.23 -70.70
CA ASP C 327 -8.79 1.54 -71.18
C ASP C 327 -7.36 1.46 -71.69
N GLU C 328 -6.54 0.63 -71.06
CA GLU C 328 -5.19 0.37 -71.55
C GLU C 328 -5.18 -0.60 -72.73
N GLU C 329 -6.21 -1.47 -72.84
CA GLU C 329 -6.38 -2.25 -74.06
C GLU C 329 -6.69 -1.35 -75.25
N GLN C 330 -7.41 -0.25 -75.01
CA GLN C 330 -7.55 0.76 -76.06
C GLN C 330 -6.23 1.49 -76.29
N MET C 331 -5.72 2.14 -75.25
CA MET C 331 -4.53 2.99 -75.35
C MET C 331 -3.25 2.25 -75.00
N LYS C 332 -3.04 1.10 -75.62
CA LYS C 332 -1.75 0.42 -75.60
C LYS C 332 -0.81 1.05 -76.64
N TYR C 333 0.31 0.40 -76.92
CA TYR C 333 1.22 0.83 -77.96
C TYR C 333 1.09 -0.10 -79.17
N LYS C 334 1.35 0.45 -80.36
CA LYS C 334 1.15 -0.26 -81.61
C LYS C 334 2.47 -0.38 -82.36
N SER C 335 2.70 -1.55 -82.98
CA SER C 335 3.95 -1.84 -83.64
C SER C 335 3.81 -2.32 -85.08
N GLU C 336 2.59 -2.39 -85.61
CA GLU C 336 2.22 -2.71 -87.00
C GLU C 336 2.84 -4.02 -87.54
N GLY C 337 3.27 -4.91 -86.66
CA GLY C 337 3.81 -6.20 -87.08
C GLY C 337 5.32 -6.26 -86.89
N LYS C 338 5.89 -7.32 -87.45
CA LYS C 338 7.33 -7.54 -87.32
C LYS C 338 8.10 -6.60 -88.24
N CYS C 339 9.32 -6.27 -87.83
CA CYS C 339 10.17 -5.36 -88.58
C CYS C 339 11.62 -5.78 -88.39
N PHE C 340 12.41 -5.66 -89.45
CA PHE C 340 13.83 -5.94 -89.38
C PHE C 340 14.60 -4.89 -90.17
N SER C 341 14.27 -3.62 -89.95
CA SER C 341 14.80 -2.54 -90.76
C SER C 341 16.12 -2.02 -90.21
N VAL C 342 16.83 -1.28 -91.05
CA VAL C 342 18.14 -0.77 -90.70
C VAL C 342 18.03 0.71 -90.40
N LEU C 343 18.47 1.13 -89.22
CA LEU C 343 18.41 2.55 -88.90
C LEU C 343 19.54 3.31 -89.58
N GLY C 344 20.77 3.00 -89.24
CA GLY C 344 21.91 3.75 -89.72
C GLY C 344 23.14 2.89 -89.72
N PHE C 345 24.30 3.54 -89.62
CA PHE C 345 25.57 2.85 -89.48
C PHE C 345 26.44 3.71 -88.57
N CYS C 346 27.63 3.18 -88.26
CA CYS C 346 28.60 3.95 -87.47
C CYS C 346 29.98 3.39 -87.75
N LYS C 347 30.86 4.23 -88.30
CA LYS C 347 32.23 3.83 -88.56
C LYS C 347 33.05 3.72 -87.29
N SER C 348 32.66 4.42 -86.23
CA SER C 348 33.43 4.45 -85.00
C SER C 348 33.29 3.15 -84.23
N SER C 349 34.31 2.84 -83.45
CA SER C 349 34.27 1.72 -82.52
C SER C 349 33.77 2.18 -81.15
N GLN C 350 32.63 2.85 -81.14
CA GLN C 350 31.99 3.29 -79.92
C GLN C 350 30.84 2.40 -79.50
N VAL C 351 30.77 1.19 -80.04
CA VAL C 351 29.97 0.11 -79.46
C VAL C 351 30.96 -0.79 -78.72
N GLN C 352 31.17 -0.49 -77.44
CA GLN C 352 32.25 -1.12 -76.70
C GLN C 352 31.72 -2.36 -75.99
N ARG C 353 32.52 -2.89 -75.07
CA ARG C 353 32.28 -4.23 -74.53
C ARG C 353 31.28 -4.27 -73.38
N ARG C 354 31.04 -3.16 -72.71
CA ARG C 354 30.31 -3.19 -71.44
C ARG C 354 28.85 -2.79 -71.57
N PHE C 355 28.36 -2.56 -72.78
CA PHE C 355 27.05 -1.94 -72.98
C PHE C 355 26.20 -2.76 -73.92
N PHE C 356 26.09 -4.06 -73.68
CA PHE C 356 25.29 -4.88 -74.59
C PHE C 356 23.85 -5.03 -74.13
N MET C 357 23.62 -5.61 -72.94
CA MET C 357 22.33 -5.65 -72.24
C MET C 357 21.25 -6.37 -73.07
N GLY C 358 21.46 -7.67 -73.25
CA GLY C 358 20.47 -8.53 -73.85
C GLY C 358 20.56 -9.92 -73.23
N ASN C 359 19.64 -10.79 -73.64
CA ASN C 359 19.64 -12.15 -73.12
C ASN C 359 19.89 -13.20 -74.18
N GLN C 360 20.19 -12.80 -75.41
CA GLN C 360 20.38 -13.76 -76.50
C GLN C 360 21.35 -13.18 -77.51
N VAL C 361 21.59 -13.96 -78.56
CA VAL C 361 22.26 -13.51 -79.78
C VAL C 361 21.50 -14.10 -80.95
N LEU C 362 21.07 -13.27 -81.88
CA LEU C 362 20.38 -13.76 -83.07
C LEU C 362 21.39 -13.74 -84.22
N LYS C 363 21.79 -14.91 -84.68
CA LYS C 363 22.79 -15.00 -85.75
C LYS C 363 22.05 -15.08 -87.08
N VAL C 364 21.78 -13.92 -87.67
CA VAL C 364 20.98 -13.85 -88.88
C VAL C 364 21.84 -14.29 -90.04
N PHE C 365 21.38 -15.12 -90.97
CA PHE C 365 22.49 -15.50 -91.88
C PHE C 365 22.09 -15.70 -93.35
N ALA C 366 20.90 -16.13 -93.72
CA ALA C 366 20.80 -16.31 -95.16
C ALA C 366 19.34 -16.27 -95.58
N ALA C 367 19.06 -16.72 -96.79
CA ALA C 367 17.74 -17.17 -97.17
C ALA C 367 17.92 -18.47 -97.94
N ARG C 368 16.85 -18.94 -98.58
CA ARG C 368 16.93 -20.12 -99.44
C ARG C 368 16.34 -19.78 -100.81
N ASP C 369 16.13 -20.81 -101.65
CA ASP C 369 15.23 -20.74 -102.80
C ASP C 369 15.60 -19.70 -103.85
N ASP C 370 16.60 -19.99 -104.69
CA ASP C 370 17.10 -19.11 -105.76
C ASP C 370 17.71 -17.84 -105.16
N GLU C 371 18.89 -18.05 -104.59
CA GLU C 371 19.50 -17.28 -103.51
C GLU C 371 20.07 -15.92 -103.93
N ALA C 372 19.24 -15.10 -104.58
CA ALA C 372 19.64 -13.73 -104.87
C ALA C 372 19.71 -12.90 -103.60
N ALA C 373 18.84 -13.22 -102.63
CA ALA C 373 18.95 -12.61 -101.31
C ALA C 373 20.27 -12.97 -100.65
N ALA C 374 20.73 -14.21 -100.85
CA ALA C 374 21.98 -14.64 -100.23
C ALA C 374 23.18 -13.97 -100.86
N VAL C 375 23.17 -13.80 -102.19
CA VAL C 375 24.32 -13.13 -102.81
C VAL C 375 24.30 -11.64 -102.46
N ALA C 376 23.10 -11.06 -102.28
CA ALA C 376 23.01 -9.66 -101.86
C ALA C 376 23.52 -9.47 -100.43
N LEU C 377 23.15 -10.35 -99.51
CA LEU C 377 23.61 -10.20 -98.14
C LEU C 377 25.08 -10.53 -98.00
N SER C 378 25.60 -11.45 -98.83
CA SER C 378 27.02 -11.74 -98.77
C SER C 378 27.83 -10.56 -99.29
N SER C 379 27.32 -9.87 -100.30
CA SER C 379 27.97 -8.62 -100.72
C SER C 379 27.87 -7.55 -99.65
N LEU C 380 26.76 -7.53 -98.90
CA LEU C 380 26.61 -6.57 -97.81
C LEU C 380 27.63 -6.82 -96.71
N ILE C 381 27.75 -8.06 -96.26
CA ILE C 381 28.70 -8.35 -95.20
C ILE C 381 30.13 -8.33 -95.72
N HIS C 382 30.33 -8.53 -97.01
CA HIS C 382 31.64 -8.34 -97.61
C HIS C 382 31.98 -6.87 -97.80
N ALA C 383 31.01 -5.99 -97.68
CA ALA C 383 31.34 -4.57 -97.53
C ALA C 383 31.61 -4.23 -96.08
N LEU C 384 30.89 -4.88 -95.16
CA LEU C 384 31.00 -4.55 -93.74
C LEU C 384 32.30 -5.08 -93.14
N ASP C 385 32.83 -6.19 -93.65
CA ASP C 385 33.92 -6.87 -92.97
C ASP C 385 35.27 -6.16 -93.13
N ASP C 386 35.49 -5.49 -94.27
CA ASP C 386 36.77 -4.87 -94.56
C ASP C 386 36.93 -3.49 -93.92
N LEU C 387 36.09 -3.16 -92.94
CA LEU C 387 36.17 -1.92 -92.20
C LEU C 387 35.48 -2.15 -90.85
N ASP C 388 35.55 -1.15 -89.99
CA ASP C 388 34.82 -1.21 -88.72
C ASP C 388 33.44 -0.58 -88.87
N MET C 389 32.66 -1.17 -89.77
CA MET C 389 31.33 -0.69 -90.08
C MET C 389 30.33 -1.55 -89.31
N VAL C 390 29.79 -0.99 -88.24
CA VAL C 390 28.71 -1.63 -87.52
C VAL C 390 27.41 -1.27 -88.21
N ALA C 391 26.34 -2.01 -87.88
CA ALA C 391 25.04 -1.82 -88.51
C ALA C 391 23.95 -1.83 -87.44
N ILE C 392 23.35 -0.68 -87.20
CA ILE C 392 22.33 -0.57 -86.17
C ILE C 392 20.97 -0.94 -86.75
N VAL C 393 20.29 -1.87 -86.10
CA VAL C 393 19.07 -2.49 -86.61
C VAL C 393 17.93 -2.17 -85.65
N ARG C 394 16.74 -1.97 -86.20
CA ARG C 394 15.49 -2.03 -85.45
C ARG C 394 14.72 -3.30 -85.82
N TYR C 395 14.41 -4.10 -84.81
CA TYR C 395 13.87 -5.44 -84.98
C TYR C 395 12.73 -5.67 -84.01
N ALA C 396 11.71 -6.38 -84.47
CA ALA C 396 10.65 -6.90 -83.62
C ALA C 396 10.33 -8.32 -84.07
N TYR C 397 9.75 -9.10 -83.16
CA TYR C 397 9.39 -10.49 -83.43
C TYR C 397 7.95 -10.61 -83.92
N ASP C 398 6.99 -10.20 -83.08
CA ASP C 398 5.57 -10.19 -83.40
C ASP C 398 5.01 -8.82 -83.05
N LYS C 399 3.69 -8.71 -83.15
CA LYS C 399 3.04 -7.41 -82.98
C LYS C 399 2.98 -6.98 -81.52
N ARG C 400 3.18 -7.90 -80.58
CA ARG C 400 3.03 -7.57 -79.17
C ARG C 400 4.36 -7.43 -78.45
N ALA C 401 5.46 -7.88 -79.06
CA ALA C 401 6.76 -7.73 -78.46
C ALA C 401 7.18 -6.27 -78.50
N ASN C 402 7.99 -5.88 -77.52
CA ASN C 402 8.57 -4.55 -77.53
C ASN C 402 9.60 -4.46 -78.66
N PRO C 403 9.78 -3.28 -79.24
CA PRO C 403 10.76 -3.14 -80.32
C PRO C 403 12.16 -3.04 -79.77
N GLN C 404 13.11 -3.47 -80.60
CA GLN C 404 14.50 -3.55 -80.19
C GLN C 404 15.39 -2.76 -81.14
N VAL C 405 16.41 -2.10 -80.59
CA VAL C 405 17.54 -1.63 -81.37
C VAL C 405 18.72 -2.53 -81.03
N GLY C 406 19.66 -2.64 -81.96
CA GLY C 406 20.76 -3.56 -81.69
C GLY C 406 21.85 -3.50 -82.75
N VAL C 407 22.92 -4.23 -82.48
CA VAL C 407 24.09 -4.27 -83.35
C VAL C 407 24.01 -5.51 -84.23
N ALA C 408 24.42 -5.37 -85.50
CA ALA C 408 24.63 -6.49 -86.41
C ALA C 408 26.07 -6.48 -86.92
N PHE C 409 26.92 -7.33 -86.32
CA PHE C 409 28.34 -7.55 -86.59
C PHE C 409 28.54 -8.58 -87.69
N PRO C 410 29.54 -8.40 -88.55
CA PRO C 410 29.85 -9.42 -89.54
C PRO C 410 30.52 -10.64 -88.93
N HIS C 411 30.40 -11.77 -89.61
CA HIS C 411 30.94 -13.04 -89.12
C HIS C 411 31.41 -13.85 -90.32
N ILE C 412 32.72 -14.05 -90.42
CA ILE C 412 33.37 -14.67 -91.57
C ILE C 412 33.82 -16.07 -91.17
N LYS C 413 33.14 -17.09 -91.67
CA LYS C 413 33.54 -18.47 -91.47
C LYS C 413 33.51 -19.20 -92.81
N HIS C 414 33.98 -20.44 -92.81
CA HIS C 414 34.20 -21.14 -94.08
C HIS C 414 32.92 -21.70 -94.65
N ASN C 415 32.25 -22.58 -93.91
CA ASN C 415 31.05 -23.23 -94.42
C ASN C 415 29.81 -22.36 -94.29
N TYR C 416 29.92 -21.17 -93.69
CA TYR C 416 28.79 -20.29 -93.51
C TYR C 416 29.28 -18.86 -93.33
N GLU C 417 28.49 -17.91 -93.83
CA GLU C 417 28.70 -16.50 -93.61
C GLU C 417 27.54 -15.96 -92.80
N CYS C 418 27.82 -15.19 -91.75
CA CYS C 418 26.79 -14.89 -90.78
C CYS C 418 26.88 -13.44 -90.33
N LEU C 419 25.81 -12.98 -89.68
CA LEU C 419 25.73 -11.61 -89.17
C LEU C 419 25.10 -11.69 -87.80
N VAL C 420 25.88 -11.44 -86.74
CA VAL C 420 25.33 -11.60 -85.41
C VAL C 420 24.55 -10.34 -85.05
N TYR C 421 23.56 -10.49 -84.17
CA TYR C 421 22.71 -9.40 -83.76
C TYR C 421 22.50 -9.48 -82.25
N VAL C 422 22.82 -8.38 -81.57
CA VAL C 422 22.69 -8.26 -80.12
C VAL C 422 21.73 -7.11 -79.84
N GLN C 423 21.00 -7.19 -78.74
CA GLN C 423 20.22 -6.04 -78.29
C GLN C 423 21.16 -4.98 -77.73
N LEU C 424 20.63 -3.77 -77.54
CA LEU C 424 21.33 -2.60 -77.06
C LEU C 424 20.49 -1.91 -76.01
N PRO C 425 21.06 -1.00 -75.22
CA PRO C 425 20.23 -0.27 -74.26
C PRO C 425 19.51 0.94 -74.82
N PHE C 426 18.37 1.23 -74.20
CA PHE C 426 17.70 2.51 -74.32
C PHE C 426 18.05 3.38 -73.13
N MET C 427 17.84 4.69 -73.26
CA MET C 427 18.25 5.63 -72.22
C MET C 427 17.21 5.72 -71.09
N GLU C 428 16.78 4.57 -70.59
CA GLU C 428 16.19 4.47 -69.27
C GLU C 428 16.91 3.31 -68.60
N ASP C 429 17.31 2.35 -69.43
CA ASP C 429 17.96 1.14 -68.92
C ASP C 429 19.39 1.42 -68.54
N LEU C 430 20.04 2.37 -69.20
CA LEU C 430 21.38 2.77 -68.85
C LEU C 430 21.37 3.57 -67.55
N ARG C 431 22.44 3.45 -66.78
CA ARG C 431 22.74 4.38 -65.71
C ARG C 431 24.23 4.38 -65.51
N GLN C 432 24.76 5.50 -65.03
CA GLN C 432 26.19 5.59 -64.76
C GLN C 432 26.40 6.54 -63.60
N TYR C 433 27.32 6.18 -62.70
CA TYR C 433 27.56 6.96 -61.51
C TYR C 433 29.05 6.94 -61.19
N MET C 434 29.45 7.79 -60.26
CA MET C 434 30.85 8.11 -60.07
C MET C 434 31.55 7.09 -59.21
N PHE C 435 32.79 6.75 -59.59
CA PHE C 435 33.67 5.90 -58.81
C PHE C 435 35.05 6.54 -58.75
N SER C 436 35.72 6.35 -57.60
CA SER C 436 36.95 7.06 -57.31
C SER C 436 38.11 6.51 -58.16
N SER C 437 39.22 7.24 -58.12
CA SER C 437 40.40 6.92 -58.90
C SER C 437 41.40 6.17 -58.03
N LEU C 438 41.94 5.08 -58.56
CA LEU C 438 42.84 4.21 -57.80
C LEU C 438 44.31 4.48 -58.07
N LYS C 439 44.67 4.89 -59.28
CA LYS C 439 46.07 5.05 -59.66
C LYS C 439 46.73 6.19 -58.89
N ASN C 440 46.23 7.40 -59.09
CA ASN C 440 46.88 8.62 -58.60
C ASN C 440 46.51 8.93 -57.15
N SER C 441 46.71 7.95 -56.28
CA SER C 441 46.40 8.08 -54.85
C SER C 441 47.70 8.14 -54.07
N LYS C 442 47.86 9.19 -53.27
CA LYS C 442 49.05 9.36 -52.45
C LYS C 442 49.01 8.54 -51.17
N LYS C 443 47.97 7.74 -50.95
CA LYS C 443 47.87 6.88 -49.79
C LYS C 443 48.08 5.41 -50.11
N TYR C 444 48.09 5.03 -51.39
CA TYR C 444 48.13 3.61 -51.75
C TYR C 444 49.05 3.36 -52.94
N ALA C 445 50.23 3.94 -52.91
CA ALA C 445 51.21 3.66 -53.97
C ALA C 445 51.88 2.31 -53.71
N PRO C 446 51.81 1.35 -54.66
CA PRO C 446 52.47 0.05 -54.44
C PRO C 446 53.97 0.09 -54.64
N THR C 447 54.61 -1.08 -54.61
CA THR C 447 56.06 -1.19 -54.74
C THR C 447 56.39 -2.07 -55.93
N GLU C 448 57.51 -1.78 -56.58
CA GLU C 448 57.88 -2.48 -57.81
C GLU C 448 58.32 -3.91 -57.56
N ALA C 449 58.88 -4.22 -56.38
CA ALA C 449 59.20 -5.60 -56.06
C ALA C 449 57.93 -6.41 -55.83
N GLN C 450 56.92 -5.77 -55.22
CA GLN C 450 55.61 -6.38 -55.12
C GLN C 450 54.99 -6.62 -56.49
N LEU C 451 55.16 -5.66 -57.40
CA LEU C 451 54.64 -5.79 -58.76
C LEU C 451 55.35 -6.91 -59.52
N ASN C 452 56.66 -7.07 -59.32
CA ASN C 452 57.38 -8.15 -59.98
C ASN C 452 57.01 -9.50 -59.38
N ALA C 453 56.67 -9.54 -58.09
CA ALA C 453 56.13 -10.76 -57.50
C ALA C 453 54.80 -11.12 -58.12
N VAL C 454 53.97 -10.10 -58.41
CA VAL C 454 52.72 -10.33 -59.13
C VAL C 454 53.00 -10.82 -60.56
N ASP C 455 54.09 -10.34 -61.17
CA ASP C 455 54.46 -10.79 -62.52
C ASP C 455 54.89 -12.26 -62.52
N ALA C 456 55.65 -12.67 -61.50
CA ALA C 456 55.98 -14.08 -61.34
C ALA C 456 54.71 -14.91 -61.09
N LEU C 457 53.75 -14.32 -60.37
CA LEU C 457 52.49 -15.01 -60.10
C LEU C 457 51.69 -15.22 -61.38
N ILE C 458 51.63 -14.21 -62.25
CA ILE C 458 50.84 -14.36 -63.47
C ILE C 458 51.57 -15.24 -64.48
N ASP C 459 52.90 -15.26 -64.43
CA ASP C 459 53.65 -16.18 -65.29
C ASP C 459 53.43 -17.62 -64.85
N SER C 460 53.36 -17.87 -63.54
CA SER C 460 53.14 -19.22 -63.07
C SER C 460 51.69 -19.65 -63.26
N MET C 461 50.74 -18.77 -62.97
CA MET C 461 49.32 -19.10 -63.00
C MET C 461 48.72 -19.06 -64.39
N SER C 462 49.52 -18.81 -65.42
CA SER C 462 48.97 -18.64 -66.76
C SER C 462 48.45 -19.96 -67.31
N LEU C 463 47.52 -19.85 -68.24
CA LEU C 463 46.83 -21.01 -68.78
C LEU C 463 47.13 -21.27 -70.25
N ALA C 464 47.72 -20.31 -70.95
CA ALA C 464 47.92 -20.41 -72.39
C ALA C 464 49.40 -20.38 -72.73
N LYS C 465 49.85 -21.36 -73.50
CA LYS C 465 51.21 -21.41 -74.01
C LYS C 465 51.18 -21.43 -75.53
N LYS C 466 52.08 -20.68 -76.15
CA LYS C 466 52.12 -20.55 -77.61
C LYS C 466 52.81 -21.78 -78.21
N ASP C 467 52.08 -22.89 -78.22
CA ASP C 467 52.67 -24.18 -78.55
C ASP C 467 52.66 -24.39 -80.07
N GLU C 468 52.98 -25.63 -80.47
CA GLU C 468 53.21 -26.15 -81.83
C GLU C 468 54.05 -25.26 -82.75
N LYS C 469 54.93 -24.45 -82.16
CA LYS C 469 56.09 -23.82 -82.79
C LYS C 469 55.74 -22.90 -83.96
N THR C 470 54.49 -22.45 -84.06
CA THR C 470 54.11 -21.47 -85.08
C THR C 470 53.54 -20.20 -84.46
N ASP C 471 53.81 -19.98 -83.17
CA ASP C 471 53.38 -18.80 -82.40
C ASP C 471 51.86 -18.63 -82.38
N THR C 472 51.12 -19.74 -82.44
CA THR C 472 49.70 -19.74 -82.12
C THR C 472 49.54 -20.17 -80.66
N LEU C 473 48.80 -19.39 -79.90
CA LEU C 473 48.61 -19.67 -78.49
C LEU C 473 47.53 -20.72 -78.31
N GLU C 474 47.78 -21.69 -77.44
CA GLU C 474 46.81 -22.70 -77.09
C GLU C 474 46.75 -22.81 -75.59
N ASP C 475 45.54 -22.78 -75.04
CA ASP C 475 45.38 -22.85 -73.60
C ASP C 475 44.90 -24.21 -73.17
N LEU C 476 45.20 -24.55 -71.93
CA LEU C 476 44.46 -25.61 -71.27
C LEU C 476 43.22 -24.98 -70.66
N PHE C 477 42.37 -25.82 -70.04
CA PHE C 477 41.21 -25.44 -69.24
C PHE C 477 40.18 -24.65 -70.05
N PRO C 478 39.53 -25.24 -71.07
CA PRO C 478 38.57 -24.47 -71.87
C PRO C 478 37.21 -24.41 -71.19
N THR C 479 36.85 -23.25 -70.68
CA THR C 479 35.56 -23.08 -70.02
C THR C 479 34.45 -22.72 -71.00
N THR C 480 34.34 -23.47 -72.08
CA THR C 480 33.26 -23.30 -73.04
C THR C 480 32.76 -24.63 -73.59
N LYS C 481 33.25 -25.75 -73.08
CA LYS C 481 32.78 -27.06 -73.51
C LYS C 481 32.40 -27.93 -72.33
N ILE C 482 32.61 -27.45 -71.10
CA ILE C 482 32.18 -28.17 -69.89
C ILE C 482 30.66 -28.23 -69.87
N PRO C 483 30.05 -29.39 -69.70
CA PRO C 483 28.59 -29.42 -69.53
C PRO C 483 28.19 -28.81 -68.21
N ASN C 484 26.98 -28.26 -68.19
CA ASN C 484 26.44 -27.63 -66.99
C ASN C 484 26.17 -28.70 -65.94
N PRO C 485 26.88 -28.70 -64.82
CA PRO C 485 26.80 -29.85 -63.90
C PRO C 485 25.54 -29.90 -63.06
N ARG C 486 24.74 -28.83 -63.05
CA ARG C 486 23.61 -28.75 -62.14
C ARG C 486 22.51 -29.73 -62.53
N PHE C 487 22.17 -29.81 -63.81
CA PHE C 487 21.17 -30.80 -64.17
C PHE C 487 21.73 -32.22 -64.11
N GLN C 488 23.05 -32.40 -64.19
CA GLN C 488 23.62 -33.73 -64.03
C GLN C 488 23.50 -34.21 -62.59
N ARG C 489 23.76 -33.30 -61.63
CA ARG C 489 23.53 -33.60 -60.22
C ARG C 489 22.06 -33.93 -59.95
N LEU C 490 21.16 -33.16 -60.57
CA LEU C 490 19.74 -33.44 -60.48
C LEU C 490 19.39 -34.81 -61.05
N PHE C 491 20.05 -35.18 -62.15
CA PHE C 491 19.78 -36.48 -62.77
C PHE C 491 20.24 -37.63 -61.88
N GLN C 492 21.40 -37.49 -61.25
CA GLN C 492 21.92 -38.59 -60.43
C GLN C 492 21.13 -38.74 -59.14
N CYS C 493 20.67 -37.62 -58.55
CA CYS C 493 19.82 -37.75 -57.36
C CYS C 493 18.45 -38.33 -57.71
N LEU C 494 17.94 -37.98 -58.90
CA LEU C 494 16.68 -38.54 -59.37
C LEU C 494 16.78 -40.04 -59.58
N LEU C 495 17.86 -40.50 -60.23
CA LEU C 495 18.03 -41.92 -60.46
C LEU C 495 18.26 -42.67 -59.16
N HIS C 496 18.92 -42.05 -58.19
CA HIS C 496 19.13 -42.67 -56.90
C HIS C 496 17.81 -42.89 -56.16
N ARG C 497 16.96 -41.88 -56.14
CA ARG C 497 15.66 -42.06 -55.48
C ARG C 497 14.73 -42.95 -56.29
N ALA C 498 14.94 -43.07 -57.60
CA ALA C 498 14.13 -43.99 -58.39
C ALA C 498 14.52 -45.44 -58.11
N LEU C 499 15.81 -45.71 -57.92
CA LEU C 499 16.25 -47.08 -57.72
C LEU C 499 16.05 -47.53 -56.27
N HIS C 500 16.43 -46.70 -55.32
CA HIS C 500 16.38 -47.10 -53.91
C HIS C 500 15.35 -46.28 -53.16
N PRO C 501 14.15 -46.80 -52.92
CA PRO C 501 13.04 -45.95 -52.47
C PRO C 501 13.10 -45.52 -51.01
N ARG C 502 14.19 -45.83 -50.32
CA ARG C 502 14.38 -45.39 -48.95
C ARG C 502 15.72 -44.72 -48.69
N GLU C 503 16.69 -44.89 -49.58
CA GLU C 503 18.01 -44.34 -49.33
C GLU C 503 18.00 -42.82 -49.50
N PRO C 504 18.64 -42.07 -48.58
CA PRO C 504 18.73 -40.61 -48.74
C PRO C 504 19.63 -40.15 -49.89
N LEU C 505 19.83 -38.85 -50.00
CA LEU C 505 20.65 -38.30 -51.08
C LEU C 505 22.12 -38.65 -50.85
N PRO C 506 22.83 -39.13 -51.86
CA PRO C 506 24.26 -39.34 -51.73
C PRO C 506 25.01 -38.09 -52.18
N PRO C 507 26.09 -37.72 -51.50
CA PRO C 507 26.89 -36.57 -51.91
C PRO C 507 27.60 -36.83 -53.24
N ILE C 508 28.11 -35.73 -53.82
CA ILE C 508 28.54 -35.70 -55.21
C ILE C 508 29.83 -36.48 -55.38
N GLN C 509 30.15 -36.79 -56.62
CA GLN C 509 31.27 -37.66 -56.96
C GLN C 509 32.58 -36.86 -56.91
N GLN C 510 33.64 -37.45 -57.42
CA GLN C 510 34.90 -36.73 -57.57
C GLN C 510 35.21 -36.37 -59.02
N HIS C 511 34.55 -37.02 -59.98
CA HIS C 511 34.80 -36.69 -61.38
C HIS C 511 34.24 -35.32 -61.72
N ILE C 512 33.16 -34.92 -61.05
CA ILE C 512 32.60 -33.58 -61.24
C ILE C 512 33.60 -32.53 -60.78
N TRP C 513 34.26 -32.76 -59.65
CA TRP C 513 35.22 -31.76 -59.17
C TRP C 513 36.53 -31.79 -59.94
N ASN C 514 36.97 -32.97 -60.41
CA ASN C 514 38.13 -33.02 -61.28
C ASN C 514 37.84 -32.39 -62.64
N MET C 515 36.57 -32.36 -63.04
CA MET C 515 36.17 -31.57 -64.20
C MET C 515 36.19 -30.08 -63.87
N LEU C 516 35.70 -29.70 -62.71
CA LEU C 516 35.59 -28.29 -62.33
C LEU C 516 36.80 -27.79 -61.56
N ASN C 517 37.97 -28.40 -61.73
CA ASN C 517 39.14 -27.91 -61.03
C ASN C 517 40.27 -27.59 -62.00
N PRO C 518 41.16 -26.66 -61.66
CA PRO C 518 42.34 -26.40 -62.51
C PRO C 518 43.28 -27.58 -62.47
N PRO C 519 44.14 -27.76 -63.48
CA PRO C 519 44.98 -28.96 -63.55
C PRO C 519 46.06 -28.96 -62.47
N ALA C 520 46.69 -30.13 -62.31
CA ALA C 520 47.67 -30.30 -61.25
C ALA C 520 48.95 -29.53 -61.54
N GLU C 521 49.28 -29.36 -62.82
CA GLU C 521 50.57 -28.78 -63.16
C GLU C 521 50.62 -27.29 -62.87
N VAL C 522 49.48 -26.59 -62.96
CA VAL C 522 49.50 -25.16 -62.68
C VAL C 522 49.55 -24.89 -61.17
N THR C 523 48.93 -25.75 -60.35
CA THR C 523 49.05 -25.61 -58.91
C THR C 523 50.46 -25.95 -58.45
N THR C 524 51.07 -26.98 -59.02
CA THR C 524 52.45 -27.28 -58.66
C THR C 524 53.42 -26.21 -59.14
N LYS C 525 53.15 -25.61 -60.30
CA LYS C 525 53.97 -24.49 -60.78
C LYS C 525 53.82 -23.29 -59.87
N SER C 526 52.61 -23.04 -59.39
CA SER C 526 52.30 -21.81 -58.66
C SER C 526 52.39 -21.97 -57.16
N GLN C 527 52.84 -23.13 -56.67
CA GLN C 527 52.95 -23.35 -55.23
C GLN C 527 53.92 -22.37 -54.57
N ILE C 528 55.07 -22.12 -55.19
CA ILE C 528 56.05 -21.23 -54.58
C ILE C 528 55.74 -19.73 -54.71
N PRO C 529 55.34 -19.15 -55.87
CA PRO C 529 55.07 -17.70 -55.86
C PRO C 529 53.81 -17.32 -55.13
N LEU C 530 52.90 -18.27 -54.91
CA LEU C 530 51.75 -17.98 -54.05
C LEU C 530 52.17 -17.87 -52.59
N SER C 531 53.14 -18.69 -52.18
CA SER C 531 53.80 -18.48 -50.89
C SER C 531 54.53 -17.16 -50.86
N LYS C 532 55.10 -16.74 -52.01
CA LYS C 532 55.83 -15.48 -52.06
C LYS C 532 54.89 -14.28 -51.89
N ILE C 533 53.74 -14.29 -52.55
CA ILE C 533 52.81 -13.16 -52.41
C ILE C 533 52.15 -13.18 -51.03
N LYS C 534 51.87 -14.37 -50.49
CA LYS C 534 51.32 -14.48 -49.14
C LYS C 534 52.31 -13.96 -48.09
N THR C 535 53.60 -14.16 -48.31
CA THR C 535 54.58 -13.63 -47.39
C THR C 535 54.82 -12.14 -47.61
N LEU C 536 54.80 -11.68 -48.86
CA LEU C 536 55.28 -10.34 -49.17
C LEU C 536 54.19 -9.29 -49.00
N PHE C 537 53.03 -9.50 -49.58
CA PHE C 537 51.98 -8.49 -49.56
C PHE C 537 51.41 -8.36 -48.15
N PRO C 538 50.97 -7.14 -47.75
CA PRO C 538 50.85 -6.84 -46.32
C PRO C 538 49.70 -7.51 -45.60
N LEU C 539 49.52 -7.10 -44.34
CA LEU C 539 48.67 -7.80 -43.39
C LEU C 539 47.20 -7.63 -43.74
N ILE C 540 46.69 -8.54 -44.59
CA ILE C 540 45.27 -8.58 -44.87
C ILE C 540 44.52 -8.92 -43.60
N GLU C 541 43.54 -8.08 -43.26
CA GLU C 541 42.75 -8.13 -42.02
C GLU C 541 43.65 -8.11 -40.78
N VAL C 548 27.00 -24.80 -40.44
CA VAL C 548 26.60 -23.53 -39.83
C VAL C 548 25.09 -23.47 -39.77
N THR C 549 24.43 -24.36 -40.50
CA THR C 549 22.98 -24.40 -40.60
C THR C 549 22.40 -25.15 -39.41
N ALA C 550 21.12 -25.52 -39.50
CA ALA C 550 20.41 -26.16 -38.39
C ALA C 550 20.91 -27.56 -38.08
N GLN C 551 21.76 -28.15 -38.92
CA GLN C 551 22.27 -29.49 -38.68
C GLN C 551 23.33 -29.50 -37.59
N GLU C 552 24.31 -28.62 -37.69
CA GLU C 552 25.50 -28.65 -36.85
C GLU C 552 25.33 -27.86 -35.57
N ILE C 553 24.33 -26.98 -35.50
CA ILE C 553 24.26 -25.96 -34.45
C ILE C 553 24.00 -26.55 -33.08
N PHE C 554 23.42 -27.75 -32.98
CA PHE C 554 23.08 -28.32 -31.68
C PHE C 554 23.95 -29.50 -31.32
N GLN C 555 24.02 -30.53 -32.15
CA GLN C 555 24.80 -31.73 -31.85
C GLN C 555 26.17 -31.68 -32.51
N ALA C 595 50.59 -48.60 9.31
CA ALA C 595 51.48 -49.47 8.55
C ALA C 595 50.71 -50.54 7.79
N GLU C 596 49.88 -51.30 8.52
CA GLU C 596 49.01 -52.28 7.89
C GLU C 596 47.87 -51.63 7.11
N ASN C 597 47.53 -50.37 7.42
CA ASN C 597 46.49 -49.65 6.72
C ASN C 597 47.01 -48.90 5.50
N PHE C 598 48.16 -49.32 4.96
CA PHE C 598 48.72 -48.65 3.79
C PHE C 598 49.23 -49.65 2.74
N ARG C 599 48.78 -50.91 2.79
CA ARG C 599 49.10 -51.90 1.78
C ARG C 599 48.06 -51.98 0.67
N VAL C 600 47.37 -50.87 0.37
CA VAL C 600 46.28 -50.91 -0.60
C VAL C 600 46.74 -50.53 -1.99
N LEU C 601 47.97 -50.04 -2.15
CA LEU C 601 48.47 -49.64 -3.46
C LEU C 601 49.37 -50.69 -4.09
N VAL C 602 50.25 -51.32 -3.32
CA VAL C 602 51.22 -52.26 -3.85
C VAL C 602 50.66 -53.68 -3.86
N LYS C 603 49.37 -53.82 -3.54
CA LYS C 603 48.74 -55.14 -3.52
C LYS C 603 47.60 -55.31 -4.52
N GLN C 604 46.92 -54.24 -4.91
CA GLN C 604 45.86 -54.38 -5.91
C GLN C 604 46.36 -54.04 -7.31
N LYS C 605 46.78 -52.78 -7.50
CA LYS C 605 47.35 -52.21 -8.72
C LYS C 605 47.76 -50.79 -8.38
N LYS C 606 48.66 -50.24 -9.20
CA LYS C 606 49.20 -48.91 -8.94
C LYS C 606 49.83 -48.36 -10.21
N ALA C 607 50.55 -47.26 -10.05
CA ALA C 607 51.48 -46.71 -11.02
C ALA C 607 52.80 -47.45 -10.96
N SER C 608 53.88 -46.80 -11.45
CA SER C 608 55.24 -47.31 -11.30
C SER C 608 55.54 -47.69 -9.85
N PHE C 609 56.21 -48.84 -9.68
CA PHE C 609 56.34 -49.51 -8.40
C PHE C 609 57.23 -48.71 -7.44
N GLU C 610 57.08 -49.05 -6.15
CA GLU C 610 57.80 -48.43 -5.04
C GLU C 610 57.55 -46.92 -4.96
N GLU C 611 56.32 -46.52 -5.24
CA GLU C 611 55.85 -45.18 -4.91
C GLU C 611 55.26 -45.10 -3.52
N ALA C 612 55.30 -46.20 -2.77
CA ALA C 612 54.95 -46.21 -1.35
C ALA C 612 56.17 -46.26 -0.45
N SER C 613 57.29 -46.80 -0.93
CA SER C 613 58.50 -46.92 -0.14
C SER C 613 59.15 -45.57 0.14
N ASN C 614 59.05 -44.64 -0.78
CA ASN C 614 59.64 -43.31 -0.58
C ASN C 614 58.86 -42.51 0.48
N GLN C 615 57.55 -42.73 0.59
CA GLN C 615 56.77 -42.06 1.63
C GLN C 615 56.70 -42.86 2.91
N LEU C 616 57.08 -44.15 2.88
CA LEU C 616 57.04 -44.96 4.10
C LEU C 616 58.08 -44.48 5.10
N ILE C 617 59.27 -44.13 4.61
CA ILE C 617 60.30 -43.60 5.51
C ILE C 617 59.89 -42.24 6.05
N ASN C 618 59.15 -41.45 5.25
CA ASN C 618 58.59 -40.20 5.73
C ASN C 618 57.58 -40.43 6.84
N HIS C 619 56.70 -41.43 6.67
CA HIS C 619 55.67 -41.71 7.65
C HIS C 619 56.21 -42.38 8.91
N ILE C 620 57.38 -43.01 8.86
CA ILE C 620 57.96 -43.61 10.06
C ILE C 620 59.04 -42.76 10.70
N GLU C 621 59.52 -41.70 10.03
CA GLU C 621 60.55 -40.88 10.64
C GLU C 621 59.99 -39.92 11.68
N GLN C 622 58.76 -39.45 11.48
CA GLN C 622 58.22 -38.37 12.30
C GLN C 622 57.80 -38.81 13.70
N PHE C 623 57.95 -40.10 14.04
CA PHE C 623 57.56 -40.55 15.37
C PHE C 623 58.56 -40.16 16.44
N LEU C 624 59.76 -39.70 16.07
CA LEU C 624 60.80 -39.39 17.02
C LEU C 624 61.16 -37.90 17.05
N ASP C 625 60.16 -37.03 16.92
CA ASP C 625 60.37 -35.63 17.26
C ASP C 625 60.28 -35.45 18.77
N THR C 626 59.15 -35.83 19.37
CA THR C 626 59.02 -35.90 20.80
C THR C 626 59.48 -37.27 21.26
N ASN C 627 60.25 -37.30 22.34
CA ASN C 627 60.89 -38.53 22.82
C ASN C 627 60.14 -39.17 23.98
N GLU C 628 58.81 -39.15 23.94
CA GLU C 628 58.01 -39.79 24.97
C GLU C 628 58.15 -41.31 24.91
N THR C 629 57.76 -41.97 25.99
CA THR C 629 57.91 -43.41 26.15
C THR C 629 57.06 -44.31 25.23
N PRO C 630 55.76 -44.07 24.97
CA PRO C 630 55.04 -45.01 24.10
C PRO C 630 55.33 -44.86 22.62
N TYR C 631 56.08 -43.83 22.21
CA TYR C 631 56.30 -43.58 20.79
C TYR C 631 57.25 -44.55 20.15
N PHE C 632 58.16 -45.16 20.92
CA PHE C 632 59.16 -46.05 20.35
C PHE C 632 58.56 -47.37 19.86
N MET C 633 57.44 -47.79 20.42
CA MET C 633 56.87 -49.09 20.09
C MET C 633 55.89 -49.06 18.92
N LYS C 634 55.52 -47.88 18.43
CA LYS C 634 54.67 -47.84 17.25
C LYS C 634 55.46 -48.08 15.98
N SER C 635 56.74 -47.71 15.97
CA SER C 635 57.57 -47.88 14.78
C SER C 635 58.13 -49.28 14.65
N ILE C 636 58.28 -50.00 15.78
CA ILE C 636 58.79 -51.36 15.70
C ILE C 636 57.74 -52.29 15.10
N ASP C 637 56.46 -51.95 15.20
CA ASP C 637 55.43 -52.69 14.48
C ASP C 637 55.52 -52.46 12.97
N CYS C 638 55.87 -51.23 12.55
CA CYS C 638 56.07 -50.98 11.12
C CYS C 638 57.28 -51.73 10.60
N ILE C 639 58.38 -51.74 11.36
CA ILE C 639 59.57 -52.43 10.87
C ILE C 639 59.45 -53.96 11.02
N ARG C 640 58.52 -54.43 11.84
CA ARG C 640 58.12 -55.83 11.86
C ARG C 640 56.88 -56.09 11.00
N ALA C 641 56.46 -55.10 10.21
CA ALA C 641 55.38 -55.26 9.27
C ALA C 641 55.78 -55.11 7.80
N PHE C 642 56.88 -54.44 7.48
CA PHE C 642 57.35 -54.49 6.09
C PHE C 642 58.47 -55.50 5.87
N ARG C 643 59.03 -56.07 6.93
CA ARG C 643 60.07 -57.08 6.80
C ARG C 643 59.54 -58.36 6.17
N GLU C 644 58.25 -58.64 6.36
CA GLU C 644 57.58 -59.80 5.78
C GLU C 644 57.06 -59.54 4.38
N GLU C 645 56.94 -58.27 3.99
CA GLU C 645 56.57 -57.89 2.63
C GLU C 645 57.77 -57.71 1.72
N ALA C 646 58.95 -57.46 2.30
CA ALA C 646 60.18 -57.34 1.50
C ALA C 646 60.54 -58.65 0.84
N ILE C 647 60.22 -59.78 1.46
CA ILE C 647 60.50 -61.07 0.85
C ILE C 647 59.34 -61.53 -0.04
N LYS C 648 58.15 -60.93 0.14
CA LYS C 648 56.97 -61.32 -0.61
C LYS C 648 56.75 -60.45 -1.85
N PHE C 649 56.76 -59.13 -1.68
CA PHE C 649 56.39 -58.20 -2.73
C PHE C 649 57.54 -57.84 -3.67
N SER C 650 58.65 -58.60 -3.62
CA SER C 650 59.83 -58.46 -4.48
C SER C 650 60.42 -57.05 -4.39
N GLU C 651 60.92 -56.74 -3.18
CA GLU C 651 61.38 -55.39 -2.83
C GLU C 651 62.83 -55.44 -2.35
N GLU C 652 63.68 -56.07 -3.17
CA GLU C 652 65.11 -56.11 -2.88
C GLU C 652 65.74 -54.72 -2.86
N GLN C 653 65.23 -53.80 -3.67
CA GLN C 653 65.74 -52.43 -3.66
C GLN C 653 65.28 -51.66 -2.43
N ARG C 654 64.17 -52.08 -1.81
CA ARG C 654 63.76 -51.58 -0.51
C ARG C 654 64.46 -52.31 0.63
N PHE C 655 64.91 -53.55 0.36
CA PHE C 655 65.47 -54.44 1.38
C PHE C 655 66.73 -53.84 1.99
N ASN C 656 67.76 -53.61 1.18
CA ASN C 656 68.99 -53.00 1.65
C ASN C 656 68.90 -51.49 1.85
N ASN C 657 67.73 -50.89 1.60
CA ASN C 657 67.52 -49.46 1.78
C ASN C 657 66.92 -49.11 3.13
N PHE C 658 65.93 -49.88 3.59
CA PHE C 658 65.22 -49.51 4.82
C PHE C 658 65.98 -49.87 6.10
N LEU C 659 67.20 -50.40 5.99
CA LEU C 659 67.95 -50.77 7.19
C LEU C 659 68.92 -49.66 7.61
N LYS C 660 69.58 -49.02 6.64
CA LYS C 660 70.37 -47.83 6.94
C LYS C 660 69.48 -46.66 7.35
N ALA C 661 68.20 -46.71 6.98
CA ALA C 661 67.24 -45.68 7.38
C ALA C 661 67.06 -45.64 8.91
N LEU C 662 67.04 -46.79 9.57
CA LEU C 662 66.97 -46.80 11.03
C LEU C 662 68.31 -47.05 11.69
N GLN C 663 69.38 -47.25 10.91
CA GLN C 663 70.72 -47.19 11.49
C GLN C 663 71.26 -45.78 11.61
N GLU C 664 71.00 -44.93 10.61
CA GLU C 664 71.48 -43.55 10.67
C GLU C 664 70.72 -42.77 11.73
N LYS C 665 69.41 -43.05 11.89
CA LYS C 665 68.61 -42.33 12.86
C LYS C 665 68.93 -42.74 14.29
N VAL C 666 69.63 -43.86 14.51
CA VAL C 666 70.11 -44.20 15.84
C VAL C 666 71.59 -43.91 15.99
N GLU C 667 72.29 -43.61 14.92
CA GLU C 667 73.70 -43.24 15.03
C GLU C 667 73.91 -41.74 14.80
N ILE C 668 72.84 -40.95 14.75
CA ILE C 668 72.95 -39.49 14.79
C ILE C 668 73.02 -38.96 16.22
N LYS C 669 72.11 -39.40 17.09
CA LYS C 669 72.00 -38.88 18.45
C LYS C 669 72.21 -40.02 19.45
N GLN C 670 71.96 -39.73 20.72
CA GLN C 670 72.04 -40.76 21.74
C GLN C 670 70.82 -41.67 21.62
N LEU C 671 69.65 -41.11 21.91
CA LEU C 671 68.31 -41.75 21.87
C LEU C 671 68.31 -43.21 22.32
N ASN C 672 68.88 -43.42 23.51
CA ASN C 672 69.17 -44.77 24.00
C ASN C 672 67.93 -45.61 24.26
N HIS C 673 66.78 -44.97 24.53
CA HIS C 673 65.54 -45.71 24.71
C HIS C 673 65.09 -46.36 23.40
N PHE C 674 65.40 -45.75 22.26
CA PHE C 674 65.21 -46.39 20.99
C PHE C 674 66.39 -47.27 20.60
N TRP C 675 67.56 -47.07 21.21
CA TRP C 675 68.70 -47.94 20.95
C TRP C 675 68.46 -49.35 21.48
N GLU C 676 67.98 -49.47 22.73
CA GLU C 676 67.87 -50.78 23.36
C GLU C 676 66.82 -51.65 22.67
N ILE C 677 65.73 -51.04 22.18
CA ILE C 677 64.68 -51.83 21.55
C ILE C 677 65.04 -52.31 20.15
N VAL C 678 66.09 -51.76 19.53
CA VAL C 678 66.53 -52.26 18.23
C VAL C 678 67.86 -53.01 18.30
N VAL C 679 68.55 -52.97 19.44
CA VAL C 679 69.70 -53.85 19.63
C VAL C 679 69.39 -55.04 20.53
N GLN C 680 68.25 -55.05 21.24
CA GLN C 680 67.86 -56.21 22.02
C GLN C 680 67.15 -57.23 21.16
N ASP C 681 66.43 -56.78 20.13
CA ASP C 681 65.73 -57.68 19.21
C ASP C 681 66.39 -57.72 17.84
N GLY C 682 66.54 -56.57 17.18
CA GLY C 682 67.36 -56.49 15.99
C GLY C 682 66.64 -56.56 14.66
N ILE C 683 66.42 -55.41 14.04
CA ILE C 683 65.99 -55.32 12.64
C ILE C 683 66.95 -54.33 11.99
N THR C 684 68.01 -54.86 11.40
CA THR C 684 69.16 -54.06 10.97
C THR C 684 69.63 -54.62 9.62
N LEU C 685 70.89 -54.29 9.27
CA LEU C 685 71.49 -54.52 7.95
C LEU C 685 71.38 -55.97 7.52
N ILE C 686 71.46 -56.17 6.18
CA ILE C 686 70.97 -57.30 5.40
C ILE C 686 71.29 -58.66 6.00
N THR C 687 70.26 -59.49 6.17
CA THR C 687 70.36 -60.62 7.08
C THR C 687 70.77 -61.91 6.37
N LYS C 688 70.02 -62.34 5.36
CA LYS C 688 70.21 -63.71 4.88
C LYS C 688 71.39 -63.83 3.91
N GLU C 689 71.25 -63.32 2.68
CA GLU C 689 72.33 -63.37 1.69
C GLU C 689 72.42 -62.14 0.79
N GLU C 690 71.58 -61.11 0.99
CA GLU C 690 71.21 -60.14 -0.04
C GLU C 690 70.81 -60.87 -1.32
N ALA C 691 69.87 -61.80 -1.18
CA ALA C 691 69.40 -62.61 -2.29
C ALA C 691 67.99 -63.08 -1.96
N SER C 692 67.11 -63.01 -2.95
CA SER C 692 65.72 -63.42 -2.72
C SER C 692 65.59 -64.93 -2.63
N GLY C 693 66.44 -65.67 -3.35
CA GLY C 693 66.42 -67.12 -3.24
C GLY C 693 67.43 -67.67 -2.26
N SER C 694 66.99 -67.93 -1.03
CA SER C 694 67.81 -68.50 0.03
C SER C 694 66.88 -68.97 1.15
N SER C 695 67.45 -69.67 2.13
CA SER C 695 66.71 -70.09 3.31
C SER C 695 67.52 -69.96 4.58
N VAL C 696 68.59 -69.16 4.58
CA VAL C 696 69.50 -69.08 5.71
C VAL C 696 69.01 -68.07 6.75
N THR C 697 69.62 -68.09 7.93
CA THR C 697 69.17 -67.32 9.07
C THR C 697 69.80 -65.92 9.05
N ALA C 698 69.71 -65.20 10.17
CA ALA C 698 70.07 -63.79 10.28
C ALA C 698 71.42 -63.57 10.94
N GLU C 699 72.43 -64.38 10.59
CA GLU C 699 73.75 -64.31 11.20
C GLU C 699 74.43 -62.95 10.99
N GLU C 700 74.19 -62.31 9.84
CA GLU C 700 74.80 -61.01 9.60
C GLU C 700 74.19 -59.91 10.47
N ALA C 701 72.94 -60.09 10.92
CA ALA C 701 72.34 -59.12 11.85
C ALA C 701 73.04 -59.16 13.20
N LYS C 702 73.33 -60.36 13.70
CA LYS C 702 74.09 -60.50 14.94
C LYS C 702 75.58 -60.24 14.75
N LYS C 703 76.08 -60.24 13.51
CA LYS C 703 77.43 -59.76 13.28
C LYS C 703 77.48 -58.23 13.30
N PHE C 704 76.43 -57.57 12.78
CA PHE C 704 76.38 -56.13 12.77
C PHE C 704 76.05 -55.56 14.15
N LEU C 705 75.24 -56.27 14.93
CA LEU C 705 74.81 -55.81 16.26
C LEU C 705 75.62 -56.53 17.33
N ALA C 706 76.30 -55.77 18.18
CA ALA C 706 77.08 -56.32 19.27
C ALA C 706 76.18 -56.83 20.38
N ASP C 724 82.77 5.71 27.35
CA ASP C 724 81.51 6.12 27.96
C ASP C 724 80.54 4.95 28.06
N VAL C 725 80.83 3.87 27.34
CA VAL C 725 79.97 2.69 27.35
C VAL C 725 80.14 1.84 28.60
N ASP C 726 81.18 2.11 29.41
CA ASP C 726 81.31 1.55 30.75
C ASP C 726 81.31 2.61 31.82
N ASP C 727 81.55 3.88 31.45
CA ASP C 727 81.54 4.98 32.42
C ASP C 727 80.15 5.21 32.98
N LEU C 728 79.14 5.18 32.11
CA LEU C 728 77.77 5.41 32.58
C LEU C 728 77.17 4.17 33.23
N LEU C 729 77.83 3.02 33.14
CA LEU C 729 77.35 1.80 33.78
C LEU C 729 77.43 1.90 35.30
N ASP C 730 78.62 2.14 35.83
CA ASP C 730 78.84 2.12 37.26
C ASP C 730 78.38 3.41 37.95
N MET C 731 77.98 4.43 37.20
CA MET C 731 77.58 5.70 37.81
C MET C 731 76.28 5.58 38.59
N ILE C 732 75.34 4.77 38.11
CA ILE C 732 74.05 4.59 38.79
C ILE C 732 74.21 3.67 39.99
#